data_7N9E
#
_entry.id   7N9E
#
loop_
_entity.id
_entity.type
_entity.pdbx_description
1 polymer 'Nb34 nanobody'
2 polymer 'Spike glycoprotein'
#
loop_
_entity_poly.entity_id
_entity_poly.type
_entity_poly.pdbx_seq_one_letter_code
_entity_poly.pdbx_strand_id
1 'polypeptide(L)'
;MASMTGGQQMGRDPNSDVQLVESGGGLVQAGGSLRLSCAASGFTFSNYVMYWGRQAPGKGREWVSGIDSDGSDTAYASSV
KGRFTISRDNAKNTLYLQMNNLKPEDTALYYCVKSKDPYGSPWTRSEFDDYWGQGTQVTVSSKLAAALEHHHHHH
;
D
2 'polypeptide(L)'
;MGGEGLRASPRRRPLLPLQPRGCPRGDGCLRGGRGRAGFGFWRVTGGSSASANHVHAFFFFLQLLGNVLVVVLSHHFGKE
LRPSQAEFGTATMFVFLVLLPLVSSQCVNLTTRTQLPPAYTNSFTRGVYYPDKVFRSSVLHSTQDLFLPFFSNVTWFHAI
HVSGTNGTKRFDNPVLPFNDGVYFASTEKSNIIRGWIFGTTLDSKTQSLLIVNNATNVVIKVCEFQFCNDPFLGVYYHKN
NKSWMESEFRVYSSANNCTFEYVSQPFLMDLEGKQGNFKNLREFVFKNIDGYFKIYSKHTPINLVRDLPQGFSALEPLVD
LPIGINITRFQTLLALHRSYLTPGDSSSGWTAGAAAYYVGYLQPRTFLLKYNENGTITDAVDCALDPLSETKCTLKSFTV
EKGIYQTSNFRVQPTESIVRFPNITNLCPFGEVFNATRFASVYAWNRKRISNCVADYSVLYNSASFSTFKCYGVSPTKLN
DLCFTNVYADSFVIRGDEVRQIAPGQTGKIADYNYKLPDDFTGCVIAWNSNNLDSKVGGNYNYLYRLFRKSNLKPFERDI
STEIYQAGSTPCNGVEGFNCYFPLQSYGFQPTNGVGYQPYRVVVLSFELLHAPATVCGPKKSTNLVKNKCVNFNFNGLTG
TGVLTESNKKFLPFQQFGRDIADTTDAVRDPQTLEILDITPCSFGGVSVITPGTNTSNQVAVLYQDVNCTEVPVAIHADQ
LTPTWRVYSTGSNVFQTRAGCLIGAEHVNNSYECDIPIGAGICASYQTQTNSPGSASSVASQSIIAYTMSLGAENSVAYS
NNSIAIPTNFTISVTTEILPVSMTKTSVDCTMYICGDSTECSNLLLQYGSFCTQLNRALTGIAVEQDKNTQEVFAQVKQI
YKTPPIKDFGGFNFSQILPDPSKPSKRSPIEDLLFNKVTLADAGFIKQYGDCLGDIAARDLICAQKFNGLTVLPPLLTDE
MIAQYTSALLAGTITSGWTFGAGPALQIPFPMQMAYRFNGIGVTQNVLYENQKLIANQFNSAIGKIQDSLSSTPSALGKL
QDVVNQNAQALNTLVKQLSSNFGAISSVLNDILSRLDPPEAEVQIDRLITGRLQSLQTYVTQQLIRAAEIRASANLAATK
MSECVLGQSKRVDFCGKGYHLMSFPQSAPHGVVFLHVTYVPAQEKNFTTAPAICHDGKAHFPREGVFVSNGTHWFVTQRN
FYEPQIITTDNTFVSGNCDVVIGIVNNTVYDPLQPELDSFKEELDKYFKNHTSPDVDLGDISGINASVVNIQKEIDRLNE
VAKNLNESLIDLQELGKYEQGSGYIPEAPRDGQAYVRKDGEWVLLSTFLGRSLEVLFQGPGHHHHHHHHSAWSHPQFEKG
GGSGGGGSGGSAWSHPQFEK
;
A,B,C
#
# COMPACT_ATOMS: atom_id res chain seq x y z
N VAL A 18 26.88 40.00 -9.61
CA VAL A 18 25.76 40.68 -8.88
C VAL A 18 26.11 42.16 -8.81
N GLN A 19 25.14 43.07 -8.77
CA GLN A 19 25.54 44.50 -8.81
C GLN A 19 25.01 45.25 -7.59
N LEU A 20 25.88 45.99 -6.88
CA LEU A 20 25.42 46.80 -5.73
C LEU A 20 25.94 48.23 -5.78
N VAL A 21 25.04 49.20 -5.72
CA VAL A 21 25.51 50.61 -5.57
C VAL A 21 24.72 51.20 -4.41
N GLU A 22 25.39 51.79 -3.43
CA GLU A 22 24.63 52.30 -2.28
C GLU A 22 24.34 53.78 -2.47
N SER A 23 23.27 54.24 -1.84
CA SER A 23 22.86 55.66 -1.96
C SER A 23 22.78 56.28 -0.56
N GLY A 24 22.93 57.60 -0.44
CA GLY A 24 22.80 58.28 0.86
C GLY A 24 24.12 58.68 1.48
N GLY A 25 24.11 59.07 2.76
CA GLY A 25 25.34 59.48 3.47
C GLY A 25 25.64 60.97 3.33
N GLY A 26 26.54 61.51 4.17
CA GLY A 26 26.86 62.94 4.12
C GLY A 26 27.33 63.50 5.45
N LEU A 27 27.47 64.82 5.54
CA LEU A 27 27.94 65.48 6.80
C LEU A 27 26.74 65.53 7.73
N VAL A 28 26.85 64.91 8.89
CA VAL A 28 25.66 64.82 9.76
C VAL A 28 26.03 65.27 11.16
N GLN A 29 25.15 66.04 11.79
CA GLN A 29 25.44 66.59 13.13
C GLN A 29 24.67 65.75 14.14
N ALA A 30 24.89 65.97 15.44
CA ALA A 30 24.23 65.14 16.47
C ALA A 30 22.71 65.24 16.33
N GLY A 31 22.00 64.11 16.48
CA GLY A 31 20.53 64.11 16.41
C GLY A 31 20.02 64.09 14.98
N GLY A 32 20.91 63.96 13.98
CA GLY A 32 20.53 64.02 12.54
C GLY A 32 20.09 62.70 11.97
N SER A 33 19.62 62.72 10.72
CA SER A 33 19.13 61.48 10.06
C SER A 33 19.73 61.31 8.66
N LEU A 34 19.89 60.06 8.21
CA LEU A 34 20.33 59.83 6.81
C LEU A 34 19.71 58.52 6.32
N ARG A 35 19.50 58.41 5.01
CA ARG A 35 18.87 57.19 4.46
C ARG A 35 19.84 56.52 3.49
N LEU A 36 20.13 55.23 3.71
CA LEU A 36 21.01 54.46 2.81
C LEU A 36 20.17 53.43 2.05
N SER A 37 20.35 53.31 0.74
CA SER A 37 19.61 52.26 0.01
C SER A 37 20.50 51.54 -0.99
N CYS A 38 20.26 50.25 -1.23
CA CYS A 38 21.01 49.53 -2.29
C CYS A 38 20.18 48.41 -2.90
N ALA A 39 20.29 48.24 -4.21
CA ALA A 39 19.53 47.18 -4.93
C ALA A 39 20.40 45.95 -5.13
N ALA A 40 19.76 44.81 -5.35
CA ALA A 40 20.51 43.58 -5.65
C ALA A 40 19.99 43.01 -6.98
N SER A 41 20.92 42.74 -7.90
CA SER A 41 20.52 42.18 -9.21
C SER A 41 21.40 40.97 -9.48
N GLY A 42 20.92 40.04 -10.30
CA GLY A 42 21.65 38.77 -10.52
C GLY A 42 20.96 37.73 -9.67
N PHE A 43 20.06 38.17 -8.79
CA PHE A 43 19.21 37.25 -7.99
C PHE A 43 18.03 38.12 -7.56
N THR A 44 16.88 37.53 -7.27
CA THR A 44 15.66 38.33 -6.97
C THR A 44 15.81 39.14 -5.68
N PHE A 45 16.61 38.69 -4.70
CA PHE A 45 16.91 39.47 -3.47
C PHE A 45 15.82 39.31 -2.42
N SER A 46 14.69 38.72 -2.77
CA SER A 46 13.69 38.49 -1.70
C SER A 46 14.23 37.47 -0.69
N ASN A 47 14.87 36.40 -1.18
CA ASN A 47 15.37 35.32 -0.28
C ASN A 47 16.54 35.76 0.58
N TYR A 48 17.51 36.47 0.01
CA TYR A 48 18.75 36.75 0.79
C TYR A 48 18.58 37.81 1.88
N VAL A 49 19.46 37.77 2.88
CA VAL A 49 19.40 38.73 4.03
C VAL A 49 20.57 39.72 3.90
N MET A 50 20.30 41.00 4.14
CA MET A 50 21.36 42.02 3.99
C MET A 50 21.68 42.59 5.37
N TYR A 51 22.98 42.69 5.68
CA TYR A 51 23.39 43.27 6.98
C TYR A 51 23.92 44.67 6.73
N TRP A 52 24.13 45.43 7.81
CA TRP A 52 24.77 46.76 7.68
C TRP A 52 26.14 46.71 8.37
N GLY A 53 27.21 47.02 7.64
CA GLY A 53 28.56 46.92 8.22
C GLY A 53 29.34 48.21 8.08
N ARG A 54 30.03 48.63 9.14
CA ARG A 54 30.83 49.88 9.12
C ARG A 54 32.25 49.60 9.56
N GLN A 55 33.23 50.23 8.90
CA GLN A 55 34.63 50.10 9.35
C GLN A 55 35.14 51.51 9.64
N ALA A 56 35.52 51.82 10.88
CA ALA A 56 36.11 53.16 11.10
C ALA A 56 37.44 53.13 10.36
N PRO A 57 37.90 54.23 9.74
CA PRO A 57 39.12 54.14 8.94
C PRO A 57 40.32 53.66 9.75
N GLY A 58 41.05 52.67 9.21
CA GLY A 58 42.26 52.12 9.89
C GLY A 58 41.92 51.21 11.07
N LYS A 59 40.65 50.86 11.26
CA LYS A 59 40.23 50.02 12.40
C LYS A 59 39.51 48.78 11.86
N GLY A 60 38.95 47.96 12.76
CA GLY A 60 38.25 46.72 12.36
C GLY A 60 36.84 46.95 11.86
N ARG A 61 36.32 46.03 11.04
CA ARG A 61 34.93 46.12 10.54
C ARG A 61 33.98 45.70 11.65
N GLU A 62 32.77 46.23 11.62
CA GLU A 62 31.79 45.86 12.67
C GLU A 62 30.44 45.51 12.06
N TRP A 63 29.62 44.83 12.86
CA TRP A 63 28.27 44.48 12.38
C TRP A 63 27.31 45.48 13.03
N VAL A 64 26.60 46.27 12.22
CA VAL A 64 25.73 47.34 12.79
C VAL A 64 24.33 46.80 13.07
N SER A 65 23.73 46.15 12.09
CA SER A 65 22.35 45.68 12.28
C SER A 65 22.01 44.57 11.28
N GLY A 66 21.01 43.78 11.60
CA GLY A 66 20.58 42.72 10.68
C GLY A 66 19.10 42.75 10.45
N ILE A 67 18.68 42.29 9.28
CA ILE A 67 17.22 42.22 8.96
C ILE A 67 16.91 40.78 8.58
N ASP A 68 15.71 40.35 8.94
CA ASP A 68 15.30 38.97 8.59
C ASP A 68 14.97 38.97 7.11
N SER A 69 14.91 37.79 6.51
CA SER A 69 14.54 37.70 5.08
C SER A 69 13.13 38.26 4.87
N ASP A 70 12.17 37.93 5.72
CA ASP A 70 10.81 38.49 5.60
C ASP A 70 10.80 40.00 5.89
N GLY A 71 11.50 40.44 6.94
CA GLY A 71 11.47 41.85 7.36
C GLY A 71 10.89 41.97 8.76
N SER A 72 10.25 40.90 9.23
CA SER A 72 9.64 40.90 10.59
C SER A 72 10.72 40.96 11.66
N ASP A 73 11.81 40.21 11.48
CA ASP A 73 12.81 40.11 12.56
C ASP A 73 13.96 41.07 12.27
N THR A 74 14.23 41.95 13.23
CA THR A 74 15.32 42.92 13.06
C THR A 74 16.27 42.78 14.24
N ALA A 75 17.56 42.81 13.97
CA ALA A 75 18.54 42.77 15.08
C ALA A 75 19.53 43.91 14.90
N TYR A 76 20.06 44.39 16.00
CA TYR A 76 20.96 45.55 15.94
C TYR A 76 22.20 45.24 16.77
N ALA A 77 23.25 46.02 16.54
CA ALA A 77 24.41 45.88 17.46
C ALA A 77 23.96 46.50 18.78
N SER A 78 24.58 46.08 19.87
CA SER A 78 24.24 46.65 21.20
C SER A 78 24.50 48.16 21.16
N SER A 79 25.48 48.61 20.38
CA SER A 79 25.82 50.05 20.29
C SER A 79 24.65 50.86 19.75
N VAL A 80 23.92 50.34 18.76
CA VAL A 80 22.87 51.14 18.09
C VAL A 80 21.46 50.75 18.57
N LYS A 81 21.36 49.95 19.63
CA LYS A 81 20.02 49.49 20.09
C LYS A 81 19.20 50.65 20.65
N GLY A 82 17.93 50.75 20.27
CA GLY A 82 17.03 51.79 20.79
C GLY A 82 17.19 53.14 20.09
N ARG A 83 18.14 53.27 19.15
CA ARG A 83 18.39 54.59 18.52
C ARG A 83 18.14 54.53 17.02
N PHE A 84 18.43 53.39 16.41
CA PHE A 84 18.36 53.36 14.93
C PHE A 84 17.10 52.65 14.45
N THR A 85 16.65 53.04 13.26
CA THR A 85 15.49 52.35 12.66
C THR A 85 15.97 51.62 11.41
N ILE A 86 15.66 50.34 11.33
CA ILE A 86 16.04 49.57 10.12
C ILE A 86 14.78 49.26 9.34
N SER A 87 14.83 49.41 8.02
CA SER A 87 13.67 49.02 7.20
C SER A 87 14.16 48.70 5.80
N ARG A 88 13.52 47.74 5.13
CA ARG A 88 13.87 47.45 3.72
C ARG A 88 12.58 47.12 2.97
N ASP A 89 12.58 47.35 1.66
CA ASP A 89 11.40 46.99 0.84
C ASP A 89 11.79 45.87 -0.12
N ASN A 90 11.09 44.76 -0.02
CA ASN A 90 11.39 43.60 -0.89
C ASN A 90 11.02 43.92 -2.34
N ALA A 91 9.90 44.59 -2.58
CA ALA A 91 9.42 44.71 -3.98
C ALA A 91 10.29 45.46 -5.01
N LYS A 92 10.96 46.58 -4.66
CA LYS A 92 11.96 47.20 -5.59
C LYS A 92 13.38 46.90 -5.08
N ASN A 93 13.47 45.87 -4.24
CA ASN A 93 14.80 45.41 -3.80
C ASN A 93 15.65 46.44 -3.06
N THR A 94 15.03 47.22 -2.16
CA THR A 94 15.77 48.34 -1.51
C THR A 94 15.86 48.13 0.00
N LEU A 95 17.06 48.32 0.58
CA LEU A 95 17.29 48.19 2.04
C LEU A 95 17.57 49.59 2.57
N TYR A 96 16.90 49.98 3.64
CA TYR A 96 17.08 51.37 4.13
C TYR A 96 17.60 51.34 5.56
N LEU A 97 18.23 52.44 5.95
CA LEU A 97 18.65 52.56 7.36
C LEU A 97 18.32 53.99 7.76
N GLN A 98 17.47 54.17 8.78
CA GLN A 98 17.17 55.52 9.32
C GLN A 98 17.92 55.64 10.64
N MET A 99 18.75 56.67 10.77
CA MET A 99 19.60 56.73 11.99
C MET A 99 19.19 57.94 12.86
N ASN A 100 19.01 57.72 14.15
CA ASN A 100 18.63 58.81 15.07
C ASN A 100 19.72 58.97 16.13
N ASN A 101 19.75 60.11 16.80
CA ASN A 101 20.79 60.36 17.82
C ASN A 101 22.17 60.15 17.18
N LEU A 102 22.35 60.55 15.91
CA LEU A 102 23.62 60.32 15.19
C LEU A 102 24.72 61.14 15.88
N LYS A 103 25.95 60.68 15.80
CA LYS A 103 27.03 61.37 16.55
C LYS A 103 28.35 61.22 15.80
N PRO A 104 29.41 61.96 16.15
CA PRO A 104 30.74 61.69 15.57
C PRO A 104 31.24 60.28 15.92
N GLU A 105 30.66 59.65 16.95
CA GLU A 105 31.03 58.27 17.33
C GLU A 105 30.73 57.33 16.14
N ASP A 106 29.70 57.63 15.35
CA ASP A 106 29.29 56.67 14.29
C ASP A 106 30.11 56.83 13.02
N THR A 107 31.06 57.74 12.99
CA THR A 107 31.75 57.95 11.70
C THR A 107 32.37 56.64 11.21
N ALA A 108 32.00 56.20 10.00
CA ALA A 108 32.66 55.02 9.40
C ALA A 108 32.23 54.88 7.96
N LEU A 109 32.85 53.97 7.23
CA LEU A 109 32.36 53.69 5.85
C LEU A 109 31.32 52.59 6.00
N TYR A 110 30.10 52.81 5.50
CA TYR A 110 29.00 51.87 5.76
C TYR A 110 28.72 50.97 4.57
N TYR A 111 28.60 49.67 4.83
CA TYR A 111 28.45 48.70 3.72
C TYR A 111 27.14 47.95 3.84
N CYS A 112 26.45 47.81 2.70
CA CYS A 112 25.26 46.94 2.68
C CYS A 112 25.79 45.68 2.01
N VAL A 113 25.54 44.53 2.61
CA VAL A 113 26.21 43.33 2.06
C VAL A 113 25.22 42.23 1.73
N LYS A 114 25.58 41.42 0.73
CA LYS A 114 24.73 40.25 0.42
C LYS A 114 25.24 39.10 1.28
N SER A 115 24.33 38.44 2.00
CA SER A 115 24.75 37.29 2.81
C SER A 115 24.60 36.03 1.98
N LYS A 116 25.72 35.45 1.55
CA LYS A 116 25.66 34.23 0.70
C LYS A 116 25.90 33.03 1.61
N SER A 121 21.98 29.99 2.94
CA SER A 121 22.05 31.47 2.82
C SER A 121 20.66 32.09 3.02
N PRO A 122 19.63 31.79 2.20
CA PRO A 122 18.34 32.43 2.35
C PRO A 122 17.56 31.84 3.53
N TRP A 123 16.58 32.60 4.03
CA TRP A 123 15.70 32.06 5.09
C TRP A 123 16.55 31.55 6.25
N THR A 124 17.59 32.31 6.63
CA THR A 124 18.42 31.96 7.82
C THR A 124 18.78 33.25 8.55
N ARG A 125 19.15 33.14 9.82
CA ARG A 125 19.35 34.35 10.66
C ARG A 125 20.83 34.57 11.02
N SER A 126 21.72 33.66 10.63
CA SER A 126 23.15 33.78 11.02
C SER A 126 23.68 35.08 10.41
N GLU A 127 24.57 35.79 11.13
CA GLU A 127 24.94 37.13 10.64
C GLU A 127 26.39 37.22 10.21
N PHE A 128 26.64 37.29 8.90
CA PHE A 128 27.99 37.49 8.33
C PHE A 128 27.76 37.68 6.84
N ASP A 129 28.74 38.20 6.11
CA ASP A 129 28.50 38.48 4.68
C ASP A 129 29.58 37.87 3.81
N ASP A 130 29.21 37.19 2.73
CA ASP A 130 30.25 36.71 1.79
C ASP A 130 30.68 37.89 0.93
N TYR A 131 29.76 38.81 0.62
CA TYR A 131 30.07 39.90 -0.32
C TYR A 131 30.11 41.24 0.40
N TRP A 132 30.78 42.22 -0.21
CA TRP A 132 30.79 43.58 0.39
C TRP A 132 30.41 44.61 -0.67
N GLY A 133 29.47 45.49 -0.35
CA GLY A 133 28.99 46.47 -1.34
C GLY A 133 29.95 47.62 -1.52
N GLN A 134 29.58 48.57 -2.39
CA GLN A 134 30.47 49.72 -2.70
C GLN A 134 30.82 50.44 -1.38
N GLY A 135 29.86 50.58 -0.48
CA GLY A 135 30.13 51.34 0.75
C GLY A 135 29.78 52.79 0.55
N THR A 136 29.67 53.54 1.63
CA THR A 136 29.42 55.00 1.49
C THR A 136 30.43 55.79 2.33
N GLN A 137 30.91 56.94 1.84
CA GLN A 137 31.78 57.76 2.72
C GLN A 137 30.87 58.64 3.57
N VAL A 138 30.88 58.36 4.87
CA VAL A 138 30.02 59.14 5.80
C VAL A 138 30.95 59.97 6.67
N THR A 139 30.79 61.28 6.60
CA THR A 139 31.66 62.19 7.39
C THR A 139 30.76 62.78 8.49
N VAL A 140 31.13 62.60 9.74
CA VAL A 140 30.34 63.20 10.84
C VAL A 140 31.15 64.32 11.49
N SER A 141 30.59 65.52 11.53
CA SER A 141 31.32 66.67 12.14
C SER A 141 30.31 67.67 12.69
N SER A 142 30.77 68.60 13.54
CA SER A 142 29.84 69.67 13.99
C SER A 142 29.93 70.87 13.02
N ALA B 119 -28.34 46.88 23.87
CA ALA B 119 -29.26 45.73 24.02
C ALA B 119 -28.70 44.50 23.33
N TYR B 120 -29.37 43.36 23.50
CA TYR B 120 -28.89 42.10 22.90
C TYR B 120 -30.04 41.38 22.21
N THR B 121 -29.69 40.40 21.41
CA THR B 121 -30.70 39.56 20.73
C THR B 121 -30.05 38.27 20.26
N ASN B 122 -30.85 37.43 19.60
CA ASN B 122 -30.33 36.14 19.09
C ASN B 122 -30.40 36.11 17.56
N SER B 123 -29.22 36.02 16.93
CA SER B 123 -29.18 35.89 15.45
C SER B 123 -29.25 34.41 15.12
N PHE B 124 -30.44 33.95 14.75
CA PHE B 124 -30.61 32.48 14.59
C PHE B 124 -29.74 31.93 13.47
N THR B 125 -29.98 32.35 12.23
CA THR B 125 -29.17 31.88 11.09
C THR B 125 -29.05 33.04 10.13
N ARG B 126 -28.00 33.83 10.29
CA ARG B 126 -27.79 35.00 9.43
C ARG B 126 -26.30 35.16 9.15
N GLY B 127 -25.99 36.11 8.29
CA GLY B 127 -24.58 36.42 8.04
C GLY B 127 -23.92 35.55 7.00
N VAL B 128 -24.70 34.69 6.36
CA VAL B 128 -24.14 33.80 5.32
C VAL B 128 -24.08 34.60 4.03
N TYR B 129 -22.89 34.68 3.46
CA TYR B 129 -22.69 35.40 2.19
C TYR B 129 -21.98 34.46 1.23
N TYR B 130 -22.19 34.70 -0.06
CA TYR B 130 -21.55 33.83 -1.06
C TYR B 130 -20.04 33.98 -0.89
N PRO B 131 -19.32 32.90 -0.60
CA PRO B 131 -17.90 33.02 -0.32
C PRO B 131 -17.07 33.57 -1.49
N ASP B 132 -17.44 33.20 -2.70
CA ASP B 132 -16.70 33.71 -3.87
C ASP B 132 -17.59 33.67 -5.10
N LYS B 133 -17.15 34.35 -6.15
CA LYS B 133 -17.96 34.44 -7.38
C LYS B 133 -17.74 33.20 -8.22
N VAL B 134 -18.10 32.06 -7.63
CA VAL B 134 -17.94 30.76 -8.33
C VAL B 134 -19.28 30.05 -8.27
N PHE B 135 -19.73 29.56 -9.42
CA PHE B 135 -21.04 28.88 -9.50
C PHE B 135 -20.92 27.43 -9.08
N ARG B 136 -21.89 26.98 -8.32
CA ARG B 136 -21.97 25.54 -7.94
C ARG B 136 -23.43 25.12 -7.98
N SER B 137 -23.64 23.82 -8.24
CA SER B 137 -25.03 23.31 -8.34
C SER B 137 -25.21 21.99 -7.61
N SER B 138 -26.28 21.88 -6.82
CA SER B 138 -26.68 20.61 -6.19
C SER B 138 -25.56 20.03 -5.36
N VAL B 139 -24.57 20.87 -5.03
CA VAL B 139 -23.39 20.40 -4.27
C VAL B 139 -23.55 20.86 -2.85
N LEU B 140 -22.82 20.21 -1.94
CA LEU B 140 -22.78 20.68 -0.55
C LEU B 140 -21.32 21.03 -0.27
N HIS B 141 -21.02 22.31 -0.24
CA HIS B 141 -19.62 22.74 -0.13
C HIS B 141 -19.17 22.90 1.31
N SER B 142 -17.87 23.01 1.48
CA SER B 142 -17.26 23.22 2.81
C SER B 142 -16.38 24.46 2.71
N THR B 143 -16.83 25.54 3.32
CA THR B 143 -16.06 26.80 3.28
C THR B 143 -15.52 27.16 4.65
N GLN B 144 -14.21 27.36 4.72
CA GLN B 144 -13.58 27.88 5.94
C GLN B 144 -13.29 29.37 5.67
N ASP B 145 -14.07 30.23 6.30
CA ASP B 145 -13.90 31.68 6.09
C ASP B 145 -14.57 32.42 7.24
N LEU B 146 -14.48 33.74 7.21
CA LEU B 146 -15.01 34.55 8.32
C LEU B 146 -16.51 34.70 8.13
N PHE B 147 -17.27 34.03 8.96
CA PHE B 147 -18.74 34.11 8.92
C PHE B 147 -19.25 34.44 10.30
N LEU B 148 -20.55 34.67 10.39
CA LEU B 148 -21.16 34.93 11.71
C LEU B 148 -21.68 33.61 12.28
N PRO B 149 -21.20 33.18 13.46
CA PRO B 149 -21.69 31.96 14.02
C PRO B 149 -23.19 32.03 14.29
N PHE B 150 -23.88 30.92 14.07
CA PHE B 150 -25.33 30.89 14.29
C PHE B 150 -25.64 30.94 15.78
N PHE B 151 -26.89 31.27 16.08
CA PHE B 151 -27.38 31.28 17.49
C PHE B 151 -26.48 32.13 18.36
N SER B 152 -26.08 33.28 17.83
CA SER B 152 -25.10 34.14 18.51
C SER B 152 -25.77 35.32 19.20
N ASN B 153 -25.27 35.63 20.40
CA ASN B 153 -25.74 36.86 21.07
C ASN B 153 -25.14 38.05 20.32
N VAL B 154 -26.03 38.88 19.77
CA VAL B 154 -25.57 40.06 18.99
C VAL B 154 -26.25 41.30 19.55
N THR B 155 -25.63 42.45 19.31
CA THR B 155 -26.08 43.69 19.98
C THR B 155 -27.21 44.39 19.24
N TRP B 156 -28.15 44.93 20.00
CA TRP B 156 -29.36 45.59 19.45
C TRP B 156 -29.27 47.08 19.75
N PHE B 157 -29.52 47.90 18.74
CA PHE B 157 -29.43 49.35 18.93
C PHE B 157 -30.72 50.10 18.58
N HIS B 158 -30.87 51.28 19.18
CA HIS B 158 -31.86 52.27 18.72
C HIS B 158 -31.10 53.58 18.45
N PRO B 174 -23.46 55.52 18.09
CA PRO B 174 -22.47 55.05 19.06
C PRO B 174 -21.24 54.42 18.42
N VAL B 175 -20.07 54.74 18.96
CA VAL B 175 -18.80 54.22 18.37
C VAL B 175 -18.74 52.71 18.59
N LEU B 176 -18.49 51.98 17.51
CA LEU B 176 -18.44 50.51 17.60
C LEU B 176 -17.20 50.01 16.89
N PRO B 177 -16.48 49.05 17.49
CA PRO B 177 -15.25 48.57 16.90
C PRO B 177 -15.48 47.67 15.68
N PHE B 178 -14.43 47.54 14.87
CA PHE B 178 -14.47 46.67 13.67
C PHE B 178 -13.39 45.62 13.89
N ASN B 179 -13.77 44.52 14.52
CA ASN B 179 -12.75 43.52 14.90
C ASN B 179 -12.11 42.89 13.67
N ASP B 180 -12.89 42.14 12.89
CA ASP B 180 -12.36 41.56 11.62
C ASP B 180 -13.47 41.62 10.58
N GLY B 181 -14.71 41.65 11.04
CA GLY B 181 -15.86 41.69 10.13
C GLY B 181 -17.10 41.96 10.93
N VAL B 182 -18.09 42.51 10.26
CA VAL B 182 -19.29 42.98 10.97
C VAL B 182 -20.55 42.58 10.24
N TYR B 183 -21.54 42.08 10.98
CA TYR B 183 -22.86 41.80 10.43
C TYR B 183 -23.79 42.93 10.87
N PHE B 184 -24.15 43.78 9.91
CA PHE B 184 -25.07 44.90 10.19
C PHE B 184 -26.43 44.57 9.61
N ALA B 185 -27.43 44.52 10.47
CA ALA B 185 -28.81 44.27 10.04
C ALA B 185 -29.72 45.30 10.68
N SER B 186 -30.51 45.97 9.85
CA SER B 186 -31.33 47.10 10.35
C SER B 186 -32.75 46.98 9.81
N THR B 187 -33.72 47.11 10.73
CA THR B 187 -35.12 47.16 10.30
C THR B 187 -35.59 48.61 10.33
N GLU B 188 -36.06 49.10 9.19
CA GLU B 188 -36.59 50.48 9.12
C GLU B 188 -37.58 50.56 7.97
N LYS B 189 -38.35 51.64 7.95
CA LYS B 189 -39.39 51.78 6.90
C LYS B 189 -39.21 53.11 6.16
N SER B 190 -38.71 54.13 6.85
CA SER B 190 -38.59 55.46 6.24
C SER B 190 -37.13 55.82 5.96
N ASN B 191 -36.25 54.82 5.88
CA ASN B 191 -34.82 55.07 5.59
C ASN B 191 -34.21 56.01 6.63
N ILE B 192 -34.47 55.73 7.90
CA ILE B 192 -33.93 56.58 9.00
C ILE B 192 -32.41 56.47 9.06
N ILE B 193 -31.82 55.62 8.24
CA ILE B 193 -30.35 55.46 8.19
C ILE B 193 -29.85 55.88 6.82
N ARG B 194 -28.61 56.34 6.76
CA ARG B 194 -28.07 56.88 5.50
C ARG B 194 -26.87 56.07 4.99
N GLY B 195 -26.02 55.61 5.90
CA GLY B 195 -24.79 54.93 5.47
C GLY B 195 -23.90 54.58 6.63
N TRP B 196 -22.59 54.62 6.40
CA TRP B 196 -21.64 54.19 7.44
C TRP B 196 -20.37 55.02 7.38
N ILE B 197 -19.64 54.99 8.49
CA ILE B 197 -18.30 55.63 8.55
C ILE B 197 -17.36 54.57 9.13
N PHE B 198 -16.23 54.39 8.48
CA PHE B 198 -15.25 53.40 8.96
C PHE B 198 -13.91 54.08 9.16
N GLY B 199 -13.02 53.38 9.86
CA GLY B 199 -11.66 53.89 10.01
C GLY B 199 -11.11 53.59 11.40
N THR B 200 -9.99 54.24 11.72
CA THR B 200 -9.39 54.07 13.06
C THR B 200 -9.36 55.42 13.78
N THR B 201 -8.84 56.45 13.12
CA THR B 201 -8.72 57.80 13.74
C THR B 201 -9.97 58.60 13.41
N LEU B 202 -11.10 58.22 13.99
CA LEU B 202 -12.35 58.92 13.61
C LEU B 202 -12.38 60.27 14.35
N SER B 208 -10.00 56.97 6.76
CA SER B 208 -11.45 56.81 7.08
C SER B 208 -12.27 57.03 5.81
N LEU B 209 -13.32 56.23 5.62
CA LEU B 209 -14.11 56.32 4.37
C LEU B 209 -15.59 56.51 4.68
N LEU B 210 -16.25 57.28 3.83
CA LEU B 210 -17.69 57.55 4.00
C LEU B 210 -18.49 56.88 2.91
N ILE B 211 -19.53 56.16 3.32
CA ILE B 211 -20.52 55.63 2.35
C ILE B 211 -21.88 56.12 2.83
N VAL B 212 -22.60 56.79 1.94
CA VAL B 212 -23.88 57.41 2.35
C VAL B 212 -24.92 57.24 1.25
N ASN B 213 -26.18 57.35 1.63
CA ASN B 213 -27.29 57.24 0.65
C ASN B 213 -28.26 58.39 0.89
N ASN B 214 -28.19 59.40 0.01
CA ASN B 214 -29.11 60.55 0.11
C ASN B 214 -30.44 60.15 -0.54
N ALA B 215 -31.23 61.14 -0.94
CA ALA B 215 -32.55 60.84 -1.51
C ALA B 215 -32.43 59.80 -2.63
N THR B 216 -31.54 60.00 -3.60
CA THR B 216 -31.51 59.05 -4.73
C THR B 216 -30.20 58.28 -4.84
N ASN B 217 -29.08 58.98 -4.95
CA ASN B 217 -27.81 58.28 -5.26
C ASN B 217 -26.96 58.03 -4.01
N VAL B 218 -25.81 57.42 -4.25
CA VAL B 218 -24.90 57.09 -3.11
C VAL B 218 -23.49 57.60 -3.44
N VAL B 219 -22.79 58.06 -2.42
CA VAL B 219 -21.41 58.57 -2.62
C VAL B 219 -20.42 57.67 -1.88
N ILE B 220 -19.37 57.29 -2.59
CA ILE B 220 -18.28 56.49 -1.95
C ILE B 220 -16.97 57.21 -2.20
N LYS B 221 -16.27 57.55 -1.13
CA LYS B 221 -14.94 58.18 -1.27
C LYS B 221 -14.20 58.14 0.07
N VAL B 222 -12.88 58.10 0.00
CA VAL B 222 -12.05 58.20 1.22
C VAL B 222 -11.38 59.56 1.23
N CYS B 223 -11.58 60.33 2.30
CA CYS B 223 -11.08 61.71 2.33
C CYS B 223 -10.79 62.07 3.79
N GLU B 224 -10.19 63.24 4.02
CA GLU B 224 -9.93 63.73 5.40
C GLU B 224 -11.08 64.67 5.72
N PHE B 225 -12.07 64.16 6.46
CA PHE B 225 -13.32 64.93 6.64
C PHE B 225 -13.42 65.61 7.99
N GLN B 226 -14.31 66.58 8.09
CA GLN B 226 -14.62 67.26 9.38
C GLN B 226 -15.75 66.50 10.06
N PHE B 227 -15.44 65.31 10.58
CA PHE B 227 -16.44 64.46 11.26
C PHE B 227 -17.20 65.23 12.35
N ASP B 230 -18.42 64.07 16.36
CA ASP B 230 -19.72 63.39 16.44
C ASP B 230 -20.50 63.73 15.17
N PRO B 231 -20.51 62.83 14.19
CA PRO B 231 -21.31 63.02 12.99
C PRO B 231 -22.80 62.91 13.30
N PHE B 232 -23.60 63.52 12.44
CA PHE B 232 -25.05 63.53 12.68
C PHE B 232 -25.78 63.74 11.35
N LEU B 233 -27.09 63.56 11.39
CA LEU B 233 -27.91 63.80 10.17
C LEU B 233 -29.36 64.10 10.55
N CYS B 258 -8.19 63.23 -3.00
CA CYS B 258 -8.63 61.98 -2.34
C CYS B 258 -8.23 60.78 -3.21
N THR B 259 -8.10 59.60 -2.58
CA THR B 259 -7.65 58.42 -3.35
C THR B 259 -8.69 58.02 -4.41
N PHE B 260 -9.96 57.90 -4.01
CA PHE B 260 -10.99 57.47 -4.96
C PHE B 260 -12.31 58.11 -4.57
N GLU B 261 -13.16 58.34 -5.57
CA GLU B 261 -14.48 58.97 -5.30
C GLU B 261 -15.52 58.25 -6.16
N TYR B 262 -16.11 57.20 -5.62
CA TYR B 262 -17.11 56.40 -6.36
C TYR B 262 -18.53 56.89 -6.09
N VAL B 263 -18.77 58.16 -6.41
CA VAL B 263 -20.12 58.71 -6.10
C VAL B 263 -21.07 58.25 -7.20
N SER B 264 -21.97 57.32 -6.85
CA SER B 264 -22.89 56.77 -7.86
C SER B 264 -24.28 57.40 -7.67
N PHE B 278 -41.91 48.31 10.22
CA PHE B 278 -40.77 47.49 9.72
C PHE B 278 -41.24 46.56 8.62
N LYS B 279 -41.08 47.01 7.38
CA LYS B 279 -41.51 46.18 6.22
C LYS B 279 -40.28 45.88 5.36
N ASN B 280 -39.35 46.84 5.29
CA ASN B 280 -38.14 46.64 4.47
C ASN B 280 -36.96 46.36 5.41
N LEU B 281 -36.29 45.24 5.17
CA LEU B 281 -35.17 44.83 6.06
C LEU B 281 -33.88 44.79 5.24
N ARG B 282 -32.79 45.22 5.87
CA ARG B 282 -31.49 45.28 5.17
C ARG B 282 -30.44 44.57 6.01
N GLU B 283 -29.73 43.62 5.37
CA GLU B 283 -28.60 42.95 6.03
C GLU B 283 -27.34 43.27 5.24
N PHE B 284 -26.32 43.72 5.95
CA PHE B 284 -25.05 44.07 5.29
C PHE B 284 -23.91 43.33 5.97
N VAL B 285 -22.94 42.93 5.15
CA VAL B 285 -21.72 42.27 5.68
C VAL B 285 -20.54 43.11 5.22
N PHE B 286 -19.70 43.48 6.19
CA PHE B 286 -18.56 44.37 5.89
C PHE B 286 -17.26 43.63 6.20
N LYS B 287 -16.42 43.51 5.18
CA LYS B 287 -15.12 42.86 5.39
C LYS B 287 -14.04 43.61 4.62
N ASN B 288 -12.89 43.74 5.26
CA ASN B 288 -11.72 44.36 4.59
C ASN B 288 -10.54 43.40 4.82
N ILE B 289 -10.28 42.57 3.82
CA ILE B 289 -9.21 41.55 3.95
C ILE B 289 -8.19 41.79 2.85
N ASP B 290 -6.91 41.76 3.19
CA ASP B 290 -5.83 42.02 2.21
C ASP B 290 -5.95 43.46 1.73
N GLY B 291 -6.59 44.30 2.53
CA GLY B 291 -6.79 45.72 2.14
C GLY B 291 -7.97 45.91 1.21
N TYR B 292 -8.58 44.82 0.75
CA TYR B 292 -9.74 44.91 -0.16
C TYR B 292 -11.02 45.00 0.67
N PHE B 293 -11.85 45.96 0.35
CA PHE B 293 -13.08 46.18 1.13
C PHE B 293 -14.24 45.56 0.37
N LYS B 294 -14.94 44.65 1.04
CA LYS B 294 -16.03 43.90 0.38
C LYS B 294 -17.34 44.16 1.11
N ILE B 295 -18.36 44.43 0.31
CA ILE B 295 -19.71 44.67 0.90
C ILE B 295 -20.67 43.63 0.34
N TYR B 296 -21.40 42.98 1.24
CA TYR B 296 -22.42 41.99 0.84
C TYR B 296 -23.76 42.46 1.38
N SER B 297 -24.79 42.29 0.56
CA SER B 297 -26.10 42.87 0.92
C SER B 297 -27.25 41.96 0.52
N LYS B 298 -28.40 42.18 1.15
CA LYS B 298 -29.62 41.46 0.79
C LYS B 298 -30.80 42.18 1.41
N HIS B 299 -31.91 42.22 0.69
CA HIS B 299 -33.15 42.84 1.20
C HIS B 299 -34.25 41.79 1.24
N THR B 300 -35.20 41.97 2.14
CA THR B 300 -36.32 41.02 2.24
C THR B 300 -37.53 41.72 2.85
N PRO B 301 -38.75 41.44 2.40
CA PRO B 301 -39.93 41.99 3.04
C PRO B 301 -40.22 41.29 4.37
N ILE B 302 -40.73 42.07 5.32
CA ILE B 302 -41.07 41.49 6.64
C ILE B 302 -42.36 42.11 7.15
N ASN B 303 -43.16 41.29 7.82
CA ASN B 303 -44.32 41.81 8.56
C ASN B 303 -44.13 41.27 9.98
N LEU B 304 -43.24 41.92 10.73
CA LEU B 304 -42.87 41.44 12.08
C LEU B 304 -42.43 42.69 12.85
N VAL B 305 -42.37 42.54 14.17
CA VAL B 305 -41.91 43.68 15.01
C VAL B 305 -41.02 43.20 16.14
N ARG B 306 -40.03 44.01 16.49
CA ARG B 306 -39.25 43.80 17.74
C ARG B 306 -38.53 42.46 17.77
N ASP B 307 -38.26 41.86 16.61
CA ASP B 307 -37.65 40.53 16.62
C ASP B 307 -36.94 40.28 15.30
N LEU B 308 -35.84 39.51 15.35
CA LEU B 308 -35.19 39.11 14.09
C LEU B 308 -36.06 38.04 13.41
N PRO B 309 -36.35 38.21 12.12
CA PRO B 309 -37.16 37.23 11.42
C PRO B 309 -36.50 35.85 11.38
N GLN B 310 -37.34 34.83 11.38
CA GLN B 310 -36.82 33.44 11.32
C GLN B 310 -36.80 32.99 9.87
N GLY B 311 -35.61 32.65 9.39
CA GLY B 311 -35.49 32.19 8.01
C GLY B 311 -34.06 32.13 7.56
N PHE B 312 -33.87 31.76 6.30
CA PHE B 312 -32.52 31.68 5.74
C PHE B 312 -32.45 32.57 4.50
N SER B 313 -31.37 33.33 4.40
CA SER B 313 -31.18 34.21 3.24
C SER B 313 -29.69 34.45 3.04
N ALA B 314 -29.28 34.56 1.79
CA ALA B 314 -27.86 34.75 1.49
C ALA B 314 -27.60 36.19 1.07
N LEU B 315 -26.38 36.65 1.33
CA LEU B 315 -26.03 38.06 1.05
C LEU B 315 -25.09 38.09 -0.15
N GLU B 316 -25.60 38.60 -1.26
CA GLU B 316 -24.80 38.69 -2.48
C GLU B 316 -23.80 39.83 -2.36
N PRO B 317 -22.65 39.74 -3.05
CA PRO B 317 -21.73 40.86 -3.09
C PRO B 317 -22.31 42.04 -3.85
N LEU B 318 -21.87 43.25 -3.48
CA LEU B 318 -22.42 44.47 -4.10
C LEU B 318 -21.37 45.26 -4.87
N VAL B 319 -20.25 45.57 -4.23
CA VAL B 319 -19.17 46.33 -4.90
C VAL B 319 -17.87 46.07 -4.16
N ASP B 320 -16.78 45.93 -4.90
CA ASP B 320 -15.47 45.70 -4.26
C ASP B 320 -14.62 46.94 -4.44
N LEU B 321 -14.19 47.54 -3.33
CA LEU B 321 -13.35 48.75 -3.39
C LEU B 321 -12.04 48.47 -2.68
N PRO B 322 -10.92 48.39 -3.42
CA PRO B 322 -9.61 48.16 -2.81
C PRO B 322 -8.90 49.46 -2.42
N ILE B 323 -9.43 50.12 -1.39
CA ILE B 323 -8.83 51.38 -0.91
C ILE B 323 -7.44 51.12 -0.34
N GLY B 324 -7.26 49.99 0.33
CA GLY B 324 -5.96 49.71 0.95
C GLY B 324 -5.67 50.57 2.17
N ILE B 325 -6.68 50.76 3.03
CA ILE B 325 -6.49 51.52 4.28
C ILE B 325 -6.81 50.62 5.45
N ASN B 326 -6.23 50.92 6.60
CA ASN B 326 -6.53 50.13 7.81
C ASN B 326 -7.76 50.69 8.50
N ILE B 327 -8.55 49.80 9.09
CA ILE B 327 -9.79 50.21 9.80
C ILE B 327 -9.83 49.49 11.13
N THR B 328 -10.31 50.18 12.17
CA THR B 328 -10.41 49.55 13.50
C THR B 328 -11.82 49.68 14.08
N ARG B 329 -12.52 50.76 13.80
CA ARG B 329 -13.88 50.94 14.35
C ARG B 329 -14.77 51.52 13.26
N PHE B 330 -16.05 51.58 13.54
CA PHE B 330 -16.98 52.15 12.56
C PHE B 330 -18.16 52.79 13.29
N GLN B 331 -18.99 53.48 12.52
CA GLN B 331 -20.25 53.99 13.07
C GLN B 331 -21.15 54.33 11.88
N THR B 332 -22.43 54.04 12.02
CA THR B 332 -23.37 54.28 10.92
C THR B 332 -23.71 55.77 10.78
N LEU B 333 -24.48 56.08 9.74
CA LEU B 333 -24.97 57.46 9.55
C LEU B 333 -26.48 57.48 9.65
N LEU B 334 -26.99 58.29 10.57
CA LEU B 334 -28.45 58.32 10.83
C LEU B 334 -28.84 59.59 11.60
N ALA B 356 -33.68 51.64 14.31
CA ALA B 356 -33.04 50.53 15.06
C ALA B 356 -32.15 49.69 14.14
N TYR B 357 -31.23 48.95 14.75
CA TYR B 357 -30.36 48.07 13.96
C TYR B 357 -29.66 47.08 14.88
N TYR B 358 -29.01 46.08 14.27
CA TYR B 358 -28.25 45.09 15.04
C TYR B 358 -26.83 45.03 14.51
N VAL B 359 -25.89 44.77 15.43
CA VAL B 359 -24.47 44.63 15.03
C VAL B 359 -23.98 43.23 15.40
N GLY B 360 -23.53 42.49 14.42
CA GLY B 360 -22.93 41.17 14.68
C GLY B 360 -21.52 41.15 14.12
N TYR B 361 -20.67 40.31 14.69
CA TYR B 361 -19.26 40.28 14.25
C TYR B 361 -18.94 38.91 13.68
N LEU B 362 -18.14 38.91 12.62
CA LEU B 362 -17.78 37.66 11.94
C LEU B 362 -16.57 37.04 12.63
N GLN B 363 -16.59 35.72 12.73
CA GLN B 363 -15.51 35.00 13.41
C GLN B 363 -15.04 33.86 12.52
N PRO B 364 -13.81 33.37 12.70
CA PRO B 364 -13.32 32.31 11.82
C PRO B 364 -14.11 31.02 12.06
N ARG B 365 -14.81 30.58 11.02
CA ARG B 365 -15.68 29.41 11.14
C ARG B 365 -15.65 28.62 9.84
N THR B 366 -16.07 27.36 9.91
CA THR B 366 -16.22 26.54 8.69
C THR B 366 -17.70 26.21 8.53
N PHE B 367 -18.20 26.34 7.33
CA PHE B 367 -19.62 26.10 7.07
C PHE B 367 -19.82 25.04 6.00
N LEU B 368 -20.90 24.26 6.18
CA LEU B 368 -21.34 23.35 5.12
C LEU B 368 -22.48 24.09 4.41
N LEU B 369 -22.22 24.53 3.19
CA LEU B 369 -23.22 25.32 2.45
C LEU B 369 -23.95 24.43 1.45
N LYS B 370 -25.19 24.77 1.16
CA LYS B 370 -26.02 23.93 0.27
C LYS B 370 -26.38 24.71 -0.98
N TYR B 371 -25.71 24.37 -2.09
CA TYR B 371 -25.96 25.08 -3.37
C TYR B 371 -27.00 24.30 -4.16
N ASN B 372 -28.09 24.98 -4.50
CA ASN B 372 -29.21 24.30 -5.17
C ASN B 372 -28.97 24.22 -6.67
N GLU B 373 -29.91 23.61 -7.39
CA GLU B 373 -29.77 23.48 -8.85
C GLU B 373 -29.75 24.86 -9.50
N ASN B 374 -30.46 25.81 -8.90
CA ASN B 374 -30.49 27.20 -9.41
C ASN B 374 -29.25 27.97 -8.97
N GLY B 375 -28.41 27.38 -8.12
CA GLY B 375 -27.15 28.03 -7.73
C GLY B 375 -27.24 28.95 -6.54
N THR B 376 -28.29 28.85 -5.74
CA THR B 376 -28.47 29.73 -4.59
C THR B 376 -28.40 28.95 -3.29
N ILE B 377 -27.73 29.52 -2.31
CA ILE B 377 -27.55 28.84 -1.01
C ILE B 377 -28.87 28.88 -0.27
N THR B 378 -29.54 27.73 -0.20
CA THR B 378 -30.84 27.68 0.47
C THR B 378 -30.71 27.22 1.93
N ASP B 379 -29.53 26.80 2.33
CA ASP B 379 -29.34 26.30 3.71
C ASP B 379 -27.85 26.24 4.00
N ALA B 380 -27.52 26.08 5.29
CA ALA B 380 -26.12 26.03 5.70
C ALA B 380 -26.01 25.35 7.05
N VAL B 381 -24.79 24.94 7.38
CA VAL B 381 -24.52 24.27 8.67
C VAL B 381 -23.37 24.98 9.39
N ASP B 382 -23.61 25.41 10.62
CA ASP B 382 -22.52 25.97 11.44
C ASP B 382 -21.76 24.78 12.00
N CYS B 383 -20.56 24.56 11.49
CA CYS B 383 -19.83 23.30 11.75
C CYS B 383 -19.36 23.15 13.20
N ALA B 384 -19.34 24.24 13.97
CA ALA B 384 -18.81 24.15 15.34
C ALA B 384 -19.91 24.34 16.37
N LEU B 385 -21.16 24.45 15.93
CA LEU B 385 -22.25 24.78 16.89
C LEU B 385 -22.47 23.66 17.89
N ASP B 386 -22.59 22.43 17.40
CA ASP B 386 -22.93 21.32 18.30
C ASP B 386 -22.41 20.03 17.66
N PRO B 387 -22.34 18.91 18.41
CA PRO B 387 -21.82 17.69 17.83
C PRO B 387 -22.57 17.26 16.58
N LEU B 388 -23.89 17.47 16.54
CA LEU B 388 -24.66 17.02 15.37
C LEU B 388 -24.22 17.76 14.12
N SER B 389 -23.97 19.05 14.22
CA SER B 389 -23.50 19.82 13.05
C SER B 389 -22.13 19.33 12.61
N GLU B 390 -21.27 19.01 13.57
CA GLU B 390 -19.94 18.49 13.21
C GLU B 390 -20.09 17.15 12.48
N THR B 391 -21.01 16.32 12.94
CA THR B 391 -21.25 15.04 12.24
C THR B 391 -21.74 15.31 10.83
N LYS B 392 -22.65 16.25 10.68
CA LYS B 392 -23.13 16.61 9.32
C LYS B 392 -21.97 17.15 8.49
N CYS B 393 -20.96 17.72 9.14
CA CYS B 393 -19.77 18.15 8.39
C CYS B 393 -18.94 16.96 7.91
N THR B 394 -18.74 15.96 8.77
CA THR B 394 -17.88 14.82 8.38
C THR B 394 -18.49 14.09 7.20
N LEU B 395 -19.81 13.86 7.23
CA LEU B 395 -20.51 13.31 6.05
C LEU B 395 -21.19 14.51 5.41
N LYS B 396 -20.68 14.95 4.27
CA LYS B 396 -21.10 16.28 3.76
C LYS B 396 -22.53 16.22 3.25
N SER B 397 -23.45 16.14 4.21
CA SER B 397 -24.88 16.13 3.89
C SER B 397 -25.66 16.66 5.09
N PHE B 398 -26.82 17.25 4.84
CA PHE B 398 -27.67 17.77 5.92
C PHE B 398 -28.48 16.66 6.57
N THR B 399 -28.45 15.47 5.99
CA THR B 399 -29.16 14.33 6.61
C THR B 399 -28.12 13.30 7.03
N VAL B 400 -28.29 12.77 8.22
CA VAL B 400 -27.36 11.72 8.73
C VAL B 400 -28.20 10.51 9.10
N GLU B 401 -27.89 9.39 8.49
CA GLU B 401 -28.66 8.18 8.80
C GLU B 401 -28.30 7.71 10.19
N LYS B 402 -29.14 6.84 10.74
CA LYS B 402 -28.90 6.33 12.10
C LYS B 402 -27.56 5.60 12.16
N GLY B 403 -26.88 5.76 13.28
CA GLY B 403 -25.62 5.04 13.47
C GLY B 403 -24.70 5.73 14.44
N ILE B 404 -23.43 5.34 14.38
CA ILE B 404 -22.38 5.97 15.23
C ILE B 404 -21.35 6.56 14.29
N TYR B 405 -20.91 7.78 14.58
CA TYR B 405 -19.95 8.44 13.70
C TYR B 405 -18.80 9.04 14.51
N GLN B 406 -17.59 8.89 13.99
CA GLN B 406 -16.38 9.46 14.64
C GLN B 406 -16.13 10.80 13.98
N THR B 407 -16.11 11.86 14.79
CA THR B 407 -16.06 13.23 14.22
C THR B 407 -14.72 13.92 14.40
N SER B 408 -14.18 13.91 15.61
CA SER B 408 -12.94 14.68 15.86
C SER B 408 -12.09 13.99 16.90
N ASN B 409 -10.95 14.60 17.22
CA ASN B 409 -10.10 14.08 18.31
C ASN B 409 -10.12 15.07 19.47
N PHE B 410 -10.15 14.53 20.68
CA PHE B 410 -10.27 15.35 21.90
C PHE B 410 -8.98 15.24 22.69
N ARG B 411 -8.36 16.38 22.97
CA ARG B 411 -7.10 16.37 23.74
C ARG B 411 -7.20 17.35 24.89
N VAL B 412 -6.94 16.88 26.10
CA VAL B 412 -6.89 17.84 27.23
C VAL B 412 -5.78 18.85 26.96
N GLN B 413 -5.98 20.09 27.37
CA GLN B 413 -5.02 21.12 26.98
C GLN B 413 -4.12 21.54 28.14
N PRO B 414 -2.87 21.96 27.85
CA PRO B 414 -2.00 22.42 28.91
C PRO B 414 -2.61 23.62 29.64
N THR B 415 -2.83 23.43 30.95
CA THR B 415 -3.41 24.53 31.76
C THR B 415 -2.42 25.67 31.92
N GLU B 416 -1.15 25.34 32.10
CA GLU B 416 -0.13 26.38 32.37
C GLU B 416 1.20 26.00 31.75
N SER B 417 2.25 26.73 32.10
CA SER B 417 3.60 26.46 31.57
C SER B 417 4.57 26.43 32.75
N ILE B 418 5.52 25.49 32.71
CA ILE B 418 6.46 25.30 33.85
C ILE B 418 7.87 25.21 33.32
N VAL B 419 8.76 26.00 33.89
CA VAL B 419 10.19 25.95 33.54
C VAL B 419 10.96 25.63 34.82
N ARG B 420 11.82 24.62 34.75
CA ARG B 420 12.68 24.29 35.91
C ARG B 420 14.12 24.31 35.42
N PHE B 421 14.88 25.27 35.89
CA PHE B 421 16.29 25.42 35.48
C PHE B 421 17.17 25.44 36.72
N PRO B 422 18.49 25.19 36.58
CA PRO B 422 19.36 25.22 37.73
C PRO B 422 19.39 26.59 38.41
N ASN B 423 19.60 26.59 39.72
CA ASN B 423 19.56 27.83 40.52
C ASN B 423 20.95 28.48 40.59
N ILE B 424 21.86 28.10 39.71
CA ILE B 424 23.18 28.77 39.68
C ILE B 424 23.01 30.21 39.24
N THR B 425 23.93 31.07 39.69
CA THR B 425 23.78 32.52 39.41
C THR B 425 24.97 33.13 38.66
N ASN B 426 26.19 32.70 38.94
CA ASN B 426 27.35 33.39 38.36
C ASN B 426 27.33 33.32 36.83
N LEU B 427 27.52 34.47 36.20
CA LEU B 427 27.56 34.52 34.74
C LEU B 427 28.82 33.79 34.25
N CYS B 428 28.70 33.21 33.08
CA CYS B 428 29.88 32.54 32.48
C CYS B 428 30.91 33.62 32.14
N PRO B 429 32.20 33.40 32.48
CA PRO B 429 33.20 34.44 32.26
C PRO B 429 33.55 34.49 30.77
N PHE B 430 32.57 34.92 29.99
CA PHE B 430 32.81 35.06 28.53
C PHE B 430 33.84 36.15 28.26
N GLY B 431 33.80 37.22 29.04
CA GLY B 431 34.78 38.30 28.82
C GLY B 431 36.20 37.81 29.01
N GLU B 432 36.44 36.97 30.00
CA GLU B 432 37.79 36.44 30.22
C GLU B 432 38.25 35.68 28.98
N VAL B 433 37.33 35.04 28.29
CA VAL B 433 37.71 34.39 27.01
C VAL B 433 37.93 35.41 25.89
N PHE B 434 37.04 36.40 25.80
CA PHE B 434 37.12 37.37 24.69
C PHE B 434 37.97 38.57 25.05
N ASN B 435 37.67 39.22 26.17
CA ASN B 435 38.47 40.40 26.61
C ASN B 435 39.68 39.88 27.39
N ALA B 436 40.43 39.00 26.75
CA ALA B 436 41.61 38.40 27.41
C ALA B 436 42.85 39.25 27.11
N THR B 437 44.02 38.72 27.46
CA THR B 437 45.27 39.47 27.24
C THR B 437 45.82 39.23 25.83
N ARG B 438 46.04 37.97 25.47
CA ARG B 438 46.60 37.66 24.13
C ARG B 438 46.18 36.24 23.77
N PHE B 439 46.11 35.96 22.47
CA PHE B 439 45.65 34.63 22.01
C PHE B 439 46.83 33.82 21.51
N ALA B 440 46.83 32.53 21.86
CA ALA B 440 47.97 31.66 21.54
C ALA B 440 48.07 31.33 20.06
N SER B 441 49.29 31.01 19.63
CA SER B 441 49.53 30.65 18.21
C SER B 441 48.66 29.45 17.84
N VAL B 442 48.19 29.44 16.61
CA VAL B 442 47.13 28.48 16.22
C VAL B 442 47.54 27.03 16.44
N TYR B 443 48.79 26.67 16.17
CA TYR B 443 49.16 25.23 16.31
C TYR B 443 49.12 24.82 17.78
N ALA B 444 49.07 25.78 18.70
CA ALA B 444 48.82 25.45 20.10
C ALA B 444 47.62 26.32 20.51
N TRP B 445 46.43 25.83 20.17
CA TRP B 445 45.22 26.61 20.48
C TRP B 445 44.74 26.29 21.89
N ASN B 446 44.58 27.34 22.69
CA ASN B 446 44.11 27.13 24.07
C ASN B 446 42.67 26.65 24.08
N ARG B 447 42.38 25.64 24.89
CA ARG B 447 40.99 25.17 25.06
C ARG B 447 40.58 25.46 26.50
N LYS B 448 39.66 26.40 26.66
CA LYS B 448 39.23 26.83 28.00
C LYS B 448 37.78 26.42 28.19
N ARG B 449 37.52 25.70 29.27
CA ARG B 449 36.17 25.16 29.48
C ARG B 449 35.30 26.14 30.26
N ILE B 450 34.01 26.06 30.01
CA ILE B 450 33.03 26.94 30.71
C ILE B 450 32.00 26.05 31.35
N SER B 451 31.77 26.25 32.64
CA SER B 451 30.86 25.35 33.36
C SER B 451 30.25 26.00 34.60
N ASN B 452 29.14 25.43 35.05
CA ASN B 452 28.48 25.82 36.32
C ASN B 452 28.08 27.29 36.31
N CYS B 453 27.79 27.82 35.14
CA CYS B 453 27.47 29.26 35.07
C CYS B 453 26.29 29.53 34.15
N VAL B 454 25.44 30.46 34.55
CA VAL B 454 24.38 30.94 33.65
C VAL B 454 25.06 31.68 32.51
N ALA B 455 24.67 31.36 31.28
CA ALA B 455 25.34 31.94 30.11
C ALA B 455 24.35 32.76 29.30
N ASP B 456 24.45 34.07 29.40
CA ASP B 456 23.67 34.94 28.51
C ASP B 456 24.48 35.08 27.22
N TYR B 457 23.81 34.90 26.08
CA TYR B 457 24.48 35.04 24.79
C TYR B 457 24.08 36.34 24.10
N SER B 458 23.08 37.03 24.64
CA SER B 458 22.72 38.36 24.10
C SER B 458 23.89 39.32 24.31
N VAL B 459 24.76 39.04 25.28
CA VAL B 459 25.95 39.91 25.47
C VAL B 459 26.87 39.80 24.25
N LEU B 460 27.03 38.60 23.71
CA LEU B 460 27.80 38.45 22.46
C LEU B 460 27.03 39.00 21.26
N TYR B 461 25.72 38.87 21.26
CA TYR B 461 24.95 39.40 20.12
C TYR B 461 25.05 40.92 20.06
N ASN B 462 24.82 41.58 21.19
CA ASN B 462 24.81 43.07 21.23
C ASN B 462 26.22 43.60 20.97
N SER B 463 27.22 42.83 21.37
CA SER B 463 28.61 43.25 21.05
C SER B 463 28.76 43.28 19.51
N ALA B 464 28.88 44.48 18.95
CA ALA B 464 28.88 44.64 17.49
C ALA B 464 30.30 44.78 16.93
N SER B 465 31.28 44.15 17.56
CA SER B 465 32.67 44.16 17.05
C SER B 465 32.99 42.83 16.35
N PHE B 466 31.97 42.00 16.11
CA PHE B 466 32.20 40.67 15.50
C PHE B 466 31.89 40.74 14.02
N SER B 467 32.88 40.42 13.21
CA SER B 467 32.72 40.49 11.73
C SER B 467 32.20 39.18 11.16
N THR B 468 32.14 38.11 11.96
CA THR B 468 31.55 36.85 11.46
C THR B 468 30.96 36.09 12.64
N PHE B 469 29.64 36.06 12.74
CA PHE B 469 28.97 35.30 13.82
C PHE B 469 27.96 34.36 13.19
N LYS B 470 28.39 33.12 12.94
CA LYS B 470 27.50 32.14 12.28
C LYS B 470 27.39 30.90 13.15
N CYS B 471 26.20 30.67 13.68
CA CYS B 471 25.95 29.53 14.59
C CYS B 471 25.56 28.31 13.78
N TYR B 472 26.26 27.20 14.03
CA TYR B 472 26.12 26.03 13.13
C TYR B 472 25.06 25.03 13.58
N GLY B 473 25.18 24.52 14.79
CA GLY B 473 24.24 23.46 15.20
C GLY B 473 22.90 23.98 15.70
N VAL B 474 22.82 25.28 15.94
CA VAL B 474 21.59 25.84 16.54
C VAL B 474 21.41 27.28 16.06
N SER B 475 20.16 27.71 15.98
CA SER B 475 19.86 29.10 15.61
C SER B 475 20.37 29.99 16.73
N PRO B 476 21.04 31.12 16.43
CA PRO B 476 21.60 31.93 17.49
C PRO B 476 20.55 32.45 18.47
N THR B 477 19.36 32.75 17.99
CA THR B 477 18.36 33.45 18.81
C THR B 477 17.63 32.54 19.79
N LYS B 478 18.11 31.31 19.94
CA LYS B 478 17.45 30.38 20.89
C LYS B 478 18.43 29.88 21.95
N LEU B 479 19.68 30.34 21.91
CA LEU B 479 20.69 29.83 22.87
C LEU B 479 20.36 30.25 24.30
N ASN B 480 19.72 31.39 24.48
CA ASN B 480 19.49 31.89 25.85
C ASN B 480 18.47 31.03 26.61
N ASP B 481 17.79 30.11 25.93
CA ASP B 481 16.79 29.26 26.61
C ASP B 481 17.24 27.81 26.70
N LEU B 482 18.32 27.44 26.02
CA LEU B 482 18.78 26.04 26.01
C LEU B 482 19.61 25.76 27.26
N CYS B 483 20.15 24.55 27.32
CA CYS B 483 21.14 24.21 28.38
C CYS B 483 22.22 23.38 27.71
N PHE B 484 23.43 23.42 28.24
CA PHE B 484 24.57 22.75 27.58
C PHE B 484 25.35 21.92 28.60
N THR B 485 25.91 20.81 28.12
CA THR B 485 26.71 19.95 29.02
C THR B 485 28.01 20.63 29.42
N ASN B 486 28.80 21.01 28.44
CA ASN B 486 30.07 21.73 28.70
C ASN B 486 30.40 22.50 27.41
N VAL B 487 31.07 23.63 27.57
CA VAL B 487 31.39 24.48 26.41
C VAL B 487 32.89 24.67 26.35
N TYR B 488 33.48 24.37 25.21
CA TYR B 488 34.92 24.59 25.01
C TYR B 488 35.11 25.81 24.12
N ALA B 489 35.97 26.71 24.57
CA ALA B 489 36.31 27.90 23.76
C ALA B 489 37.75 27.71 23.27
N ASP B 490 37.88 27.51 21.97
CA ASP B 490 39.22 27.34 21.35
C ASP B 490 39.62 28.66 20.73
N SER B 491 40.72 29.22 21.22
CA SER B 491 41.11 30.59 20.82
C SER B 491 42.45 30.59 20.10
N PHE B 492 42.51 31.31 19.00
CA PHE B 492 43.76 31.43 18.23
C PHE B 492 43.62 32.53 17.19
N VAL B 493 44.71 32.85 16.52
CA VAL B 493 44.74 34.01 15.59
C VAL B 493 45.11 33.54 14.18
N ILE B 494 44.31 33.95 13.21
CA ILE B 494 44.52 33.52 11.80
C ILE B 494 44.17 34.69 10.87
N ARG B 495 44.84 34.71 9.73
CA ARG B 495 44.53 35.75 8.71
C ARG B 495 43.10 35.58 8.24
N GLY B 496 42.50 36.68 7.78
CA GLY B 496 41.10 36.66 7.35
C GLY B 496 40.86 35.73 6.17
N ASP B 497 41.82 35.63 5.28
CA ASP B 497 41.68 34.69 4.15
C ASP B 497 41.62 33.24 4.65
N GLU B 498 42.43 32.93 5.66
CA GLU B 498 42.50 31.53 6.14
C GLU B 498 41.51 31.28 7.29
N VAL B 499 40.72 32.27 7.66
CA VAL B 499 39.67 32.04 8.69
C VAL B 499 38.63 31.05 8.15
N ARG B 500 38.44 31.03 6.84
CA ARG B 500 37.40 30.16 6.23
C ARG B 500 37.71 28.70 6.52
N GLN B 501 38.97 28.38 6.82
CA GLN B 501 39.36 27.00 7.16
C GLN B 501 38.72 26.55 8.47
N ILE B 502 38.32 27.48 9.34
CA ILE B 502 37.81 27.09 10.68
C ILE B 502 36.30 26.93 10.59
N ALA B 503 35.87 25.73 10.21
CA ALA B 503 34.44 25.46 10.06
C ALA B 503 34.28 23.94 9.96
N PRO B 504 33.10 23.39 10.30
CA PRO B 504 32.92 21.96 10.19
C PRO B 504 33.00 21.47 8.73
N GLY B 505 33.52 20.26 8.57
CA GLY B 505 33.50 19.59 7.26
C GLY B 505 34.17 20.35 6.13
N GLN B 506 35.28 21.02 6.41
CA GLN B 506 36.02 21.68 5.31
C GLN B 506 37.43 21.10 5.20
N THR B 507 38.14 21.57 4.18
CA THR B 507 39.51 21.07 3.95
C THR B 507 40.46 22.25 3.81
N GLY B 508 41.67 22.05 4.32
CA GLY B 508 42.68 23.10 4.25
C GLY B 508 43.88 22.75 5.09
N LYS B 509 44.91 23.58 5.01
CA LYS B 509 46.14 23.30 5.78
C LYS B 509 45.87 23.37 7.29
N ILE B 510 45.14 24.37 7.74
CA ILE B 510 44.85 24.47 9.19
C ILE B 510 43.82 23.41 9.57
N ALA B 511 42.94 23.05 8.64
CA ALA B 511 41.95 22.00 8.93
C ALA B 511 42.62 20.62 9.08
N ASP B 512 43.60 20.33 8.24
CA ASP B 512 44.26 19.01 8.25
C ASP B 512 45.44 18.94 9.22
N TYR B 513 46.27 19.99 9.26
CA TYR B 513 47.52 19.92 10.07
C TYR B 513 47.41 20.58 11.44
N ASN B 514 46.42 21.44 11.65
CA ASN B 514 46.47 22.25 12.89
C ASN B 514 45.25 22.07 13.79
N TYR B 515 44.05 22.30 13.26
CA TYR B 515 42.86 22.36 14.15
C TYR B 515 41.64 22.02 13.33
N LYS B 516 41.00 20.90 13.63
CA LYS B 516 39.91 20.40 12.77
C LYS B 516 38.59 20.40 13.49
N LEU B 517 37.58 21.04 12.89
CA LEU B 517 36.21 20.93 13.44
C LEU B 517 35.50 19.78 12.75
N PRO B 518 34.95 18.83 13.52
CA PRO B 518 34.35 17.65 12.91
C PRO B 518 33.12 17.97 12.09
N ASP B 519 32.73 17.02 11.24
CA ASP B 519 31.57 17.23 10.35
C ASP B 519 30.27 17.41 11.12
N ASP B 520 30.21 16.94 12.37
CA ASP B 520 28.97 17.05 13.19
C ASP B 520 29.17 18.02 14.34
N PHE B 521 29.89 19.10 14.10
CA PHE B 521 30.21 20.08 15.15
C PHE B 521 28.95 20.72 15.72
N THR B 522 29.00 21.03 17.01
CA THR B 522 27.86 21.69 17.67
C THR B 522 28.39 22.93 18.39
N GLY B 523 28.04 24.11 17.88
CA GLY B 523 28.48 25.34 18.52
C GLY B 523 28.40 26.52 17.60
N CYS B 524 29.09 27.59 17.99
CA CYS B 524 29.10 28.82 17.18
C CYS B 524 30.54 29.26 16.96
N VAL B 525 30.79 29.86 15.80
CA VAL B 525 32.16 30.28 15.43
C VAL B 525 32.21 31.80 15.45
N ILE B 526 33.09 32.33 16.30
CA ILE B 526 33.19 33.81 16.45
C ILE B 526 34.58 34.27 16.03
N ALA B 527 34.63 35.22 15.09
CA ALA B 527 35.90 35.80 14.62
C ALA B 527 35.74 37.33 14.52
N TRP B 528 36.78 38.05 14.85
CA TRP B 528 36.75 39.52 14.77
C TRP B 528 38.15 40.05 14.55
N ASN B 529 38.22 41.30 14.11
CA ASN B 529 39.53 41.92 13.84
C ASN B 529 40.19 42.40 15.13
N SER B 530 41.49 42.16 15.23
CA SER B 530 42.28 42.68 16.37
C SER B 530 43.59 43.25 15.83
N ASN B 531 43.52 43.98 14.72
CA ASN B 531 44.76 44.48 14.08
C ASN B 531 45.53 45.39 15.04
N ASN B 532 44.81 46.19 15.81
CA ASN B 532 45.46 47.14 16.73
C ASN B 532 46.21 46.44 17.87
N LEU B 533 45.74 45.25 18.29
CA LEU B 533 46.34 44.61 19.49
C LEU B 533 47.11 43.32 19.19
N ASP B 534 47.21 42.91 17.93
CA ASP B 534 47.85 41.60 17.62
C ASP B 534 48.78 41.74 16.42
N SER B 535 49.46 42.88 16.33
CA SER B 535 50.35 43.10 15.16
C SER B 535 51.47 44.05 15.54
N LYS B 536 52.67 43.79 15.01
CA LYS B 536 53.81 44.69 15.27
C LYS B 536 54.02 45.64 14.10
N VAL B 537 54.84 46.66 14.32
CA VAL B 537 55.15 47.61 13.23
C VAL B 537 56.05 46.99 12.17
N GLY B 538 57.08 46.28 12.60
CA GLY B 538 58.05 45.71 11.65
C GLY B 538 57.69 44.30 11.19
N GLY B 539 56.50 43.82 11.57
CA GLY B 539 56.09 42.48 11.15
C GLY B 539 56.20 41.51 12.30
N ASN B 540 55.06 41.20 12.92
CA ASN B 540 55.09 40.34 14.12
C ASN B 540 55.17 38.88 13.68
N TYR B 541 56.01 38.13 14.38
CA TYR B 541 56.10 36.69 14.10
C TYR B 541 55.84 35.86 15.36
N ASN B 542 55.22 36.44 16.38
CA ASN B 542 54.88 35.66 17.59
C ASN B 542 53.85 34.57 17.27
N TYR B 543 53.01 34.82 16.27
CA TYR B 543 52.02 33.79 15.89
C TYR B 543 52.60 32.82 14.89
N LEU B 544 52.47 31.54 15.18
CA LEU B 544 53.10 30.49 14.36
C LEU B 544 52.05 29.44 14.00
N TYR B 545 52.33 28.65 12.98
CA TYR B 545 51.40 27.58 12.58
C TYR B 545 52.20 26.39 12.05
N ARG B 546 51.57 25.23 12.10
CA ARG B 546 52.25 24.00 11.65
C ARG B 546 52.05 23.81 10.16
N LEU B 547 53.16 23.69 9.43
CA LEU B 547 53.05 23.58 7.96
C LEU B 547 53.78 22.35 7.42
N PHE B 548 54.59 21.70 8.24
CA PHE B 548 55.35 20.52 7.73
C PHE B 548 55.07 19.35 8.66
N ARG B 549 53.98 18.64 8.39
CA ARG B 549 53.57 17.51 9.24
C ARG B 549 53.62 16.23 8.40
N LYS B 550 53.62 15.09 9.08
CA LYS B 550 53.66 13.79 8.37
C LYS B 550 52.26 13.30 7.99
N SER B 551 51.22 13.95 8.49
CA SER B 551 49.84 13.49 8.22
C SER B 551 48.85 14.57 8.64
N ASN B 552 47.58 14.19 8.61
CA ASN B 552 46.50 15.11 9.01
C ASN B 552 46.20 14.99 10.50
N LEU B 553 45.17 15.71 10.94
CA LEU B 553 44.72 15.57 12.35
C LEU B 553 43.25 15.19 12.41
N LYS B 554 42.93 14.31 13.35
CA LYS B 554 41.52 14.04 13.66
C LYS B 554 41.01 15.27 14.42
N PRO B 555 39.68 15.47 14.51
CA PRO B 555 39.17 16.71 15.08
C PRO B 555 39.52 16.91 16.55
N PHE B 556 39.70 18.17 16.93
CA PHE B 556 40.02 18.53 18.33
C PHE B 556 41.31 17.87 18.81
N GLU B 557 42.27 17.75 17.89
CA GLU B 557 43.57 17.10 18.25
C GLU B 557 44.65 18.17 18.25
N ARG B 558 45.35 18.31 19.36
CA ARG B 558 46.46 19.27 19.46
C ARG B 558 47.79 18.55 19.26
N ASP B 559 48.71 19.22 18.57
CA ASP B 559 50.01 18.58 18.31
C ASP B 559 51.13 19.52 18.75
N ILE B 560 52.01 19.01 19.60
CA ILE B 560 53.18 19.83 20.05
C ILE B 560 54.45 19.10 19.66
N SER B 561 54.38 18.31 18.60
CA SER B 561 55.55 17.54 18.13
C SER B 561 56.69 18.49 17.74
N THR B 562 57.92 18.11 18.11
CA THR B 562 59.08 18.98 17.87
C THR B 562 60.18 18.15 17.21
N GLU B 563 59.80 17.39 16.19
CA GLU B 563 60.81 16.61 15.44
C GLU B 563 60.92 17.18 14.02
N ILE B 564 62.13 17.20 13.50
CA ILE B 564 62.34 17.80 12.17
C ILE B 564 61.54 17.06 11.11
N TYR B 565 60.87 17.82 10.24
CA TYR B 565 60.11 17.20 9.14
C TYR B 565 61.05 16.81 8.01
N GLN B 566 60.70 15.74 7.30
CA GLN B 566 61.51 15.29 6.17
C GLN B 566 60.82 15.65 4.85
N ALA B 567 61.58 16.25 3.93
CA ALA B 567 61.05 16.53 2.58
C ALA B 567 61.79 15.72 1.51
N GLY B 568 63.03 15.31 1.79
CA GLY B 568 63.77 14.43 0.88
C GLY B 568 63.53 12.97 1.21
N SER B 569 64.38 12.11 0.66
CA SER B 569 64.24 10.65 0.93
C SER B 569 65.21 10.18 2.02
N THR B 570 65.99 11.09 2.60
CA THR B 570 67.02 10.68 3.59
C THR B 570 66.55 11.05 5.00
N PRO B 571 66.93 10.27 6.02
CA PRO B 571 66.58 10.65 7.39
C PRO B 571 67.17 12.01 7.77
N CYS B 572 66.39 12.81 8.50
CA CYS B 572 66.84 14.17 8.84
C CYS B 572 68.05 14.16 9.78
N ASN B 573 67.98 13.38 10.86
CA ASN B 573 69.10 13.32 11.83
C ASN B 573 69.46 14.72 12.33
N GLY B 574 68.45 15.55 12.57
CA GLY B 574 68.68 16.91 13.05
C GLY B 574 69.43 17.80 12.09
N VAL B 575 69.19 17.64 10.79
CA VAL B 575 69.86 18.49 9.76
C VAL B 575 68.82 19.44 9.19
N GLU B 576 68.95 20.73 9.52
CA GLU B 576 67.95 21.71 9.07
C GLU B 576 68.44 22.35 7.78
N GLY B 577 67.53 22.48 6.80
CA GLY B 577 67.98 22.95 5.49
C GLY B 577 67.43 22.11 4.36
N PHE B 578 68.31 21.62 3.50
CA PHE B 578 67.81 20.90 2.30
C PHE B 578 67.16 19.57 2.65
N ASN B 579 66.00 19.29 2.05
CA ASN B 579 65.36 17.95 2.16
C ASN B 579 64.82 17.68 3.56
N CYS B 580 64.92 18.65 4.45
CA CYS B 580 64.39 18.48 5.82
C CYS B 580 63.93 19.83 6.34
N TYR B 581 62.63 20.00 6.50
CA TYR B 581 62.07 21.30 6.89
C TYR B 581 61.69 21.29 8.36
N PHE B 582 61.62 22.49 8.95
CA PHE B 582 61.13 22.58 10.34
C PHE B 582 59.61 22.43 10.31
N PRO B 583 59.02 21.64 11.22
CA PRO B 583 57.59 21.33 11.11
C PRO B 583 56.64 22.53 11.22
N LEU B 584 57.16 23.72 11.45
CA LEU B 584 56.28 24.89 11.64
C LEU B 584 56.55 25.97 10.59
N GLN B 585 55.73 27.01 10.63
CA GLN B 585 55.89 28.15 9.71
C GLN B 585 55.54 29.42 10.47
N SER B 586 56.06 30.54 9.99
CA SER B 586 55.91 31.82 10.72
C SER B 586 54.88 32.73 10.07
N TYR B 587 54.57 33.82 10.78
CA TYR B 587 53.62 34.82 10.26
C TYR B 587 54.30 36.17 10.03
N GLY B 588 53.76 36.93 9.08
CA GLY B 588 54.23 38.31 8.89
C GLY B 588 53.09 39.27 9.18
N PHE B 589 53.23 40.04 10.25
CA PHE B 589 52.09 40.88 10.71
C PHE B 589 52.47 42.36 10.72
N GLN B 590 52.21 43.01 9.61
CA GLN B 590 52.35 44.48 9.55
C GLN B 590 50.96 45.01 9.18
N PRO B 591 50.49 46.09 9.82
CA PRO B 591 49.15 46.61 9.51
C PRO B 591 49.09 47.30 8.13
N THR B 592 50.16 47.23 7.34
CA THR B 592 50.22 47.94 6.04
C THR B 592 49.82 47.04 4.86
N ASN B 593 49.36 45.83 5.14
CA ASN B 593 48.99 44.90 4.05
C ASN B 593 47.51 45.04 3.70
N GLY B 594 47.01 44.11 2.89
CA GLY B 594 45.55 44.07 2.66
C GLY B 594 44.83 43.58 3.90
N VAL B 595 43.55 43.94 4.01
CA VAL B 595 42.77 43.60 5.22
C VAL B 595 42.64 42.08 5.39
N GLY B 596 42.79 41.32 4.31
CA GLY B 596 42.67 39.85 4.41
C GLY B 596 43.78 39.25 5.25
N TYR B 597 44.85 40.02 5.50
CA TYR B 597 46.02 39.48 6.23
C TYR B 597 46.08 39.93 7.69
N GLN B 598 45.08 40.67 8.15
CA GLN B 598 45.14 41.18 9.55
C GLN B 598 44.86 40.07 10.55
N PRO B 599 45.39 40.18 11.78
CA PRO B 599 45.12 39.18 12.79
C PRO B 599 43.65 39.15 13.20
N TYR B 600 43.12 37.93 13.29
CA TYR B 600 41.71 37.74 13.70
C TYR B 600 41.66 36.77 14.88
N ARG B 601 41.34 37.30 16.06
CA ARG B 601 41.13 36.44 17.23
C ARG B 601 39.84 35.67 16.98
N VAL B 602 39.98 34.36 16.77
CA VAL B 602 38.81 33.52 16.42
C VAL B 602 38.57 32.52 17.53
N VAL B 603 37.32 32.45 17.97
CA VAL B 603 36.94 31.54 19.07
C VAL B 603 35.88 30.59 18.53
N VAL B 604 36.00 29.32 18.90
CA VAL B 604 34.94 28.34 18.55
C VAL B 604 34.29 27.93 19.86
N LEU B 605 33.06 28.40 20.05
CA LEU B 605 32.32 28.07 21.29
C LEU B 605 31.69 26.69 21.08
N SER B 606 32.50 25.66 21.23
CA SER B 606 32.03 24.29 21.00
C SER B 606 31.37 23.78 22.26
N PHE B 607 30.19 23.19 22.09
CA PHE B 607 29.51 22.57 23.22
C PHE B 607 28.89 21.26 22.78
N GLU B 608 28.77 20.34 23.74
CA GLU B 608 28.04 19.09 23.46
C GLU B 608 26.62 19.34 23.96
N LEU B 609 25.65 19.22 23.07
CA LEU B 609 24.23 19.52 23.39
C LEU B 609 23.58 18.18 23.72
N LEU B 610 24.38 17.29 24.29
CA LEU B 610 23.90 15.92 24.55
C LEU B 610 22.79 15.94 25.60
N HIS B 611 22.08 14.82 25.69
CA HIS B 611 21.02 14.69 26.71
C HIS B 611 21.71 14.31 28.01
N ALA B 612 22.39 15.28 28.63
CA ALA B 612 23.30 14.96 29.75
C ALA B 612 23.08 15.94 30.90
N PRO B 613 23.82 15.83 32.02
CA PRO B 613 23.56 16.70 33.18
C PRO B 613 23.46 18.19 32.84
N ALA B 614 24.21 18.67 31.85
CA ALA B 614 24.02 20.05 31.35
C ALA B 614 24.18 21.08 32.45
N THR B 615 25.39 21.16 32.99
CA THR B 615 25.67 22.15 34.05
C THR B 615 25.46 23.57 33.55
N VAL B 616 25.92 23.86 32.34
CA VAL B 616 25.73 25.21 31.76
C VAL B 616 24.27 25.37 31.34
N CYS B 617 23.75 26.59 31.47
CA CYS B 617 22.39 26.89 30.98
C CYS B 617 22.32 28.34 30.53
N GLY B 618 21.18 28.73 29.98
CA GLY B 618 20.97 30.14 29.62
C GLY B 618 20.16 30.88 30.66
N PRO B 619 19.91 32.19 30.45
CA PRO B 619 19.08 32.93 31.37
C PRO B 619 17.60 32.62 31.15
N LYS B 620 17.06 31.84 32.08
CA LYS B 620 15.62 31.52 32.02
C LYS B 620 15.13 31.38 33.46
N LYS B 621 13.97 31.97 33.71
CA LYS B 621 13.50 32.06 35.11
C LYS B 621 12.71 30.81 35.48
N SER B 622 13.26 30.04 36.40
CA SER B 622 12.58 28.82 36.87
C SER B 622 11.25 29.16 37.51
N THR B 623 10.30 28.24 37.39
CA THR B 623 8.97 28.43 37.98
C THR B 623 8.69 27.27 38.94
N ASN B 624 7.72 27.49 39.82
CA ASN B 624 7.40 26.46 40.81
C ASN B 624 6.92 25.20 40.10
N LEU B 625 7.20 24.06 40.70
CA LEU B 625 6.85 22.77 40.07
C LEU B 625 5.47 22.32 40.52
N VAL B 626 4.58 22.18 39.54
CA VAL B 626 3.20 21.71 39.84
C VAL B 626 3.04 20.33 39.24
N LYS B 627 2.36 19.45 39.98
CA LYS B 627 2.26 18.04 39.56
C LYS B 627 0.83 17.63 39.31
N ASN B 628 0.66 16.45 38.70
CA ASN B 628 -0.66 15.82 38.52
C ASN B 628 -1.55 16.62 37.56
N LYS B 629 -0.99 17.57 36.84
CA LYS B 629 -1.81 18.39 35.93
C LYS B 629 -1.14 18.48 34.55
N CYS B 630 -1.96 18.49 33.52
CA CYS B 630 -1.43 18.58 32.15
C CYS B 630 -0.83 19.96 31.95
N VAL B 631 0.49 20.02 31.94
CA VAL B 631 1.20 21.32 31.86
C VAL B 631 2.21 21.27 30.72
N ASN B 632 2.53 22.45 30.18
CA ASN B 632 3.54 22.55 29.12
C ASN B 632 4.87 22.79 29.81
N PHE B 633 5.50 21.73 30.27
CA PHE B 633 6.75 21.86 31.05
C PHE B 633 7.96 22.16 30.18
N ASN B 634 9.05 22.50 30.86
CA ASN B 634 10.35 22.72 30.16
C ASN B 634 11.44 22.39 31.17
N PHE B 635 12.12 21.27 30.96
CA PHE B 635 13.27 20.92 31.82
C PHE B 635 14.53 20.99 30.98
N ASN B 636 15.43 21.91 31.32
CA ASN B 636 16.77 22.00 30.68
C ASN B 636 16.64 22.00 29.16
N GLY B 637 15.55 22.58 28.66
CA GLY B 637 15.33 22.62 27.20
C GLY B 637 14.53 21.45 26.66
N LEU B 638 14.20 20.45 27.49
CA LEU B 638 13.39 19.30 27.01
C LEU B 638 11.93 19.73 26.98
N THR B 639 11.61 20.51 25.95
CA THR B 639 10.23 20.99 25.82
C THR B 639 9.26 19.84 25.64
N GLY B 640 8.08 19.99 26.23
CA GLY B 640 7.05 18.97 26.06
C GLY B 640 5.92 19.18 27.03
N THR B 641 4.84 18.42 26.84
CA THR B 641 3.65 18.58 27.70
C THR B 641 3.18 17.23 28.20
N GLY B 642 2.60 17.23 29.39
CA GLY B 642 2.17 15.98 30.00
C GLY B 642 1.80 16.16 31.44
N VAL B 643 1.54 15.06 32.12
CA VAL B 643 1.14 15.08 33.54
C VAL B 643 2.30 14.53 34.36
N LEU B 644 2.77 15.31 35.33
CA LEU B 644 3.96 14.94 36.11
C LEU B 644 3.52 14.46 37.48
N THR B 645 4.01 13.29 37.87
CA THR B 645 3.67 12.72 39.19
C THR B 645 4.95 12.17 39.84
N GLU B 646 4.84 11.86 41.13
CA GLU B 646 5.97 11.25 41.84
C GLU B 646 6.25 9.88 41.25
N SER B 647 7.46 9.39 41.49
CA SER B 647 7.84 8.07 40.93
C SER B 647 8.22 7.09 42.02
N ASN B 648 8.22 5.81 41.64
CA ASN B 648 8.80 4.76 42.50
C ASN B 648 10.05 4.21 41.81
N LYS B 649 10.60 4.96 40.85
CA LYS B 649 11.79 4.51 40.12
C LYS B 649 13.06 4.86 40.88
N LYS B 650 14.18 4.29 40.43
CA LYS B 650 15.51 4.68 40.96
C LYS B 650 16.41 4.92 39.76
N PHE B 651 16.95 6.14 39.67
CA PHE B 651 17.90 6.43 38.58
C PHE B 651 19.32 6.27 39.08
N LEU B 652 20.22 6.04 38.15
CA LEU B 652 21.63 6.04 38.56
C LEU B 652 22.06 7.48 38.83
N PRO B 653 23.00 7.68 39.76
CA PRO B 653 23.35 9.03 40.17
C PRO B 653 23.89 9.91 39.07
N PHE B 654 24.03 9.38 37.85
CA PHE B 654 24.46 10.21 36.70
C PHE B 654 23.38 10.32 35.62
N GLN B 655 22.32 9.51 35.71
CA GLN B 655 21.26 9.56 34.68
C GLN B 655 20.47 10.84 34.84
N GLN B 656 20.04 11.40 33.71
CA GLN B 656 19.29 12.67 33.77
C GLN B 656 17.79 12.47 33.56
N PHE B 657 17.40 11.43 32.83
CA PHE B 657 15.98 11.22 32.53
C PHE B 657 15.79 9.83 31.96
N GLY B 658 14.59 9.30 32.15
CA GLY B 658 14.25 7.98 31.60
C GLY B 658 13.82 8.05 30.15
N ARG B 659 13.35 6.90 29.65
CA ARG B 659 12.93 6.84 28.25
C ARG B 659 12.01 5.66 28.04
N ASP B 660 11.07 5.82 27.13
CA ASP B 660 10.11 4.75 26.80
C ASP B 660 10.60 3.95 25.58
N ILE B 661 9.92 2.85 25.30
CA ILE B 661 10.33 1.97 24.17
C ILE B 661 10.30 2.77 22.88
N ALA B 662 9.39 3.73 22.78
CA ALA B 662 9.29 4.59 21.58
C ALA B 662 10.45 5.58 21.53
N ASP B 663 11.38 5.48 22.48
CA ASP B 663 12.49 6.46 22.57
C ASP B 663 11.93 7.86 22.79
N THR B 664 10.96 7.98 23.68
CA THR B 664 10.41 9.29 24.05
C THR B 664 10.55 9.46 25.56
N THR B 665 10.75 10.70 25.98
CA THR B 665 11.00 10.95 27.41
C THR B 665 9.74 10.65 28.21
N ASP B 666 9.88 9.84 29.26
CA ASP B 666 8.72 9.54 30.12
C ASP B 666 9.12 9.56 31.59
N ALA B 667 10.32 10.02 31.89
CA ALA B 667 10.78 10.08 33.29
C ALA B 667 11.93 11.07 33.38
N VAL B 668 11.85 11.96 34.35
CA VAL B 668 12.89 13.00 34.51
C VAL B 668 13.21 13.21 35.98
N ARG B 669 14.39 13.77 36.22
CA ARG B 669 14.79 14.14 37.60
C ARG B 669 14.82 15.66 37.65
N ASP B 670 14.31 16.22 38.73
CA ASP B 670 14.14 17.68 38.80
C ASP B 670 15.49 18.39 38.87
N PRO B 671 15.79 19.32 37.96
CA PRO B 671 17.11 19.95 37.98
C PRO B 671 17.40 20.75 39.27
N GLN B 672 16.40 20.86 40.16
CA GLN B 672 16.60 21.65 41.38
C GLN B 672 16.42 20.81 42.66
N THR B 673 15.66 19.72 42.60
CA THR B 673 15.37 18.96 43.84
C THR B 673 15.74 17.48 43.70
N LEU B 674 16.18 17.04 42.53
CA LEU B 674 16.62 15.64 42.32
C LEU B 674 15.53 14.64 42.71
N GLU B 675 14.32 14.89 42.23
CA GLU B 675 13.24 13.92 42.42
C GLU B 675 12.83 13.37 41.05
N ILE B 676 12.54 12.08 41.02
CA ILE B 676 12.14 11.43 39.75
C ILE B 676 10.67 11.77 39.49
N LEU B 677 10.41 12.30 38.30
CA LEU B 677 9.03 12.68 37.93
C LEU B 677 8.53 11.77 36.82
N ASP B 678 7.24 11.46 36.89
CA ASP B 678 6.64 10.56 35.86
C ASP B 678 5.91 11.39 34.80
N ILE B 679 6.35 11.26 33.56
CA ILE B 679 5.70 11.96 32.44
C ILE B 679 4.68 11.04 31.79
N THR B 680 3.41 11.41 31.88
CA THR B 680 2.34 10.68 31.19
C THR B 680 1.67 11.67 30.24
N PRO B 681 1.51 11.34 28.96
CA PRO B 681 0.90 12.27 28.04
C PRO B 681 -0.52 12.61 28.46
N CYS B 682 -0.94 13.82 28.11
CA CYS B 682 -2.25 14.31 28.59
C CYS B 682 -3.37 13.46 28.04
N SER B 683 -4.40 13.25 28.85
CA SER B 683 -5.49 12.33 28.46
C SER B 683 -6.16 12.80 27.19
N PHE B 684 -6.62 11.83 26.40
CA PHE B 684 -7.16 12.18 25.06
C PHE B 684 -8.03 11.05 24.57
N GLY B 685 -8.46 11.19 23.32
CA GLY B 685 -9.24 10.13 22.69
C GLY B 685 -9.98 10.66 21.49
N GLY B 686 -10.81 9.80 20.92
CA GLY B 686 -11.65 10.20 19.81
C GLY B 686 -13.02 10.64 20.28
N VAL B 687 -13.70 11.41 19.44
CA VAL B 687 -15.05 11.89 19.78
C VAL B 687 -16.02 11.22 18.81
N SER B 688 -16.98 10.50 19.36
CA SER B 688 -18.00 9.84 18.53
C SER B 688 -19.38 10.37 18.92
N VAL B 689 -20.22 10.55 17.91
CA VAL B 689 -21.58 11.08 18.14
C VAL B 689 -22.60 9.97 17.97
N ILE B 690 -23.35 9.68 19.00
CA ILE B 690 -24.38 8.62 18.94
C ILE B 690 -25.67 9.26 18.44
N THR B 691 -25.96 9.04 17.16
CA THR B 691 -27.13 9.74 16.60
C THR B 691 -28.22 8.85 16.09
N PRO B 692 -29.47 9.02 16.56
CA PRO B 692 -30.60 8.48 15.85
C PRO B 692 -30.69 9.32 14.58
N GLY B 693 -31.21 8.73 13.52
CA GLY B 693 -31.19 9.43 12.23
C GLY B 693 -31.81 10.80 12.32
N THR B 694 -31.25 11.73 11.55
CA THR B 694 -31.80 13.10 11.52
C THR B 694 -33.25 13.07 11.09
N ASN B 695 -33.63 12.09 10.29
CA ASN B 695 -35.05 11.95 9.90
C ASN B 695 -35.91 11.69 11.14
N THR B 696 -35.31 11.17 12.20
CA THR B 696 -36.07 10.82 13.41
C THR B 696 -36.01 11.93 14.46
N SER B 697 -34.83 12.43 14.78
CA SER B 697 -34.70 13.46 15.84
C SER B 697 -33.40 14.19 15.67
N ASN B 698 -33.31 15.36 16.29
CA ASN B 698 -32.06 16.16 16.25
C ASN B 698 -31.21 15.92 17.50
N GLN B 699 -31.69 15.07 18.40
CA GLN B 699 -30.92 14.76 19.60
C GLN B 699 -29.68 13.95 19.23
N VAL B 700 -28.63 14.09 20.02
CA VAL B 700 -27.40 13.28 19.83
C VAL B 700 -26.83 12.94 21.20
N ALA B 701 -26.00 11.91 21.22
CA ALA B 701 -25.23 11.57 22.42
C ALA B 701 -23.77 11.54 21.98
N VAL B 702 -22.89 11.79 22.94
CA VAL B 702 -21.45 11.91 22.63
C VAL B 702 -20.68 10.80 23.32
N LEU B 703 -19.77 10.19 22.58
CA LEU B 703 -18.89 9.15 23.14
C LEU B 703 -17.48 9.68 23.14
N TYR B 704 -16.85 9.64 24.30
CA TYR B 704 -15.43 10.00 24.40
C TYR B 704 -14.63 8.71 24.51
N GLN B 705 -13.66 8.53 23.63
CA GLN B 705 -12.95 7.24 23.58
C GLN B 705 -11.74 7.20 24.49
N ASP B 706 -11.72 6.21 25.39
CA ASP B 706 -10.55 5.97 26.27
C ASP B 706 -10.31 7.10 27.26
N VAL B 707 -11.37 7.63 27.86
CA VAL B 707 -11.20 8.62 28.94
C VAL B 707 -12.06 8.23 30.13
N ASN B 708 -11.72 8.78 31.28
CA ASN B 708 -12.56 8.61 32.48
C ASN B 708 -13.51 9.81 32.55
N CYS B 709 -14.75 9.56 32.92
CA CYS B 709 -15.79 10.60 32.82
C CYS B 709 -15.52 11.79 33.71
N THR B 710 -14.48 11.74 34.53
CA THR B 710 -14.12 12.94 35.33
C THR B 710 -13.17 13.84 34.54
N GLU B 711 -12.32 13.22 33.73
CA GLU B 711 -11.33 14.02 32.95
C GLU B 711 -12.01 14.79 31.81
N VAL B 712 -13.27 14.51 31.54
CA VAL B 712 -13.97 15.32 30.52
C VAL B 712 -14.60 16.52 31.24
N PRO B 713 -14.41 17.76 30.73
CA PRO B 713 -14.98 18.90 31.41
C PRO B 713 -16.43 19.14 30.96
N GLN B 720 -15.50 24.10 22.59
CA GLN B 720 -16.92 23.73 22.84
C GLN B 720 -17.81 24.97 22.95
N LEU B 721 -18.83 25.03 22.10
CA LEU B 721 -19.82 26.14 22.17
C LEU B 721 -20.73 25.82 23.36
N THR B 722 -20.55 26.55 24.46
CA THR B 722 -21.22 26.17 25.71
C THR B 722 -22.74 26.04 25.60
N PRO B 723 -23.50 26.97 25.01
CA PRO B 723 -24.95 26.84 25.00
C PRO B 723 -25.43 25.58 24.28
N THR B 724 -24.60 25.02 23.40
CA THR B 724 -24.94 23.74 22.76
C THR B 724 -24.01 22.61 23.22
N TRP B 725 -22.70 22.81 23.12
CA TRP B 725 -21.74 21.75 23.46
C TRP B 725 -21.78 21.39 24.94
N ARG B 726 -21.84 22.38 25.82
CA ARG B 726 -21.69 22.09 27.26
C ARG B 726 -22.85 21.27 27.80
N VAL B 727 -24.01 21.37 27.17
CA VAL B 727 -25.15 20.52 27.62
C VAL B 727 -24.72 19.06 27.51
N TYR B 728 -24.00 18.74 26.44
CA TYR B 728 -23.43 17.37 26.36
C TYR B 728 -22.06 17.35 27.03
N SER B 729 -21.98 17.95 28.24
CA SER B 729 -20.72 17.81 29.02
C SER B 729 -20.98 17.54 30.50
N THR B 730 -22.20 17.76 30.99
CA THR B 730 -22.49 17.57 32.43
C THR B 730 -23.90 17.04 32.58
N GLY B 731 -24.39 17.06 33.82
CA GLY B 731 -25.77 16.64 34.09
C GLY B 731 -25.82 15.25 34.65
N SER B 732 -27.04 14.74 34.83
CA SER B 732 -27.22 13.35 35.32
C SER B 732 -27.34 12.39 34.12
N ASN B 733 -26.84 12.80 32.96
CA ASN B 733 -26.91 11.95 31.75
C ASN B 733 -25.50 11.64 31.26
N VAL B 734 -24.59 11.39 32.21
CA VAL B 734 -23.21 11.03 31.82
C VAL B 734 -22.94 9.61 32.27
N PHE B 735 -22.51 8.76 31.34
CA PHE B 735 -22.31 7.33 31.64
C PHE B 735 -20.90 6.91 31.24
N GLN B 736 -20.27 6.12 32.12
CA GLN B 736 -18.90 5.64 31.85
C GLN B 736 -18.96 4.15 31.52
N THR B 737 -18.42 3.80 30.35
CA THR B 737 -18.41 2.39 29.89
C THR B 737 -16.98 1.93 29.71
N ARG B 738 -16.82 0.75 29.14
CA ARG B 738 -15.47 0.24 28.85
C ARG B 738 -14.94 0.79 27.52
N ALA B 739 -15.79 1.47 26.76
CA ALA B 739 -15.34 2.11 25.50
C ALA B 739 -14.99 3.58 25.72
N GLY B 740 -15.15 4.06 26.95
CA GLY B 740 -14.87 5.47 27.22
C GLY B 740 -16.05 6.14 27.88
N CYS B 741 -16.05 7.46 27.84
CA CYS B 741 -17.10 8.25 28.51
C CYS B 741 -18.24 8.50 27.54
N LEU B 742 -19.42 8.01 27.90
CA LEU B 742 -20.63 8.23 27.08
C LEU B 742 -21.45 9.35 27.69
N ILE B 743 -21.68 10.39 26.90
CA ILE B 743 -22.41 11.57 27.41
C ILE B 743 -23.64 11.79 26.56
N GLY B 744 -24.79 11.88 27.21
CA GLY B 744 -26.04 12.13 26.49
C GLY B 744 -26.98 10.95 26.40
N ALA B 745 -26.69 9.87 27.12
CA ALA B 745 -27.57 8.69 27.10
C ALA B 745 -27.87 8.23 28.51
N GLU B 746 -29.05 7.67 28.70
CA GLU B 746 -29.45 7.19 30.03
C GLU B 746 -29.17 5.69 30.16
N HIS B 747 -28.49 5.32 31.24
CA HIS B 747 -28.14 3.91 31.44
C HIS B 747 -29.34 3.19 32.06
N VAL B 748 -30.16 2.61 31.20
CA VAL B 748 -31.30 1.80 31.71
C VAL B 748 -30.81 0.43 32.11
N ASN B 749 -31.61 -0.24 32.95
CA ASN B 749 -31.22 -1.58 33.45
C ASN B 749 -31.93 -2.68 32.69
N ASN B 750 -32.56 -2.37 31.57
CA ASN B 750 -33.15 -3.42 30.72
C ASN B 750 -32.11 -3.87 29.69
N SER B 751 -32.56 -4.66 28.71
CA SER B 751 -31.65 -5.13 27.66
C SER B 751 -32.48 -5.39 26.40
N TYR B 752 -31.99 -4.94 25.27
CA TYR B 752 -32.71 -5.09 24.00
C TYR B 752 -31.72 -5.46 22.92
N GLU B 753 -32.23 -5.66 21.72
CA GLU B 753 -31.36 -5.96 20.57
C GLU B 753 -30.47 -4.76 20.29
N CYS B 754 -29.28 -5.03 19.80
CA CYS B 754 -28.33 -3.94 19.55
C CYS B 754 -28.84 -3.07 18.41
N ASP B 755 -29.02 -1.79 18.69
CA ASP B 755 -29.54 -0.85 17.67
C ASP B 755 -28.42 0.02 17.14
N ILE B 756 -27.67 0.68 18.03
CA ILE B 756 -26.45 1.40 17.63
C ILE B 756 -25.35 0.79 18.48
N PRO B 757 -24.28 0.23 17.90
CA PRO B 757 -23.28 -0.44 18.71
C PRO B 757 -22.26 0.55 19.26
N ILE B 758 -22.11 0.56 20.59
CA ILE B 758 -21.13 1.47 21.21
C ILE B 758 -19.81 0.73 21.34
N GLY B 759 -19.82 -0.36 22.10
CA GLY B 759 -18.60 -1.15 22.28
C GLY B 759 -18.64 -1.88 23.60
N ALA B 760 -17.90 -2.98 23.66
CA ALA B 760 -17.82 -3.78 24.89
C ALA B 760 -19.20 -4.20 25.36
N GLY B 761 -20.07 -4.56 24.43
CA GLY B 761 -21.40 -5.07 24.83
C GLY B 761 -22.37 -4.01 25.24
N ILE B 762 -22.22 -2.80 24.72
CA ILE B 762 -23.16 -1.69 25.04
C ILE B 762 -23.75 -1.16 23.75
N CYS B 763 -25.05 -1.05 23.71
CA CYS B 763 -25.75 -0.48 22.54
C CYS B 763 -26.71 0.62 23.01
N ALA B 764 -26.93 1.60 22.15
CA ALA B 764 -27.76 2.75 22.54
C ALA B 764 -28.86 2.96 21.51
N SER B 765 -30.08 3.14 22.00
CA SER B 765 -31.25 3.30 21.13
C SER B 765 -32.03 4.54 21.52
N TYR B 766 -32.89 5.00 20.62
CA TYR B 766 -33.76 6.16 20.89
C TYR B 766 -35.14 5.65 21.29
N GLN B 767 -35.43 5.69 22.58
CA GLN B 767 -36.70 5.13 23.10
C GLN B 767 -37.30 6.10 24.11
N THR B 768 -38.40 5.65 24.74
CA THR B 768 -39.12 6.53 25.70
C THR B 768 -39.22 5.86 27.07
N GLN B 782 -39.49 10.66 24.62
CA GLN B 782 -38.41 10.03 23.85
C GLN B 782 -37.04 10.52 24.34
N SER B 783 -36.07 9.63 24.32
CA SER B 783 -34.70 9.97 24.77
C SER B 783 -33.79 8.86 24.28
N ILE B 784 -32.51 8.93 24.65
CA ILE B 784 -31.53 7.89 24.24
C ILE B 784 -31.20 7.04 25.45
N ILE B 785 -31.25 5.73 25.25
CA ILE B 785 -30.97 4.80 26.37
C ILE B 785 -29.62 4.14 26.15
N ALA B 786 -29.02 3.66 27.23
CA ALA B 786 -27.78 2.87 27.16
C ALA B 786 -28.06 1.57 27.90
N TYR B 787 -27.85 0.46 27.21
CA TYR B 787 -28.21 -0.85 27.79
C TYR B 787 -27.14 -1.86 27.41
N THR B 788 -27.00 -2.89 28.24
CA THR B 788 -26.11 -4.01 27.87
C THR B 788 -26.94 -4.91 26.98
N MET B 789 -26.54 -5.02 25.71
CA MET B 789 -27.39 -5.67 24.71
C MET B 789 -27.75 -7.09 25.09
N SER B 790 -28.91 -7.52 24.60
CA SER B 790 -29.39 -8.90 24.85
C SER B 790 -29.25 -9.71 23.58
N LEU B 791 -28.78 -10.96 23.73
CA LEU B 791 -28.52 -11.79 22.54
C LEU B 791 -29.78 -12.29 21.86
N GLY B 792 -30.79 -12.61 22.65
CA GLY B 792 -32.03 -13.17 22.07
C GLY B 792 -32.93 -13.71 23.14
N ALA B 793 -34.12 -14.14 22.74
CA ALA B 793 -35.12 -14.61 23.71
C ALA B 793 -34.66 -15.90 24.36
N GLU B 794 -35.03 -16.07 25.60
CA GLU B 794 -34.69 -17.31 26.32
C GLU B 794 -35.51 -18.46 25.77
N ASN B 795 -35.14 -19.65 26.18
CA ASN B 795 -35.88 -20.86 25.76
C ASN B 795 -35.41 -22.04 26.59
N SER B 796 -36.20 -23.09 26.61
CA SER B 796 -35.77 -24.35 27.24
C SER B 796 -36.54 -25.47 26.56
N VAL B 797 -35.90 -26.16 25.62
CA VAL B 797 -36.61 -27.23 24.88
C VAL B 797 -36.91 -28.36 25.86
N ALA B 798 -38.15 -28.81 25.88
CA ALA B 798 -38.57 -29.76 26.93
C ALA B 798 -38.01 -31.13 26.61
N TYR B 799 -36.69 -31.23 26.72
CA TYR B 799 -36.01 -32.48 26.36
C TYR B 799 -36.39 -33.59 27.34
N SER B 800 -36.54 -34.78 26.81
CA SER B 800 -36.83 -35.95 27.65
C SER B 800 -36.33 -37.19 26.92
N ASN B 801 -36.16 -38.28 27.65
CA ASN B 801 -35.62 -39.52 27.06
C ASN B 801 -36.63 -40.20 26.15
N ASN B 802 -37.89 -39.81 26.20
CA ASN B 802 -38.93 -40.51 25.41
C ASN B 802 -39.89 -39.51 24.79
N SER B 803 -39.46 -38.27 24.61
CA SER B 803 -40.37 -37.22 24.07
C SER B 803 -39.75 -36.65 22.80
N ILE B 804 -40.50 -36.71 21.72
CA ILE B 804 -40.06 -36.17 20.43
C ILE B 804 -41.13 -35.19 19.95
N ALA B 805 -40.71 -34.25 19.12
CA ALA B 805 -41.65 -33.27 18.55
C ALA B 805 -41.59 -33.41 17.04
N ILE B 806 -42.75 -33.39 16.40
CA ILE B 806 -42.80 -33.56 14.94
C ILE B 806 -43.68 -32.48 14.33
N PRO B 807 -43.24 -31.83 13.22
CA PRO B 807 -44.09 -30.89 12.57
C PRO B 807 -45.36 -31.52 12.00
N THR B 808 -46.45 -30.76 12.01
CA THR B 808 -47.72 -31.21 11.43
C THR B 808 -48.08 -30.38 10.21
N ASN B 809 -47.34 -29.34 9.93
CA ASN B 809 -47.56 -28.50 8.74
C ASN B 809 -46.21 -28.02 8.28
N PHE B 810 -46.20 -27.09 7.34
CA PHE B 810 -44.93 -26.54 6.86
C PHE B 810 -45.14 -25.15 6.29
N THR B 811 -44.07 -24.59 5.77
CA THR B 811 -44.07 -23.23 5.25
C THR B 811 -43.16 -23.18 4.03
N ILE B 812 -43.51 -22.37 3.05
CA ILE B 812 -42.59 -22.13 1.92
C ILE B 812 -42.19 -20.67 2.01
N SER B 813 -40.93 -20.43 2.39
CA SER B 813 -40.48 -19.03 2.62
C SER B 813 -39.35 -18.70 1.69
N VAL B 814 -39.54 -17.65 0.89
CA VAL B 814 -38.51 -17.21 -0.07
C VAL B 814 -37.73 -16.08 0.56
N THR B 815 -36.42 -16.20 0.56
CA THR B 815 -35.54 -15.19 1.18
C THR B 815 -34.62 -14.66 0.11
N THR B 816 -33.78 -13.72 0.51
CA THR B 816 -32.95 -13.03 -0.47
C THR B 816 -31.50 -12.97 -0.01
N GLU B 817 -30.59 -13.18 -0.95
CA GLU B 817 -29.16 -12.95 -0.69
C GLU B 817 -28.64 -12.05 -1.80
N ILE B 818 -27.89 -11.02 -1.43
CA ILE B 818 -27.33 -10.07 -2.41
C ILE B 818 -25.83 -10.14 -2.31
N LEU B 819 -25.18 -10.33 -3.45
CA LEU B 819 -23.72 -10.56 -3.44
C LEU B 819 -23.08 -9.72 -4.54
N PRO B 820 -22.19 -8.79 -4.18
CA PRO B 820 -21.51 -8.00 -5.19
C PRO B 820 -20.69 -8.90 -6.11
N VAL B 821 -20.69 -8.57 -7.39
CA VAL B 821 -20.03 -9.44 -8.37
C VAL B 821 -18.92 -8.67 -9.06
N SER B 822 -19.21 -7.45 -9.47
CA SER B 822 -18.23 -6.68 -10.23
C SER B 822 -18.22 -5.25 -9.72
N MET B 823 -17.29 -4.47 -10.25
CA MET B 823 -17.18 -3.04 -9.88
C MET B 823 -16.71 -2.25 -11.08
N THR B 824 -16.86 -0.95 -11.02
CA THR B 824 -16.54 -0.11 -12.19
C THR B 824 -15.10 -0.31 -12.63
N LYS B 825 -14.90 -0.40 -13.93
CA LYS B 825 -13.56 -0.60 -14.49
C LYS B 825 -12.96 0.75 -14.83
N THR B 826 -11.83 1.07 -14.19
CA THR B 826 -11.18 2.37 -14.39
C THR B 826 -9.79 2.20 -15.00
N SER B 827 -9.26 3.31 -15.49
CA SER B 827 -7.90 3.32 -16.07
C SER B 827 -7.35 4.73 -15.99
N VAL B 828 -6.29 4.91 -15.21
CA VAL B 828 -5.74 6.27 -14.95
C VAL B 828 -4.40 6.38 -15.64
N ASP B 829 -4.21 7.45 -16.39
CA ASP B 829 -2.94 7.65 -17.11
C ASP B 829 -1.86 8.19 -16.16
N CYS B 830 -0.68 7.58 -16.22
CA CYS B 830 0.44 8.10 -15.42
C CYS B 830 0.76 9.55 -15.78
N THR B 831 1.12 9.83 -17.03
CA THR B 831 1.62 11.17 -17.35
C THR B 831 0.53 12.21 -17.25
N MET B 832 -0.65 11.87 -17.73
CA MET B 832 -1.75 12.85 -17.74
C MET B 832 -2.15 13.20 -16.30
N TYR B 833 -2.16 12.23 -15.40
CA TYR B 833 -2.49 12.53 -14.00
C TYR B 833 -1.37 13.28 -13.27
N ILE B 834 -0.14 12.83 -13.47
CA ILE B 834 0.95 13.41 -12.65
C ILE B 834 1.45 14.72 -13.24
N CYS B 835 1.79 14.72 -14.51
CA CYS B 835 2.37 15.93 -15.13
C CYS B 835 1.39 16.61 -16.08
N GLY B 836 0.41 15.89 -16.59
CA GLY B 836 -0.52 16.49 -17.54
C GLY B 836 0.14 16.86 -18.86
N ASP B 837 0.05 18.13 -19.23
CA ASP B 837 0.56 18.55 -20.56
C ASP B 837 1.97 19.15 -20.47
N SER B 838 2.50 19.28 -19.26
CA SER B 838 3.83 19.91 -19.10
C SER B 838 4.90 19.01 -19.70
N THR B 839 5.69 19.56 -20.60
CA THR B 839 6.76 18.75 -21.22
C THR B 839 7.88 18.47 -20.24
N GLU B 840 8.33 19.49 -19.51
CA GLU B 840 9.49 19.32 -18.63
C GLU B 840 9.14 18.42 -17.45
N CYS B 841 7.90 18.50 -16.99
CA CYS B 841 7.49 17.57 -15.92
C CYS B 841 7.57 16.13 -16.43
N SER B 842 7.12 15.89 -17.65
CA SER B 842 7.23 14.53 -18.22
C SER B 842 8.70 14.13 -18.37
N ASN B 843 9.53 15.06 -18.79
CA ASN B 843 10.97 14.76 -18.95
C ASN B 843 11.57 14.35 -17.61
N LEU B 844 11.20 15.05 -16.55
CA LEU B 844 11.70 14.66 -15.21
C LEU B 844 11.14 13.31 -14.81
N LEU B 845 9.85 13.10 -15.02
CA LEU B 845 9.20 11.83 -14.63
C LEU B 845 9.80 10.65 -15.39
N LEU B 846 10.41 10.90 -16.54
CA LEU B 846 11.07 9.82 -17.29
C LEU B 846 12.12 9.13 -16.44
N GLN B 847 12.72 9.85 -15.49
CA GLN B 847 13.85 9.27 -14.71
C GLN B 847 13.39 8.60 -13.43
N TYR B 848 12.10 8.48 -13.20
CA TYR B 848 11.62 7.71 -12.03
C TYR B 848 11.47 6.23 -12.41
N GLY B 849 11.79 5.89 -13.66
CA GLY B 849 11.74 4.48 -14.04
C GLY B 849 10.38 4.01 -14.47
N SER B 850 10.04 2.77 -14.12
CA SER B 850 8.79 2.14 -14.59
C SER B 850 7.78 1.97 -13.46
N PHE B 851 7.68 2.96 -12.57
CA PHE B 851 6.68 2.83 -11.48
C PHE B 851 5.27 2.82 -12.04
N CYS B 852 4.98 3.75 -12.94
CA CYS B 852 3.57 3.88 -13.37
C CYS B 852 3.24 2.92 -14.51
N THR B 853 4.26 2.30 -15.08
CA THR B 853 3.97 1.15 -15.95
C THR B 853 3.36 0.05 -15.06
N GLN B 854 3.90 -0.15 -13.88
CA GLN B 854 3.29 -1.11 -12.94
C GLN B 854 1.91 -0.63 -12.51
N LEU B 855 1.75 0.67 -12.32
CA LEU B 855 0.42 1.18 -11.94
C LEU B 855 -0.61 0.87 -13.04
N ASN B 856 -0.24 1.15 -14.29
CA ASN B 856 -1.17 0.89 -15.40
C ASN B 856 -1.48 -0.60 -15.50
N ARG B 857 -0.45 -1.43 -15.36
CA ARG B 857 -0.66 -2.87 -15.53
C ARG B 857 -1.57 -3.38 -14.42
N ALA B 858 -1.40 -2.88 -13.20
CA ALA B 858 -2.23 -3.37 -12.09
C ALA B 858 -3.68 -2.97 -12.31
N LEU B 859 -3.93 -1.73 -12.69
CA LEU B 859 -5.32 -1.30 -12.91
C LEU B 859 -5.90 -2.07 -14.08
N THR B 860 -5.10 -2.33 -15.11
CA THR B 860 -5.58 -3.11 -16.27
C THR B 860 -5.97 -4.52 -15.85
N GLY B 861 -5.19 -5.16 -15.00
CA GLY B 861 -5.56 -6.49 -14.50
C GLY B 861 -6.83 -6.46 -13.70
N ILE B 862 -7.00 -5.42 -12.90
CA ILE B 862 -8.28 -5.29 -12.13
C ILE B 862 -9.43 -5.16 -13.12
N ALA B 863 -9.27 -4.34 -14.14
CA ALA B 863 -10.36 -4.15 -15.12
C ALA B 863 -10.65 -5.46 -15.84
N VAL B 864 -9.61 -6.19 -16.20
CA VAL B 864 -9.82 -7.46 -16.93
C VAL B 864 -10.58 -8.44 -16.05
N GLU B 865 -10.20 -8.62 -14.79
CA GLU B 865 -10.94 -9.63 -14.01
C GLU B 865 -12.31 -9.13 -13.60
N GLN B 866 -12.55 -7.83 -13.70
CA GLN B 866 -13.91 -7.32 -13.42
C GLN B 866 -14.89 -7.78 -14.48
N ASP B 867 -14.41 -8.41 -15.55
CA ASP B 867 -15.32 -9.04 -16.55
C ASP B 867 -15.35 -10.55 -16.35
N LYS B 868 -14.23 -11.13 -15.95
CA LYS B 868 -14.19 -12.56 -15.65
C LYS B 868 -15.10 -12.87 -14.47
N ASN B 869 -15.30 -11.92 -13.58
CA ASN B 869 -16.22 -12.17 -12.46
C ASN B 869 -17.63 -12.44 -12.97
N THR B 870 -18.11 -11.58 -13.85
CA THR B 870 -19.46 -11.78 -14.39
C THR B 870 -19.51 -13.04 -15.26
N GLN B 871 -18.46 -13.27 -16.05
CA GLN B 871 -18.43 -14.50 -16.86
C GLN B 871 -18.60 -15.70 -15.94
N GLU B 872 -17.88 -15.73 -14.84
CA GLU B 872 -17.96 -16.88 -13.92
C GLU B 872 -19.34 -16.99 -13.31
N VAL B 873 -19.91 -15.89 -12.87
CA VAL B 873 -21.20 -15.99 -12.12
C VAL B 873 -22.35 -16.33 -13.04
N PHE B 874 -22.52 -15.61 -14.14
CA PHE B 874 -23.74 -15.81 -14.95
C PHE B 874 -23.55 -16.79 -16.10
N ALA B 875 -22.44 -16.70 -16.82
CA ALA B 875 -22.25 -17.58 -18.00
C ALA B 875 -21.90 -18.98 -17.56
N GLN B 876 -22.90 -19.72 -17.12
CA GLN B 876 -22.70 -21.14 -16.76
C GLN B 876 -23.65 -22.01 -17.59
N VAL B 877 -24.42 -21.39 -18.49
CA VAL B 877 -25.40 -22.16 -19.28
C VAL B 877 -25.01 -22.07 -20.75
N LYS B 878 -24.94 -23.21 -21.40
CA LYS B 878 -24.49 -23.24 -22.81
C LYS B 878 -25.55 -22.70 -23.74
N GLN B 879 -26.81 -23.09 -23.53
CA GLN B 879 -27.89 -22.71 -24.46
C GLN B 879 -28.87 -21.76 -23.77
N ILE B 880 -29.49 -20.90 -24.58
CA ILE B 880 -30.45 -19.92 -24.04
C ILE B 880 -31.82 -20.57 -24.08
N TYR B 881 -32.26 -21.05 -22.93
CA TYR B 881 -33.60 -21.65 -22.84
C TYR B 881 -34.67 -20.58 -22.68
N LYS B 882 -35.83 -20.83 -23.29
CA LYS B 882 -36.97 -19.89 -23.17
C LYS B 882 -38.18 -20.62 -22.61
N THR B 883 -38.88 -19.98 -21.70
CA THR B 883 -40.10 -20.59 -21.15
C THR B 883 -41.18 -20.68 -22.22
N PRO B 884 -42.07 -21.68 -22.15
CA PRO B 884 -43.12 -21.77 -23.14
C PRO B 884 -44.07 -20.58 -22.98
N PRO B 885 -44.78 -20.19 -24.05
CA PRO B 885 -45.75 -19.12 -23.93
C PRO B 885 -46.84 -19.43 -22.90
N ILE B 886 -47.21 -20.71 -22.76
CA ILE B 886 -48.29 -21.08 -21.81
C ILE B 886 -47.69 -21.22 -20.42
N LYS B 887 -48.03 -20.30 -19.54
CA LYS B 887 -47.48 -20.30 -18.17
C LYS B 887 -48.40 -21.08 -17.26
N ASP B 888 -48.62 -22.35 -17.59
CA ASP B 888 -49.42 -23.23 -16.73
C ASP B 888 -48.44 -24.14 -16.00
N PHE B 889 -47.99 -23.69 -14.83
CA PHE B 889 -46.95 -24.44 -14.08
C PHE B 889 -47.52 -25.02 -12.80
N GLY B 890 -48.74 -25.52 -12.85
CA GLY B 890 -49.29 -26.19 -11.67
C GLY B 890 -49.78 -25.27 -10.59
N GLY B 891 -49.92 -23.99 -10.90
CA GLY B 891 -50.42 -23.00 -9.93
C GLY B 891 -49.35 -22.07 -9.42
N PHE B 892 -48.09 -22.41 -9.62
CA PHE B 892 -47.01 -21.49 -9.23
C PHE B 892 -46.91 -20.37 -10.25
N ASN B 893 -46.86 -19.14 -9.75
CA ASN B 893 -46.80 -17.95 -10.61
C ASN B 893 -45.38 -17.41 -10.59
N PHE B 894 -44.72 -17.41 -11.74
CA PHE B 894 -43.35 -16.90 -11.85
C PHE B 894 -43.32 -15.55 -12.57
N SER B 895 -44.45 -14.88 -12.67
CA SER B 895 -44.50 -13.58 -13.38
C SER B 895 -43.58 -12.57 -12.70
N GLN B 896 -43.52 -12.61 -11.37
CA GLN B 896 -42.71 -11.62 -10.62
C GLN B 896 -41.23 -11.81 -10.87
N ILE B 897 -40.82 -12.97 -11.38
CA ILE B 897 -39.37 -13.25 -11.60
C ILE B 897 -39.05 -13.50 -13.07
N LEU B 898 -40.01 -13.93 -13.87
CA LEU B 898 -39.75 -14.15 -15.30
C LEU B 898 -39.63 -12.81 -16.01
N PRO B 899 -39.01 -12.76 -17.19
CA PRO B 899 -38.80 -11.49 -17.85
C PRO B 899 -40.12 -10.89 -18.36
N ASP B 900 -40.06 -9.64 -18.78
CA ASP B 900 -41.26 -8.96 -19.29
C ASP B 900 -40.98 -8.42 -20.68
N PRO B 901 -41.62 -8.91 -21.75
CA PRO B 901 -41.45 -8.31 -23.06
C PRO B 901 -42.22 -6.99 -23.22
N SER B 902 -43.23 -6.76 -22.37
CA SER B 902 -43.97 -5.47 -22.43
C SER B 902 -43.05 -4.30 -22.15
N LYS B 903 -42.25 -4.42 -21.10
CA LYS B 903 -41.24 -3.37 -20.82
C LYS B 903 -40.22 -3.43 -21.94
N PRO B 904 -39.61 -2.29 -22.33
CA PRO B 904 -38.59 -2.38 -23.38
C PRO B 904 -37.44 -3.32 -23.05
N SER B 905 -36.80 -3.16 -21.90
CA SER B 905 -35.72 -4.08 -21.49
C SER B 905 -36.34 -5.39 -21.03
N LYS B 906 -35.62 -6.48 -21.25
CA LYS B 906 -36.18 -7.81 -20.96
C LYS B 906 -36.02 -8.13 -19.49
N ARG B 907 -36.57 -7.26 -18.64
CA ARG B 907 -36.29 -7.39 -17.20
C ARG B 907 -37.53 -7.77 -16.42
N SER B 908 -37.32 -8.43 -15.30
CA SER B 908 -38.41 -8.89 -14.44
C SER B 908 -38.98 -7.74 -13.63
N PRO B 909 -40.16 -7.90 -13.03
CA PRO B 909 -40.66 -6.90 -12.10
C PRO B 909 -39.72 -6.64 -10.91
N ILE B 910 -38.89 -7.61 -10.54
CA ILE B 910 -37.98 -7.43 -9.38
C ILE B 910 -36.67 -6.84 -9.86
N GLU B 911 -36.22 -7.23 -11.03
CA GLU B 911 -35.01 -6.62 -11.59
C GLU B 911 -35.22 -5.13 -11.82
N ASP B 912 -36.46 -4.73 -12.11
CA ASP B 912 -36.73 -3.29 -12.28
C ASP B 912 -36.56 -2.54 -10.97
N LEU B 913 -37.07 -3.09 -9.87
CA LEU B 913 -36.83 -2.43 -8.57
C LEU B 913 -35.33 -2.37 -8.31
N LEU B 914 -34.61 -3.44 -8.64
CA LEU B 914 -33.18 -3.44 -8.33
C LEU B 914 -32.48 -2.33 -9.11
N PHE B 915 -32.77 -2.23 -10.40
CA PHE B 915 -32.06 -1.23 -11.22
C PHE B 915 -32.50 0.18 -10.84
N ASN B 916 -33.72 0.33 -10.38
CA ASN B 916 -34.17 1.65 -9.90
C ASN B 916 -33.47 2.05 -8.61
N LYS B 917 -33.41 1.15 -7.62
CA LYS B 917 -32.95 1.59 -6.28
C LYS B 917 -31.48 1.33 -6.00
N VAL B 918 -30.74 0.75 -6.93
CA VAL B 918 -29.28 0.72 -6.72
C VAL B 918 -28.70 2.12 -6.90
N THR B 919 -29.26 2.89 -7.82
CA THR B 919 -28.71 4.23 -8.17
C THR B 919 -28.52 5.12 -6.93
N ASN B 948 -8.47 16.13 -14.89
CA ASN B 948 -9.20 14.89 -15.26
C ASN B 948 -8.19 13.76 -15.38
N GLY B 949 -8.00 13.28 -16.59
CA GLY B 949 -7.03 12.20 -16.84
C GLY B 949 -7.53 10.82 -16.51
N LEU B 950 -8.82 10.67 -16.22
CA LEU B 950 -9.36 9.40 -15.71
C LEU B 950 -10.34 8.82 -16.71
N THR B 951 -10.60 7.54 -16.57
CA THR B 951 -11.54 6.87 -17.48
C THR B 951 -12.38 5.85 -16.73
N VAL B 952 -13.52 5.52 -17.31
CA VAL B 952 -14.33 4.38 -16.82
C VAL B 952 -14.54 3.51 -18.05
N LEU B 953 -14.31 2.22 -17.90
CA LEU B 953 -14.43 1.35 -19.08
C LEU B 953 -15.73 0.57 -19.02
N PRO B 954 -16.41 0.39 -20.15
CA PRO B 954 -17.70 -0.26 -20.13
C PRO B 954 -17.59 -1.74 -19.87
N PRO B 955 -18.51 -2.33 -19.10
CA PRO B 955 -18.47 -3.76 -18.88
C PRO B 955 -18.62 -4.51 -20.19
N LEU B 956 -17.93 -5.63 -20.30
CA LEU B 956 -17.97 -6.40 -21.56
C LEU B 956 -19.37 -6.91 -21.83
N LEU B 957 -20.05 -7.43 -20.80
CA LEU B 957 -21.46 -7.83 -20.97
C LEU B 957 -22.33 -6.69 -20.48
N THR B 958 -23.23 -6.24 -21.32
CA THR B 958 -24.17 -5.19 -20.93
C THR B 958 -25.17 -5.73 -19.93
N ASP B 959 -25.97 -4.85 -19.38
CA ASP B 959 -27.02 -5.28 -18.45
C ASP B 959 -28.01 -6.19 -19.17
N GLU B 960 -28.25 -5.95 -20.44
CA GLU B 960 -29.26 -6.74 -21.18
C GLU B 960 -28.81 -8.19 -21.33
N MET B 961 -27.54 -8.41 -21.65
CA MET B 961 -27.03 -9.79 -21.78
C MET B 961 -26.95 -10.47 -20.42
N ILE B 962 -26.67 -9.72 -19.38
CA ILE B 962 -26.71 -10.33 -18.02
C ILE B 962 -28.13 -10.76 -17.69
N ALA B 963 -29.10 -9.92 -17.98
CA ALA B 963 -30.51 -10.31 -17.75
C ALA B 963 -30.90 -11.45 -18.67
N GLN B 964 -30.30 -11.51 -19.86
CA GLN B 964 -30.59 -12.63 -20.78
C GLN B 964 -30.09 -13.95 -20.19
N TYR B 965 -28.89 -13.95 -19.62
CA TYR B 965 -28.41 -15.16 -18.93
C TYR B 965 -29.30 -15.49 -17.74
N THR B 966 -29.73 -14.48 -16.99
CA THR B 966 -30.61 -14.75 -15.85
C THR B 966 -31.92 -15.37 -16.33
N SER B 967 -32.47 -14.85 -17.41
CA SER B 967 -33.69 -15.43 -18.01
C SER B 967 -33.44 -16.87 -18.43
N ALA B 968 -32.29 -17.14 -19.04
CA ALA B 968 -31.99 -18.49 -19.50
C ALA B 968 -31.95 -19.44 -18.32
N LEU B 969 -31.31 -19.04 -17.25
CA LEU B 969 -31.19 -19.91 -16.08
C LEU B 969 -32.57 -20.14 -15.47
N LEU B 970 -33.39 -19.10 -15.40
CA LEU B 970 -34.74 -19.28 -14.83
C LEU B 970 -35.56 -20.23 -15.69
N ALA B 971 -35.49 -20.08 -17.00
CA ALA B 971 -36.27 -20.96 -17.88
C ALA B 971 -35.77 -22.39 -17.74
N GLY B 972 -34.46 -22.59 -17.72
CA GLY B 972 -33.93 -23.94 -17.56
C GLY B 972 -34.36 -24.56 -16.26
N THR B 973 -34.31 -23.79 -15.18
CA THR B 973 -34.70 -24.33 -13.87
C THR B 973 -36.17 -24.67 -13.85
N ILE B 974 -37.01 -23.81 -14.40
CA ILE B 974 -38.47 -24.03 -14.32
C ILE B 974 -38.89 -25.21 -15.19
N THR B 975 -38.39 -25.27 -16.41
CA THR B 975 -38.76 -26.37 -17.31
C THR B 975 -38.11 -27.70 -16.99
N SER B 976 -36.84 -27.71 -16.59
CA SER B 976 -36.10 -28.99 -16.47
C SER B 976 -35.46 -29.25 -15.12
N GLY B 977 -35.75 -28.45 -14.11
CA GLY B 977 -35.11 -28.70 -12.81
C GLY B 977 -33.60 -28.62 -12.87
N TRP B 978 -32.93 -29.52 -12.16
CA TRP B 978 -31.46 -29.54 -12.18
C TRP B 978 -30.91 -30.27 -13.38
N THR B 979 -31.75 -30.96 -14.13
CA THR B 979 -31.25 -31.86 -15.18
C THR B 979 -30.52 -31.12 -16.29
N PHE B 980 -30.71 -29.82 -16.39
CA PHE B 980 -30.05 -29.07 -17.47
C PHE B 980 -28.64 -28.63 -17.08
N GLY B 981 -28.27 -28.81 -15.83
CA GLY B 981 -26.89 -28.50 -15.40
C GLY B 981 -25.95 -29.68 -15.47
N ALA B 982 -26.48 -30.89 -15.58
CA ALA B 982 -25.65 -32.10 -15.73
C ALA B 982 -25.46 -32.44 -17.20
N GLY B 983 -26.02 -31.65 -18.11
CA GLY B 983 -25.98 -31.98 -19.53
C GLY B 983 -27.19 -31.46 -20.25
N PRO B 984 -27.85 -32.30 -21.07
CA PRO B 984 -29.00 -31.84 -21.83
C PRO B 984 -30.19 -31.60 -20.90
N ALA B 985 -31.07 -30.71 -21.31
CA ALA B 985 -32.27 -30.42 -20.51
C ALA B 985 -33.31 -31.50 -20.72
N LEU B 986 -33.79 -32.07 -19.62
CA LEU B 986 -34.90 -33.03 -19.70
C LEU B 986 -36.14 -32.36 -19.11
N GLN B 987 -37.11 -32.11 -19.95
CA GLN B 987 -38.35 -31.45 -19.49
C GLN B 987 -39.03 -32.30 -18.43
N ILE B 988 -39.75 -31.62 -17.56
CA ILE B 988 -40.50 -32.33 -16.50
C ILE B 988 -41.57 -31.38 -15.99
N PRO B 989 -42.81 -31.83 -15.73
CA PRO B 989 -43.80 -30.93 -15.19
C PRO B 989 -43.39 -30.43 -13.82
N PHE B 990 -43.73 -29.19 -13.52
CA PHE B 990 -43.20 -28.56 -12.30
C PHE B 990 -43.59 -29.26 -11.01
N PRO B 991 -44.82 -29.74 -10.80
CA PRO B 991 -45.11 -30.43 -9.56
C PRO B 991 -44.23 -31.67 -9.31
N MET B 992 -43.89 -32.46 -10.32
CA MET B 992 -42.92 -33.55 -10.09
C MET B 992 -41.53 -33.00 -9.78
N GLN B 993 -41.16 -31.87 -10.38
CA GLN B 993 -39.87 -31.27 -9.99
C GLN B 993 -39.89 -30.89 -8.52
N MET B 994 -40.97 -30.30 -8.05
CA MET B 994 -41.07 -29.95 -6.63
C MET B 994 -41.17 -31.21 -5.78
N ALA B 995 -41.77 -32.28 -6.28
CA ALA B 995 -41.83 -33.53 -5.50
C ALA B 995 -40.44 -34.13 -5.36
N TYR B 996 -39.63 -34.02 -6.41
CA TYR B 996 -38.23 -34.48 -6.27
C TYR B 996 -37.52 -33.61 -5.24
N ARG B 997 -37.79 -32.31 -5.24
CA ARG B 997 -37.11 -31.41 -4.30
C ARG B 997 -37.68 -31.61 -2.90
N PHE B 998 -38.80 -32.28 -2.78
CA PHE B 998 -39.29 -32.66 -1.44
C PHE B 998 -38.67 -33.97 -1.00
N ASN B 999 -38.44 -34.88 -1.92
CA ASN B 999 -37.69 -36.10 -1.58
C ASN B 999 -36.28 -35.72 -1.15
N GLY B 1000 -35.73 -34.68 -1.74
CA GLY B 1000 -34.37 -34.25 -1.38
C GLY B 1000 -34.25 -33.90 0.08
N ILE B 1001 -35.31 -33.39 0.67
CA ILE B 1001 -35.25 -32.95 2.08
C ILE B 1001 -35.89 -33.97 3.01
N GLY B 1002 -36.22 -35.15 2.52
CA GLY B 1002 -36.74 -36.19 3.42
C GLY B 1002 -38.23 -36.17 3.61
N VAL B 1003 -38.96 -35.49 2.75
CA VAL B 1003 -40.44 -35.48 2.79
C VAL B 1003 -40.92 -36.21 1.55
N THR B 1004 -41.84 -37.14 1.73
CA THR B 1004 -42.26 -37.99 0.60
C THR B 1004 -43.03 -37.17 -0.43
N GLN B 1005 -43.26 -37.77 -1.57
CA GLN B 1005 -43.95 -37.07 -2.68
C GLN B 1005 -45.39 -36.73 -2.33
N ASN B 1006 -46.08 -37.63 -1.65
CA ASN B 1006 -47.52 -37.43 -1.40
C ASN B 1006 -47.78 -36.13 -0.64
N VAL B 1007 -46.85 -35.72 0.20
CA VAL B 1007 -47.07 -34.49 1.02
C VAL B 1007 -47.25 -33.31 0.09
N LEU B 1008 -46.53 -33.28 -1.01
CA LEU B 1008 -46.81 -32.23 -2.01
C LEU B 1008 -48.15 -32.47 -2.68
N TYR B 1009 -48.35 -33.64 -3.29
CA TYR B 1009 -49.54 -33.83 -4.15
C TYR B 1009 -50.83 -33.65 -3.39
N GLU B 1010 -50.81 -33.85 -2.09
CA GLU B 1010 -52.02 -33.63 -1.29
C GLU B 1010 -52.11 -32.21 -0.73
N ASN B 1011 -51.17 -31.34 -1.06
CA ASN B 1011 -51.20 -29.95 -0.57
C ASN B 1011 -50.79 -28.99 -1.67
N GLN B 1012 -50.82 -29.43 -2.91
CA GLN B 1012 -50.28 -28.61 -4.01
C GLN B 1012 -50.93 -27.23 -4.03
N LYS B 1013 -52.22 -27.15 -3.73
CA LYS B 1013 -52.87 -25.83 -3.73
C LYS B 1013 -52.25 -24.93 -2.66
N LEU B 1014 -52.08 -25.46 -1.46
CA LEU B 1014 -51.50 -24.65 -0.36
C LEU B 1014 -50.08 -24.26 -0.73
N ILE B 1015 -49.32 -25.17 -1.30
CA ILE B 1015 -47.91 -24.89 -1.62
C ILE B 1015 -47.82 -23.83 -2.70
N ALA B 1016 -48.65 -23.92 -3.72
CA ALA B 1016 -48.63 -22.89 -4.77
C ALA B 1016 -49.03 -21.54 -4.19
N ASN B 1017 -50.05 -21.52 -3.33
CA ASN B 1017 -50.47 -20.23 -2.76
C ASN B 1017 -49.36 -19.64 -1.90
N GLN B 1018 -48.72 -20.46 -1.09
CA GLN B 1018 -47.64 -19.97 -0.20
C GLN B 1018 -46.45 -19.47 -1.02
N PHE B 1019 -46.08 -20.21 -2.04
CA PHE B 1019 -44.94 -19.79 -2.88
C PHE B 1019 -45.27 -18.48 -3.59
N ASN B 1020 -46.48 -18.37 -4.14
CA ASN B 1020 -46.86 -17.13 -4.85
C ASN B 1020 -46.87 -15.95 -3.88
N SER B 1021 -47.43 -16.16 -2.69
CA SER B 1021 -47.50 -15.08 -1.69
C SER B 1021 -46.10 -14.66 -1.28
N ALA B 1022 -45.20 -15.62 -1.10
CA ALA B 1022 -43.83 -15.30 -0.68
C ALA B 1022 -43.12 -14.50 -1.76
N ILE B 1023 -43.25 -14.91 -3.01
CA ILE B 1023 -42.60 -14.16 -4.10
C ILE B 1023 -43.19 -12.76 -4.16
N GLY B 1024 -44.50 -12.63 -4.02
CA GLY B 1024 -45.12 -11.30 -4.05
C GLY B 1024 -44.65 -10.43 -2.91
N LYS B 1025 -44.53 -11.00 -1.73
CA LYS B 1025 -44.03 -10.23 -0.56
C LYS B 1025 -42.56 -9.88 -0.69
N ILE B 1026 -41.79 -10.63 -1.46
CA ILE B 1026 -40.36 -10.29 -1.63
C ILE B 1026 -40.25 -8.93 -2.32
N GLN B 1027 -41.09 -8.68 -3.30
CA GLN B 1027 -41.00 -7.38 -4.01
C GLN B 1027 -41.27 -6.24 -3.03
N ASP B 1028 -42.27 -6.41 -2.18
CA ASP B 1028 -42.62 -5.37 -1.20
C ASP B 1028 -41.53 -5.24 -0.16
N SER B 1029 -40.99 -6.35 0.30
CA SER B 1029 -39.93 -6.32 1.33
C SER B 1029 -38.69 -5.66 0.76
N LEU B 1030 -38.51 -5.76 -0.55
CA LEU B 1030 -37.32 -5.13 -1.18
C LEU B 1030 -37.54 -3.64 -1.37
N SER B 1031 -38.65 -3.25 -1.98
CA SER B 1031 -38.90 -1.81 -2.25
C SER B 1031 -39.09 -1.06 -0.93
N SER B 1032 -39.87 -1.62 -0.02
CA SER B 1032 -40.21 -0.92 1.23
C SER B 1032 -38.99 -0.64 2.08
N THR B 1033 -38.12 -1.64 2.23
CA THR B 1033 -36.89 -1.40 3.01
C THR B 1033 -35.89 -0.67 2.12
N PRO B 1034 -35.37 0.50 2.50
CA PRO B 1034 -34.42 1.21 1.67
C PRO B 1034 -32.96 0.74 1.80
N SER B 1035 -32.61 0.05 2.88
CA SER B 1035 -31.22 -0.37 3.12
C SER B 1035 -30.98 -1.82 2.70
N ALA B 1036 -31.85 -2.38 1.87
CA ALA B 1036 -31.71 -3.80 1.49
C ALA B 1036 -30.49 -4.04 0.61
N LEU B 1037 -30.13 -3.07 -0.23
CA LEU B 1037 -29.08 -3.31 -1.24
C LEU B 1037 -27.76 -2.65 -0.84
N GLY B 1038 -27.48 -2.62 0.44
CA GLY B 1038 -26.24 -1.97 0.90
C GLY B 1038 -25.01 -2.64 0.31
N LYS B 1039 -25.05 -3.95 0.17
CA LYS B 1039 -23.84 -4.66 -0.30
C LYS B 1039 -23.50 -4.19 -1.71
N LEU B 1040 -24.49 -3.96 -2.56
CA LEU B 1040 -24.20 -3.41 -3.91
C LEU B 1040 -23.87 -1.93 -3.85
N GLN B 1041 -24.52 -1.18 -2.99
CA GLN B 1041 -24.29 0.29 -2.96
C GLN B 1041 -22.89 0.65 -2.44
N ASP B 1042 -22.41 -0.04 -1.41
CA ASP B 1042 -21.15 0.37 -0.78
C ASP B 1042 -19.98 0.26 -1.74
N VAL B 1043 -20.05 -0.67 -2.68
CA VAL B 1043 -18.97 -0.78 -3.67
C VAL B 1043 -18.91 0.47 -4.51
N VAL B 1044 -20.05 0.94 -4.97
CA VAL B 1044 -20.09 2.19 -5.76
C VAL B 1044 -19.62 3.34 -4.87
N ASN B 1045 -20.07 3.36 -3.62
CA ASN B 1045 -19.71 4.48 -2.72
C ASN B 1045 -18.18 4.52 -2.52
N GLN B 1046 -17.58 3.37 -2.23
CA GLN B 1046 -16.14 3.34 -1.98
C GLN B 1046 -15.36 3.69 -3.24
N ASN B 1047 -15.76 3.19 -4.39
CA ASN B 1047 -15.00 3.48 -5.61
C ASN B 1047 -15.10 4.96 -5.96
N ALA B 1048 -16.30 5.52 -5.85
CA ALA B 1048 -16.48 6.94 -6.18
C ALA B 1048 -15.68 7.80 -5.21
N GLN B 1049 -15.73 7.44 -3.93
CA GLN B 1049 -14.99 8.21 -2.91
C GLN B 1049 -13.49 8.15 -3.20
N ALA B 1050 -12.98 7.00 -3.59
CA ALA B 1050 -11.54 6.84 -3.84
C ALA B 1050 -11.13 7.65 -5.07
N LEU B 1051 -11.94 7.64 -6.10
CA LEU B 1051 -11.60 8.47 -7.28
C LEU B 1051 -11.65 9.96 -6.91
N ASN B 1052 -12.64 10.35 -6.12
CA ASN B 1052 -12.74 11.76 -5.70
C ASN B 1052 -11.50 12.16 -4.90
N THR B 1053 -11.06 11.30 -3.99
CA THR B 1053 -9.87 11.59 -3.19
C THR B 1053 -8.63 11.67 -4.07
N LEU B 1054 -8.52 10.77 -5.03
CA LEU B 1054 -7.37 10.82 -5.96
C LEU B 1054 -7.38 12.15 -6.71
N VAL B 1055 -8.55 12.64 -7.06
CA VAL B 1055 -8.63 13.94 -7.75
C VAL B 1055 -8.26 15.08 -6.79
N LYS B 1056 -8.76 15.00 -5.57
CA LYS B 1056 -8.48 16.09 -4.60
C LYS B 1056 -6.99 16.19 -4.32
N GLN B 1057 -6.30 15.06 -4.30
CA GLN B 1057 -4.84 15.11 -4.07
C GLN B 1057 -4.13 15.87 -5.19
N LEU B 1058 -4.75 16.04 -6.35
CA LEU B 1058 -4.11 16.87 -7.39
C LEU B 1058 -4.12 18.34 -6.99
N SER B 1059 -4.91 18.71 -5.98
CA SER B 1059 -5.02 20.12 -5.53
C SER B 1059 -4.35 20.31 -4.17
N SER B 1060 -3.25 19.60 -3.92
CA SER B 1060 -2.46 19.80 -2.68
C SER B 1060 -1.01 20.05 -3.08
N ASN B 1061 -0.39 21.03 -2.45
CA ASN B 1061 0.96 21.46 -2.87
C ASN B 1061 2.06 20.51 -2.41
N PHE B 1062 1.75 19.58 -1.51
CA PHE B 1062 2.75 18.57 -1.08
C PHE B 1062 4.03 19.25 -0.60
N GLY B 1063 3.88 20.31 0.18
CA GLY B 1063 5.04 21.00 0.74
C GLY B 1063 5.84 21.75 -0.29
N ALA B 1064 5.22 22.10 -1.41
CA ALA B 1064 5.89 22.90 -2.44
C ALA B 1064 5.25 24.27 -2.49
N ILE B 1065 5.71 25.10 -3.41
CA ILE B 1065 5.19 26.49 -3.49
C ILE B 1065 3.70 26.46 -3.83
N SER B 1066 3.34 25.70 -4.85
CA SER B 1066 1.92 25.62 -5.27
C SER B 1066 1.74 24.37 -6.10
N SER B 1067 0.48 24.03 -6.37
CA SER B 1067 0.14 22.79 -7.11
C SER B 1067 0.04 23.01 -8.61
N VAL B 1068 0.28 24.23 -9.09
CA VAL B 1068 0.06 24.54 -10.51
C VAL B 1068 1.40 24.52 -11.22
N LEU B 1069 1.65 23.45 -11.98
CA LEU B 1069 2.96 23.26 -12.61
C LEU B 1069 3.29 24.45 -13.51
N ASN B 1070 2.30 24.93 -14.26
CA ASN B 1070 2.55 26.06 -15.18
C ASN B 1070 2.98 27.29 -14.39
N ASP B 1071 2.45 27.46 -13.18
CA ASP B 1071 2.84 28.62 -12.37
C ASP B 1071 4.29 28.56 -11.91
N ILE B 1072 4.72 27.42 -11.38
CA ILE B 1072 6.14 27.32 -10.97
C ILE B 1072 7.03 27.43 -12.22
N LEU B 1073 6.65 26.78 -13.30
CA LEU B 1073 7.43 26.91 -14.54
C LEU B 1073 7.37 28.35 -15.05
N SER B 1074 6.38 29.12 -14.61
CA SER B 1074 6.23 30.50 -15.10
C SER B 1074 6.99 31.50 -14.22
N ARG B 1075 6.95 31.32 -12.90
CA ARG B 1075 7.52 32.34 -11.99
C ARG B 1075 8.91 31.97 -11.48
N LEU B 1076 9.43 30.80 -11.84
CA LEU B 1076 10.74 30.42 -11.30
C LEU B 1076 11.60 29.87 -12.41
N ASP B 1077 12.90 30.04 -12.24
CA ASP B 1077 13.90 29.62 -13.24
C ASP B 1077 14.05 28.10 -13.24
N PRO B 1078 14.65 27.53 -14.28
CA PRO B 1078 14.80 26.08 -14.33
C PRO B 1078 15.42 25.48 -13.07
N PRO B 1079 16.55 25.98 -12.56
CA PRO B 1079 17.19 25.29 -11.44
C PRO B 1079 16.31 25.22 -10.19
N GLU B 1080 15.56 26.28 -9.93
CA GLU B 1080 14.66 26.24 -8.75
C GLU B 1080 13.31 25.59 -9.05
N ALA B 1081 12.77 25.81 -10.25
CA ALA B 1081 11.47 25.20 -10.60
C ALA B 1081 11.59 23.68 -10.62
N GLU B 1082 12.77 23.16 -10.94
CA GLU B 1082 12.92 21.71 -11.04
C GLU B 1082 12.63 21.04 -9.68
N VAL B 1083 13.11 21.63 -8.60
CA VAL B 1083 12.92 21.01 -7.28
C VAL B 1083 11.43 21.03 -6.90
N GLN B 1084 10.75 22.13 -7.20
CA GLN B 1084 9.31 22.18 -6.90
C GLN B 1084 8.55 21.16 -7.74
N ILE B 1085 8.89 21.05 -9.01
CA ILE B 1085 8.24 20.06 -9.88
C ILE B 1085 8.52 18.66 -9.33
N ASP B 1086 9.74 18.42 -8.88
CA ASP B 1086 10.10 17.08 -8.40
C ASP B 1086 9.32 16.75 -7.13
N ARG B 1087 9.16 17.73 -6.24
CA ARG B 1087 8.39 17.47 -5.02
C ARG B 1087 6.93 17.16 -5.37
N LEU B 1088 6.37 17.91 -6.31
CA LEU B 1088 4.99 17.60 -6.74
C LEU B 1088 4.93 16.22 -7.37
N ILE B 1089 5.95 15.86 -8.14
CA ILE B 1089 5.96 14.54 -8.80
C ILE B 1089 5.96 13.44 -7.75
N THR B 1090 6.76 13.60 -6.71
CA THR B 1090 6.79 12.59 -5.64
C THR B 1090 5.43 12.48 -4.97
N GLY B 1091 4.82 13.60 -4.65
CA GLY B 1091 3.54 13.53 -3.94
C GLY B 1091 2.48 12.90 -4.82
N ARG B 1092 2.41 13.31 -6.07
CA ARG B 1092 1.39 12.77 -7.00
C ARG B 1092 1.61 11.28 -7.24
N LEU B 1093 2.86 10.87 -7.39
CA LEU B 1093 3.16 9.45 -7.62
C LEU B 1093 2.79 8.63 -6.41
N GLN B 1094 3.06 9.14 -5.23
CA GLN B 1094 2.66 8.40 -4.00
C GLN B 1094 1.15 8.29 -3.90
N SER B 1095 0.44 9.35 -4.24
CA SER B 1095 -1.04 9.31 -4.20
C SER B 1095 -1.57 8.29 -5.21
N LEU B 1096 -1.00 8.28 -6.40
CA LEU B 1096 -1.45 7.29 -7.41
C LEU B 1096 -1.15 5.89 -6.91
N GLN B 1097 -0.01 5.70 -6.28
CA GLN B 1097 0.35 4.37 -5.75
C GLN B 1097 -0.64 3.93 -4.69
N THR B 1098 -1.02 4.82 -3.79
CA THR B 1098 -1.93 4.40 -2.70
C THR B 1098 -3.31 4.10 -3.28
N TYR B 1099 -3.73 4.86 -4.28
CA TYR B 1099 -5.02 4.54 -4.92
C TYR B 1099 -4.97 3.16 -5.58
N VAL B 1100 -3.88 2.88 -6.30
CA VAL B 1100 -3.78 1.59 -7.01
C VAL B 1100 -3.77 0.45 -6.00
N THR B 1101 -3.05 0.60 -4.91
CA THR B 1101 -2.98 -0.47 -3.91
C THR B 1101 -4.34 -0.70 -3.26
N GLN B 1102 -5.06 0.36 -2.95
CA GLN B 1102 -6.38 0.18 -2.33
C GLN B 1102 -7.32 -0.49 -3.33
N GLN B 1103 -7.21 -0.15 -4.60
CA GLN B 1103 -8.03 -0.82 -5.62
C GLN B 1103 -7.67 -2.30 -5.72
N LEU B 1104 -6.39 -2.62 -5.67
CA LEU B 1104 -5.96 -4.03 -5.75
C LEU B 1104 -6.49 -4.80 -4.55
N ILE B 1105 -6.46 -4.22 -3.38
CA ILE B 1105 -6.98 -4.90 -2.17
C ILE B 1105 -8.49 -5.07 -2.27
N ARG B 1106 -9.19 -4.07 -2.73
CA ARG B 1106 -10.66 -4.20 -2.80
C ARG B 1106 -11.07 -5.20 -3.86
N ALA B 1107 -10.35 -5.22 -4.97
CA ALA B 1107 -10.68 -6.15 -6.07
C ALA B 1107 -10.60 -7.59 -5.57
N ALA B 1108 -9.67 -7.89 -4.68
CA ALA B 1108 -9.56 -9.25 -4.16
C ALA B 1108 -10.81 -9.64 -3.39
N GLU B 1109 -11.33 -8.73 -2.59
CA GLU B 1109 -12.58 -9.02 -1.86
C GLU B 1109 -13.74 -9.20 -2.83
N ILE B 1110 -13.81 -8.36 -3.85
CA ILE B 1110 -14.91 -8.48 -4.83
C ILE B 1110 -14.79 -9.82 -5.55
N ARG B 1111 -13.57 -10.24 -5.83
CA ARG B 1111 -13.38 -11.54 -6.50
C ARG B 1111 -13.78 -12.68 -5.57
N ALA B 1112 -13.52 -12.55 -4.29
CA ALA B 1112 -14.00 -13.58 -3.34
C ALA B 1112 -15.51 -13.64 -3.37
N SER B 1113 -16.16 -12.49 -3.40
CA SER B 1113 -17.64 -12.45 -3.45
C SER B 1113 -18.14 -13.00 -4.77
N ALA B 1114 -17.44 -12.74 -5.87
CA ALA B 1114 -17.83 -13.32 -7.17
C ALA B 1114 -17.71 -14.83 -7.15
N ASN B 1115 -16.65 -15.34 -6.55
CA ASN B 1115 -16.49 -16.81 -6.43
C ASN B 1115 -17.61 -17.39 -5.57
N LEU B 1116 -17.94 -16.74 -4.47
CA LEU B 1116 -19.04 -17.24 -3.62
C LEU B 1116 -20.35 -17.17 -4.38
N ALA B 1117 -20.58 -16.11 -5.15
CA ALA B 1117 -21.82 -16.01 -5.92
C ALA B 1117 -21.88 -17.06 -7.01
N ALA B 1118 -20.77 -17.33 -7.68
CA ALA B 1118 -20.74 -18.40 -8.69
C ALA B 1118 -21.01 -19.75 -8.05
N THR B 1119 -20.44 -19.99 -6.90
CA THR B 1119 -20.69 -21.26 -6.18
C THR B 1119 -22.15 -21.34 -5.78
N LYS B 1120 -22.71 -20.25 -5.29
CA LYS B 1120 -24.13 -20.26 -4.91
C LYS B 1120 -25.01 -20.50 -6.13
N MET B 1121 -24.66 -19.91 -7.26
CA MET B 1121 -25.43 -20.16 -8.48
C MET B 1121 -25.35 -21.63 -8.85
N SER B 1122 -24.17 -22.20 -8.92
CA SER B 1122 -24.01 -23.59 -9.38
C SER B 1122 -24.60 -24.58 -8.40
N GLU B 1123 -24.66 -24.26 -7.12
CA GLU B 1123 -25.14 -25.25 -6.14
C GLU B 1123 -26.53 -24.96 -5.61
N CYS B 1124 -27.10 -23.79 -5.87
CA CYS B 1124 -28.50 -23.54 -5.46
C CYS B 1124 -29.44 -23.41 -6.66
N VAL B 1125 -28.95 -22.88 -7.76
CA VAL B 1125 -29.81 -22.70 -8.96
C VAL B 1125 -29.76 -23.92 -9.86
N LEU B 1126 -28.57 -24.41 -10.19
CA LEU B 1126 -28.43 -25.58 -11.07
C LEU B 1126 -28.52 -26.87 -10.26
N GLY B 1127 -28.90 -26.79 -9.00
CA GLY B 1127 -29.07 -28.02 -8.22
C GLY B 1127 -29.72 -27.74 -6.91
N GLN B 1128 -29.98 -28.80 -6.15
CA GLN B 1128 -30.54 -28.67 -4.80
C GLN B 1128 -29.41 -28.95 -3.82
N SER B 1129 -29.24 -28.06 -2.85
CA SER B 1129 -28.10 -28.15 -1.92
C SER B 1129 -28.49 -28.81 -0.62
N LYS B 1130 -27.55 -29.56 -0.05
CA LYS B 1130 -27.75 -30.19 1.27
C LYS B 1130 -26.96 -29.46 2.36
N ARG B 1131 -26.13 -28.49 1.98
CA ARG B 1131 -25.29 -27.79 2.97
C ARG B 1131 -26.19 -26.85 3.76
N VAL B 1132 -26.26 -27.06 5.06
CA VAL B 1132 -27.19 -26.27 5.89
C VAL B 1132 -26.86 -24.80 5.84
N ASP B 1133 -27.88 -23.97 5.66
CA ASP B 1133 -27.75 -22.49 5.67
C ASP B 1133 -26.90 -21.95 4.53
N PHE B 1134 -26.55 -22.77 3.56
CA PHE B 1134 -25.83 -22.24 2.39
C PHE B 1134 -26.79 -21.49 1.47
N CYS B 1135 -27.87 -22.15 1.04
CA CYS B 1135 -28.85 -21.52 0.14
C CYS B 1135 -30.08 -21.17 0.99
N GLY B 1136 -30.03 -20.02 1.62
CA GLY B 1136 -31.16 -19.59 2.45
C GLY B 1136 -31.26 -20.37 3.73
N LYS B 1137 -32.14 -19.93 4.61
CA LYS B 1137 -32.35 -20.61 5.90
C LYS B 1137 -33.54 -21.55 5.79
N GLY B 1138 -33.34 -22.79 6.22
CA GLY B 1138 -34.38 -23.82 6.15
C GLY B 1138 -33.86 -25.03 5.44
N TYR B 1139 -34.73 -25.80 4.83
CA TYR B 1139 -34.28 -26.90 3.94
C TYR B 1139 -34.45 -26.41 2.51
N HIS B 1140 -33.35 -26.25 1.81
CA HIS B 1140 -33.38 -25.67 0.46
C HIS B 1140 -34.27 -26.49 -0.45
N LEU B 1141 -35.08 -25.80 -1.25
CA LEU B 1141 -35.87 -26.47 -2.29
C LEU B 1141 -35.33 -26.08 -3.66
N MET B 1142 -35.22 -24.79 -3.93
CA MET B 1142 -34.76 -24.32 -5.25
C MET B 1142 -34.51 -22.83 -5.19
N SER B 1143 -33.71 -22.33 -6.11
CA SER B 1143 -33.28 -20.92 -6.03
C SER B 1143 -33.38 -20.26 -7.38
N PHE B 1144 -33.69 -18.96 -7.38
CA PHE B 1144 -33.87 -18.21 -8.61
C PHE B 1144 -32.91 -17.02 -8.63
N PRO B 1145 -32.06 -16.90 -9.66
CA PRO B 1145 -31.22 -15.75 -9.77
C PRO B 1145 -31.94 -14.52 -10.28
N GLN B 1146 -31.54 -13.36 -9.76
CA GLN B 1146 -32.03 -12.07 -10.30
C GLN B 1146 -30.83 -11.16 -10.45
N SER B 1147 -30.64 -10.69 -11.68
CA SER B 1147 -29.52 -9.78 -11.96
C SER B 1147 -29.73 -8.46 -11.26
N ALA B 1148 -28.63 -7.76 -11.03
CA ALA B 1148 -28.65 -6.45 -10.36
C ALA B 1148 -27.41 -5.70 -10.80
N PRO B 1149 -27.36 -4.37 -10.67
CA PRO B 1149 -26.20 -3.65 -11.12
C PRO B 1149 -24.96 -4.05 -10.31
N HIS B 1150 -23.98 -4.59 -11.00
CA HIS B 1150 -22.71 -5.02 -10.37
C HIS B 1150 -22.96 -6.07 -9.30
N GLY B 1151 -23.97 -6.89 -9.49
CA GLY B 1151 -24.25 -7.90 -8.48
C GLY B 1151 -25.26 -8.91 -8.96
N VAL B 1152 -25.79 -9.66 -8.02
CA VAL B 1152 -26.84 -10.66 -8.31
C VAL B 1152 -27.63 -10.88 -7.04
N VAL B 1153 -28.89 -11.24 -7.21
CA VAL B 1153 -29.77 -11.51 -6.05
C VAL B 1153 -30.35 -12.90 -6.24
N PHE B 1154 -30.24 -13.70 -5.20
CA PHE B 1154 -30.77 -15.07 -5.24
C PHE B 1154 -32.06 -15.12 -4.45
N LEU B 1155 -33.03 -15.86 -4.96
CA LEU B 1155 -34.28 -16.08 -4.22
C LEU B 1155 -34.28 -17.52 -3.74
N HIS B 1156 -33.90 -17.72 -2.49
CA HIS B 1156 -33.78 -19.08 -1.93
C HIS B 1156 -35.13 -19.55 -1.42
N VAL B 1157 -35.76 -20.44 -2.18
CA VAL B 1157 -37.02 -21.04 -1.73
C VAL B 1157 -36.67 -22.16 -0.77
N THR B 1158 -37.22 -22.12 0.42
CA THR B 1158 -36.89 -23.11 1.44
C THR B 1158 -38.14 -23.66 2.09
N TYR B 1159 -38.02 -24.85 2.64
CA TYR B 1159 -39.11 -25.52 3.33
C TYR B 1159 -38.81 -25.41 4.81
N VAL B 1160 -39.78 -24.93 5.58
CA VAL B 1160 -39.59 -24.73 7.03
C VAL B 1160 -40.67 -25.50 7.76
N PRO B 1161 -40.33 -26.33 8.74
CA PRO B 1161 -41.35 -27.00 9.51
C PRO B 1161 -42.16 -26.02 10.35
N ALA B 1162 -43.38 -26.40 10.66
CA ALA B 1162 -44.25 -25.52 11.45
C ALA B 1162 -45.28 -26.33 12.20
N GLN B 1163 -45.79 -25.77 13.27
CA GLN B 1163 -46.90 -26.40 14.01
C GLN B 1163 -46.54 -27.80 14.49
N GLU B 1164 -45.54 -27.87 15.34
CA GLU B 1164 -45.13 -29.16 15.89
C GLU B 1164 -46.06 -29.65 16.99
N LYS B 1165 -45.87 -30.90 17.39
CA LYS B 1165 -46.68 -31.50 18.46
C LYS B 1165 -45.82 -32.42 19.31
N ASN B 1166 -46.08 -32.43 20.61
CA ASN B 1166 -45.33 -33.32 21.51
C ASN B 1166 -45.78 -34.76 21.30
N PHE B 1167 -44.81 -35.64 21.12
CA PHE B 1167 -45.13 -37.06 20.93
C PHE B 1167 -44.22 -37.92 21.80
N THR B 1168 -44.77 -39.03 22.29
CA THR B 1168 -43.95 -40.01 23.00
C THR B 1168 -43.36 -40.95 21.96
N THR B 1169 -42.06 -41.21 22.07
CA THR B 1169 -41.38 -42.03 21.07
C THR B 1169 -40.56 -43.12 21.74
N ALA B 1170 -40.01 -44.01 20.93
CA ALA B 1170 -39.24 -45.16 21.45
C ALA B 1170 -38.20 -45.57 20.42
N PRO B 1171 -37.08 -46.17 20.81
CA PRO B 1171 -36.12 -46.64 19.83
C PRO B 1171 -36.63 -47.78 18.96
N ALA B 1172 -37.18 -48.81 19.58
CA ALA B 1172 -37.63 -50.00 18.85
C ALA B 1172 -38.84 -50.60 19.55
N ILE B 1173 -39.50 -51.51 18.85
CA ILE B 1173 -40.75 -52.12 19.36
C ILE B 1173 -40.56 -53.62 19.50
N CYS B 1174 -40.93 -54.15 20.66
CA CYS B 1174 -40.84 -55.59 20.91
C CYS B 1174 -42.16 -56.24 20.54
N HIS B 1175 -42.10 -57.17 19.59
CA HIS B 1175 -43.34 -57.83 19.12
C HIS B 1175 -43.37 -59.29 19.52
N ASP B 1176 -42.36 -60.07 19.13
CA ASP B 1176 -42.36 -61.52 19.41
C ASP B 1176 -40.97 -61.89 19.91
N GLY B 1177 -40.48 -61.17 20.91
CA GLY B 1177 -39.08 -61.36 21.31
C GLY B 1177 -38.14 -60.89 20.22
N LYS B 1178 -38.58 -59.92 19.42
CA LYS B 1178 -37.73 -59.37 18.36
C LYS B 1178 -37.81 -57.86 18.40
N ALA B 1179 -36.74 -57.20 17.98
CA ALA B 1179 -36.69 -55.74 17.98
C ALA B 1179 -36.94 -55.24 16.56
N HIS B 1180 -37.93 -54.36 16.43
CA HIS B 1180 -38.27 -53.81 15.11
C HIS B 1180 -37.91 -52.33 15.08
N PHE B 1181 -37.15 -51.94 14.07
CA PHE B 1181 -36.73 -50.54 13.92
C PHE B 1181 -37.41 -49.95 12.69
N PRO B 1182 -37.70 -48.65 12.68
CA PRO B 1182 -38.29 -48.04 11.53
C PRO B 1182 -37.33 -48.03 10.33
N ARG B 1183 -37.90 -48.06 9.15
CA ARG B 1183 -37.06 -48.11 7.95
C ARG B 1183 -36.62 -46.71 7.53
N GLU B 1184 -37.57 -45.79 7.39
CA GLU B 1184 -37.23 -44.39 7.05
C GLU B 1184 -38.07 -43.43 7.91
N GLY B 1185 -38.23 -43.77 9.17
CA GLY B 1185 -39.06 -42.91 10.02
C GLY B 1185 -38.76 -43.12 11.47
N VAL B 1186 -39.77 -42.91 12.31
CA VAL B 1186 -39.63 -43.13 13.76
C VAL B 1186 -40.92 -43.72 14.32
N PHE B 1187 -40.86 -44.15 15.57
CA PHE B 1187 -42.05 -44.67 16.25
C PHE B 1187 -42.63 -43.56 17.12
N VAL B 1188 -43.93 -43.34 17.02
CA VAL B 1188 -44.60 -42.27 17.77
C VAL B 1188 -45.79 -42.87 18.48
N SER B 1189 -46.51 -42.03 19.20
CA SER B 1189 -47.70 -42.50 19.94
C SER B 1189 -48.67 -41.34 20.09
N ASN B 1190 -49.88 -41.51 19.60
CA ASN B 1190 -50.94 -40.48 19.84
C ASN B 1190 -51.28 -40.48 21.32
N GLY B 1191 -50.89 -41.51 22.05
CA GLY B 1191 -51.23 -41.63 23.47
C GLY B 1191 -51.66 -43.05 23.75
N THR B 1192 -52.29 -43.68 22.77
CA THR B 1192 -52.76 -45.06 22.93
C THR B 1192 -52.11 -45.99 21.92
N HIS B 1193 -52.05 -45.60 20.67
CA HIS B 1193 -51.52 -46.49 19.61
C HIS B 1193 -50.13 -46.05 19.21
N TRP B 1194 -49.42 -46.95 18.55
CA TRP B 1194 -48.06 -46.64 18.06
C TRP B 1194 -48.04 -46.62 16.55
N PHE B 1195 -47.25 -45.74 15.98
CA PHE B 1195 -47.26 -45.55 14.53
C PHE B 1195 -45.87 -45.21 14.05
N VAL B 1196 -45.66 -45.40 12.76
CA VAL B 1196 -44.39 -45.04 12.12
C VAL B 1196 -44.66 -43.89 11.18
N THR B 1197 -43.86 -42.84 11.33
CA THR B 1197 -44.12 -41.60 10.57
C THR B 1197 -42.81 -41.01 10.05
N GLN B 1198 -42.94 -40.09 9.12
CA GLN B 1198 -41.74 -39.39 8.64
C GLN B 1198 -41.20 -38.51 9.76
N ARG B 1199 -39.92 -38.16 9.68
CA ARG B 1199 -39.33 -37.31 10.72
C ARG B 1199 -39.56 -35.82 10.43
N ASN B 1200 -40.11 -35.49 9.27
CA ASN B 1200 -40.29 -34.07 8.91
C ASN B 1200 -41.76 -33.70 8.74
N PHE B 1201 -42.67 -34.64 8.89
CA PHE B 1201 -44.11 -34.37 8.70
C PHE B 1201 -44.90 -35.45 9.40
N TYR B 1202 -45.79 -35.05 10.30
CA TYR B 1202 -46.61 -36.04 11.02
C TYR B 1202 -47.58 -36.68 10.04
N GLU B 1203 -47.51 -38.00 9.94
CA GLU B 1203 -48.37 -38.77 9.02
C GLU B 1203 -48.35 -40.20 9.55
N PRO B 1204 -49.06 -40.48 10.65
CA PRO B 1204 -48.93 -41.77 11.30
C PRO B 1204 -49.47 -42.91 10.45
N GLN B 1205 -48.88 -44.07 10.67
CA GLN B 1205 -49.25 -45.24 9.84
C GLN B 1205 -49.22 -46.51 10.68
N ILE B 1206 -49.93 -47.53 10.22
CA ILE B 1206 -49.86 -48.84 10.90
C ILE B 1206 -48.44 -49.37 10.74
N ILE B 1207 -47.96 -50.03 11.79
CA ILE B 1207 -46.58 -50.54 11.76
C ILE B 1207 -46.59 -51.95 11.20
N THR B 1208 -46.12 -52.09 9.97
CA THR B 1208 -46.12 -53.41 9.32
C THR B 1208 -44.70 -53.83 8.99
N THR B 1209 -44.57 -54.94 8.28
CA THR B 1209 -43.25 -55.51 7.98
C THR B 1209 -42.60 -54.83 6.79
N ASP B 1210 -43.34 -54.00 6.08
CA ASP B 1210 -42.70 -53.16 5.03
C ASP B 1210 -42.44 -51.76 5.59
N ASN B 1211 -42.76 -51.53 6.86
CA ASN B 1211 -42.40 -50.25 7.51
C ASN B 1211 -41.16 -50.40 8.38
N THR B 1212 -40.89 -51.61 8.85
CA THR B 1212 -39.80 -51.83 9.82
C THR B 1212 -38.86 -52.93 9.37
N PHE B 1213 -37.77 -53.05 10.09
CA PHE B 1213 -36.85 -54.19 9.90
C PHE B 1213 -36.52 -54.75 11.28
N VAL B 1214 -36.08 -55.99 11.29
CA VAL B 1214 -35.87 -56.70 12.57
C VAL B 1214 -34.40 -57.03 12.74
N SER B 1215 -33.90 -56.91 13.97
CA SER B 1215 -32.52 -57.32 14.27
C SER B 1215 -32.43 -57.57 15.78
N GLY B 1216 -32.05 -58.77 16.17
CA GLY B 1216 -31.84 -59.05 17.59
C GLY B 1216 -33.12 -59.32 18.34
N ASN B 1217 -32.97 -59.60 19.62
CA ASN B 1217 -34.13 -59.88 20.49
C ASN B 1217 -34.33 -58.73 21.47
N CYS B 1218 -35.37 -58.81 22.27
CA CYS B 1218 -35.80 -57.66 23.08
C CYS B 1218 -34.99 -57.52 24.36
N ASP B 1219 -33.69 -57.48 24.22
CA ASP B 1219 -32.83 -57.29 25.42
C ASP B 1219 -31.73 -56.27 25.16
N VAL B 1220 -31.27 -56.16 23.93
CA VAL B 1220 -30.05 -55.34 23.69
C VAL B 1220 -30.38 -53.86 23.67
N VAL B 1221 -31.58 -53.49 23.23
CA VAL B 1221 -31.89 -52.06 23.08
C VAL B 1221 -32.51 -51.54 24.37
N ILE B 1222 -31.95 -50.44 24.87
CA ILE B 1222 -32.52 -49.81 26.08
C ILE B 1222 -33.66 -48.91 25.61
N GLY B 1223 -34.81 -49.05 26.25
CA GLY B 1223 -35.96 -48.22 25.89
C GLY B 1223 -36.98 -48.90 25.00
N ILE B 1224 -36.84 -50.20 24.78
CA ILE B 1224 -37.77 -50.92 23.90
C ILE B 1224 -39.16 -50.90 24.49
N VAL B 1225 -40.16 -51.02 23.63
CA VAL B 1225 -41.56 -51.02 24.10
C VAL B 1225 -42.30 -52.21 23.50
N ASN B 1226 -43.40 -52.57 24.14
CA ASN B 1226 -44.19 -53.72 23.67
C ASN B 1226 -45.38 -53.23 22.87
N ASN B 1227 -45.46 -53.66 21.63
CA ASN B 1227 -46.65 -53.41 20.81
C ASN B 1227 -46.62 -54.40 19.65
N THR B 1228 -47.78 -54.64 19.06
CA THR B 1228 -47.91 -55.64 18.01
C THR B 1228 -47.66 -55.05 16.63
N VAL B 1229 -46.83 -55.73 15.86
CA VAL B 1229 -46.58 -55.32 14.46
C VAL B 1229 -47.58 -56.07 13.59
N TYR B 1230 -48.43 -55.34 12.89
CA TYR B 1230 -49.38 -56.00 11.99
C TYR B 1230 -48.65 -56.63 10.82
N ASP B 1231 -49.09 -57.80 10.42
CA ASP B 1231 -48.50 -58.47 9.25
C ASP B 1231 -49.60 -58.76 8.24
N PRO B 1232 -49.51 -58.22 7.01
CA PRO B 1232 -50.60 -58.41 6.07
C PRO B 1232 -50.79 -59.85 5.60
N LEU B 1233 -49.69 -60.57 5.42
CA LEU B 1233 -49.77 -61.92 4.81
C LEU B 1233 -50.62 -62.86 5.66
N GLN B 1234 -50.59 -62.70 6.98
CA GLN B 1234 -51.29 -63.68 7.84
C GLN B 1234 -52.80 -63.70 7.66
N PRO B 1235 -53.56 -62.60 7.79
CA PRO B 1235 -55.01 -62.69 7.62
C PRO B 1235 -55.39 -63.11 6.20
N GLU B 1236 -54.64 -62.62 5.20
CA GLU B 1236 -54.98 -62.99 3.81
C GLU B 1236 -54.78 -64.47 3.56
N LEU B 1237 -53.62 -64.99 3.94
CA LEU B 1237 -53.34 -66.43 3.72
C LEU B 1237 -54.28 -67.26 4.58
N ASP B 1238 -54.72 -66.71 5.71
CA ASP B 1238 -55.72 -67.41 6.57
C ASP B 1238 -57.11 -67.43 5.95
N ALA C 119 50.77 -14.19 31.80
CA ALA C 119 50.15 -15.28 31.01
C ALA C 119 48.91 -14.81 30.27
N TYR C 120 47.93 -15.68 30.16
CA TYR C 120 46.65 -15.33 29.51
C TYR C 120 45.49 -15.88 30.34
N THR C 121 44.34 -15.28 30.16
CA THR C 121 43.11 -15.79 30.81
C THR C 121 41.92 -15.34 29.99
N ASN C 122 40.74 -15.86 30.33
CA ASN C 122 39.57 -15.68 29.46
C ASN C 122 38.59 -14.64 30.01
N SER C 123 38.14 -13.76 29.14
CA SER C 123 37.17 -12.69 29.50
C SER C 123 35.77 -13.21 29.21
N PHE C 124 35.18 -13.92 30.17
CA PHE C 124 33.89 -14.58 29.89
C PHE C 124 32.77 -13.59 29.66
N THR C 125 32.45 -12.78 30.66
CA THR C 125 31.29 -11.86 30.55
C THR C 125 31.69 -10.48 31.04
N ARG C 126 32.83 -9.98 30.59
CA ARG C 126 33.35 -8.69 31.08
C ARG C 126 33.44 -7.69 29.93
N GLY C 127 33.42 -6.42 30.28
CA GLY C 127 33.56 -5.36 29.27
C GLY C 127 32.25 -4.75 28.85
N VAL C 128 31.33 -4.58 29.81
CA VAL C 128 29.98 -4.02 29.50
C VAL C 128 29.78 -2.74 30.28
N TYR C 129 29.46 -1.67 29.58
CA TYR C 129 29.29 -0.35 30.21
C TYR C 129 28.12 0.38 29.54
N TYR C 130 27.47 1.27 30.30
CA TYR C 130 26.29 1.97 29.77
C TYR C 130 26.74 2.95 28.69
N PRO C 131 26.26 2.80 27.45
CA PRO C 131 26.73 3.64 26.35
C PRO C 131 26.21 5.07 26.36
N ASP C 132 25.31 5.40 27.29
CA ASP C 132 24.66 6.73 27.27
C ASP C 132 24.13 7.07 28.65
N LYS C 133 23.66 8.30 28.81
CA LYS C 133 23.16 8.75 30.13
C LYS C 133 21.63 8.77 30.17
N VAL C 134 21.00 7.75 29.59
CA VAL C 134 19.52 7.68 29.51
C VAL C 134 19.05 6.47 30.29
N PHE C 135 18.06 6.67 31.14
CA PHE C 135 17.54 5.58 31.99
C PHE C 135 16.53 4.76 31.22
N ARG C 136 16.67 3.44 31.30
CA ARG C 136 15.76 2.51 30.60
C ARG C 136 15.42 1.37 31.54
N SER C 137 14.33 0.68 31.24
CA SER C 137 13.96 -0.48 32.08
C SER C 137 13.16 -1.50 31.29
N SER C 138 13.45 -2.76 31.50
CA SER C 138 12.67 -3.86 30.90
C SER C 138 12.63 -3.75 29.38
N VAL C 139 13.71 -3.30 28.78
CA VAL C 139 13.78 -3.17 27.31
C VAL C 139 15.15 -3.62 26.83
N LEU C 140 15.15 -4.34 25.72
CA LEU C 140 16.43 -4.78 25.11
C LEU C 140 16.86 -3.72 24.12
N HIS C 141 18.11 -3.30 24.22
CA HIS C 141 18.61 -2.19 23.38
C HIS C 141 19.76 -2.64 22.51
N SER C 142 19.77 -2.19 21.27
CA SER C 142 20.84 -2.57 20.32
C SER C 142 21.88 -1.47 20.28
N THR C 143 23.01 -1.71 20.93
CA THR C 143 24.08 -0.70 21.00
C THR C 143 25.25 -1.09 20.12
N GLN C 144 25.66 -0.19 19.25
CA GLN C 144 26.87 -0.42 18.44
C GLN C 144 27.98 0.40 19.06
N ASP C 145 28.81 -0.24 19.87
CA ASP C 145 29.82 0.52 20.62
C ASP C 145 31.08 -0.32 20.76
N LEU C 146 32.19 0.35 21.04
CA LEU C 146 33.48 -0.35 21.19
C LEU C 146 33.43 -1.10 22.51
N PHE C 147 33.15 -2.39 22.42
CA PHE C 147 33.03 -3.25 23.60
C PHE C 147 34.15 -4.27 23.61
N LEU C 148 34.21 -5.04 24.70
CA LEU C 148 35.21 -6.11 24.80
C LEU C 148 34.53 -7.41 24.41
N PRO C 149 34.89 -8.03 23.28
CA PRO C 149 34.24 -9.26 22.88
C PRO C 149 34.31 -10.33 23.95
N PHE C 150 33.21 -11.04 24.14
CA PHE C 150 33.18 -12.09 25.17
C PHE C 150 34.17 -13.19 24.83
N PHE C 151 34.67 -13.84 25.88
CA PHE C 151 35.60 -14.98 25.71
C PHE C 151 36.85 -14.56 24.96
N SER C 152 37.31 -13.34 25.24
CA SER C 152 38.59 -12.85 24.69
C SER C 152 39.73 -13.23 25.61
N ASN C 153 40.93 -13.31 25.04
CA ASN C 153 42.12 -13.62 25.85
C ASN C 153 42.70 -12.29 26.34
N VAL C 154 42.47 -12.00 27.61
CA VAL C 154 43.02 -10.77 28.22
C VAL C 154 44.42 -11.09 28.71
N THR C 155 45.39 -10.32 28.23
CA THR C 155 46.78 -10.56 28.64
C THR C 155 46.90 -10.46 30.15
N TRP C 156 47.62 -11.40 30.74
CA TRP C 156 47.68 -11.49 32.22
C TRP C 156 49.04 -11.00 32.69
N PHE C 157 49.04 -9.89 33.42
CA PHE C 157 50.28 -9.36 34.00
C PHE C 157 50.24 -9.55 35.51
N HIS C 158 51.37 -9.98 36.06
CA HIS C 158 51.41 -10.29 37.51
C HIS C 158 52.40 -9.38 38.25
N ASN C 173 52.77 -3.68 34.03
CA ASN C 173 54.17 -3.28 34.24
C ASN C 173 54.75 -2.67 32.97
N PRO C 174 54.86 -3.41 31.86
CA PRO C 174 55.58 -2.91 30.71
C PRO C 174 54.79 -1.96 29.84
N VAL C 175 55.45 -1.40 28.82
CA VAL C 175 54.74 -0.54 27.86
C VAL C 175 53.69 -1.39 27.13
N LEU C 176 52.44 -0.96 27.20
CA LEU C 176 51.34 -1.69 26.57
C LEU C 176 50.75 -0.82 25.49
N PRO C 177 50.37 -1.42 24.34
CA PRO C 177 49.68 -0.65 23.33
C PRO C 177 48.27 -0.26 23.77
N PHE C 178 47.84 0.92 23.33
CA PHE C 178 46.46 1.40 23.55
C PHE C 178 45.88 1.51 22.15
N ASN C 179 45.37 0.41 21.64
CA ASN C 179 45.03 0.36 20.20
C ASN C 179 43.87 1.26 19.87
N ASP C 180 42.71 1.00 20.46
CA ASP C 180 41.55 1.90 20.27
C ASP C 180 40.90 2.11 21.63
N GLY C 181 41.01 1.10 22.49
CA GLY C 181 40.39 1.16 23.81
C GLY C 181 40.92 0.04 24.63
N VAL C 182 40.78 0.17 25.94
CA VAL C 182 41.39 -0.81 26.85
C VAL C 182 40.45 -1.08 28.01
N TYR C 183 40.11 -2.33 28.19
CA TYR C 183 39.39 -2.75 29.41
C TYR C 183 40.47 -3.14 30.40
N PHE C 184 40.53 -2.41 31.51
CA PHE C 184 41.52 -2.71 32.55
C PHE C 184 40.81 -3.20 33.79
N ALA C 185 41.22 -4.36 34.27
CA ALA C 185 40.68 -4.89 35.53
C ALA C 185 41.82 -5.09 36.51
N SER C 186 41.48 -5.07 37.78
CA SER C 186 42.50 -5.27 38.83
C SER C 186 41.82 -5.76 40.10
N THR C 187 42.21 -6.95 40.55
CA THR C 187 41.67 -7.47 41.82
C THR C 187 42.78 -7.38 42.87
N GLU C 188 42.47 -6.70 43.97
CA GLU C 188 43.53 -6.43 44.97
C GLU C 188 42.93 -6.45 46.36
N LYS C 189 43.82 -6.51 47.35
CA LYS C 189 43.38 -6.35 48.76
C LYS C 189 44.22 -5.29 49.47
N SER C 190 45.31 -4.83 48.86
CA SER C 190 46.23 -3.86 49.51
C SER C 190 46.43 -2.61 48.65
N ASN C 191 45.65 -2.47 47.57
CA ASN C 191 45.74 -1.27 46.70
C ASN C 191 47.16 -1.11 46.17
N ILE C 192 47.80 -2.21 45.85
CA ILE C 192 49.20 -2.17 45.33
C ILE C 192 49.27 -1.40 44.02
N ILE C 193 48.18 -1.37 43.25
CA ILE C 193 48.16 -0.66 41.96
C ILE C 193 47.48 0.67 42.18
N ARG C 194 48.11 1.74 41.69
CA ARG C 194 47.56 3.09 41.95
C ARG C 194 46.90 3.70 40.72
N GLY C 195 47.62 3.78 39.61
CA GLY C 195 47.06 4.52 38.48
C GLY C 195 47.66 4.14 37.17
N TRP C 196 47.59 5.06 36.22
CA TRP C 196 47.98 4.75 34.84
C TRP C 196 48.74 5.90 34.21
N ILE C 197 49.34 5.62 33.07
CA ILE C 197 49.98 6.67 32.25
C ILE C 197 49.52 6.41 30.83
N PHE C 198 49.56 7.43 29.99
CA PHE C 198 49.13 7.28 28.58
C PHE C 198 49.99 8.16 27.68
N GLY C 199 49.66 8.16 26.41
CA GLY C 199 50.32 9.08 25.48
C GLY C 199 50.96 8.39 24.33
N THR C 200 51.47 9.17 23.38
CA THR C 200 52.19 8.61 22.22
C THR C 200 53.63 8.24 22.59
N THR C 201 54.39 9.21 23.08
CA THR C 201 55.76 8.93 23.57
C THR C 201 55.77 9.30 25.04
N LEU C 202 56.37 8.46 25.87
CA LEU C 202 56.20 8.65 27.32
C LEU C 202 57.30 9.54 27.89
N ASP C 203 57.42 10.74 27.36
CA ASP C 203 58.55 11.61 27.75
C ASP C 203 58.12 13.09 27.76
N SER C 204 59.09 13.98 27.79
CA SER C 204 58.81 15.43 27.71
C SER C 204 58.28 15.83 26.34
N LYS C 205 58.50 15.02 25.31
CA LYS C 205 58.10 15.42 23.94
C LYS C 205 56.59 15.46 23.77
N THR C 206 55.89 14.46 24.30
CA THR C 206 54.43 14.37 24.09
C THR C 206 53.70 14.39 25.43
N GLN C 207 52.46 14.85 25.38
CA GLN C 207 51.67 14.97 26.62
C GLN C 207 51.27 13.59 27.14
N SER C 208 51.16 13.49 28.45
CA SER C 208 50.96 12.15 29.05
C SER C 208 50.02 12.28 30.25
N LEU C 209 48.82 11.75 30.10
CA LEU C 209 47.85 11.74 31.20
C LEU C 209 48.43 10.94 32.37
N LEU C 210 47.98 11.27 33.56
CA LEU C 210 48.52 10.62 34.75
C LEU C 210 47.45 10.55 35.83
N ILE C 211 47.18 9.36 36.32
CA ILE C 211 46.19 9.19 37.41
C ILE C 211 46.89 8.50 38.57
N VAL C 212 46.72 9.05 39.76
CA VAL C 212 47.37 8.47 40.97
C VAL C 212 46.43 8.54 42.14
N ASN C 213 46.47 7.52 42.98
CA ASN C 213 45.73 7.58 44.26
C ASN C 213 46.77 7.56 45.38
N ASN C 214 46.98 8.70 46.02
CA ASN C 214 47.94 8.77 47.12
C ASN C 214 47.48 9.80 48.15
N ALA C 215 47.73 9.55 49.42
CA ALA C 215 47.37 10.50 50.50
C ALA C 215 45.88 10.84 50.48
N THR C 216 45.04 9.83 50.25
CA THR C 216 43.57 10.04 50.25
C THR C 216 43.16 11.10 49.24
N ASN C 217 43.81 11.11 48.08
CA ASN C 217 43.52 12.11 47.04
C ASN C 217 43.92 11.57 45.68
N VAL C 218 43.11 11.85 44.68
CA VAL C 218 43.43 11.43 43.30
C VAL C 218 43.93 12.64 42.53
N VAL C 219 44.91 12.42 41.67
CA VAL C 219 45.51 13.54 40.90
C VAL C 219 45.52 13.17 39.42
N ILE C 220 44.97 14.02 38.60
CA ILE C 220 44.87 13.74 37.15
C ILE C 220 45.48 14.91 36.38
N LYS C 221 46.77 14.82 36.11
CA LYS C 221 47.44 15.89 35.36
C LYS C 221 47.45 15.56 33.89
N VAL C 222 47.84 16.51 33.07
CA VAL C 222 48.08 16.23 31.64
C VAL C 222 49.48 16.78 31.37
N CYS C 223 50.18 17.13 32.43
CA CYS C 223 51.54 17.65 32.28
C CYS C 223 52.45 16.55 31.74
N GLU C 224 53.25 16.90 30.73
CA GLU C 224 54.09 15.89 30.08
C GLU C 224 55.26 15.64 31.03
N PHE C 225 55.01 14.77 32.00
CA PHE C 225 56.00 14.47 33.05
C PHE C 225 57.15 13.66 32.46
N GLN C 226 58.26 13.64 33.18
CA GLN C 226 59.40 12.80 32.78
C GLN C 226 59.36 11.50 33.58
N PHE C 227 59.03 10.42 32.90
CA PHE C 227 58.90 9.11 33.57
C PHE C 227 60.14 8.28 33.31
N CYS C 228 60.65 7.65 34.36
CA CYS C 228 61.75 6.68 34.17
C CYS C 228 61.16 5.41 33.55
N ASN C 229 62.02 4.55 33.05
CA ASN C 229 61.54 3.30 32.42
C ASN C 229 60.98 2.34 33.47
N ASP C 230 61.12 2.65 34.75
CA ASP C 230 60.47 1.85 35.81
C ASP C 230 59.87 2.79 36.84
N PRO C 231 58.72 3.41 36.54
CA PRO C 231 58.09 4.30 37.49
C PRO C 231 57.08 3.63 38.43
N PHE C 232 57.16 4.00 39.70
CA PHE C 232 56.19 3.49 40.69
C PHE C 232 56.23 4.37 41.93
N ASN C 256 56.37 19.72 33.63
CA ASN C 256 56.51 20.45 32.34
C ASN C 256 55.23 21.17 31.97
N ASN C 257 55.05 21.46 30.69
CA ASN C 257 53.84 22.17 30.21
C ASN C 257 52.59 21.38 30.59
N CYS C 258 51.54 22.09 31.00
CA CYS C 258 50.36 21.39 31.52
C CYS C 258 49.09 21.74 30.77
N THR C 259 48.01 21.01 31.05
CA THR C 259 46.68 21.33 30.49
C THR C 259 45.62 21.41 31.59
N PHE C 260 45.65 20.51 32.56
CA PHE C 260 44.59 20.48 33.59
C PHE C 260 45.02 19.58 34.74
N GLU C 261 44.37 19.72 35.88
CA GLU C 261 44.64 18.85 37.04
C GLU C 261 43.40 18.79 37.92
N TYR C 262 42.62 17.72 37.79
CA TYR C 262 41.43 17.53 38.66
C TYR C 262 41.94 16.95 39.97
N VAL C 263 42.76 17.74 40.66
CA VAL C 263 43.55 17.22 41.80
C VAL C 263 42.70 16.75 42.98
N SER C 264 41.42 17.00 42.98
CA SER C 264 40.56 16.42 44.03
C SER C 264 41.04 16.78 45.43
N LYS C 279 38.83 -9.98 47.96
CA LYS C 279 39.50 -8.97 47.11
C LYS C 279 38.52 -7.99 46.46
N ASN C 280 38.98 -6.75 46.32
CA ASN C 280 38.15 -5.70 45.68
C ASN C 280 38.43 -5.71 44.19
N LEU C 281 37.64 -6.47 43.43
CA LEU C 281 37.87 -6.59 41.98
C LEU C 281 37.48 -5.26 41.34
N ARG C 282 38.49 -4.53 40.92
CA ARG C 282 38.26 -3.21 40.29
C ARG C 282 38.22 -3.41 38.79
N GLU C 283 37.22 -2.77 38.16
CA GLU C 283 37.05 -2.93 36.70
C GLU C 283 36.89 -1.57 36.07
N PHE C 284 37.74 -1.28 35.10
CA PHE C 284 37.74 0.05 34.49
C PHE C 284 37.78 -0.07 32.97
N VAL C 285 37.17 0.90 32.32
CA VAL C 285 37.15 0.94 30.83
C VAL C 285 37.69 2.29 30.39
N PHE C 286 38.60 2.27 29.43
CA PHE C 286 39.19 3.51 28.91
C PHE C 286 39.04 3.57 27.40
N LYS C 287 38.82 4.76 26.86
CA LYS C 287 38.75 4.94 25.41
C LYS C 287 39.05 6.38 25.04
N ASN C 288 39.41 6.61 23.78
CA ASN C 288 39.81 7.96 23.33
C ASN C 288 38.82 8.48 22.31
N ILE C 289 38.08 9.51 22.69
CA ILE C 289 37.06 10.13 21.79
C ILE C 289 37.55 11.53 21.45
N ASP C 290 36.74 12.28 20.69
CA ASP C 290 37.16 13.64 20.33
C ASP C 290 37.36 14.46 21.60
N GLY C 291 38.61 14.76 21.92
CA GLY C 291 38.89 15.63 23.08
C GLY C 291 38.46 15.01 24.39
N TYR C 292 38.01 13.76 24.37
CA TYR C 292 37.50 13.14 25.60
C TYR C 292 38.24 11.85 25.87
N PHE C 293 38.33 11.52 27.16
CA PHE C 293 38.90 10.23 27.59
C PHE C 293 37.92 9.73 28.63
N LYS C 294 37.16 8.69 28.29
CA LYS C 294 36.08 8.24 29.17
C LYS C 294 36.55 7.18 30.14
N ILE C 295 36.16 7.36 31.40
CA ILE C 295 36.60 6.43 32.47
C ILE C 295 35.36 5.75 33.04
N TYR C 296 35.08 4.55 32.53
CA TYR C 296 34.00 3.73 33.09
C TYR C 296 34.57 2.89 34.22
N SER C 297 33.75 2.62 35.21
CA SER C 297 34.28 1.93 36.40
C SER C 297 33.20 1.16 37.13
N LYS C 298 33.63 0.12 37.82
CA LYS C 298 32.72 -0.63 38.70
C LYS C 298 33.57 -1.39 39.71
N HIS C 299 33.08 -1.45 40.93
CA HIS C 299 33.82 -2.14 42.02
C HIS C 299 32.89 -3.14 42.69
N THR C 300 33.41 -4.33 42.93
CA THR C 300 32.56 -5.41 43.48
C THR C 300 33.35 -6.25 44.47
N PRO C 301 32.71 -6.74 45.55
CA PRO C 301 33.40 -7.59 46.51
C PRO C 301 33.57 -9.02 46.00
N ILE C 302 34.83 -9.47 45.94
CA ILE C 302 35.13 -10.82 45.40
C ILE C 302 36.10 -11.53 46.33
N ASN C 303 36.03 -12.86 46.36
CA ASN C 303 37.05 -13.68 47.06
C ASN C 303 37.42 -14.81 46.11
N LEU C 304 38.35 -14.54 45.20
CA LEU C 304 38.81 -15.59 44.25
C LEU C 304 40.16 -15.16 43.71
N VAL C 305 40.94 -16.15 43.28
CA VAL C 305 42.32 -15.87 42.82
C VAL C 305 42.57 -16.46 41.45
N ARG C 306 43.57 -15.90 40.76
CA ARG C 306 44.15 -16.51 39.53
C ARG C 306 43.38 -16.29 38.23
N ASP C 307 42.28 -15.53 38.25
CA ASP C 307 41.61 -15.29 36.96
C ASP C 307 40.56 -14.21 37.10
N LEU C 308 39.96 -13.81 35.98
CA LEU C 308 38.74 -13.00 36.04
C LEU C 308 37.63 -13.90 36.56
N PRO C 309 36.75 -13.38 37.43
CA PRO C 309 35.64 -14.19 37.92
C PRO C 309 34.53 -14.36 36.87
N GLN C 310 33.59 -15.23 37.19
CA GLN C 310 32.41 -15.43 36.32
C GLN C 310 31.39 -14.33 36.64
N GLY C 311 30.17 -14.52 36.17
CA GLY C 311 29.12 -13.53 36.51
C GLY C 311 29.10 -12.33 35.60
N PHE C 312 28.10 -11.48 35.81
CA PHE C 312 27.97 -10.26 34.98
C PHE C 312 27.79 -9.04 35.86
N SER C 313 28.45 -7.96 35.47
CA SER C 313 28.29 -6.68 36.21
C SER C 313 28.55 -5.53 35.24
N ALA C 314 27.64 -4.56 35.22
CA ALA C 314 27.80 -3.44 34.27
C ALA C 314 28.68 -2.35 34.86
N LEU C 315 29.46 -1.71 34.00
CA LEU C 315 30.42 -0.69 34.47
C LEU C 315 29.86 0.69 34.18
N GLU C 316 29.47 1.40 35.23
CA GLU C 316 28.93 2.76 35.08
C GLU C 316 30.04 3.71 34.65
N PRO C 317 29.70 4.93 34.25
CA PRO C 317 30.73 5.93 34.05
C PRO C 317 31.01 6.68 35.36
N LEU C 318 32.22 7.23 35.48
CA LEU C 318 32.55 8.03 36.67
C LEU C 318 32.99 9.43 36.24
N VAL C 319 33.75 9.51 35.14
CA VAL C 319 34.14 10.83 34.60
C VAL C 319 34.59 10.67 33.16
N ASP C 320 34.54 11.77 32.42
CA ASP C 320 35.08 11.80 31.03
C ASP C 320 36.08 12.93 31.02
N LEU C 321 37.34 12.61 31.27
CA LEU C 321 38.34 13.68 31.43
C LEU C 321 38.52 14.43 30.12
N PRO C 322 38.45 15.77 30.16
CA PRO C 322 38.49 16.58 28.91
C PRO C 322 39.90 16.69 28.34
N ILE C 323 40.48 15.53 28.02
CA ILE C 323 41.90 15.51 27.58
C ILE C 323 41.96 15.54 26.07
N GLY C 324 42.83 16.39 25.54
CA GLY C 324 42.86 16.58 24.08
C GLY C 324 44.11 16.06 23.42
N ILE C 325 44.55 14.87 23.79
CA ILE C 325 45.84 14.33 23.27
C ILE C 325 45.61 13.15 22.34
N ASN C 326 46.64 12.83 21.54
CA ASN C 326 46.61 11.62 20.69
C ASN C 326 47.39 10.53 21.41
N ILE C 327 46.78 9.35 21.52
CA ILE C 327 47.36 8.28 22.34
C ILE C 327 47.59 7.05 21.48
N THR C 328 48.76 6.43 21.65
CA THR C 328 49.04 5.15 20.95
C THR C 328 49.49 4.05 21.92
N ARG C 329 49.80 4.38 23.17
CA ARG C 329 50.30 3.37 24.12
C ARG C 329 50.06 3.86 25.53
N PHE C 330 50.25 2.98 26.50
CA PHE C 330 50.09 3.38 27.89
C PHE C 330 50.92 2.47 28.79
N GLN C 331 50.84 2.72 30.09
CA GLN C 331 51.52 1.87 31.07
C GLN C 331 50.84 2.07 32.43
N THR C 332 50.86 1.05 33.27
CA THR C 332 50.21 1.18 34.58
C THR C 332 51.20 1.59 35.65
N LEU C 333 50.69 1.81 36.86
CA LEU C 333 51.53 2.25 38.01
C LEU C 333 51.12 1.46 39.25
N LEU C 334 52.13 0.95 39.96
CA LEU C 334 51.84 0.26 41.24
C LEU C 334 52.22 1.18 42.41
N ALA C 356 47.18 -9.26 40.88
CA ALA C 356 47.53 -9.08 39.46
C ALA C 356 46.57 -8.10 38.78
N TYR C 357 46.95 -7.64 37.60
CA TYR C 357 46.04 -6.74 36.85
C TYR C 357 45.75 -7.31 35.48
N TYR C 358 44.56 -7.01 34.99
CA TYR C 358 44.02 -7.67 33.79
C TYR C 358 43.81 -6.64 32.70
N VAL C 359 44.32 -6.94 31.52
CA VAL C 359 44.22 -5.98 30.40
C VAL C 359 43.43 -6.58 29.26
N GLY C 360 42.34 -5.92 28.89
CA GLY C 360 41.54 -6.35 27.74
C GLY C 360 41.37 -5.23 26.75
N TYR C 361 41.33 -5.59 25.48
CA TYR C 361 41.23 -4.58 24.41
C TYR C 361 39.81 -4.58 23.84
N LEU C 362 39.29 -3.37 23.66
CA LEU C 362 37.92 -3.20 23.19
C LEU C 362 37.88 -3.20 21.66
N GLN C 363 36.75 -3.63 21.11
CA GLN C 363 36.60 -3.69 19.65
C GLN C 363 35.23 -3.12 19.29
N PRO C 364 35.04 -2.65 18.04
CA PRO C 364 33.75 -2.09 17.66
C PRO C 364 32.68 -3.16 17.45
N ARG C 365 32.08 -3.61 18.55
CA ARG C 365 31.07 -4.66 18.50
C ARG C 365 29.66 -4.07 18.44
N THR C 366 28.66 -4.96 18.46
CA THR C 366 27.26 -4.55 18.63
C THR C 366 26.68 -5.47 19.68
N PHE C 367 26.00 -4.90 20.66
CA PHE C 367 25.54 -5.73 21.79
C PHE C 367 24.04 -5.62 21.94
N LEU C 368 23.50 -6.45 22.83
CA LEU C 368 22.06 -6.43 23.12
C LEU C 368 21.89 -6.33 24.63
N LEU C 369 21.73 -5.11 25.12
CA LEU C 369 21.72 -4.89 26.58
C LEU C 369 20.35 -5.16 27.16
N LYS C 370 20.30 -5.98 28.19
CA LYS C 370 19.02 -6.39 28.80
C LYS C 370 18.84 -5.66 30.11
N TYR C 371 18.12 -4.55 30.07
CA TYR C 371 17.83 -3.77 31.30
C TYR C 371 16.73 -4.45 32.08
N ASN C 372 16.86 -4.44 33.39
CA ASN C 372 15.80 -5.03 34.24
C ASN C 372 14.74 -3.98 34.51
N GLU C 373 13.73 -4.33 35.30
CA GLU C 373 12.73 -3.30 35.67
C GLU C 373 13.37 -2.20 36.51
N ASN C 374 14.43 -2.54 37.25
CA ASN C 374 15.12 -1.56 38.12
C ASN C 374 16.20 -0.79 37.35
N GLY C 375 16.24 -0.89 36.03
CA GLY C 375 17.12 -0.03 35.23
C GLY C 375 18.57 -0.45 35.15
N THR C 376 18.93 -1.56 35.77
CA THR C 376 20.35 -2.00 35.78
C THR C 376 20.56 -3.14 34.81
N ILE C 377 21.56 -3.00 33.96
CA ILE C 377 21.82 -4.04 32.93
C ILE C 377 22.11 -5.36 33.63
N THR C 378 21.50 -6.43 33.13
CA THR C 378 21.68 -7.76 33.76
C THR C 378 22.41 -8.73 32.84
N ASP C 379 22.25 -8.60 31.53
CA ASP C 379 23.01 -9.45 30.59
C ASP C 379 23.05 -8.77 29.23
N ALA C 380 23.99 -9.23 28.41
CA ALA C 380 24.10 -8.73 27.03
C ALA C 380 24.40 -9.89 26.11
N VAL C 381 24.27 -9.63 24.81
CA VAL C 381 24.54 -10.67 23.80
C VAL C 381 25.59 -10.12 22.86
N ASP C 382 26.75 -10.76 22.84
CA ASP C 382 27.79 -10.35 21.87
C ASP C 382 27.31 -10.82 20.51
N CYS C 383 26.82 -9.87 19.72
CA CYS C 383 26.08 -10.23 18.48
C CYS C 383 26.93 -11.05 17.52
N ALA C 384 28.25 -10.97 17.61
CA ALA C 384 29.13 -11.75 16.72
C ALA C 384 29.90 -12.82 17.47
N LEU C 385 29.45 -13.21 18.65
CA LEU C 385 30.15 -14.27 19.42
C LEU C 385 30.04 -15.62 18.71
N ASP C 386 28.86 -15.96 18.22
CA ASP C 386 28.62 -17.27 17.56
C ASP C 386 27.27 -17.19 16.87
N PRO C 387 26.89 -18.17 16.02
CA PRO C 387 25.62 -18.08 15.33
C PRO C 387 24.41 -17.99 16.26
N LEU C 388 24.42 -18.71 17.37
CA LEU C 388 23.27 -18.66 18.29
C LEU C 388 23.10 -17.25 18.83
N SER C 389 24.19 -16.58 19.17
CA SER C 389 24.09 -15.18 19.65
C SER C 389 23.60 -14.28 18.51
N GLU C 390 24.00 -14.55 17.29
CA GLU C 390 23.50 -13.74 16.17
C GLU C 390 21.99 -13.89 16.00
N THR C 391 21.47 -15.10 16.19
CA THR C 391 19.99 -15.26 16.14
C THR C 391 19.34 -14.55 17.31
N LYS C 392 19.93 -14.70 18.49
CA LYS C 392 19.40 -14.00 19.68
C LYS C 392 19.41 -12.51 19.40
N CYS C 393 20.34 -12.07 18.57
CA CYS C 393 20.48 -10.63 18.27
C CYS C 393 19.40 -10.17 17.29
N THR C 394 19.30 -10.81 16.13
CA THR C 394 18.31 -10.37 15.12
C THR C 394 16.89 -10.54 15.64
N LEU C 395 16.63 -11.62 16.35
CA LEU C 395 15.28 -11.81 16.93
C LEU C 395 15.00 -10.79 18.03
N LYS C 396 16.02 -10.08 18.50
CA LYS C 396 15.84 -9.11 19.60
C LYS C 396 15.23 -9.81 20.81
N SER C 397 15.70 -11.02 21.09
CA SER C 397 15.18 -11.73 22.27
C SER C 397 16.25 -12.69 22.77
N PHE C 398 16.12 -13.11 24.02
CA PHE C 398 17.13 -13.98 24.66
C PHE C 398 16.70 -15.44 24.68
N THR C 399 15.50 -15.73 24.18
CA THR C 399 15.00 -17.11 24.08
C THR C 399 14.64 -17.35 22.63
N VAL C 400 15.12 -18.45 22.08
CA VAL C 400 14.88 -18.76 20.66
C VAL C 400 14.13 -20.08 20.58
N GLU C 401 13.03 -20.07 19.83
CA GLU C 401 12.24 -21.30 19.66
C GLU C 401 12.85 -22.17 18.57
N LYS C 402 12.47 -23.44 18.59
CA LYS C 402 12.99 -24.36 17.57
C LYS C 402 12.66 -23.85 16.17
N GLY C 403 13.63 -23.89 15.28
CA GLY C 403 13.35 -23.49 13.91
C GLY C 403 14.59 -23.07 13.16
N ILE C 404 14.37 -22.43 12.02
CA ILE C 404 15.49 -21.94 11.19
C ILE C 404 15.28 -20.46 10.99
N TYR C 405 16.37 -19.70 11.10
CA TYR C 405 16.30 -18.24 10.88
C TYR C 405 17.44 -17.79 9.97
N GLN C 406 17.18 -16.75 9.20
CA GLN C 406 18.24 -16.15 8.36
C GLN C 406 18.75 -14.93 9.09
N THR C 407 20.06 -14.91 9.35
CA THR C 407 20.59 -13.85 10.23
C THR C 407 21.58 -12.91 9.58
N SER C 408 22.17 -13.30 8.46
CA SER C 408 23.24 -12.45 7.92
C SER C 408 23.32 -12.61 6.41
N ASN C 409 24.41 -12.09 5.85
CA ASN C 409 24.68 -12.22 4.42
C ASN C 409 26.20 -12.27 4.27
N PHE C 410 26.65 -12.79 3.16
CA PHE C 410 28.10 -12.77 2.86
C PHE C 410 28.32 -12.42 1.41
N ARG C 411 29.46 -11.79 1.15
CA ARG C 411 29.83 -11.43 -0.23
C ARG C 411 31.34 -11.60 -0.30
N VAL C 412 31.80 -12.60 -1.05
CA VAL C 412 33.24 -12.94 -0.99
C VAL C 412 34.10 -11.78 -1.46
N GLN C 413 35.04 -11.38 -0.61
CA GLN C 413 35.92 -10.23 -0.92
C GLN C 413 36.92 -10.68 -1.97
N PRO C 414 37.15 -9.88 -3.02
CA PRO C 414 38.05 -10.29 -4.07
C PRO C 414 39.47 -10.50 -3.54
N THR C 415 40.13 -11.54 -4.01
CA THR C 415 41.46 -11.88 -3.48
C THR C 415 42.53 -10.90 -3.94
N GLU C 416 42.28 -10.24 -5.06
CA GLU C 416 43.26 -9.26 -5.58
C GLU C 416 42.56 -8.36 -6.58
N SER C 417 43.35 -7.55 -7.28
CA SER C 417 42.80 -6.67 -8.34
C SER C 417 43.58 -6.93 -9.64
N ILE C 418 42.98 -6.49 -10.74
CA ILE C 418 43.62 -6.64 -12.07
C ILE C 418 43.37 -5.38 -12.87
N VAL C 419 44.39 -4.94 -13.61
CA VAL C 419 44.19 -3.82 -14.56
C VAL C 419 44.77 -4.25 -15.91
N ARG C 420 43.93 -4.19 -16.94
CA ARG C 420 44.40 -4.57 -18.29
C ARG C 420 44.04 -3.45 -19.26
N PHE C 421 44.98 -3.14 -20.15
CA PHE C 421 44.83 -1.96 -21.03
C PHE C 421 45.27 -2.36 -22.42
N PRO C 422 45.00 -1.54 -23.43
CA PRO C 422 45.46 -1.85 -24.78
C PRO C 422 46.98 -1.76 -24.89
N ASN C 423 47.51 -2.38 -25.94
CA ASN C 423 48.98 -2.36 -26.17
C ASN C 423 49.45 -0.95 -26.51
N ILE C 424 50.58 -0.55 -25.94
CA ILE C 424 51.17 0.76 -26.35
C ILE C 424 52.57 0.55 -26.95
N ASN C 628 38.34 -17.83 -12.99
CA ASN C 628 38.64 -18.91 -12.04
C ASN C 628 38.93 -18.28 -10.68
N LYS C 629 39.32 -17.01 -10.69
CA LYS C 629 39.73 -16.35 -9.43
C LYS C 629 38.80 -15.17 -9.15
N CYS C 630 38.32 -15.08 -7.91
CA CYS C 630 37.40 -13.99 -7.53
C CYS C 630 38.24 -12.72 -7.40
N VAL C 631 38.26 -11.93 -8.47
CA VAL C 631 39.18 -10.77 -8.52
C VAL C 631 38.46 -9.52 -8.96
N ASN C 632 38.75 -8.42 -8.28
CA ASN C 632 38.28 -7.11 -8.80
C ASN C 632 39.08 -6.84 -10.08
N PHE C 633 38.37 -6.47 -11.13
CA PHE C 633 39.07 -6.37 -12.42
C PHE C 633 38.78 -5.03 -13.07
N ASN C 634 39.83 -4.48 -13.68
CA ASN C 634 39.70 -3.23 -14.44
C ASN C 634 40.20 -3.51 -15.85
N PHE C 635 39.27 -3.67 -16.77
CA PHE C 635 39.62 -3.87 -18.18
C PHE C 635 39.88 -2.50 -18.83
N ASN C 636 39.78 -2.41 -20.14
CA ASN C 636 40.10 -1.15 -20.84
C ASN C 636 39.50 0.05 -20.11
N GLY C 637 38.22 0.01 -19.78
CA GLY C 637 37.62 1.12 -19.01
C GLY C 637 36.57 0.61 -18.05
N LEU C 638 36.77 -0.60 -17.53
CA LEU C 638 35.68 -1.25 -16.77
C LEU C 638 35.98 -1.39 -15.28
N THR C 639 34.93 -1.51 -14.49
CA THR C 639 35.08 -1.89 -13.08
C THR C 639 34.07 -3.01 -12.85
N GLY C 640 34.50 -4.06 -12.20
CA GLY C 640 33.58 -5.18 -11.94
C GLY C 640 34.19 -6.20 -11.02
N THR C 641 33.31 -6.95 -10.36
CA THR C 641 33.75 -7.97 -9.39
C THR C 641 33.09 -9.29 -9.73
N GLY C 642 33.88 -10.34 -9.72
CA GLY C 642 33.35 -11.66 -10.10
C GLY C 642 34.49 -12.62 -10.34
N VAL C 643 34.18 -13.73 -11.02
CA VAL C 643 35.21 -14.74 -11.35
C VAL C 643 35.31 -14.80 -12.87
N LEU C 644 36.51 -14.60 -13.39
CA LEU C 644 36.70 -14.54 -14.85
C LEU C 644 37.19 -15.89 -15.36
N THR C 645 36.37 -16.52 -16.19
CA THR C 645 36.72 -17.84 -16.74
C THR C 645 36.80 -17.77 -18.26
N GLU C 646 37.50 -18.73 -18.85
CA GLU C 646 37.56 -18.78 -20.32
C GLU C 646 36.15 -18.97 -20.87
N SER C 647 35.84 -18.24 -21.93
CA SER C 647 34.46 -18.27 -22.48
C SER C 647 34.43 -19.03 -23.80
N ASN C 648 33.22 -19.45 -24.17
CA ASN C 648 33.03 -20.21 -25.43
C ASN C 648 32.16 -19.45 -26.42
N LYS C 649 31.70 -18.26 -26.06
CA LYS C 649 30.78 -17.52 -26.96
C LYS C 649 31.58 -16.87 -28.08
N LYS C 650 30.87 -16.16 -28.95
CA LYS C 650 31.51 -15.53 -30.12
C LYS C 650 31.07 -14.06 -30.19
N PHE C 651 31.85 -13.17 -29.57
CA PHE C 651 31.50 -11.74 -29.71
C PHE C 651 31.64 -11.30 -31.15
N LEU C 652 30.89 -10.29 -31.51
CA LEU C 652 31.22 -9.73 -32.82
C LEU C 652 32.56 -9.04 -32.68
N PRO C 653 33.51 -9.28 -33.61
CA PRO C 653 34.88 -8.83 -33.41
C PRO C 653 35.02 -7.36 -33.02
N PHE C 654 34.07 -6.52 -33.40
CA PHE C 654 34.12 -5.12 -32.96
C PHE C 654 33.56 -4.95 -31.55
N GLN C 655 32.64 -5.82 -31.16
CA GLN C 655 32.00 -5.67 -29.83
C GLN C 655 33.01 -5.92 -28.71
N GLN C 656 32.79 -5.26 -27.59
CA GLN C 656 33.71 -5.39 -26.44
C GLN C 656 33.00 -5.82 -25.15
N PHE C 657 31.78 -5.37 -24.93
CA PHE C 657 31.07 -5.70 -23.68
C PHE C 657 30.24 -6.96 -23.83
N GLY C 658 29.62 -7.36 -22.74
CA GLY C 658 28.62 -8.44 -22.76
C GLY C 658 27.55 -8.12 -21.76
N ARG C 659 26.29 -8.32 -22.15
CA ARG C 659 25.18 -7.95 -21.25
C ARG C 659 24.13 -9.03 -21.26
N ASP C 660 23.50 -9.21 -20.10
CA ASP C 660 22.42 -10.21 -19.97
C ASP C 660 21.07 -9.55 -20.23
N ILE C 661 20.00 -10.28 -19.90
CA ILE C 661 18.63 -9.74 -20.12
C ILE C 661 18.45 -8.47 -19.28
N ALA C 662 18.93 -8.48 -18.04
CA ALA C 662 18.68 -7.34 -17.12
C ALA C 662 19.71 -6.24 -17.35
N ASP C 663 20.41 -6.26 -18.48
CA ASP C 663 21.44 -5.24 -18.78
C ASP C 663 22.51 -5.24 -17.70
N THR C 664 22.97 -6.42 -17.31
CA THR C 664 24.08 -6.54 -16.35
C THR C 664 25.30 -7.07 -17.11
N THR C 665 26.45 -6.46 -16.85
CA THR C 665 27.68 -6.86 -17.56
C THR C 665 28.07 -8.29 -17.18
N ASP C 666 28.30 -9.14 -18.18
CA ASP C 666 28.59 -10.55 -17.89
C ASP C 666 29.70 -11.13 -18.77
N ALA C 667 30.27 -10.37 -19.69
CA ALA C 667 31.29 -10.95 -20.58
C ALA C 667 32.10 -9.82 -21.22
N VAL C 668 33.42 -9.96 -21.21
CA VAL C 668 34.29 -8.86 -21.67
C VAL C 668 35.49 -9.44 -22.40
N ARG C 669 35.98 -8.73 -23.40
CA ARG C 669 37.22 -9.12 -24.10
C ARG C 669 38.43 -8.62 -23.30
N ASP C 670 39.46 -9.46 -23.23
CA ASP C 670 40.72 -9.08 -22.59
C ASP C 670 41.34 -7.96 -23.44
N PRO C 671 41.85 -6.88 -22.83
CA PRO C 671 42.51 -5.86 -23.65
C PRO C 671 43.75 -6.34 -24.43
N GLN C 672 44.75 -6.88 -23.76
CA GLN C 672 46.00 -7.19 -24.47
C GLN C 672 45.87 -8.46 -25.30
N THR C 673 45.18 -9.46 -24.76
CA THR C 673 45.14 -10.78 -25.43
C THR C 673 43.85 -10.99 -26.22
N LEU C 674 42.93 -10.03 -26.20
CA LEU C 674 41.66 -10.11 -26.99
C LEU C 674 40.91 -11.39 -26.62
N GLU C 675 41.06 -11.81 -25.38
CA GLU C 675 40.42 -13.04 -24.91
C GLU C 675 39.09 -12.67 -24.25
N ILE C 676 38.03 -13.33 -24.69
CA ILE C 676 36.68 -13.04 -24.15
C ILE C 676 36.48 -13.95 -22.94
N LEU C 677 36.14 -13.33 -21.81
CA LEU C 677 35.97 -14.07 -20.56
C LEU C 677 34.57 -13.86 -20.01
N ASP C 678 33.96 -14.94 -19.54
CA ASP C 678 32.66 -14.82 -18.86
C ASP C 678 32.82 -14.13 -17.52
N ILE C 679 31.74 -13.49 -17.07
CA ILE C 679 31.75 -12.85 -15.72
C ILE C 679 30.61 -13.44 -14.91
N THR C 680 30.96 -14.16 -13.86
CA THR C 680 29.95 -14.75 -12.95
C THR C 680 30.19 -14.13 -11.57
N PRO C 681 29.19 -13.46 -10.96
CA PRO C 681 29.47 -12.67 -9.78
C PRO C 681 30.05 -13.48 -8.64
N CYS C 682 30.94 -12.84 -7.89
CA CYS C 682 31.63 -13.53 -6.81
C CYS C 682 30.59 -14.02 -5.80
N SER C 683 30.86 -15.17 -5.20
CA SER C 683 29.83 -15.87 -4.40
C SER C 683 29.20 -14.99 -3.34
N PHE C 684 27.88 -15.07 -3.26
CA PHE C 684 27.14 -14.33 -2.22
C PHE C 684 25.86 -15.09 -1.93
N GLY C 685 25.30 -14.84 -0.76
CA GLY C 685 24.05 -15.50 -0.42
C GLY C 685 23.72 -15.31 1.04
N GLY C 686 22.58 -15.84 1.44
CA GLY C 686 22.16 -15.72 2.82
C GLY C 686 22.85 -16.70 3.75
N VAL C 687 22.66 -16.52 5.04
CA VAL C 687 23.21 -17.43 6.06
C VAL C 687 22.08 -17.76 7.01
N SER C 688 21.72 -19.03 7.05
CA SER C 688 20.56 -19.46 7.88
C SER C 688 21.04 -20.34 9.00
N VAL C 689 20.68 -19.97 10.22
CA VAL C 689 21.14 -20.71 11.41
C VAL C 689 20.04 -21.66 11.86
N ILE C 690 20.32 -22.94 11.78
CA ILE C 690 19.35 -23.98 12.17
C ILE C 690 19.58 -24.28 13.64
N THR C 691 18.54 -24.07 14.43
CA THR C 691 18.70 -24.27 15.88
C THR C 691 17.51 -24.96 16.48
N PRO C 692 17.72 -25.78 17.51
CA PRO C 692 16.60 -26.23 18.31
C PRO C 692 16.28 -25.06 19.26
N GLY C 693 15.37 -25.28 20.18
CA GLY C 693 15.10 -24.23 21.16
C GLY C 693 16.22 -24.05 22.16
N THR C 694 16.43 -22.81 22.59
CA THR C 694 17.38 -22.57 23.69
C THR C 694 16.84 -23.22 24.97
N ASN C 695 15.55 -23.52 25.02
CA ASN C 695 15.02 -24.27 26.17
C ASN C 695 15.49 -25.72 26.10
N THR C 696 16.10 -26.11 24.98
CA THR C 696 16.52 -27.52 24.80
C THR C 696 18.04 -27.63 24.78
N SER C 697 18.71 -26.88 23.92
CA SER C 697 20.16 -26.99 23.78
C SER C 697 20.72 -25.62 23.48
N ASN C 698 22.00 -25.58 23.10
CA ASN C 698 22.63 -24.32 22.66
C ASN C 698 23.42 -24.53 21.38
N GLN C 699 23.33 -25.74 20.82
CA GLN C 699 24.01 -26.01 19.55
C GLN C 699 23.22 -25.42 18.40
N VAL C 700 23.88 -25.25 17.28
CA VAL C 700 23.20 -24.74 16.07
C VAL C 700 23.81 -25.43 14.87
N ALA C 701 23.14 -25.28 13.74
CA ALA C 701 23.72 -25.70 12.45
C ALA C 701 23.54 -24.53 11.51
N VAL C 702 24.56 -24.28 10.71
CA VAL C 702 24.53 -23.10 9.85
C VAL C 702 24.38 -23.52 8.41
N LEU C 703 23.47 -22.87 7.71
CA LEU C 703 23.22 -23.17 6.28
C LEU C 703 23.65 -21.98 5.42
N TYR C 704 24.42 -22.27 4.39
CA TYR C 704 24.84 -21.22 3.45
C TYR C 704 24.14 -21.43 2.13
N GLN C 705 23.16 -20.58 1.84
CA GLN C 705 22.35 -20.76 0.63
C GLN C 705 23.16 -20.67 -0.64
N ASP C 706 22.95 -21.61 -1.55
CA ASP C 706 23.45 -21.51 -2.93
C ASP C 706 24.95 -21.33 -3.02
N VAL C 707 25.69 -22.12 -2.27
CA VAL C 707 27.17 -22.09 -2.40
C VAL C 707 27.72 -23.50 -2.51
N ASN C 708 28.66 -23.67 -3.43
CA ASN C 708 29.37 -24.96 -3.50
C ASN C 708 30.16 -25.04 -2.20
N CYS C 709 30.21 -26.24 -1.61
CA CYS C 709 30.86 -26.37 -0.29
C CYS C 709 32.35 -26.07 -0.40
N THR C 710 32.90 -26.10 -1.61
CA THR C 710 34.35 -25.85 -1.77
C THR C 710 34.71 -24.41 -1.39
N GLU C 711 33.73 -23.51 -1.41
CA GLU C 711 34.05 -22.07 -1.27
C GLU C 711 33.51 -21.44 0.01
N VAL C 712 33.19 -22.25 1.03
CA VAL C 712 32.54 -21.66 2.22
C VAL C 712 33.50 -20.88 3.13
N PRO C 713 34.63 -21.45 3.61
CA PRO C 713 35.47 -20.71 4.55
C PRO C 713 36.01 -19.41 3.95
N VAL C 714 36.17 -19.39 2.63
CA VAL C 714 36.56 -18.12 1.96
C VAL C 714 35.40 -17.13 2.04
N ALA C 715 34.17 -17.61 1.83
CA ALA C 715 32.99 -16.72 1.88
C ALA C 715 32.77 -16.13 3.27
N ILE C 716 32.87 -16.96 4.30
CA ILE C 716 32.57 -16.48 5.68
C ILE C 716 33.71 -15.62 6.21
N HIS C 717 34.86 -15.59 5.52
CA HIS C 717 36.06 -14.93 6.09
C HIS C 717 36.38 -15.53 7.46
N ALA C 718 36.73 -16.82 7.45
CA ALA C 718 36.92 -17.50 8.75
C ALA C 718 37.99 -16.80 9.58
N ASP C 719 39.10 -16.42 8.97
CA ASP C 719 40.19 -15.80 9.75
C ASP C 719 39.76 -14.46 10.32
N GLN C 720 38.70 -13.87 9.77
CA GLN C 720 38.24 -12.56 10.27
C GLN C 720 37.37 -12.70 11.52
N LEU C 721 36.46 -13.68 11.53
CA LEU C 721 35.49 -13.74 12.65
C LEU C 721 36.08 -14.40 13.89
N THR C 722 35.23 -14.55 14.90
CA THR C 722 35.68 -15.09 16.20
C THR C 722 36.04 -16.56 16.09
N PRO C 723 36.94 -17.05 16.97
CA PRO C 723 37.33 -18.45 16.92
C PRO C 723 36.19 -19.43 17.21
N THR C 724 35.12 -18.97 17.86
CA THR C 724 33.95 -19.87 18.03
C THR C 724 33.19 -19.98 16.71
N TRP C 725 33.23 -18.94 15.89
CA TRP C 725 32.64 -19.05 14.54
C TRP C 725 33.48 -19.97 13.66
N ARG C 726 34.68 -20.35 14.10
CA ARG C 726 35.51 -21.27 13.31
C ARG C 726 34.80 -22.59 13.07
N VAL C 727 34.18 -23.15 14.11
CA VAL C 727 33.59 -24.51 13.98
C VAL C 727 32.50 -24.49 12.91
N TYR C 728 31.75 -23.40 12.85
CA TYR C 728 30.65 -23.29 11.86
C TYR C 728 31.15 -22.63 10.56
N SER C 729 32.44 -22.78 10.26
CA SER C 729 33.01 -22.26 9.00
C SER C 729 33.57 -23.37 8.11
N THR C 730 33.94 -24.51 8.69
CA THR C 730 34.49 -25.64 7.92
C THR C 730 34.49 -26.86 8.81
N GLY C 731 35.07 -27.94 8.31
CA GLY C 731 35.25 -29.13 9.15
C GLY C 731 34.79 -30.38 8.46
N SER C 732 34.66 -31.46 9.22
CA SER C 732 34.12 -32.73 8.67
C SER C 732 32.62 -32.61 8.37
N ASN C 733 31.86 -31.94 9.24
CA ASN C 733 30.40 -31.85 9.03
C ASN C 733 30.13 -30.84 7.93
N VAL C 734 30.38 -31.25 6.70
CA VAL C 734 30.08 -30.39 5.54
C VAL C 734 29.20 -31.20 4.61
N PHE C 735 27.88 -31.02 4.73
CA PHE C 735 26.92 -31.74 3.89
C PHE C 735 26.38 -30.78 2.85
N GLN C 736 26.43 -31.19 1.59
CA GLN C 736 26.01 -30.31 0.49
C GLN C 736 24.62 -30.74 0.02
N THR C 737 23.70 -29.80 0.01
CA THR C 737 22.34 -30.05 -0.49
C THR C 737 22.08 -29.17 -1.70
N ARG C 738 20.87 -29.23 -2.22
CA ARG C 738 20.51 -28.30 -3.30
C ARG C 738 20.14 -26.94 -2.74
N ALA C 739 19.89 -26.86 -1.43
CA ALA C 739 19.60 -25.55 -0.81
C ALA C 739 20.88 -24.78 -0.55
N GLY C 740 22.02 -25.43 -0.69
CA GLY C 740 23.31 -24.78 -0.45
C GLY C 740 24.27 -25.72 0.25
N CYS C 741 25.13 -25.14 1.07
CA CYS C 741 26.09 -25.93 1.86
C CYS C 741 25.72 -25.81 3.33
N LEU C 742 25.51 -26.95 3.96
CA LEU C 742 25.12 -26.98 5.39
C LEU C 742 26.34 -27.38 6.20
N ILE C 743 26.58 -26.65 7.28
CA ILE C 743 27.75 -26.91 8.14
C ILE C 743 27.28 -27.02 9.58
N GLY C 744 27.83 -27.98 10.30
CA GLY C 744 27.47 -28.14 11.71
C GLY C 744 26.34 -29.11 11.96
N ALA C 745 25.96 -29.87 10.94
CA ALA C 745 24.94 -30.94 11.13
C ALA C 745 25.47 -32.26 10.57
N GLU C 746 24.93 -33.37 11.06
CA GLU C 746 25.42 -34.70 10.63
C GLU C 746 24.44 -35.33 9.65
N HIS C 747 24.94 -35.68 8.46
CA HIS C 747 24.07 -36.27 7.43
C HIS C 747 23.81 -37.73 7.73
N VAL C 748 22.55 -38.06 7.99
CA VAL C 748 22.17 -39.47 8.19
C VAL C 748 21.38 -39.92 6.98
N ASN C 749 21.39 -41.23 6.74
CA ASN C 749 20.60 -41.83 5.64
C ASN C 749 19.47 -42.57 6.33
N ASN C 750 18.39 -41.86 6.60
CA ASN C 750 17.24 -42.41 7.34
C ASN C 750 16.06 -41.51 6.96
N SER C 751 14.95 -41.69 7.67
CA SER C 751 13.77 -40.90 7.30
C SER C 751 12.86 -40.73 8.51
N TYR C 752 12.52 -39.49 8.81
CA TYR C 752 11.54 -39.21 9.88
C TYR C 752 10.58 -38.15 9.34
N GLU C 753 9.74 -37.65 10.22
CA GLU C 753 8.92 -36.50 9.82
C GLU C 753 9.82 -35.28 9.70
N CYS C 754 9.42 -34.33 8.87
CA CYS C 754 10.17 -33.05 8.82
C CYS C 754 10.04 -32.35 10.16
N ASP C 755 11.16 -31.80 10.65
CA ASP C 755 11.14 -31.09 11.96
C ASP C 755 11.59 -29.64 11.78
N ILE C 756 12.64 -29.44 11.00
CA ILE C 756 13.11 -28.07 10.68
C ILE C 756 13.41 -28.11 9.20
N PRO C 757 12.53 -27.58 8.33
CA PRO C 757 12.75 -27.69 6.91
C PRO C 757 14.02 -26.95 6.48
N ILE C 758 14.64 -27.45 5.44
CA ILE C 758 15.87 -26.82 4.90
C ILE C 758 15.68 -26.44 3.44
N GLY C 759 15.15 -27.36 2.65
CA GLY C 759 14.98 -27.09 1.21
C GLY C 759 15.39 -28.28 0.37
N ALA C 760 14.72 -28.48 -0.75
CA ALA C 760 14.97 -29.61 -1.64
C ALA C 760 14.79 -30.93 -0.91
N GLY C 761 13.90 -30.95 0.07
CA GLY C 761 13.56 -32.20 0.76
C GLY C 761 14.41 -32.55 1.95
N ILE C 762 15.23 -31.62 2.44
CA ILE C 762 16.08 -31.87 3.62
C ILE C 762 15.41 -31.33 4.87
N CYS C 763 15.39 -32.13 5.92
CA CYS C 763 14.82 -31.70 7.20
C CYS C 763 15.76 -32.11 8.33
N ALA C 764 15.91 -31.23 9.31
CA ALA C 764 16.89 -31.45 10.39
C ALA C 764 16.20 -31.45 11.74
N SER C 765 16.83 -32.09 12.69
CA SER C 765 16.28 -32.12 14.07
C SER C 765 17.38 -32.45 15.07
N TYR C 766 17.00 -32.41 16.35
CA TYR C 766 17.96 -32.64 17.45
C TYR C 766 17.72 -34.01 18.04
N GLN C 767 18.49 -34.99 17.57
CA GLN C 767 18.33 -36.38 18.04
C GLN C 767 19.70 -37.00 18.22
N THR C 768 19.73 -38.26 18.63
CA THR C 768 21.01 -38.98 18.82
C THR C 768 21.09 -40.13 17.82
N GLN C 782 24.60 -36.68 21.14
CA GLN C 782 23.49 -35.93 20.51
C GLN C 782 24.03 -34.80 19.63
N SER C 783 23.31 -34.51 18.56
CA SER C 783 23.74 -33.47 17.62
C SER C 783 22.57 -33.12 16.73
N ILE C 784 22.82 -32.28 15.73
CA ILE C 784 21.78 -31.92 14.74
C ILE C 784 21.97 -32.82 13.53
N ILE C 785 20.94 -33.61 13.24
CA ILE C 785 20.99 -34.54 12.10
C ILE C 785 20.27 -33.92 10.91
N ALA C 786 20.79 -34.14 9.72
CA ALA C 786 20.15 -33.66 8.48
C ALA C 786 19.85 -34.87 7.61
N TYR C 787 18.58 -35.07 7.29
CA TYR C 787 18.15 -36.22 6.49
C TYR C 787 17.24 -35.78 5.37
N THR C 788 16.81 -36.77 4.58
CA THR C 788 15.81 -36.51 3.52
C THR C 788 14.44 -36.89 4.09
N MET C 789 13.48 -36.01 3.92
CA MET C 789 12.19 -36.19 4.59
C MET C 789 11.41 -37.38 4.07
N SER C 790 10.51 -37.89 4.93
CA SER C 790 9.72 -39.08 4.61
C SER C 790 8.26 -38.68 4.43
N LEU C 791 7.60 -39.30 3.45
CA LEU C 791 6.21 -38.95 3.13
C LEU C 791 5.25 -39.96 3.76
N GLY C 792 5.71 -40.65 4.80
CA GLY C 792 4.83 -41.60 5.48
C GLY C 792 5.20 -43.03 5.21
N ALA C 793 4.59 -43.93 5.95
CA ALA C 793 4.90 -45.36 5.77
C ALA C 793 4.40 -45.86 4.43
N GLU C 794 5.26 -46.54 3.70
CA GLU C 794 4.83 -47.17 2.43
C GLU C 794 3.83 -48.28 2.74
N ASN C 795 2.89 -48.47 1.84
CA ASN C 795 1.79 -49.41 2.12
C ASN C 795 1.30 -50.00 0.81
N SER C 796 0.67 -51.16 0.92
CA SER C 796 0.04 -51.80 -0.25
C SER C 796 -1.16 -52.58 0.27
N VAL C 797 -2.33 -52.36 -0.31
CA VAL C 797 -3.54 -53.03 0.20
C VAL C 797 -3.81 -54.26 -0.67
N ALA C 798 -4.32 -55.32 -0.06
CA ALA C 798 -4.47 -56.59 -0.78
C ALA C 798 -5.63 -56.48 -1.75
N TYR C 799 -5.34 -55.91 -2.91
CA TYR C 799 -6.40 -55.73 -3.91
C TYR C 799 -6.58 -56.98 -4.74
N SER C 800 -7.84 -57.34 -4.97
CA SER C 800 -8.16 -58.53 -5.78
C SER C 800 -9.47 -58.27 -6.50
N ASN C 801 -9.72 -59.03 -7.54
CA ASN C 801 -10.95 -58.88 -8.32
C ASN C 801 -12.17 -59.48 -7.62
N ASN C 802 -11.98 -60.17 -6.50
CA ASN C 802 -13.12 -60.79 -5.80
C ASN C 802 -12.96 -60.64 -4.29
N SER C 803 -12.22 -59.64 -3.85
CA SER C 803 -11.94 -59.48 -2.41
C SER C 803 -12.36 -58.10 -1.93
N ILE C 804 -13.09 -58.05 -0.82
CA ILE C 804 -13.45 -56.76 -0.18
C ILE C 804 -13.09 -56.83 1.30
N ALA C 805 -12.82 -55.66 1.86
CA ALA C 805 -12.54 -55.56 3.30
C ALA C 805 -13.71 -54.83 3.94
N ILE C 806 -14.27 -55.42 4.98
CA ILE C 806 -15.43 -54.80 5.65
C ILE C 806 -15.10 -54.72 7.14
N PRO C 807 -15.17 -53.52 7.75
CA PRO C 807 -14.94 -53.43 9.17
C PRO C 807 -15.99 -54.13 10.01
N THR C 808 -15.58 -54.56 11.19
CA THR C 808 -16.51 -55.20 12.14
C THR C 808 -16.65 -54.39 13.42
N ASN C 809 -15.89 -53.31 13.57
CA ASN C 809 -15.95 -52.49 14.78
C ASN C 809 -15.66 -51.05 14.38
N PHE C 810 -15.87 -50.14 15.31
CA PHE C 810 -15.72 -48.72 14.99
C PHE C 810 -15.29 -47.94 16.22
N THR C 811 -14.44 -46.96 16.01
CA THR C 811 -14.00 -46.07 17.10
C THR C 811 -14.50 -44.67 16.83
N ILE C 812 -15.07 -44.05 17.85
CA ILE C 812 -15.54 -42.66 17.76
C ILE C 812 -14.32 -41.77 17.97
N SER C 813 -14.02 -40.93 16.99
CA SER C 813 -12.82 -40.07 17.06
C SER C 813 -13.24 -38.62 17.08
N VAL C 814 -12.75 -37.89 18.08
CA VAL C 814 -13.02 -36.43 18.20
C VAL C 814 -11.78 -35.68 17.83
N THR C 815 -11.83 -34.95 16.72
CA THR C 815 -10.71 -34.11 16.34
C THR C 815 -10.92 -32.72 16.92
N THR C 816 -10.11 -31.78 16.46
CA THR C 816 -10.17 -30.40 16.95
C THR C 816 -9.55 -29.49 15.91
N GLU C 817 -10.32 -28.53 15.41
CA GLU C 817 -9.80 -27.56 14.45
C GLU C 817 -9.84 -26.18 15.07
N ILE C 818 -8.76 -25.43 14.88
CA ILE C 818 -8.65 -24.08 15.46
C ILE C 818 -8.72 -23.09 14.31
N LEU C 819 -9.65 -22.15 14.43
CA LEU C 819 -9.82 -21.15 13.37
C LEU C 819 -9.78 -19.76 13.96
N PRO C 820 -8.92 -18.86 13.47
CA PRO C 820 -8.96 -17.48 13.91
C PRO C 820 -10.14 -16.74 13.30
N VAL C 821 -10.86 -16.00 14.14
CA VAL C 821 -12.10 -15.31 13.71
C VAL C 821 -11.89 -13.81 13.62
N SER C 822 -11.32 -13.21 14.66
CA SER C 822 -11.12 -11.74 14.68
C SER C 822 -9.71 -11.41 15.12
N MET C 823 -9.29 -10.19 14.85
CA MET C 823 -7.99 -9.70 15.32
C MET C 823 -8.18 -8.39 16.06
N THR C 824 -7.11 -7.88 16.65
CA THR C 824 -7.21 -6.70 17.52
C THR C 824 -7.64 -5.47 16.73
N LYS C 825 -8.57 -4.71 17.30
CA LYS C 825 -9.10 -3.51 16.62
C LYS C 825 -8.25 -2.31 17.05
N THR C 826 -7.29 -1.95 16.21
CA THR C 826 -6.37 -0.86 16.59
C THR C 826 -6.56 0.35 15.69
N SER C 827 -6.58 1.52 16.31
CA SER C 827 -6.65 2.77 15.54
C SER C 827 -5.48 3.65 15.95
N VAL C 828 -4.76 4.16 14.96
CA VAL C 828 -3.62 5.06 15.21
C VAL C 828 -3.96 6.39 14.56
N ASP C 829 -4.09 7.43 15.38
CA ASP C 829 -4.40 8.77 14.85
C ASP C 829 -3.20 9.24 14.03
N CYS C 830 -3.44 9.57 12.77
CA CYS C 830 -2.33 9.93 11.88
C CYS C 830 -1.65 11.21 12.37
N THR C 831 -2.42 12.20 12.76
CA THR C 831 -1.82 13.49 13.16
C THR C 831 -1.00 13.34 14.44
N MET C 832 -1.58 12.70 15.46
CA MET C 832 -0.87 12.61 16.74
C MET C 832 0.37 11.72 16.59
N TYR C 833 0.40 10.91 15.55
CA TYR C 833 1.59 10.06 15.31
C TYR C 833 2.65 10.83 14.56
N ILE C 834 2.31 11.38 13.40
CA ILE C 834 3.34 12.05 12.59
C ILE C 834 3.86 13.30 13.27
N CYS C 835 2.97 14.09 13.87
CA CYS C 835 3.38 15.42 14.36
C CYS C 835 3.15 15.62 15.85
N GLY C 836 2.60 14.62 16.55
CA GLY C 836 2.47 14.78 18.00
C GLY C 836 1.62 15.97 18.35
N ASP C 837 2.21 16.93 19.05
CA ASP C 837 1.48 18.16 19.43
C ASP C 837 2.00 19.39 18.70
N SER C 838 3.00 19.22 17.85
CA SER C 838 3.59 20.38 17.16
C SER C 838 2.53 21.05 16.30
N THR C 839 2.71 22.34 16.06
CA THR C 839 1.77 23.08 15.19
C THR C 839 2.38 23.36 13.82
N GLU C 840 3.69 23.60 13.75
CA GLU C 840 4.34 23.76 12.44
C GLU C 840 4.28 22.43 11.69
N CYS C 841 4.50 21.34 12.41
CA CYS C 841 4.39 20.02 11.76
C CYS C 841 2.96 19.80 11.29
N SER C 842 1.97 20.20 12.09
CA SER C 842 0.56 20.02 11.70
C SER C 842 0.27 20.81 10.42
N ASN C 843 0.72 22.06 10.34
CA ASN C 843 0.47 22.86 9.14
C ASN C 843 1.19 22.25 7.93
N LEU C 844 2.41 21.77 8.13
CA LEU C 844 3.14 21.13 7.01
C LEU C 844 2.40 19.86 6.58
N LEU C 845 1.90 19.10 7.54
CA LEU C 845 1.14 17.88 7.21
C LEU C 845 -0.13 18.22 6.42
N LEU C 846 -0.77 19.33 6.75
CA LEU C 846 -2.01 19.67 6.03
C LEU C 846 -1.73 19.93 4.55
N GLN C 847 -0.48 20.14 4.19
CA GLN C 847 -0.14 20.41 2.77
C GLN C 847 0.11 19.13 1.99
N TYR C 848 -0.02 17.98 2.64
CA TYR C 848 0.13 16.68 1.94
C TYR C 848 -1.23 16.06 1.64
N GLY C 849 -2.22 16.89 1.36
CA GLY C 849 -3.53 16.38 1.01
C GLY C 849 -4.21 15.68 2.15
N SER C 850 -4.87 14.56 1.85
CA SER C 850 -5.69 13.87 2.87
C SER C 850 -5.20 12.44 3.06
N PHE C 851 -3.88 12.24 3.11
CA PHE C 851 -3.35 10.89 3.39
C PHE C 851 -3.80 10.44 4.76
N CYS C 852 -3.75 11.34 5.74
CA CYS C 852 -4.10 10.93 7.11
C CYS C 852 -5.57 10.50 7.19
N THR C 853 -6.45 11.23 6.53
CA THR C 853 -7.87 10.81 6.55
C THR C 853 -8.02 9.43 5.90
N GLN C 854 -7.31 9.20 4.82
CA GLN C 854 -7.38 7.89 4.16
C GLN C 854 -6.95 6.79 5.13
N LEU C 855 -5.85 7.01 5.84
CA LEU C 855 -5.35 5.95 6.73
C LEU C 855 -6.31 5.72 7.90
N ASN C 856 -6.84 6.79 8.45
CA ASN C 856 -7.79 6.64 9.57
C ASN C 856 -9.01 5.87 9.09
N ARG C 857 -9.49 6.18 7.89
CA ARG C 857 -10.68 5.49 7.36
C ARG C 857 -10.37 4.01 7.13
N ALA C 858 -9.18 3.71 6.63
CA ALA C 858 -8.82 2.31 6.36
C ALA C 858 -8.80 1.52 7.66
N LEU C 859 -8.16 2.06 8.67
CA LEU C 859 -8.09 1.33 9.96
C LEU C 859 -9.47 1.22 10.57
N THR C 860 -10.31 2.23 10.39
CA THR C 860 -11.69 2.17 10.91
C THR C 860 -12.45 1.04 10.20
N GLY C 861 -12.26 0.91 8.90
CA GLY C 861 -12.92 -0.19 8.18
C GLY C 861 -12.47 -1.54 8.68
N ILE C 862 -11.18 -1.68 8.92
CA ILE C 862 -10.67 -2.96 9.48
C ILE C 862 -11.34 -3.20 10.83
N ALA C 863 -11.39 -2.19 11.69
CA ALA C 863 -11.89 -2.39 13.06
C ALA C 863 -13.37 -2.73 13.04
N VAL C 864 -14.11 -2.15 12.11
CA VAL C 864 -15.54 -2.49 12.03
C VAL C 864 -15.74 -3.88 11.43
N GLU C 865 -14.86 -4.29 10.53
CA GLU C 865 -14.93 -5.64 9.96
C GLU C 865 -14.70 -6.68 11.05
N GLN C 866 -13.85 -6.39 12.01
CA GLN C 866 -13.52 -7.39 13.05
C GLN C 866 -14.73 -7.69 13.93
N ASP C 867 -15.77 -6.87 13.87
CA ASP C 867 -17.00 -7.24 14.61
C ASP C 867 -17.99 -7.95 13.68
N LYS C 868 -17.96 -7.63 12.40
CA LYS C 868 -18.79 -8.36 11.43
C LYS C 868 -18.35 -9.83 11.41
N ASN C 869 -17.05 -10.08 11.49
CA ASN C 869 -16.55 -11.46 11.44
C ASN C 869 -17.09 -12.26 12.60
N THR C 870 -17.00 -11.72 13.80
CA THR C 870 -17.49 -12.45 14.99
C THR C 870 -19.00 -12.63 14.91
N GLN C 871 -19.70 -11.61 14.45
CA GLN C 871 -21.17 -11.69 14.39
C GLN C 871 -21.57 -12.80 13.41
N GLU C 872 -20.91 -12.86 12.27
CA GLU C 872 -21.24 -13.88 11.25
C GLU C 872 -20.91 -15.27 11.79
N VAL C 873 -19.78 -15.42 12.44
CA VAL C 873 -19.39 -16.76 12.93
C VAL C 873 -20.31 -17.24 14.03
N PHE C 874 -20.62 -16.39 14.99
CA PHE C 874 -21.32 -16.88 16.21
C PHE C 874 -22.81 -16.63 16.21
N ALA C 875 -23.27 -15.50 15.69
CA ALA C 875 -24.72 -15.19 15.71
C ALA C 875 -25.38 -15.93 14.56
N GLN C 876 -25.34 -17.25 14.63
CA GLN C 876 -25.95 -18.10 13.59
C GLN C 876 -27.36 -18.48 14.01
N VAL C 877 -27.77 -18.08 15.20
CA VAL C 877 -29.07 -18.57 15.73
C VAL C 877 -29.87 -17.37 16.23
N LYS C 878 -31.19 -17.45 16.07
CA LYS C 878 -32.05 -16.37 16.58
C LYS C 878 -32.19 -16.39 18.09
N GLN C 879 -32.48 -17.55 18.67
CA GLN C 879 -32.79 -17.62 20.12
C GLN C 879 -31.58 -18.05 20.92
N ILE C 880 -31.80 -18.29 22.21
CA ILE C 880 -30.75 -18.76 23.13
C ILE C 880 -31.34 -19.93 23.89
N TYR C 881 -30.99 -21.14 23.47
CA TYR C 881 -31.57 -22.35 24.09
C TYR C 881 -30.86 -22.69 25.38
N LYS C 882 -31.59 -23.38 26.25
CA LYS C 882 -31.01 -23.83 27.53
C LYS C 882 -31.25 -25.32 27.73
N THR C 883 -30.24 -26.00 28.23
CA THR C 883 -30.32 -27.45 28.43
C THR C 883 -31.22 -27.78 29.60
N PRO C 884 -31.72 -29.03 29.68
CA PRO C 884 -32.49 -29.43 30.85
C PRO C 884 -31.60 -29.50 32.08
N PRO C 885 -32.18 -29.37 33.30
CA PRO C 885 -31.35 -29.35 34.50
C PRO C 885 -30.52 -30.61 34.70
N ILE C 886 -31.08 -31.77 34.35
CA ILE C 886 -30.39 -33.05 34.64
C ILE C 886 -29.75 -33.57 33.37
N LYS C 887 -28.48 -33.93 33.47
CA LYS C 887 -27.72 -34.38 32.28
C LYS C 887 -27.91 -35.88 32.09
N ASP C 888 -29.14 -36.27 31.78
CA ASP C 888 -29.41 -37.69 31.46
C ASP C 888 -29.61 -37.76 29.96
N PHE C 889 -28.51 -37.91 29.23
CA PHE C 889 -28.56 -37.92 27.75
C PHE C 889 -28.32 -39.33 27.23
N GLY C 890 -28.65 -40.32 28.05
CA GLY C 890 -28.40 -41.71 27.63
C GLY C 890 -26.95 -42.13 27.77
N GLY C 891 -26.23 -41.58 28.72
CA GLY C 891 -24.85 -42.01 29.00
C GLY C 891 -23.80 -41.08 28.42
N PHE C 892 -24.20 -40.17 27.56
CA PHE C 892 -23.23 -39.21 27.00
C PHE C 892 -23.05 -38.05 27.96
N ASN C 893 -21.83 -37.89 28.46
CA ASN C 893 -21.55 -36.85 29.47
C ASN C 893 -20.95 -35.65 28.75
N PHE C 894 -21.77 -34.63 28.51
CA PHE C 894 -21.29 -33.40 27.84
C PHE C 894 -20.74 -32.41 28.87
N SER C 895 -20.43 -32.88 30.07
CA SER C 895 -20.02 -31.96 31.16
C SER C 895 -18.75 -31.20 30.79
N GLN C 896 -17.88 -31.79 30.00
CA GLN C 896 -16.60 -31.11 29.69
C GLN C 896 -16.76 -30.07 28.58
N ILE C 897 -17.95 -29.95 27.99
CA ILE C 897 -18.15 -28.87 27.00
C ILE C 897 -19.31 -27.95 27.38
N LEU C 898 -20.14 -28.34 28.32
CA LEU C 898 -21.28 -27.49 28.71
C LEU C 898 -20.81 -26.42 29.70
N PRO C 899 -21.51 -25.28 29.78
CA PRO C 899 -21.13 -24.25 30.74
C PRO C 899 -21.20 -24.73 32.18
N ASP C 900 -20.33 -24.16 33.01
CA ASP C 900 -20.28 -24.55 34.44
C ASP C 900 -20.88 -23.42 35.27
N PRO C 901 -21.94 -23.68 36.06
CA PRO C 901 -22.51 -22.63 36.91
C PRO C 901 -21.52 -22.12 37.95
N SER C 902 -20.65 -23.00 38.46
CA SER C 902 -19.74 -22.60 39.55
C SER C 902 -18.80 -21.48 39.10
N LYS C 903 -18.18 -21.61 37.94
CA LYS C 903 -17.17 -20.61 37.53
C LYS C 903 -17.85 -19.28 37.26
N PRO C 904 -17.15 -18.16 37.47
CA PRO C 904 -17.80 -16.85 37.32
C PRO C 904 -18.01 -16.44 35.86
N SER C 905 -17.26 -17.07 34.97
CA SER C 905 -17.38 -16.76 33.52
C SER C 905 -18.37 -17.69 32.83
N LYS C 906 -18.97 -18.64 33.56
CA LYS C 906 -20.01 -19.54 32.99
C LYS C 906 -19.44 -20.27 31.77
N ARG C 907 -18.19 -20.67 31.87
CA ARG C 907 -17.52 -21.29 30.71
C ARG C 907 -17.39 -22.79 30.90
N SER C 908 -17.14 -23.47 29.79
CA SER C 908 -16.85 -24.91 29.85
C SER C 908 -15.36 -25.08 30.22
N PRO C 909 -14.96 -26.26 30.74
CA PRO C 909 -13.56 -26.48 31.00
C PRO C 909 -12.66 -26.28 29.77
N ILE C 910 -13.10 -26.71 28.61
CA ILE C 910 -12.24 -26.60 27.42
C ILE C 910 -12.07 -25.13 27.03
N GLU C 911 -13.13 -24.35 27.15
CA GLU C 911 -12.99 -22.90 26.88
C GLU C 911 -12.08 -22.28 27.92
N ASP C 912 -12.13 -22.76 29.16
CA ASP C 912 -11.19 -22.26 30.19
C ASP C 912 -9.75 -22.54 29.77
N LEU C 913 -9.45 -23.74 29.32
CA LEU C 913 -8.08 -24.05 28.90
C LEU C 913 -7.71 -23.23 27.68
N LEU C 914 -8.66 -23.00 26.79
CA LEU C 914 -8.34 -22.20 25.60
C LEU C 914 -8.00 -20.77 25.99
N PHE C 915 -8.75 -20.21 26.92
CA PHE C 915 -8.44 -18.85 27.37
C PHE C 915 -7.11 -18.79 28.11
N ASN C 916 -6.83 -19.79 28.92
CA ASN C 916 -5.56 -19.79 29.67
C ASN C 916 -4.35 -19.97 28.74
N LYS C 917 -4.41 -20.93 27.84
CA LYS C 917 -3.23 -21.27 27.03
C LYS C 917 -2.86 -20.14 26.07
N VAL C 918 -3.83 -19.31 25.73
CA VAL C 918 -3.56 -18.18 24.81
C VAL C 918 -3.31 -16.93 25.65
N THR C 919 -2.15 -16.32 25.48
CA THR C 919 -1.78 -15.15 26.31
C THR C 919 -1.26 -14.03 25.43
N GLN C 945 1.68 -0.59 28.34
CA GLN C 945 0.97 0.17 27.28
C GLN C 945 1.39 1.64 27.32
N LYS C 946 1.69 2.20 26.15
CA LYS C 946 2.04 3.63 26.05
C LYS C 946 1.47 4.14 24.75
N PHE C 947 1.16 5.43 24.70
CA PHE C 947 0.32 5.90 23.59
C PHE C 947 0.94 7.07 22.84
N ASN C 948 0.99 6.96 21.52
CA ASN C 948 1.51 8.06 20.66
C ASN C 948 0.49 8.27 19.55
N GLY C 949 -0.79 8.27 19.90
CA GLY C 949 -1.84 8.26 18.88
C GLY C 949 -2.44 6.88 18.72
N LEU C 950 -1.78 5.84 19.25
CA LEU C 950 -2.29 4.46 19.17
C LEU C 950 -3.51 4.31 20.04
N THR C 951 -4.46 3.51 19.58
CA THR C 951 -5.65 3.18 20.38
C THR C 951 -6.09 1.75 20.08
N VAL C 952 -6.54 1.05 21.11
CA VAL C 952 -7.13 -0.30 20.90
C VAL C 952 -8.60 -0.19 21.24
N LEU C 953 -9.45 -0.40 20.24
CA LEU C 953 -10.89 -0.35 20.48
C LEU C 953 -11.34 -1.65 21.14
N PRO C 954 -12.37 -1.61 21.98
CA PRO C 954 -12.88 -2.82 22.56
C PRO C 954 -13.82 -3.57 21.63
N PRO C 955 -13.76 -4.91 21.57
CA PRO C 955 -14.65 -5.64 20.72
C PRO C 955 -16.10 -5.43 21.12
N LEU C 956 -16.97 -5.37 20.13
CA LEU C 956 -18.39 -5.09 20.42
C LEU C 956 -19.00 -6.19 21.27
N LEU C 957 -18.65 -7.44 20.99
CA LEU C 957 -19.20 -8.57 21.74
C LEU C 957 -18.18 -9.05 22.76
N THR C 958 -18.55 -9.00 24.02
CA THR C 958 -17.66 -9.44 25.11
C THR C 958 -17.49 -10.96 25.08
N ASP C 959 -16.43 -11.42 25.72
CA ASP C 959 -16.14 -12.88 25.74
C ASP C 959 -17.27 -13.64 26.45
N GLU C 960 -17.90 -13.02 27.43
CA GLU C 960 -19.04 -13.69 28.08
C GLU C 960 -20.16 -13.90 27.06
N MET C 961 -20.35 -12.94 26.17
CA MET C 961 -21.42 -13.07 25.16
C MET C 961 -21.07 -14.16 24.14
N ILE C 962 -19.81 -14.26 23.78
CA ILE C 962 -19.40 -15.36 22.87
C ILE C 962 -19.63 -16.68 23.58
N ALA C 963 -19.34 -16.74 24.87
CA ALA C 963 -19.61 -17.97 25.64
C ALA C 963 -21.10 -18.27 25.64
N GLN C 964 -21.92 -17.24 25.75
CA GLN C 964 -23.39 -17.44 25.75
C GLN C 964 -23.84 -17.99 24.40
N TYR C 965 -23.31 -17.43 23.32
CA TYR C 965 -23.70 -17.93 21.98
C TYR C 965 -23.28 -19.38 21.81
N THR C 966 -22.05 -19.71 22.21
CA THR C 966 -21.58 -21.09 22.08
C THR C 966 -22.43 -22.03 22.95
N SER C 967 -22.79 -21.58 24.13
CA SER C 967 -23.66 -22.40 25.00
C SER C 967 -25.00 -22.61 24.32
N ALA C 968 -25.53 -21.58 23.67
CA ALA C 968 -26.85 -21.73 23.04
C ALA C 968 -26.76 -22.74 21.91
N LEU C 969 -25.71 -22.66 21.09
CA LEU C 969 -25.58 -23.60 19.96
C LEU C 969 -25.43 -25.01 20.49
N LEU C 970 -24.65 -25.18 21.54
CA LEU C 970 -24.41 -26.51 22.11
C LEU C 970 -25.71 -27.06 22.66
N ALA C 971 -26.49 -26.24 23.34
CA ALA C 971 -27.75 -26.70 23.93
C ALA C 971 -28.71 -27.09 22.80
N GLY C 972 -28.73 -26.31 21.73
CA GLY C 972 -29.61 -26.65 20.62
C GLY C 972 -29.22 -27.97 19.99
N THR C 973 -27.94 -28.19 19.76
CA THR C 973 -27.50 -29.45 19.16
C THR C 973 -27.84 -30.62 20.08
N ILE C 974 -27.58 -30.49 21.35
CA ILE C 974 -27.81 -31.61 22.28
C ILE C 974 -29.29 -31.93 22.42
N THR C 975 -30.12 -30.91 22.54
CA THR C 975 -31.54 -31.16 22.85
C THR C 975 -32.45 -31.31 21.65
N SER C 976 -32.12 -30.69 20.53
CA SER C 976 -33.07 -30.70 19.41
C SER C 976 -32.42 -31.05 18.07
N GLY C 977 -31.28 -31.73 18.08
CA GLY C 977 -30.69 -32.14 16.82
C GLY C 977 -30.37 -30.97 15.93
N TRP C 978 -30.37 -31.21 14.63
CA TRP C 978 -30.13 -30.12 13.66
C TRP C 978 -31.44 -29.44 13.28
N THR C 979 -32.52 -29.71 14.00
CA THR C 979 -33.83 -29.13 13.64
C THR C 979 -33.85 -27.62 13.83
N PHE C 980 -33.05 -27.09 14.74
CA PHE C 980 -33.11 -25.65 15.02
C PHE C 980 -32.33 -24.84 14.00
N GLY C 981 -31.53 -25.49 13.20
CA GLY C 981 -30.76 -24.78 12.16
C GLY C 981 -31.58 -24.51 10.92
N ALA C 982 -32.83 -24.95 10.89
CA ALA C 982 -33.71 -24.69 9.73
C ALA C 982 -35.08 -24.19 10.12
N GLY C 983 -35.36 -24.07 11.42
CA GLY C 983 -36.70 -23.70 11.86
C GLY C 983 -36.89 -23.98 13.32
N PRO C 984 -38.13 -24.15 13.79
CA PRO C 984 -38.37 -24.31 15.20
C PRO C 984 -37.66 -25.51 15.79
N ALA C 985 -37.17 -25.35 17.02
CA ALA C 985 -36.43 -26.43 17.67
C ALA C 985 -37.37 -27.59 17.94
N LEU C 986 -36.94 -28.79 17.54
CA LEU C 986 -37.75 -30.00 17.71
C LEU C 986 -36.94 -30.96 18.56
N GLN C 987 -37.42 -31.21 19.76
CA GLN C 987 -36.65 -32.07 20.66
C GLN C 987 -36.66 -33.49 20.17
N ILE C 988 -35.70 -34.26 20.68
CA ILE C 988 -35.62 -35.70 20.36
C ILE C 988 -34.74 -36.34 21.41
N PRO C 989 -35.05 -37.55 21.91
CA PRO C 989 -34.13 -38.22 22.80
C PRO C 989 -32.78 -38.32 22.09
N PHE C 990 -31.72 -37.96 22.81
CA PHE C 990 -30.40 -37.86 22.16
C PHE C 990 -29.97 -39.16 21.48
N PRO C 991 -30.13 -40.36 22.07
CA PRO C 991 -29.76 -41.55 21.33
C PRO C 991 -30.50 -41.67 19.99
N MET C 992 -31.76 -41.27 19.94
CA MET C 992 -32.49 -41.30 18.65
C MET C 992 -31.89 -40.32 17.65
N GLN C 993 -31.40 -39.18 18.11
CA GLN C 993 -30.67 -38.27 17.21
C GLN C 993 -29.37 -38.91 16.73
N MET C 994 -28.66 -39.58 17.62
CA MET C 994 -27.42 -40.25 17.21
C MET C 994 -27.75 -41.35 16.20
N ALA C 995 -28.89 -41.99 16.34
CA ALA C 995 -29.31 -42.99 15.33
C ALA C 995 -29.54 -42.32 13.99
N TYR C 996 -30.18 -41.15 13.98
CA TYR C 996 -30.32 -40.41 12.71
C TYR C 996 -28.94 -40.15 12.12
N ARG C 997 -28.00 -39.73 12.95
CA ARG C 997 -26.68 -39.35 12.46
C ARG C 997 -25.94 -40.57 11.93
N PHE C 998 -26.10 -41.71 12.57
CA PHE C 998 -25.53 -42.95 12.00
C PHE C 998 -26.19 -43.30 10.68
N ASN C 999 -27.51 -43.23 10.61
CA ASN C 999 -28.22 -43.52 9.34
C ASN C 999 -27.72 -42.58 8.25
N GLY C 1000 -27.29 -41.40 8.62
CA GLY C 1000 -26.79 -40.44 7.63
C GLY C 1000 -25.57 -40.96 6.90
N ILE C 1001 -24.80 -41.80 7.56
CA ILE C 1001 -23.54 -42.32 6.94
C ILE C 1001 -23.70 -43.78 6.54
N GLY C 1002 -24.92 -44.23 6.30
CA GLY C 1002 -25.11 -45.59 5.76
C GLY C 1002 -25.04 -46.70 6.78
N VAL C 1003 -25.07 -46.37 8.07
CA VAL C 1003 -25.06 -47.39 9.13
C VAL C 1003 -26.45 -47.44 9.74
N THR C 1004 -27.02 -48.62 9.81
CA THR C 1004 -28.41 -48.76 10.28
C THR C 1004 -28.57 -48.40 11.74
N GLN C 1005 -29.79 -48.03 12.11
CA GLN C 1005 -30.08 -47.56 13.47
C GLN C 1005 -29.68 -48.60 14.49
N ASN C 1006 -29.87 -49.87 14.19
CA ASN C 1006 -29.62 -50.93 15.19
C ASN C 1006 -28.14 -50.95 15.61
N VAL C 1007 -27.24 -50.57 14.72
CA VAL C 1007 -25.80 -50.60 15.07
C VAL C 1007 -25.55 -49.67 16.23
N LEU C 1008 -26.21 -48.52 16.26
CA LEU C 1008 -26.06 -47.68 17.46
C LEU C 1008 -26.79 -48.29 18.66
N TYR C 1009 -28.07 -48.57 18.53
CA TYR C 1009 -28.87 -48.96 19.71
C TYR C 1009 -28.31 -50.21 20.39
N GLU C 1010 -27.62 -51.05 19.63
CA GLU C 1010 -27.01 -52.27 20.21
C GLU C 1010 -25.67 -52.00 20.90
N ASN C 1011 -25.03 -50.88 20.62
CA ASN C 1011 -23.75 -50.54 21.26
C ASN C 1011 -23.81 -49.13 21.84
N GLN C 1012 -24.98 -48.73 22.30
CA GLN C 1012 -25.13 -47.37 22.85
C GLN C 1012 -24.16 -47.17 24.01
N LYS C 1013 -24.04 -48.16 24.88
CA LYS C 1013 -23.14 -47.99 26.04
C LYS C 1013 -21.69 -47.87 25.58
N LEU C 1014 -21.29 -48.70 24.64
CA LEU C 1014 -19.90 -48.64 24.14
C LEU C 1014 -19.65 -47.30 23.45
N ILE C 1015 -20.59 -46.83 22.67
CA ILE C 1015 -20.39 -45.56 21.93
C ILE C 1015 -20.35 -44.39 22.91
N ALA C 1016 -21.17 -44.45 23.94
CA ALA C 1016 -21.11 -43.42 25.00
C ALA C 1016 -19.73 -43.47 25.67
N ASN C 1017 -19.21 -44.66 25.92
CA ASN C 1017 -17.91 -44.78 26.56
C ASN C 1017 -16.83 -44.21 25.65
N GLN C 1018 -16.89 -44.51 24.36
CA GLN C 1018 -15.88 -43.99 23.43
C GLN C 1018 -15.97 -42.48 23.33
N PHE C 1019 -17.17 -41.94 23.27
CA PHE C 1019 -17.35 -40.48 23.18
C PHE C 1019 -16.82 -39.80 24.44
N ASN C 1020 -17.14 -40.36 25.60
CA ASN C 1020 -16.69 -39.76 26.86
C ASN C 1020 -15.17 -39.80 26.93
N SER C 1021 -14.57 -40.90 26.52
CA SER C 1021 -13.11 -41.03 26.55
C SER C 1021 -12.48 -40.01 25.59
N ALA C 1022 -13.05 -39.87 24.40
CA ALA C 1022 -12.47 -38.93 23.43
C ALA C 1022 -12.58 -37.49 23.93
N ILE C 1023 -13.71 -37.14 24.52
CA ILE C 1023 -13.86 -35.77 25.07
C ILE C 1023 -12.83 -35.57 26.19
N GLY C 1024 -12.65 -36.57 27.04
CA GLY C 1024 -11.65 -36.45 28.10
C GLY C 1024 -10.27 -36.25 27.54
N LYS C 1025 -9.95 -36.96 26.48
CA LYS C 1025 -8.60 -36.88 25.90
C LYS C 1025 -8.37 -35.56 25.16
N ILE C 1026 -9.43 -34.92 24.70
CA ILE C 1026 -9.26 -33.61 24.01
C ILE C 1026 -8.70 -32.59 24.99
N GLN C 1027 -9.18 -32.62 26.22
CA GLN C 1027 -8.69 -31.66 27.23
C GLN C 1027 -7.19 -31.84 27.42
N ASP C 1028 -6.77 -33.07 27.63
CA ASP C 1028 -5.34 -33.34 27.88
C ASP C 1028 -4.51 -33.01 26.64
N SER C 1029 -5.02 -33.32 25.47
CA SER C 1029 -4.27 -33.08 24.23
C SER C 1029 -4.03 -31.60 24.03
N LEU C 1030 -5.04 -30.79 24.30
CA LEU C 1030 -4.82 -29.32 24.21
C LEU C 1030 -3.83 -28.89 25.29
N SER C 1031 -3.93 -29.48 26.48
CA SER C 1031 -3.03 -29.08 27.59
C SER C 1031 -1.56 -29.39 27.28
N SER C 1032 -1.28 -30.58 26.77
CA SER C 1032 0.13 -31.02 26.62
C SER C 1032 0.85 -30.41 25.42
N THR C 1033 0.27 -30.51 24.23
CA THR C 1033 1.01 -30.09 23.02
C THR C 1033 1.09 -28.57 22.97
N PRO C 1034 2.28 -27.97 22.97
CA PRO C 1034 2.40 -26.51 23.00
C PRO C 1034 2.01 -25.79 21.70
N SER C 1035 2.29 -26.41 20.55
CA SER C 1035 2.01 -25.75 19.25
C SER C 1035 0.55 -25.92 18.85
N ALA C 1036 -0.31 -26.39 19.77
CA ALA C 1036 -1.71 -26.65 19.38
C ALA C 1036 -2.43 -25.38 18.98
N LEU C 1037 -2.43 -24.35 19.83
CA LEU C 1037 -3.16 -23.10 19.51
C LEU C 1037 -2.23 -22.18 18.75
N GLY C 1038 -1.58 -22.70 17.73
CA GLY C 1038 -0.58 -21.91 17.00
C GLY C 1038 -1.19 -20.78 16.24
N LYS C 1039 -2.34 -21.00 15.64
CA LYS C 1039 -2.92 -19.95 14.76
C LYS C 1039 -3.39 -18.72 15.53
N LEU C 1040 -4.09 -18.92 16.63
CA LEU C 1040 -4.54 -17.75 17.41
C LEU C 1040 -3.35 -16.97 17.95
N GLN C 1041 -2.36 -17.68 18.48
CA GLN C 1041 -1.16 -17.01 19.01
C GLN C 1041 -0.41 -16.31 17.89
N ASP C 1042 -0.35 -16.91 16.72
CA ASP C 1042 0.33 -16.24 15.60
C ASP C 1042 -0.38 -14.96 15.21
N VAL C 1043 -1.70 -14.98 15.19
CA VAL C 1043 -2.44 -13.75 14.84
C VAL C 1043 -2.16 -12.69 15.90
N VAL C 1044 -2.21 -13.06 17.17
CA VAL C 1044 -1.97 -12.08 18.25
C VAL C 1044 -0.55 -11.53 18.12
N ASN C 1045 0.41 -12.37 17.81
CA ASN C 1045 1.82 -11.94 17.74
C ASN C 1045 2.08 -11.08 16.52
N GLN C 1046 1.51 -11.42 15.39
CA GLN C 1046 1.66 -10.57 14.19
C GLN C 1046 1.00 -9.23 14.43
N ASN C 1047 0.00 -9.19 15.28
CA ASN C 1047 -0.56 -7.87 15.67
C ASN C 1047 0.41 -7.15 16.61
N ALA C 1048 1.03 -7.88 17.54
CA ALA C 1048 1.99 -7.27 18.46
C ALA C 1048 3.16 -6.67 17.69
N GLN C 1049 3.90 -7.48 16.95
CA GLN C 1049 4.92 -6.88 16.10
C GLN C 1049 4.22 -6.25 14.90
N ALA C 1050 4.95 -5.48 14.13
CA ALA C 1050 4.36 -4.69 13.01
C ALA C 1050 3.55 -3.55 13.61
N LEU C 1051 3.35 -3.57 14.94
CA LEU C 1051 2.78 -2.43 15.69
C LEU C 1051 3.83 -1.92 16.64
N ASN C 1052 4.54 -2.82 17.31
CA ASN C 1052 5.74 -2.42 18.06
C ASN C 1052 6.75 -1.92 17.05
N THR C 1053 6.78 -2.49 15.87
CA THR C 1053 7.67 -1.95 14.81
C THR C 1053 7.25 -0.52 14.44
N LEU C 1054 5.95 -0.28 14.35
CA LEU C 1054 5.48 1.07 14.02
C LEU C 1054 5.88 2.05 15.12
N VAL C 1055 5.72 1.66 16.38
CA VAL C 1055 6.12 2.55 17.49
C VAL C 1055 7.62 2.78 17.44
N LYS C 1056 8.40 1.74 17.30
CA LYS C 1056 9.87 1.85 17.26
C LYS C 1056 10.32 2.67 16.04
N GLN C 1057 9.51 2.73 15.01
CA GLN C 1057 9.86 3.51 13.81
C GLN C 1057 9.64 5.01 14.04
N LEU C 1058 9.05 5.37 15.17
CA LEU C 1058 8.78 6.79 15.47
C LEU C 1058 10.04 7.48 16.00
N SER C 1059 11.16 6.76 16.03
CA SER C 1059 12.42 7.30 16.58
C SER C 1059 13.55 7.10 15.58
N SER C 1060 13.33 7.55 14.36
CA SER C 1060 14.40 7.48 13.33
C SER C 1060 14.60 8.88 12.75
N ASN C 1061 15.82 9.14 12.32
CA ASN C 1061 16.16 10.48 11.80
C ASN C 1061 15.56 10.70 10.41
N PHE C 1062 15.60 9.69 9.57
CA PHE C 1062 15.17 9.83 8.16
C PHE C 1062 15.94 10.94 7.47
N GLY C 1063 17.09 11.30 8.03
CA GLY C 1063 17.94 12.32 7.38
C GLY C 1063 17.98 13.66 8.08
N ALA C 1064 17.33 13.80 9.23
CA ALA C 1064 17.41 15.09 9.94
C ALA C 1064 18.34 15.00 11.14
N ILE C 1065 18.50 16.10 11.84
CA ILE C 1065 19.42 16.18 13.02
C ILE C 1065 18.91 15.39 14.22
N SER C 1066 17.60 15.22 14.36
CA SER C 1066 17.10 14.56 15.58
C SER C 1066 15.82 13.82 15.29
N SER C 1067 15.46 12.92 16.21
CA SER C 1067 14.23 12.12 16.07
C SER C 1067 13.13 12.70 16.95
N VAL C 1068 13.34 13.90 17.48
CA VAL C 1068 12.30 14.57 18.28
C VAL C 1068 11.92 15.85 17.55
N LEU C 1069 10.62 16.07 17.35
CA LEU C 1069 10.20 17.32 16.69
C LEU C 1069 10.59 18.50 17.57
N ASN C 1070 10.34 18.41 18.87
CA ASN C 1070 10.64 19.53 19.78
C ASN C 1070 12.14 19.82 19.80
N ASP C 1071 12.96 18.78 19.76
CA ASP C 1071 14.42 18.98 19.69
C ASP C 1071 14.77 19.78 18.44
N ILE C 1072 14.10 19.51 17.32
CA ILE C 1072 14.29 20.39 16.15
C ILE C 1072 13.69 21.76 16.45
N LEU C 1073 12.49 21.77 17.04
CA LEU C 1073 11.78 23.05 17.27
C LEU C 1073 12.58 23.94 18.21
N SER C 1074 13.14 23.37 19.26
CA SER C 1074 13.87 24.16 20.28
C SER C 1074 15.31 24.41 19.85
N ARG C 1075 15.65 24.18 18.57
CA ARG C 1075 17.06 24.37 18.17
C ARG C 1075 17.24 25.08 16.83
N LEU C 1076 16.16 25.52 16.19
CA LEU C 1076 16.33 26.16 14.87
C LEU C 1076 15.21 27.14 14.60
N ASP C 1077 15.45 28.03 13.64
CA ASP C 1077 14.38 28.94 13.18
C ASP C 1077 13.51 28.22 12.16
N PRO C 1078 12.23 28.61 12.04
CA PRO C 1078 11.31 27.90 11.18
C PRO C 1078 11.78 27.74 9.73
N PRO C 1079 12.50 28.70 9.12
CA PRO C 1079 12.92 28.51 7.73
C PRO C 1079 13.72 27.23 7.45
N GLU C 1080 14.31 26.59 8.47
CA GLU C 1080 15.07 25.32 8.29
C GLU C 1080 14.60 24.23 9.23
N ALA C 1081 14.05 24.61 10.37
CA ALA C 1081 13.34 23.59 11.18
C ALA C 1081 12.23 23.04 10.29
N GLU C 1082 11.74 23.83 9.34
CA GLU C 1082 10.75 23.32 8.38
C GLU C 1082 11.35 22.17 7.58
N VAL C 1083 12.59 22.32 7.11
CA VAL C 1083 13.19 21.25 6.28
C VAL C 1083 13.33 19.99 7.12
N GLN C 1084 13.80 20.15 8.35
CA GLN C 1084 13.96 18.96 9.21
C GLN C 1084 12.60 18.32 9.50
N ILE C 1085 11.61 19.12 9.83
CA ILE C 1085 10.26 18.56 10.14
C ILE C 1085 9.70 17.90 8.89
N ASP C 1086 9.98 18.45 7.74
CA ASP C 1086 9.49 17.85 6.49
C ASP C 1086 10.11 16.47 6.29
N ARG C 1087 11.40 16.33 6.57
CA ARG C 1087 12.02 15.00 6.42
C ARG C 1087 11.42 14.01 7.42
N LEU C 1088 11.22 14.41 8.66
CA LEU C 1088 10.57 13.49 9.61
C LEU C 1088 9.15 13.18 9.16
N ILE C 1089 8.46 14.16 8.58
CA ILE C 1089 7.07 13.95 8.12
C ILE C 1089 7.05 12.91 7.02
N THR C 1090 7.94 13.05 6.06
CA THR C 1090 7.97 12.07 4.96
C THR C 1090 8.28 10.67 5.51
N GLY C 1091 9.22 10.58 6.43
CA GLY C 1091 9.58 9.26 6.94
C GLY C 1091 8.41 8.63 7.68
N ARG C 1092 7.78 9.40 8.55
CA ARG C 1092 6.70 8.82 9.36
C ARG C 1092 5.49 8.52 8.48
N LEU C 1093 5.32 9.28 7.41
CA LEU C 1093 4.19 9.03 6.48
C LEU C 1093 4.41 7.73 5.73
N GLN C 1094 5.61 7.49 5.26
CA GLN C 1094 5.90 6.19 4.61
C GLN C 1094 5.69 5.06 5.62
N SER C 1095 6.12 5.27 6.85
CA SER C 1095 5.99 4.21 7.87
C SER C 1095 4.52 3.89 8.14
N LEU C 1096 3.70 4.91 8.34
CA LEU C 1096 2.29 4.67 8.66
C LEU C 1096 1.57 4.07 7.45
N GLN C 1097 1.89 4.54 6.25
CA GLN C 1097 1.23 3.97 5.07
C GLN C 1097 1.59 2.49 4.92
N THR C 1098 2.84 2.13 5.11
CA THR C 1098 3.23 0.72 5.01
C THR C 1098 2.50 -0.09 6.08
N TYR C 1099 2.40 0.41 7.28
CA TYR C 1099 1.72 -0.34 8.34
C TYR C 1099 0.26 -0.53 7.98
N VAL C 1100 -0.36 0.50 7.45
CA VAL C 1100 -1.80 0.41 7.10
C VAL C 1100 -1.98 -0.64 6.01
N THR C 1101 -1.09 -0.65 5.03
CA THR C 1101 -1.22 -1.61 3.94
C THR C 1101 -1.10 -3.03 4.48
N GLN C 1102 -0.13 -3.28 5.33
CA GLN C 1102 0.05 -4.64 5.88
C GLN C 1102 -1.17 -5.04 6.70
N GLN C 1103 -1.70 -4.12 7.49
CA GLN C 1103 -2.89 -4.44 8.29
C GLN C 1103 -4.06 -4.74 7.37
N LEU C 1104 -4.19 -3.99 6.30
CA LEU C 1104 -5.32 -4.19 5.36
C LEU C 1104 -5.21 -5.57 4.72
N ILE C 1105 -4.00 -5.99 4.38
CA ILE C 1105 -3.79 -7.34 3.81
C ILE C 1105 -4.07 -8.42 4.84
N ARG C 1106 -3.60 -8.26 6.06
CA ARG C 1106 -3.87 -9.26 7.10
C ARG C 1106 -5.37 -9.35 7.36
N ALA C 1107 -6.08 -8.25 7.19
CA ALA C 1107 -7.54 -8.24 7.41
C ALA C 1107 -8.23 -9.19 6.44
N ALA C 1108 -7.78 -9.22 5.19
CA ALA C 1108 -8.37 -10.14 4.20
C ALA C 1108 -8.13 -11.59 4.60
N GLU C 1109 -6.95 -11.90 5.11
CA GLU C 1109 -6.68 -13.27 5.57
C GLU C 1109 -7.59 -13.63 6.73
N ILE C 1110 -7.72 -12.75 7.70
CA ILE C 1110 -8.61 -13.04 8.85
C ILE C 1110 -10.04 -13.16 8.37
N ARG C 1111 -10.42 -12.34 7.39
CA ARG C 1111 -11.80 -12.37 6.88
C ARG C 1111 -12.09 -13.68 6.17
N ALA C 1112 -11.16 -14.15 5.36
CA ALA C 1112 -11.34 -15.46 4.72
C ALA C 1112 -11.44 -16.54 5.79
N SER C 1113 -10.62 -16.47 6.81
CA SER C 1113 -10.69 -17.45 7.90
C SER C 1113 -12.04 -17.39 8.60
N ALA C 1114 -12.56 -16.20 8.84
CA ALA C 1114 -13.84 -16.07 9.53
C ALA C 1114 -15.00 -16.54 8.67
N ASN C 1115 -14.94 -16.28 7.38
CA ASN C 1115 -15.98 -16.82 6.48
C ASN C 1115 -15.93 -18.34 6.47
N LEU C 1116 -14.73 -18.91 6.41
CA LEU C 1116 -14.62 -20.38 6.48
C LEU C 1116 -15.12 -20.89 7.82
N ALA C 1117 -14.85 -20.18 8.88
CA ALA C 1117 -15.33 -20.60 10.21
C ALA C 1117 -16.84 -20.54 10.28
N ALA C 1118 -17.45 -19.53 9.69
CA ALA C 1118 -18.93 -19.45 9.67
C ALA C 1118 -19.50 -20.57 8.84
N THR C 1119 -18.89 -20.88 7.71
CA THR C 1119 -19.34 -22.01 6.89
C THR C 1119 -19.22 -23.30 7.67
N LYS C 1120 -18.12 -23.50 8.37
CA LYS C 1120 -17.95 -24.71 9.20
C LYS C 1120 -18.99 -24.74 10.30
N MET C 1121 -19.27 -23.62 10.92
CA MET C 1121 -20.30 -23.59 11.97
C MET C 1121 -21.63 -24.02 11.39
N SER C 1122 -22.04 -23.44 10.28
CA SER C 1122 -23.36 -23.74 9.71
C SER C 1122 -23.45 -25.19 9.26
N GLU C 1123 -22.42 -25.72 8.61
CA GLU C 1123 -22.51 -27.05 8.00
C GLU C 1123 -22.12 -28.17 8.93
N CYS C 1124 -21.18 -28.00 9.86
CA CYS C 1124 -20.87 -29.07 10.82
C CYS C 1124 -21.74 -28.97 12.07
N VAL C 1125 -21.91 -27.77 12.61
CA VAL C 1125 -22.62 -27.66 13.92
C VAL C 1125 -24.13 -27.73 13.74
N LEU C 1126 -24.66 -27.05 12.72
CA LEU C 1126 -26.13 -27.02 12.52
C LEU C 1126 -26.54 -28.12 11.54
N GLY C 1127 -25.77 -29.19 11.46
CA GLY C 1127 -26.18 -30.30 10.60
C GLY C 1127 -25.14 -31.38 10.57
N GLN C 1128 -25.34 -32.36 9.70
CA GLN C 1128 -24.36 -33.44 9.49
C GLN C 1128 -23.84 -33.27 8.07
N SER C 1129 -22.54 -33.17 7.93
CA SER C 1129 -21.95 -32.88 6.61
C SER C 1129 -21.69 -34.15 5.81
N LYS C 1130 -21.82 -34.05 4.51
CA LYS C 1130 -21.43 -35.16 3.60
C LYS C 1130 -20.23 -34.71 2.77
N ARG C 1131 -19.47 -33.72 3.27
CA ARG C 1131 -18.25 -33.31 2.57
C ARG C 1131 -17.07 -34.01 3.21
N VAL C 1132 -16.24 -34.63 2.40
CA VAL C 1132 -15.14 -35.45 2.93
C VAL C 1132 -14.01 -34.58 3.45
N ASP C 1133 -13.64 -34.80 4.70
CA ASP C 1133 -12.54 -34.06 5.38
C ASP C 1133 -12.90 -32.62 5.68
N PHE C 1134 -14.09 -32.16 5.33
CA PHE C 1134 -14.46 -30.79 5.73
C PHE C 1134 -14.64 -30.71 7.23
N CYS C 1135 -15.43 -31.62 7.81
CA CYS C 1135 -15.74 -31.55 9.24
C CYS C 1135 -15.01 -32.70 9.91
N GLY C 1136 -13.74 -32.49 10.22
CA GLY C 1136 -12.92 -33.55 10.80
C GLY C 1136 -12.37 -34.54 9.82
N LYS C 1137 -11.69 -35.55 10.34
CA LYS C 1137 -11.20 -36.67 9.51
C LYS C 1137 -11.99 -37.92 9.86
N GLY C 1138 -12.76 -38.39 8.90
CA GLY C 1138 -13.60 -39.56 9.13
C GLY C 1138 -15.00 -39.30 8.66
N TYR C 1139 -15.93 -40.11 9.14
CA TYR C 1139 -17.35 -39.93 8.76
C TYR C 1139 -18.00 -39.02 9.78
N HIS C 1140 -18.44 -37.85 9.34
CA HIS C 1140 -18.92 -36.85 10.31
C HIS C 1140 -20.17 -37.30 11.02
N LEU C 1141 -20.25 -37.02 12.31
CA LEU C 1141 -21.46 -37.28 13.09
C LEU C 1141 -22.01 -35.97 13.65
N MET C 1142 -21.19 -35.20 14.35
CA MET C 1142 -21.67 -33.97 14.97
C MET C 1142 -20.46 -33.17 15.44
N SER C 1143 -20.58 -31.85 15.43
CA SER C 1143 -19.47 -30.98 15.83
C SER C 1143 -19.94 -30.09 16.96
N PHE C 1144 -19.10 -29.90 17.95
CA PHE C 1144 -19.43 -29.00 19.06
C PHE C 1144 -18.51 -27.81 19.00
N PRO C 1145 -19.04 -26.58 19.11
CA PRO C 1145 -18.19 -25.43 19.03
C PRO C 1145 -17.68 -24.98 20.39
N GLN C 1146 -16.47 -24.44 20.44
CA GLN C 1146 -15.94 -23.86 21.68
C GLN C 1146 -15.27 -22.54 21.35
N SER C 1147 -15.46 -21.55 22.22
CA SER C 1147 -14.90 -20.22 21.98
C SER C 1147 -13.45 -20.15 22.41
N ALA C 1148 -12.75 -19.16 21.89
CA ALA C 1148 -11.32 -18.98 22.18
C ALA C 1148 -10.98 -17.52 21.98
N PRO C 1149 -9.82 -17.03 22.46
CA PRO C 1149 -9.48 -15.65 22.21
C PRO C 1149 -9.33 -15.42 20.71
N HIS C 1150 -10.20 -14.58 20.16
CA HIS C 1150 -10.09 -14.19 18.74
C HIS C 1150 -10.32 -15.36 17.80
N GLY C 1151 -10.90 -16.44 18.28
CA GLY C 1151 -11.06 -17.61 17.43
C GLY C 1151 -12.04 -18.58 18.00
N VAL C 1152 -12.33 -19.62 17.22
CA VAL C 1152 -13.29 -20.65 17.65
C VAL C 1152 -12.64 -22.01 17.45
N VAL C 1153 -12.98 -22.94 18.33
CA VAL C 1153 -12.43 -24.30 18.28
C VAL C 1153 -13.57 -25.28 18.11
N PHE C 1154 -13.44 -26.14 17.11
CA PHE C 1154 -14.49 -27.13 16.83
C PHE C 1154 -14.08 -28.50 17.34
N LEU C 1155 -15.05 -29.25 17.87
CA LEU C 1155 -14.79 -30.64 18.25
C LEU C 1155 -15.56 -31.53 17.29
N HIS C 1156 -14.90 -31.95 16.22
CA HIS C 1156 -15.56 -32.79 15.19
C HIS C 1156 -15.63 -34.22 15.66
N VAL C 1157 -16.82 -34.66 16.05
CA VAL C 1157 -17.03 -36.07 16.45
C VAL C 1157 -17.25 -36.85 15.17
N THR C 1158 -16.30 -37.68 14.82
CA THR C 1158 -16.38 -38.45 13.57
C THR C 1158 -16.50 -39.94 13.86
N TYR C 1159 -16.78 -40.69 12.82
CA TYR C 1159 -16.92 -42.15 12.91
C TYR C 1159 -15.78 -42.78 12.12
N VAL C 1160 -15.04 -43.67 12.77
CA VAL C 1160 -13.90 -44.35 12.12
C VAL C 1160 -14.09 -45.85 12.24
N PRO C 1161 -13.99 -46.62 11.15
CA PRO C 1161 -14.07 -48.07 11.26
C PRO C 1161 -12.77 -48.68 11.78
N ALA C 1162 -12.87 -49.73 12.59
CA ALA C 1162 -11.70 -50.18 13.35
C ALA C 1162 -11.15 -51.54 12.93
N GLN C 1163 -11.98 -52.59 12.95
CA GLN C 1163 -11.45 -53.96 12.77
C GLN C 1163 -11.97 -54.53 11.46
N GLU C 1164 -11.20 -54.36 10.41
CA GLU C 1164 -11.63 -54.82 9.08
C GLU C 1164 -11.29 -56.29 8.89
N LYS C 1165 -12.25 -57.05 8.37
CA LYS C 1165 -11.99 -58.46 8.03
C LYS C 1165 -12.12 -58.62 6.53
N ASN C 1166 -11.23 -59.40 5.95
CA ASN C 1166 -11.29 -59.67 4.50
C ASN C 1166 -12.42 -60.63 4.20
N PHE C 1167 -12.97 -60.54 2.99
CA PHE C 1167 -14.07 -61.42 2.58
C PHE C 1167 -14.06 -61.59 1.07
N THR C 1168 -14.72 -62.66 0.64
CA THR C 1168 -14.91 -62.89 -0.80
C THR C 1168 -16.27 -62.32 -1.21
N THR C 1169 -16.28 -61.59 -2.32
CA THR C 1169 -17.50 -60.87 -2.72
C THR C 1169 -17.97 -61.33 -4.08
N ALA C 1170 -19.08 -60.76 -4.53
CA ALA C 1170 -19.65 -61.07 -5.85
C ALA C 1170 -20.62 -59.96 -6.23
N PRO C 1171 -20.63 -59.50 -7.50
CA PRO C 1171 -21.61 -58.50 -7.87
C PRO C 1171 -23.06 -58.96 -7.76
N ALA C 1172 -23.38 -60.10 -8.37
CA ALA C 1172 -24.75 -60.61 -8.38
C ALA C 1172 -24.74 -62.10 -8.12
N ILE C 1173 -25.84 -62.59 -7.58
CA ILE C 1173 -25.99 -64.03 -7.30
C ILE C 1173 -27.09 -64.58 -8.20
N CYS C 1174 -26.75 -65.62 -8.96
CA CYS C 1174 -27.70 -66.26 -9.87
C CYS C 1174 -28.42 -67.37 -9.14
N HIS C 1175 -29.74 -67.30 -9.12
CA HIS C 1175 -30.55 -68.32 -8.43
C HIS C 1175 -31.40 -69.11 -9.41
N ASP C 1176 -32.22 -68.45 -10.21
CA ASP C 1176 -33.15 -69.17 -11.12
C ASP C 1176 -33.03 -68.56 -12.51
N GLY C 1177 -31.81 -68.42 -12.99
CA GLY C 1177 -31.61 -67.75 -14.28
C GLY C 1177 -31.90 -66.27 -14.20
N LYS C 1178 -31.85 -65.70 -13.00
CA LYS C 1178 -32.08 -64.26 -12.81
C LYS C 1178 -30.99 -63.67 -11.94
N ALA C 1179 -30.44 -62.53 -12.37
CA ALA C 1179 -29.39 -61.85 -11.59
C ALA C 1179 -30.01 -61.17 -10.39
N HIS C 1180 -29.39 -61.33 -9.23
CA HIS C 1180 -29.92 -60.73 -7.99
C HIS C 1180 -28.89 -59.74 -7.46
N PHE C 1181 -29.31 -58.51 -7.25
CA PHE C 1181 -28.41 -57.49 -6.70
C PHE C 1181 -28.96 -57.04 -5.36
N PRO C 1182 -28.08 -56.73 -4.38
CA PRO C 1182 -28.55 -56.29 -3.09
C PRO C 1182 -29.12 -54.89 -3.12
N ARG C 1183 -30.15 -54.66 -2.32
CA ARG C 1183 -30.76 -53.33 -2.28
C ARG C 1183 -29.87 -52.33 -1.55
N GLU C 1184 -29.54 -52.62 -0.30
CA GLU C 1184 -28.77 -51.65 0.53
C GLU C 1184 -27.62 -52.36 1.20
N GLY C 1185 -26.85 -53.11 0.43
CA GLY C 1185 -25.77 -53.86 1.05
C GLY C 1185 -24.75 -54.35 0.07
N VAL C 1186 -24.02 -55.39 0.47
CA VAL C 1186 -22.98 -55.97 -0.37
C VAL C 1186 -22.96 -57.47 -0.15
N PHE C 1187 -22.52 -58.21 -1.16
CA PHE C 1187 -22.47 -59.69 -1.09
C PHE C 1187 -21.12 -60.15 -0.59
N VAL C 1188 -21.14 -60.98 0.44
CA VAL C 1188 -19.89 -61.45 1.07
C VAL C 1188 -19.93 -62.96 1.25
N SER C 1189 -18.75 -63.54 1.35
CA SER C 1189 -18.61 -65.00 1.52
C SER C 1189 -17.72 -65.25 2.73
N ASN C 1190 -18.25 -65.96 3.72
CA ASN C 1190 -17.47 -66.30 4.93
C ASN C 1190 -16.55 -67.48 4.64
N GLY C 1191 -16.44 -67.87 3.37
CA GLY C 1191 -15.67 -69.05 2.99
C GLY C 1191 -16.59 -70.17 2.58
N THR C 1192 -17.71 -70.31 3.29
CA THR C 1192 -18.66 -71.41 3.01
C THR C 1192 -19.98 -70.89 2.50
N HIS C 1193 -20.65 -70.04 3.25
CA HIS C 1193 -21.97 -69.54 2.86
C HIS C 1193 -21.83 -68.24 2.10
N TRP C 1194 -22.98 -67.70 1.70
CA TRP C 1194 -23.01 -66.34 1.15
C TRP C 1194 -23.92 -65.50 2.04
N PHE C 1195 -23.62 -64.21 2.12
CA PHE C 1195 -24.42 -63.32 2.95
C PHE C 1195 -24.50 -61.94 2.31
N VAL C 1196 -25.43 -61.14 2.83
CA VAL C 1196 -25.54 -59.72 2.41
C VAL C 1196 -25.39 -58.89 3.68
N THR C 1197 -24.60 -57.83 3.58
CA THR C 1197 -24.33 -56.98 4.75
C THR C 1197 -24.16 -55.53 4.32
N GLN C 1198 -24.38 -54.63 5.26
CA GLN C 1198 -24.19 -53.19 4.99
C GLN C 1198 -22.74 -52.90 4.70
N ARG C 1199 -22.49 -51.90 3.88
CA ARG C 1199 -21.15 -51.67 3.33
C ARG C 1199 -20.13 -51.16 4.34
N ASN C 1200 -20.56 -50.82 5.55
CA ASN C 1200 -19.62 -50.18 6.50
C ASN C 1200 -19.53 -50.89 7.85
N PHE C 1201 -20.49 -51.72 8.20
CA PHE C 1201 -20.41 -52.46 9.47
C PHE C 1201 -20.74 -53.91 9.17
N TYR C 1202 -19.82 -54.81 9.47
CA TYR C 1202 -20.04 -56.22 9.11
C TYR C 1202 -21.19 -56.75 9.93
N GLU C 1203 -22.32 -56.95 9.27
CA GLU C 1203 -23.53 -57.48 9.92
C GLU C 1203 -24.20 -58.36 8.88
N PRO C 1204 -23.84 -59.66 8.81
CA PRO C 1204 -24.32 -60.49 7.74
C PRO C 1204 -25.73 -61.05 7.99
N GLN C 1205 -26.50 -61.10 6.91
CA GLN C 1205 -27.88 -61.57 7.03
C GLN C 1205 -28.16 -62.57 5.93
N ILE C 1206 -29.19 -63.39 6.14
CA ILE C 1206 -29.54 -64.42 5.13
C ILE C 1206 -30.03 -63.72 3.88
N ILE C 1207 -29.56 -64.19 2.73
CA ILE C 1207 -29.95 -63.54 1.46
C ILE C 1207 -31.37 -63.94 1.11
N THR C 1208 -32.22 -62.94 0.88
CA THR C 1208 -33.62 -63.18 0.49
C THR C 1208 -33.96 -62.22 -0.64
N THR C 1209 -35.24 -62.15 -0.97
CA THR C 1209 -35.70 -61.24 -2.04
C THR C 1209 -36.08 -59.86 -1.51
N ASP C 1210 -36.15 -59.71 -0.19
CA ASP C 1210 -36.49 -58.40 0.38
C ASP C 1210 -35.27 -57.52 0.57
N ASN C 1211 -34.08 -58.12 0.62
CA ASN C 1211 -32.83 -57.34 0.73
C ASN C 1211 -32.07 -57.40 -0.60
N THR C 1212 -32.68 -57.97 -1.62
CA THR C 1212 -32.09 -57.97 -2.97
C THR C 1212 -33.16 -57.57 -3.97
N PHE C 1213 -32.72 -57.16 -5.15
CA PHE C 1213 -33.65 -56.87 -6.24
C PHE C 1213 -33.17 -57.58 -7.47
N VAL C 1214 -34.13 -58.13 -8.22
CA VAL C 1214 -33.81 -58.94 -9.42
C VAL C 1214 -33.82 -58.04 -10.65
N SER C 1215 -32.85 -58.24 -11.53
CA SER C 1215 -32.80 -57.45 -12.78
C SER C 1215 -32.12 -58.29 -13.85
N GLY C 1216 -32.90 -58.81 -14.79
CA GLY C 1216 -32.33 -59.53 -15.92
C GLY C 1216 -31.99 -60.96 -15.62
N ASN C 1217 -31.24 -61.57 -16.54
CA ASN C 1217 -30.83 -62.96 -16.37
C ASN C 1217 -29.34 -63.03 -16.10
N CYS C 1218 -28.81 -64.24 -16.01
CA CYS C 1218 -27.41 -64.43 -15.58
C CYS C 1218 -26.45 -64.50 -16.76
N ASP C 1219 -26.34 -63.43 -17.53
CA ASP C 1219 -25.51 -63.53 -18.76
C ASP C 1219 -24.40 -62.49 -18.85
N VAL C 1220 -24.67 -61.25 -18.46
CA VAL C 1220 -23.66 -60.16 -18.68
C VAL C 1220 -23.02 -59.72 -17.37
N VAL C 1221 -23.57 -60.10 -16.22
CA VAL C 1221 -22.89 -59.77 -14.95
C VAL C 1221 -21.63 -60.61 -14.89
N ILE C 1222 -20.48 -59.94 -14.97
CA ILE C 1222 -19.19 -60.65 -14.98
C ILE C 1222 -18.84 -60.97 -13.54
N GLY C 1223 -18.57 -62.22 -13.26
CA GLY C 1223 -18.23 -62.60 -11.89
C GLY C 1223 -19.43 -63.08 -11.10
N ILE C 1224 -20.53 -63.34 -11.78
CA ILE C 1224 -21.75 -63.75 -11.06
C ILE C 1224 -21.53 -65.12 -10.45
N VAL C 1225 -22.14 -65.34 -9.30
CA VAL C 1225 -22.02 -66.63 -8.60
C VAL C 1225 -23.38 -67.27 -8.44
N ASN C 1226 -23.38 -68.53 -8.06
CA ASN C 1226 -24.64 -69.30 -7.94
C ASN C 1226 -24.89 -69.60 -6.47
N ASN C 1227 -26.08 -69.22 -6.00
CA ASN C 1227 -26.46 -69.53 -4.61
C ASN C 1227 -27.97 -69.41 -4.47
N THR C 1228 -28.48 -69.84 -3.34
CA THR C 1228 -29.93 -69.86 -3.10
C THR C 1228 -30.43 -68.57 -2.49
N VAL C 1229 -31.58 -68.12 -2.96
CA VAL C 1229 -32.24 -66.90 -2.43
C VAL C 1229 -33.50 -67.37 -1.72
N TYR C 1230 -33.43 -67.46 -0.40
CA TYR C 1230 -34.60 -67.93 0.35
C TYR C 1230 -35.76 -66.98 0.19
N ASP C 1231 -36.95 -67.53 -0.11
CA ASP C 1231 -38.17 -66.71 -0.27
C ASP C 1231 -38.93 -66.69 1.04
N PRO C 1232 -39.26 -65.52 1.58
CA PRO C 1232 -39.89 -65.45 2.90
C PRO C 1232 -41.34 -65.92 2.93
N LEU C 1233 -41.96 -66.13 1.77
CA LEU C 1233 -43.42 -66.44 1.76
C LEU C 1233 -43.67 -67.89 1.38
N GLN C 1234 -42.87 -68.47 0.51
CA GLN C 1234 -43.19 -69.80 -0.03
C GLN C 1234 -43.15 -70.94 0.99
N PRO C 1235 -42.25 -70.98 2.00
CA PRO C 1235 -42.33 -72.07 2.97
C PRO C 1235 -43.58 -71.94 3.85
N GLU C 1236 -43.93 -70.72 4.21
CA GLU C 1236 -45.19 -70.52 4.96
C GLU C 1236 -46.36 -70.95 4.08
N LEU C 1237 -46.28 -70.67 2.79
CA LEU C 1237 -47.36 -71.10 1.87
C LEU C 1237 -47.45 -72.63 1.80
N ASP C 1238 -46.31 -73.28 1.59
CA ASP C 1238 -46.33 -74.76 1.43
C ASP C 1238 -46.74 -75.43 2.74
N SER C 1239 -46.33 -74.86 3.86
CA SER C 1239 -46.70 -75.42 5.18
C SER C 1239 -48.21 -75.31 5.44
N PHE C 1240 -48.85 -74.29 4.86
CA PHE C 1240 -50.30 -74.08 5.11
C PHE C 1240 -51.04 -73.78 3.81
N ALA D 119 15.17 9.84 -59.03
CA ALA D 119 13.95 9.06 -58.78
C ALA D 119 13.79 8.72 -57.30
N TYR D 120 12.79 7.89 -57.01
CA TYR D 120 12.52 7.50 -55.61
C TYR D 120 12.47 5.98 -55.51
N THR D 121 12.75 5.49 -54.31
CA THR D 121 12.71 4.04 -54.05
C THR D 121 12.18 3.84 -52.63
N ASN D 122 11.64 2.66 -52.38
CA ASN D 122 11.13 2.32 -51.04
C ASN D 122 12.20 1.57 -50.26
N SER D 123 12.47 2.02 -49.04
CA SER D 123 13.53 1.41 -48.21
C SER D 123 12.97 0.11 -47.62
N PHE D 124 13.30 -1.00 -48.24
CA PHE D 124 12.75 -2.30 -47.80
C PHE D 124 13.46 -2.70 -46.52
N THR D 125 13.06 -2.06 -45.41
CA THR D 125 13.63 -2.35 -44.07
C THR D 125 15.15 -2.50 -44.17
N ARG D 126 15.80 -1.51 -44.77
CA ARG D 126 17.24 -1.63 -45.02
C ARG D 126 17.97 -0.46 -44.39
N GLY D 127 19.19 -0.72 -43.92
CA GLY D 127 20.00 0.37 -43.36
C GLY D 127 19.92 0.47 -41.86
N VAL D 128 19.91 -0.67 -41.17
CA VAL D 128 19.95 -0.65 -39.68
C VAL D 128 21.37 -0.93 -39.24
N TYR D 129 21.80 -0.30 -38.16
CA TYR D 129 23.21 -0.42 -37.75
C TYR D 129 23.33 -0.77 -36.29
N TYR D 130 24.41 -1.46 -35.96
CA TYR D 130 24.66 -1.85 -34.56
C TYR D 130 24.82 -0.56 -33.77
N PRO D 131 23.93 -0.26 -32.83
CA PRO D 131 24.01 1.01 -32.12
C PRO D 131 25.30 1.12 -31.29
N ASP D 132 25.73 0.01 -30.69
CA ASP D 132 26.91 0.04 -29.82
C ASP D 132 27.66 -1.27 -29.94
N LYS D 133 28.80 -1.34 -29.25
CA LYS D 133 29.63 -2.57 -29.26
C LYS D 133 29.32 -3.38 -28.01
N VAL D 134 28.10 -3.87 -27.95
CA VAL D 134 27.67 -4.67 -26.78
C VAL D 134 27.08 -5.98 -27.31
N PHE D 135 27.73 -7.08 -26.98
CA PHE D 135 27.28 -8.39 -27.46
C PHE D 135 26.09 -8.86 -26.66
N ARG D 136 25.07 -9.35 -27.39
CA ARG D 136 23.88 -9.90 -26.74
C ARG D 136 23.45 -11.14 -27.51
N SER D 137 23.02 -12.16 -26.77
CA SER D 137 22.67 -13.45 -27.40
C SER D 137 21.23 -13.84 -27.09
N SER D 138 20.49 -14.17 -28.14
CA SER D 138 19.09 -14.66 -28.00
C SER D 138 18.26 -13.68 -27.17
N VAL D 139 18.26 -12.43 -27.60
CA VAL D 139 17.56 -11.38 -26.81
C VAL D 139 16.82 -10.43 -27.73
N LEU D 140 15.80 -9.77 -27.17
CA LEU D 140 15.12 -8.67 -27.89
C LEU D 140 15.38 -7.39 -27.09
N HIS D 141 16.05 -6.43 -27.72
CA HIS D 141 16.46 -5.20 -27.00
C HIS D 141 15.82 -3.97 -27.65
N SER D 142 15.16 -3.15 -26.83
CA SER D 142 14.49 -1.93 -27.32
C SER D 142 15.44 -0.75 -27.16
N THR D 143 15.52 0.07 -28.19
CA THR D 143 16.51 1.16 -28.20
C THR D 143 15.88 2.52 -28.51
N GLN D 144 16.58 3.56 -28.09
CA GLN D 144 16.19 4.94 -28.45
C GLN D 144 17.43 5.56 -29.10
N ASP D 145 17.37 5.76 -30.41
CA ASP D 145 18.57 6.25 -31.13
C ASP D 145 18.11 6.73 -32.50
N LEU D 146 19.06 7.07 -33.35
CA LEU D 146 18.74 7.64 -34.68
C LEU D 146 18.71 6.53 -35.72
N PHE D 147 17.64 6.50 -36.49
CA PHE D 147 17.46 5.38 -37.44
C PHE D 147 16.81 5.88 -38.73
N LEU D 148 16.89 5.05 -39.77
CA LEU D 148 16.16 5.36 -41.02
C LEU D 148 14.83 4.62 -40.96
N PRO D 149 13.70 5.33 -40.89
CA PRO D 149 12.41 4.67 -40.73
C PRO D 149 12.08 3.70 -41.86
N PHE D 150 11.32 2.68 -41.51
CA PHE D 150 11.05 1.60 -42.47
C PHE D 150 10.23 2.10 -43.65
N PHE D 151 10.52 1.54 -44.83
CA PHE D 151 9.76 1.86 -46.06
C PHE D 151 9.70 3.36 -46.28
N SER D 152 10.86 3.99 -46.27
CA SER D 152 10.94 5.44 -46.57
C SER D 152 11.27 5.66 -48.05
N ASN D 153 11.07 6.90 -48.49
CA ASN D 153 11.35 7.26 -49.90
C ASN D 153 12.83 7.58 -50.02
N VAL D 154 13.63 6.56 -50.28
CA VAL D 154 15.10 6.74 -50.44
C VAL D 154 15.36 7.25 -51.84
N THR D 155 16.15 8.31 -51.94
CA THR D 155 16.27 9.02 -53.21
C THR D 155 17.26 8.44 -54.19
N TRP D 156 16.98 8.63 -55.48
CA TRP D 156 17.87 8.19 -56.58
C TRP D 156 18.53 9.40 -57.23
N PHE D 157 19.80 9.23 -57.62
CA PHE D 157 20.52 10.33 -58.30
C PHE D 157 21.33 9.82 -59.49
N HIS D 158 21.65 10.75 -60.38
CA HIS D 158 22.72 10.52 -61.39
C HIS D 158 23.59 11.80 -61.45
N PRO D 174 26.21 16.53 -56.61
CA PRO D 174 25.39 17.63 -56.09
C PRO D 174 25.52 17.77 -54.58
N VAL D 175 25.65 19.00 -54.11
CA VAL D 175 25.87 19.23 -52.67
C VAL D 175 24.60 18.92 -51.90
N LEU D 176 24.68 17.95 -51.00
CA LEU D 176 23.50 17.48 -50.25
C LEU D 176 23.62 17.86 -48.79
N PRO D 177 22.49 18.08 -48.11
CA PRO D 177 22.56 18.57 -46.74
C PRO D 177 22.69 17.50 -45.67
N PHE D 178 22.77 17.98 -44.42
CA PHE D 178 22.70 17.07 -43.24
C PHE D 178 21.60 17.61 -42.33
N ASN D 179 20.39 17.10 -42.49
CA ASN D 179 19.30 17.46 -41.55
C ASN D 179 19.66 16.90 -40.16
N ASP D 180 19.95 15.60 -40.08
CA ASP D 180 20.52 15.04 -38.85
C ASP D 180 21.63 14.06 -39.26
N GLY D 181 21.44 13.38 -40.39
CA GLY D 181 22.40 12.35 -40.79
C GLY D 181 22.15 11.87 -42.19
N VAL D 182 23.05 11.01 -42.66
CA VAL D 182 22.98 10.51 -44.06
C VAL D 182 23.18 9.02 -44.11
N TYR D 183 22.36 8.34 -44.89
CA TYR D 183 22.56 6.91 -45.17
C TYR D 183 22.81 6.79 -46.67
N PHE D 184 24.07 6.56 -47.02
CA PHE D 184 24.45 6.44 -48.45
C PHE D 184 24.84 5.00 -48.77
N ALA D 185 24.31 4.52 -49.89
CA ALA D 185 24.62 3.15 -50.34
C ALA D 185 24.96 3.20 -51.83
N SER D 186 26.01 2.46 -52.20
CA SER D 186 26.45 2.44 -53.61
C SER D 186 26.76 1.01 -54.04
N THR D 187 26.29 0.64 -55.23
CA THR D 187 26.62 -0.68 -55.81
C THR D 187 27.57 -0.42 -56.97
N GLU D 188 28.79 -0.93 -56.83
CA GLU D 188 29.83 -0.64 -57.85
C GLU D 188 30.23 -1.92 -58.57
N LYS D 189 30.54 -1.77 -59.86
CA LYS D 189 30.99 -2.93 -60.66
C LYS D 189 32.49 -3.23 -60.42
N SER D 190 33.32 -2.20 -60.48
CA SER D 190 34.77 -2.39 -60.22
C SER D 190 35.30 -1.20 -59.42
N ASN D 191 34.64 -0.92 -58.29
CA ASN D 191 35.08 0.19 -57.40
C ASN D 191 35.03 1.54 -58.11
N ILE D 192 33.87 1.89 -58.65
CA ILE D 192 33.72 3.24 -59.26
C ILE D 192 33.47 4.29 -58.18
N ILE D 193 32.61 3.99 -57.22
CA ILE D 193 32.25 4.99 -56.18
C ILE D 193 33.46 5.26 -55.30
N ARG D 194 33.72 6.53 -55.01
CA ARG D 194 34.98 6.86 -54.33
C ARG D 194 34.84 7.48 -52.95
N GLY D 195 34.14 8.60 -52.81
CA GLY D 195 34.26 9.33 -51.54
C GLY D 195 33.30 10.47 -51.41
N TRP D 196 33.51 11.24 -50.35
CA TRP D 196 32.53 12.27 -49.94
C TRP D 196 33.24 13.51 -49.39
N ILE D 197 32.53 14.61 -49.41
CA ILE D 197 33.07 15.91 -48.95
C ILE D 197 32.14 16.47 -47.89
N PHE D 198 32.72 16.98 -46.81
CA PHE D 198 31.90 17.48 -45.68
C PHE D 198 32.25 18.93 -45.36
N GLY D 199 31.71 19.41 -44.24
CA GLY D 199 32.00 20.76 -43.76
C GLY D 199 30.73 21.50 -43.43
N THR D 200 30.88 22.65 -42.77
CA THR D 200 29.70 23.52 -42.51
C THR D 200 29.54 24.58 -43.60
N THR D 201 30.64 25.01 -44.21
CA THR D 201 30.54 25.97 -45.35
C THR D 201 31.11 25.32 -46.62
N LEU D 202 32.19 24.56 -46.51
CA LEU D 202 32.83 23.88 -47.67
C LEU D 202 33.17 24.87 -48.79
N ASP D 203 33.69 26.04 -48.46
CA ASP D 203 34.11 27.02 -49.49
C ASP D 203 35.50 27.59 -49.20
N SER D 204 36.37 26.83 -48.55
CA SER D 204 37.73 27.30 -48.17
C SER D 204 37.68 28.49 -47.20
N LYS D 205 36.62 28.59 -46.41
CA LYS D 205 36.48 29.70 -45.45
C LYS D 205 36.05 29.20 -44.07
N THR D 206 35.71 27.92 -43.94
CA THR D 206 35.34 27.35 -42.62
C THR D 206 35.72 25.88 -42.60
N GLN D 207 35.59 25.25 -41.43
CA GLN D 207 36.05 23.85 -41.28
C GLN D 207 35.40 22.92 -42.30
N SER D 208 36.21 22.07 -42.91
CA SER D 208 35.70 21.12 -43.93
C SER D 208 36.40 19.77 -43.76
N LEU D 209 35.60 18.71 -43.61
CA LEU D 209 36.15 17.34 -43.51
C LEU D 209 36.08 16.66 -44.88
N LEU D 210 36.86 15.60 -45.03
CA LEU D 210 36.87 14.90 -46.33
C LEU D 210 37.17 13.42 -46.15
N ILE D 211 36.63 12.61 -47.06
CA ILE D 211 37.00 11.18 -47.16
C ILE D 211 37.36 10.91 -48.62
N VAL D 212 38.51 10.28 -48.83
CA VAL D 212 38.91 9.87 -50.19
C VAL D 212 39.77 8.61 -50.04
N ASN D 213 39.77 7.80 -51.08
CA ASN D 213 40.55 6.54 -51.06
C ASN D 213 41.30 6.46 -52.39
N ASN D 214 42.45 5.81 -52.38
CA ASN D 214 43.28 5.75 -53.60
C ASN D 214 44.13 4.49 -53.55
N ALA D 215 43.86 3.55 -54.46
CA ALA D 215 44.64 2.28 -54.52
C ALA D 215 44.64 1.62 -53.13
N THR D 216 43.46 1.56 -52.51
CA THR D 216 43.35 1.02 -51.12
C THR D 216 44.15 1.85 -50.12
N ASN D 217 43.99 3.18 -50.16
CA ASN D 217 44.61 4.05 -49.13
C ASN D 217 43.60 5.12 -48.77
N VAL D 218 43.07 5.06 -47.55
CA VAL D 218 41.96 5.97 -47.16
C VAL D 218 42.53 7.31 -46.74
N VAL D 219 42.05 8.38 -47.36
CA VAL D 219 42.52 9.74 -47.04
C VAL D 219 41.42 10.51 -46.32
N ILE D 220 41.71 10.93 -45.10
CA ILE D 220 40.76 11.75 -44.32
C ILE D 220 41.50 12.99 -43.84
N LYS D 221 40.86 14.15 -43.98
CA LYS D 221 41.50 15.41 -43.55
C LYS D 221 40.42 16.39 -43.12
N VAL D 222 40.84 17.38 -42.35
CA VAL D 222 39.89 18.43 -41.88
C VAL D 222 40.35 19.82 -42.29
N CYS D 223 41.35 19.91 -43.15
CA CYS D 223 41.88 21.22 -43.56
C CYS D 223 40.87 21.91 -44.48
N GLU D 224 40.99 23.24 -44.59
CA GLU D 224 40.10 23.98 -45.50
C GLU D 224 40.68 23.90 -46.91
N PHE D 225 40.28 22.87 -47.64
CA PHE D 225 40.84 22.66 -48.99
C PHE D 225 40.25 23.65 -49.99
N GLN D 226 40.99 23.86 -51.09
CA GLN D 226 40.48 24.73 -52.18
C GLN D 226 39.60 23.87 -53.07
N PHE D 227 38.31 23.88 -52.76
CA PHE D 227 37.38 22.94 -53.44
C PHE D 227 37.05 23.38 -54.85
N CYS D 228 36.78 22.39 -55.71
CA CYS D 228 36.25 22.72 -57.06
C CYS D 228 34.76 22.39 -57.06
N ASN D 229 34.07 22.76 -58.13
CA ASN D 229 32.62 22.49 -58.19
C ASN D 229 32.35 20.99 -58.21
N ASP D 230 33.04 20.23 -59.06
CA ASP D 230 32.88 18.76 -59.07
C ASP D 230 34.25 18.16 -59.38
N PRO D 231 35.18 18.14 -58.40
CA PRO D 231 36.49 17.62 -58.67
C PRO D 231 36.43 16.16 -59.15
N PHE D 232 37.30 15.85 -60.12
CA PHE D 232 37.28 14.50 -60.72
C PHE D 232 38.62 13.84 -60.49
N LEU D 233 38.62 12.52 -60.55
CA LEU D 233 39.91 11.78 -60.44
C LEU D 233 40.19 11.11 -61.79
N GLY D 234 41.46 11.05 -62.15
CA GLY D 234 41.83 10.49 -63.47
C GLY D 234 41.43 9.03 -63.60
N CYS D 258 45.55 23.96 -41.24
CA CYS D 258 45.03 22.59 -40.97
C CYS D 258 44.63 22.38 -39.52
N THR D 259 43.97 21.25 -39.24
CA THR D 259 43.66 20.90 -37.84
C THR D 259 44.00 19.44 -37.54
N PHE D 260 44.15 18.59 -38.57
CA PHE D 260 44.43 17.16 -38.34
C PHE D 260 44.68 16.46 -39.67
N GLU D 261 44.82 15.13 -39.63
CA GLU D 261 44.97 14.33 -40.88
C GLU D 261 44.64 12.88 -40.53
N TYR D 262 44.44 12.06 -41.54
CA TYR D 262 44.21 10.61 -41.31
C TYR D 262 44.48 9.82 -42.59
N VAL D 263 45.33 8.80 -42.46
CA VAL D 263 45.57 7.88 -43.60
C VAL D 263 45.39 6.46 -43.07
N SER D 264 44.42 5.73 -43.61
CA SER D 264 44.13 4.36 -43.12
C SER D 264 44.31 3.34 -44.24
N PHE D 278 25.46 -4.01 -61.73
CA PHE D 278 26.11 -3.93 -60.39
C PHE D 278 26.60 -5.30 -59.93
N LYS D 279 27.61 -5.29 -59.05
CA LYS D 279 28.21 -6.56 -58.59
C LYS D 279 28.25 -6.65 -57.06
N ASN D 280 28.47 -5.52 -56.38
CA ASN D 280 28.61 -5.59 -54.91
C ASN D 280 27.99 -4.34 -54.28
N LEU D 281 27.21 -4.54 -53.22
CA LEU D 281 26.56 -3.40 -52.53
C LEU D 281 27.41 -2.98 -51.34
N ARG D 282 27.71 -1.68 -51.30
CA ARG D 282 28.56 -1.11 -50.24
C ARG D 282 27.79 0.03 -49.59
N GLU D 283 27.00 -0.31 -48.58
CA GLU D 283 26.12 0.68 -47.92
C GLU D 283 26.83 1.30 -46.73
N PHE D 284 26.55 2.59 -46.51
CA PHE D 284 27.18 3.31 -45.39
C PHE D 284 26.17 4.11 -44.59
N VAL D 285 26.44 4.22 -43.29
CA VAL D 285 25.72 5.16 -42.42
C VAL D 285 26.74 6.18 -41.94
N PHE D 286 26.49 7.45 -42.27
CA PHE D 286 27.34 8.53 -41.74
C PHE D 286 26.48 9.34 -40.77
N LYS D 287 27.03 9.56 -39.57
CA LYS D 287 26.30 10.45 -38.64
C LYS D 287 27.28 11.17 -37.73
N ASN D 288 26.80 12.28 -37.14
CA ASN D 288 27.65 13.09 -36.23
C ASN D 288 26.85 13.36 -34.98
N ILE D 289 27.27 12.76 -33.86
CA ILE D 289 26.52 12.94 -32.59
C ILE D 289 27.46 13.40 -31.48
N ASP D 290 27.08 14.47 -30.78
CA ASP D 290 27.84 14.95 -29.60
C ASP D 290 29.29 15.27 -29.96
N GLY D 291 29.49 16.06 -31.02
CA GLY D 291 30.85 16.43 -31.39
C GLY D 291 31.68 15.24 -31.81
N TYR D 292 31.01 14.13 -32.14
CA TYR D 292 31.73 12.91 -32.59
C TYR D 292 31.14 12.49 -33.92
N PHE D 293 32.00 12.33 -34.92
CA PHE D 293 31.51 11.84 -36.22
C PHE D 293 31.69 10.33 -36.27
N LYS D 294 30.57 9.63 -36.35
CA LYS D 294 30.60 8.15 -36.30
C LYS D 294 30.24 7.58 -37.67
N ILE D 295 30.92 6.50 -38.03
CA ILE D 295 30.70 5.89 -39.36
C ILE D 295 30.36 4.41 -39.19
N TYR D 296 29.29 3.99 -39.84
CA TYR D 296 28.92 2.56 -39.88
C TYR D 296 28.77 2.16 -41.34
N SER D 297 29.06 0.89 -41.62
CA SER D 297 28.95 0.41 -43.00
C SER D 297 28.85 -1.11 -43.03
N LYS D 298 28.50 -1.62 -44.20
CA LYS D 298 28.38 -3.08 -44.41
C LYS D 298 28.49 -3.35 -45.90
N HIS D 299 29.05 -4.50 -46.24
CA HIS D 299 29.17 -4.91 -47.65
C HIS D 299 28.33 -6.15 -47.90
N THR D 300 27.59 -6.15 -49.00
CA THR D 300 26.77 -7.30 -49.37
C THR D 300 27.00 -7.62 -50.85
N PRO D 301 27.54 -8.79 -51.18
CA PRO D 301 27.69 -9.17 -52.58
C PRO D 301 26.32 -9.35 -53.22
N ILE D 302 26.16 -8.76 -54.40
CA ILE D 302 24.82 -8.75 -55.04
C ILE D 302 24.92 -9.13 -56.51
N ASN D 303 23.78 -9.44 -57.11
CA ASN D 303 23.74 -9.65 -58.57
C ASN D 303 22.47 -9.01 -59.13
N LEU D 304 21.96 -7.96 -58.48
CA LEU D 304 20.72 -7.30 -58.92
C LEU D 304 20.99 -5.87 -59.38
N VAL D 305 20.05 -5.34 -60.16
CA VAL D 305 20.25 -3.98 -60.73
C VAL D 305 19.01 -3.13 -60.51
N ARG D 306 19.21 -1.83 -60.29
CA ARG D 306 18.11 -0.85 -60.31
C ARG D 306 16.99 -1.16 -59.32
N ASP D 307 17.36 -1.50 -58.10
CA ASP D 307 16.34 -1.63 -57.03
C ASP D 307 17.05 -1.72 -55.68
N LEU D 308 16.27 -1.86 -54.61
CA LEU D 308 16.90 -2.10 -53.30
C LEU D 308 16.42 -3.47 -52.82
N PRO D 309 17.18 -4.54 -53.09
CA PRO D 309 16.69 -5.88 -52.76
C PRO D 309 16.35 -6.03 -51.29
N GLN D 310 15.16 -6.56 -51.03
CA GLN D 310 14.69 -6.71 -49.65
C GLN D 310 15.55 -7.74 -48.92
N GLY D 311 15.63 -7.59 -47.60
CA GLY D 311 16.53 -8.46 -46.84
C GLY D 311 17.13 -7.66 -45.71
N PHE D 312 17.58 -8.38 -44.67
CA PHE D 312 18.05 -7.65 -43.48
C PHE D 312 19.43 -8.08 -43.05
N SER D 313 20.32 -7.09 -42.91
CA SER D 313 21.68 -7.34 -42.36
C SER D 313 22.17 -6.00 -41.86
N ALA D 314 22.68 -5.96 -40.64
CA ALA D 314 23.01 -4.65 -40.04
C ALA D 314 24.38 -4.13 -40.44
N LEU D 315 24.62 -2.86 -40.15
CA LEU D 315 25.89 -2.22 -40.56
C LEU D 315 26.81 -2.04 -39.37
N GLU D 316 28.04 -2.53 -39.53
CA GLU D 316 29.07 -2.46 -38.46
C GLU D 316 29.81 -1.14 -38.53
N PRO D 317 30.34 -0.64 -37.41
CA PRO D 317 31.10 0.59 -37.44
C PRO D 317 32.46 0.45 -38.12
N LEU D 318 33.00 1.59 -38.54
CA LEU D 318 34.35 1.60 -39.12
C LEU D 318 35.24 2.54 -38.30
N VAL D 319 34.71 3.70 -37.92
CA VAL D 319 35.54 4.69 -37.21
C VAL D 319 34.67 5.69 -36.49
N ASP D 320 35.15 6.17 -35.36
CA ASP D 320 34.51 7.30 -34.68
C ASP D 320 35.47 8.48 -34.88
N LEU D 321 35.07 9.66 -34.44
CA LEU D 321 35.93 10.81 -34.70
C LEU D 321 35.80 11.86 -33.62
N PRO D 322 36.88 12.14 -32.87
CA PRO D 322 36.87 13.26 -31.92
C PRO D 322 37.40 14.53 -32.61
N ILE D 323 36.62 15.01 -33.58
CA ILE D 323 37.11 16.15 -34.40
C ILE D 323 36.58 17.46 -33.84
N GLY D 324 35.27 17.54 -33.65
CA GLY D 324 34.69 18.77 -33.08
C GLY D 324 34.37 19.83 -34.10
N ILE D 325 34.17 19.44 -35.36
CA ILE D 325 33.88 20.45 -36.42
C ILE D 325 32.42 20.38 -36.80
N ASN D 326 31.83 21.54 -37.08
CA ASN D 326 30.43 21.57 -37.54
C ASN D 326 30.31 20.89 -38.89
N ILE D 327 29.22 20.18 -39.11
CA ILE D 327 28.98 19.54 -40.42
C ILE D 327 27.54 19.86 -40.87
N THR D 328 27.40 20.39 -42.09
CA THR D 328 26.06 20.78 -42.58
C THR D 328 25.80 20.37 -44.03
N ARG D 329 26.85 20.18 -44.84
CA ARG D 329 26.64 19.90 -46.28
C ARG D 329 27.49 18.72 -46.73
N PHE D 330 27.10 18.13 -47.84
CA PHE D 330 27.65 16.81 -48.21
C PHE D 330 27.66 16.64 -49.73
N GLN D 331 28.79 16.17 -50.22
CA GLN D 331 28.94 15.95 -51.67
C GLN D 331 29.49 14.53 -51.86
N THR D 332 29.23 13.96 -53.03
CA THR D 332 29.66 12.60 -53.32
C THR D 332 30.65 12.57 -54.48
N LEU D 333 31.52 11.57 -54.48
CA LEU D 333 32.58 11.45 -55.51
C LEU D 333 32.48 10.05 -56.12
N LEU D 334 33.13 9.87 -57.26
CA LEU D 334 33.13 8.55 -57.94
C LEU D 334 34.38 8.43 -58.83
N ALA D 356 24.11 4.86 -59.06
CA ALA D 356 23.51 4.49 -57.76
C ALA D 356 24.05 5.38 -56.65
N TYR D 357 23.26 6.34 -56.22
CA TYR D 357 23.69 7.26 -55.14
C TYR D 357 22.59 7.33 -54.09
N TYR D 358 22.17 6.16 -53.60
CA TYR D 358 21.05 6.09 -52.64
C TYR D 358 21.31 7.01 -51.45
N VAL D 359 20.39 7.94 -51.24
CA VAL D 359 20.52 8.91 -50.13
C VAL D 359 19.44 8.60 -49.10
N GLY D 360 19.85 8.31 -47.88
CA GLY D 360 18.89 8.05 -46.81
C GLY D 360 19.16 8.96 -45.64
N TYR D 361 18.09 9.37 -44.97
CA TYR D 361 18.23 10.31 -43.84
C TYR D 361 17.79 9.67 -42.53
N LEU D 362 18.51 10.02 -41.48
CA LEU D 362 18.26 9.47 -40.13
C LEU D 362 17.21 10.30 -39.40
N GLN D 363 16.40 9.62 -38.61
CA GLN D 363 15.46 10.34 -37.71
C GLN D 363 15.47 9.64 -36.37
N PRO D 364 15.15 10.34 -35.27
CA PRO D 364 15.22 9.73 -33.94
C PRO D 364 13.99 8.88 -33.66
N ARG D 365 14.06 7.62 -34.08
CA ARG D 365 12.91 6.72 -33.98
C ARG D 365 13.12 5.70 -32.87
N THR D 366 12.12 4.86 -32.67
CA THR D 366 12.20 3.78 -31.68
C THR D 366 12.30 2.47 -32.45
N PHE D 367 13.31 1.69 -32.14
CA PHE D 367 13.50 0.40 -32.83
C PHE D 367 13.61 -0.73 -31.81
N LEU D 368 13.15 -1.90 -32.24
CA LEU D 368 13.34 -3.12 -31.42
C LEU D 368 14.28 -4.03 -32.21
N LEU D 369 15.44 -4.30 -31.62
CA LEU D 369 16.47 -5.08 -32.33
C LEU D 369 16.45 -6.53 -31.85
N LYS D 370 16.65 -7.43 -32.79
CA LYS D 370 16.69 -8.86 -32.47
C LYS D 370 18.12 -9.36 -32.53
N TYR D 371 18.55 -10.02 -31.48
CA TYR D 371 19.88 -10.66 -31.48
C TYR D 371 19.67 -12.17 -31.38
N ASN D 372 20.36 -12.90 -32.25
CA ASN D 372 20.30 -14.38 -32.20
C ASN D 372 21.27 -14.88 -31.13
N GLU D 373 21.29 -16.18 -30.91
CA GLU D 373 22.24 -16.75 -29.93
C GLU D 373 23.67 -16.46 -30.38
N ASN D 374 23.92 -16.45 -31.68
CA ASN D 374 25.25 -16.07 -32.20
C ASN D 374 25.51 -14.57 -32.03
N GLY D 375 24.48 -13.77 -31.79
CA GLY D 375 24.67 -12.36 -31.47
C GLY D 375 24.62 -11.38 -32.62
N THR D 376 24.13 -11.80 -33.77
CA THR D 376 24.00 -10.88 -34.91
C THR D 376 22.66 -10.18 -34.90
N ILE D 377 22.65 -8.95 -35.39
CA ILE D 377 21.35 -8.23 -35.54
C ILE D 377 20.70 -8.78 -36.81
N THR D 378 19.75 -9.70 -36.62
CA THR D 378 19.13 -10.36 -37.79
C THR D 378 17.83 -9.71 -38.18
N ASP D 379 17.10 -9.16 -37.22
CA ASP D 379 15.77 -8.59 -37.51
C ASP D 379 15.56 -7.36 -36.64
N ALA D 380 14.66 -6.49 -37.09
CA ALA D 380 14.33 -5.30 -36.30
C ALA D 380 12.94 -4.83 -36.70
N VAL D 381 12.32 -4.07 -35.82
CA VAL D 381 10.98 -3.52 -36.12
C VAL D 381 10.96 -2.03 -35.77
N ASP D 382 10.56 -1.21 -36.75
CA ASP D 382 10.37 0.22 -36.50
C ASP D 382 9.09 0.36 -35.71
N CYS D 383 9.16 1.06 -34.59
CA CYS D 383 7.99 1.14 -33.68
C CYS D 383 7.01 2.25 -34.07
N ALA D 384 7.20 2.90 -35.21
CA ALA D 384 6.21 3.89 -35.67
C ALA D 384 5.71 3.60 -37.09
N LEU D 385 5.98 2.41 -37.62
CA LEU D 385 5.53 2.08 -38.99
C LEU D 385 4.02 1.86 -39.03
N ASP D 386 3.47 1.13 -38.07
CA ASP D 386 2.02 0.81 -38.08
C ASP D 386 1.64 0.28 -36.70
N PRO D 387 0.33 0.17 -36.37
CA PRO D 387 -0.05 -0.28 -35.05
C PRO D 387 0.50 -1.66 -34.69
N LEU D 388 0.62 -2.55 -35.66
CA LEU D 388 1.17 -3.89 -35.36
C LEU D 388 2.60 -3.75 -34.85
N SER D 389 3.37 -2.87 -35.46
CA SER D 389 4.75 -2.64 -35.00
C SER D 389 4.73 -2.07 -33.58
N GLU D 390 3.78 -1.19 -33.30
CA GLU D 390 3.70 -0.62 -31.94
C GLU D 390 3.40 -1.73 -30.93
N THR D 391 2.50 -2.62 -31.27
CA THR D 391 2.17 -3.74 -30.36
C THR D 391 3.41 -4.61 -30.17
N LYS D 392 4.12 -4.89 -31.25
CA LYS D 392 5.31 -5.75 -31.13
C LYS D 392 6.33 -5.07 -30.22
N CYS D 393 6.57 -3.79 -30.43
CA CYS D 393 7.58 -3.09 -29.62
C CYS D 393 7.16 -3.03 -28.16
N THR D 394 5.88 -2.75 -27.90
CA THR D 394 5.42 -2.64 -26.51
C THR D 394 5.52 -3.99 -25.81
N LEU D 395 5.14 -5.06 -26.50
CA LEU D 395 5.23 -6.41 -25.92
C LEU D 395 6.64 -6.97 -26.06
N LYS D 396 7.52 -6.29 -26.79
CA LYS D 396 8.92 -6.74 -26.98
C LYS D 396 8.95 -8.16 -27.52
N SER D 397 8.20 -8.39 -28.59
CA SER D 397 8.21 -9.72 -29.22
C SER D 397 7.95 -9.55 -30.72
N PHE D 398 8.24 -10.59 -31.48
CA PHE D 398 7.98 -10.56 -32.94
C PHE D 398 6.75 -11.40 -33.30
N THR D 399 6.36 -12.33 -32.43
CA THR D 399 5.12 -13.09 -32.64
C THR D 399 4.19 -12.70 -31.50
N VAL D 400 2.96 -12.36 -31.84
CA VAL D 400 1.98 -11.92 -30.82
C VAL D 400 0.76 -12.81 -30.93
N GLU D 401 0.22 -13.17 -29.77
CA GLU D 401 -1.01 -13.97 -29.75
C GLU D 401 -2.21 -13.08 -30.03
N LYS D 402 -3.27 -13.71 -30.51
CA LYS D 402 -4.52 -12.96 -30.79
C LYS D 402 -5.03 -12.30 -29.51
N GLY D 403 -5.40 -11.04 -29.62
CA GLY D 403 -5.90 -10.33 -28.45
C GLY D 403 -6.02 -8.85 -28.71
N ILE D 404 -6.33 -8.11 -27.65
CA ILE D 404 -6.41 -6.63 -27.76
C ILE D 404 -5.40 -6.04 -26.80
N TYR D 405 -4.53 -5.18 -27.32
CA TYR D 405 -3.48 -4.57 -26.49
C TYR D 405 -3.53 -3.06 -26.57
N GLN D 406 -3.61 -2.41 -25.42
CA GLN D 406 -3.57 -0.94 -25.39
C GLN D 406 -2.11 -0.54 -25.45
N THR D 407 -1.73 0.12 -26.53
CA THR D 407 -0.30 0.37 -26.76
C THR D 407 0.12 1.82 -26.55
N SER D 408 -0.82 2.74 -26.45
CA SER D 408 -0.44 4.15 -26.36
C SER D 408 -1.52 4.95 -25.69
N ASN D 409 -1.15 6.16 -25.28
CA ASN D 409 -2.16 7.12 -24.81
C ASN D 409 -2.45 8.05 -26.00
N PHE D 410 -3.57 8.72 -25.92
CA PHE D 410 -4.02 9.57 -27.05
C PHE D 410 -4.48 10.93 -26.51
N ARG D 411 -3.96 11.99 -27.13
CA ARG D 411 -4.31 13.36 -26.69
C ARG D 411 -4.53 14.26 -27.90
N VAL D 412 -5.57 15.08 -27.83
CA VAL D 412 -5.75 16.10 -28.88
C VAL D 412 -4.85 17.28 -28.57
N GLN D 413 -4.33 17.94 -29.61
CA GLN D 413 -3.54 19.16 -29.38
C GLN D 413 -4.44 20.39 -29.41
N PRO D 414 -4.08 21.47 -28.69
CA PRO D 414 -4.86 22.69 -28.78
C PRO D 414 -4.81 23.29 -30.19
N THR D 415 -5.98 23.47 -30.78
CA THR D 415 -6.10 24.05 -32.13
C THR D 415 -5.71 25.52 -32.13
N GLU D 416 -6.14 26.27 -31.11
CA GLU D 416 -5.90 27.72 -31.08
C GLU D 416 -5.46 28.14 -29.69
N SER D 417 -5.16 29.42 -29.52
CA SER D 417 -4.87 29.96 -28.17
C SER D 417 -5.53 31.34 -28.09
N ILE D 418 -6.64 31.41 -27.37
CA ILE D 418 -7.42 32.67 -27.34
C ILE D 418 -7.27 33.32 -25.97
N VAL D 419 -7.44 34.64 -25.97
CA VAL D 419 -7.32 35.43 -24.73
C VAL D 419 -8.60 36.24 -24.56
N ARG D 420 -9.16 36.21 -23.36
CA ARG D 420 -10.43 36.90 -23.11
C ARG D 420 -10.27 37.89 -21.96
N PHE D 421 -10.92 39.03 -22.11
CA PHE D 421 -10.88 40.10 -21.10
C PHE D 421 -12.15 40.93 -21.26
N PRO D 422 -12.48 41.77 -20.27
CA PRO D 422 -13.69 42.57 -20.35
C PRO D 422 -13.58 43.66 -21.41
N ASN D 423 -14.54 44.59 -21.45
CA ASN D 423 -14.59 45.59 -22.54
C ASN D 423 -13.27 46.30 -22.73
N ILE D 424 -13.05 46.83 -23.94
CA ILE D 424 -11.68 47.25 -24.34
C ILE D 424 -10.95 48.13 -23.36
N THR D 425 -11.52 49.24 -22.95
CA THR D 425 -10.71 50.14 -22.09
C THR D 425 -11.56 51.19 -21.39
N ASN D 426 -10.94 51.94 -20.47
CA ASN D 426 -11.58 53.08 -19.77
C ASN D 426 -10.52 54.17 -19.69
N LEU D 427 -10.59 55.12 -20.62
CA LEU D 427 -9.50 56.10 -20.76
C LEU D 427 -9.41 57.15 -19.67
N CYS D 428 -8.18 57.45 -19.26
CA CYS D 428 -7.98 58.59 -18.35
C CYS D 428 -7.91 59.86 -19.21
N PRO D 429 -8.03 61.06 -18.62
CA PRO D 429 -7.77 62.28 -19.39
C PRO D 429 -6.28 62.61 -19.43
N PHE D 430 -5.51 61.76 -20.11
CA PHE D 430 -4.06 62.07 -20.29
C PHE D 430 -3.86 63.24 -21.23
N GLY D 431 -4.90 63.66 -21.95
CA GLY D 431 -4.75 64.87 -22.78
C GLY D 431 -4.50 66.09 -21.92
N GLU D 432 -5.23 66.22 -20.82
CA GLU D 432 -5.04 67.38 -19.91
C GLU D 432 -3.66 67.31 -19.25
N VAL D 433 -3.07 66.12 -19.19
CA VAL D 433 -1.69 66.01 -18.64
C VAL D 433 -0.64 66.34 -19.70
N PHE D 434 -0.78 65.76 -20.89
CA PHE D 434 0.28 65.93 -21.91
C PHE D 434 0.12 67.23 -22.69
N ASN D 435 -1.05 67.42 -23.32
CA ASN D 435 -1.20 68.60 -24.21
C ASN D 435 -1.11 69.89 -23.40
N ALA D 436 -1.74 69.92 -22.23
CA ALA D 436 -1.63 71.11 -21.33
C ALA D 436 -2.02 72.40 -22.04
N THR D 437 -3.28 72.48 -22.46
CA THR D 437 -3.76 73.71 -23.12
C THR D 437 -3.62 74.91 -22.18
N ARG D 438 -3.97 74.74 -20.90
CA ARG D 438 -3.71 75.82 -19.91
C ARG D 438 -2.44 75.44 -19.15
N PHE D 439 -1.29 75.74 -19.75
CA PHE D 439 -0.01 75.28 -19.16
C PHE D 439 0.26 75.92 -17.80
N ALA D 440 0.94 75.16 -16.94
CA ALA D 440 1.28 75.65 -15.59
C ALA D 440 2.60 76.44 -15.59
N SER D 441 2.62 77.52 -14.81
CA SER D 441 3.84 78.35 -14.73
C SER D 441 4.96 77.58 -14.04
N VAL D 442 6.20 77.83 -14.48
CA VAL D 442 7.36 77.19 -13.82
C VAL D 442 7.53 77.76 -12.41
N TYR D 443 7.03 78.98 -12.19
CA TYR D 443 7.14 79.61 -10.86
C TYR D 443 6.37 78.79 -9.83
N ALA D 444 5.17 78.32 -10.21
CA ALA D 444 4.33 77.51 -9.30
C ALA D 444 4.03 76.20 -10.00
N TRP D 445 4.84 75.18 -9.72
CA TRP D 445 4.67 73.90 -10.45
C TRP D 445 3.39 73.20 -9.99
N ASN D 446 2.71 72.58 -10.94
CA ASN D 446 1.38 71.97 -10.66
C ASN D 446 1.51 70.46 -10.58
N ARG D 447 0.88 69.88 -9.57
CA ARG D 447 0.90 68.40 -9.42
C ARG D 447 -0.48 67.82 -9.69
N LYS D 448 -0.54 66.90 -10.64
CA LYS D 448 -1.82 66.25 -10.99
C LYS D 448 -1.70 64.74 -10.76
N ARG D 449 -2.77 64.14 -10.25
CA ARG D 449 -2.77 62.67 -10.03
C ARG D 449 -3.81 62.01 -10.91
N ILE D 450 -3.50 60.82 -11.39
CA ILE D 450 -4.45 60.01 -12.19
C ILE D 450 -4.60 58.64 -11.52
N SER D 451 -5.84 58.21 -11.38
CA SER D 451 -6.10 56.88 -10.76
C SER D 451 -7.39 56.28 -11.32
N ASN D 452 -7.58 54.98 -11.09
CA ASN D 452 -8.86 54.32 -11.48
C ASN D 452 -9.15 54.40 -12.97
N CYS D 453 -8.31 53.74 -13.76
CA CYS D 453 -8.57 53.60 -15.20
C CYS D 453 -7.88 52.34 -15.66
N VAL D 454 -7.72 52.21 -16.97
CA VAL D 454 -6.69 51.31 -17.52
C VAL D 454 -5.78 52.30 -18.27
N ALA D 455 -4.49 52.25 -17.98
CA ALA D 455 -3.55 53.26 -18.53
C ALA D 455 -3.08 52.87 -19.92
N ASP D 456 -3.84 53.27 -20.93
CA ASP D 456 -3.42 53.04 -22.32
C ASP D 456 -2.42 54.13 -22.67
N TYR D 457 -1.18 53.92 -22.24
CA TYR D 457 -0.13 54.95 -22.46
C TYR D 457 0.21 55.07 -23.95
N SER D 458 -0.27 54.13 -24.76
CA SER D 458 0.10 54.12 -26.18
C SER D 458 -0.34 55.40 -26.89
N VAL D 459 -1.33 56.10 -26.34
CA VAL D 459 -1.80 57.35 -26.99
C VAL D 459 -0.66 58.37 -27.05
N LEU D 460 0.04 58.59 -25.94
CA LEU D 460 1.18 59.53 -25.94
C LEU D 460 2.49 58.84 -26.33
N TYR D 461 2.55 57.51 -26.18
CA TYR D 461 3.78 56.77 -26.58
C TYR D 461 3.91 56.69 -28.12
N ASN D 462 2.82 56.90 -28.84
CA ASN D 462 2.84 56.77 -30.31
C ASN D 462 2.62 58.13 -30.98
N SER D 463 2.82 59.23 -30.24
CA SER D 463 2.72 60.56 -30.90
C SER D 463 3.86 60.73 -31.91
N ALA D 464 5.11 60.61 -31.46
CA ALA D 464 6.28 60.63 -32.38
C ALA D 464 6.38 61.95 -33.13
N SER D 465 5.53 62.92 -32.80
CA SER D 465 5.50 64.23 -33.49
C SER D 465 5.76 65.28 -32.42
N PHE D 466 6.38 64.85 -31.32
CA PHE D 466 6.67 65.79 -30.21
C PHE D 466 8.16 66.15 -30.25
N SER D 467 8.45 67.39 -29.86
CA SER D 467 9.84 67.88 -30.03
C SER D 467 10.90 67.04 -29.31
N THR D 468 10.80 66.92 -27.98
CA THR D 468 11.79 66.13 -27.23
C THR D 468 11.02 65.35 -26.17
N PHE D 469 10.80 64.06 -26.44
CA PHE D 469 10.03 63.21 -25.52
C PHE D 469 10.92 62.06 -25.08
N LYS D 470 11.29 62.05 -23.80
CA LYS D 470 12.16 60.96 -23.27
C LYS D 470 11.42 60.22 -22.17
N CYS D 471 11.43 58.89 -22.24
CA CYS D 471 10.82 58.06 -21.19
C CYS D 471 11.94 57.39 -20.40
N TYR D 472 12.12 57.81 -19.16
CA TYR D 472 13.19 57.24 -18.31
C TYR D 472 12.58 56.48 -17.14
N GLY D 473 12.95 55.20 -17.01
CA GLY D 473 12.44 54.37 -15.91
C GLY D 473 11.58 53.20 -16.32
N VAL D 474 11.16 53.14 -17.59
CA VAL D 474 10.27 52.03 -18.02
C VAL D 474 10.38 51.86 -19.53
N SER D 475 10.16 50.63 -20.01
CA SER D 475 10.13 50.42 -21.47
C SER D 475 8.74 50.82 -21.95
N PRO D 476 8.59 51.82 -22.83
CA PRO D 476 7.26 52.30 -23.21
C PRO D 476 6.39 51.23 -23.88
N THR D 477 6.99 50.38 -24.71
CA THR D 477 6.18 49.31 -25.33
C THR D 477 5.64 48.36 -24.28
N LYS D 478 6.48 47.98 -23.30
CA LYS D 478 6.03 47.10 -22.21
C LYS D 478 5.31 47.88 -21.12
N LEU D 479 5.30 49.21 -21.18
CA LEU D 479 4.52 50.00 -20.19
C LEU D 479 3.04 49.69 -20.36
N ASN D 480 2.58 49.58 -21.61
CA ASN D 480 1.17 49.19 -21.87
C ASN D 480 0.94 47.72 -21.50
N ASP D 481 2.00 46.96 -21.26
CA ASP D 481 1.86 45.55 -20.82
C ASP D 481 2.39 45.39 -19.40
N LEU D 482 2.25 46.45 -18.59
CA LEU D 482 2.67 46.37 -17.18
C LEU D 482 1.69 47.21 -16.37
N CYS D 483 1.82 47.17 -15.04
CA CYS D 483 0.82 47.87 -14.21
C CYS D 483 1.45 48.80 -13.19
N PHE D 484 0.71 49.85 -12.82
CA PHE D 484 1.23 50.89 -11.91
C PHE D 484 0.21 51.21 -10.83
N THR D 485 0.68 51.74 -9.71
CA THR D 485 -0.25 52.12 -8.63
C THR D 485 -0.86 53.51 -8.86
N ASN D 486 -0.05 54.44 -9.36
CA ASN D 486 -0.54 55.82 -9.56
C ASN D 486 0.08 56.41 -10.81
N VAL D 487 -0.58 57.44 -11.35
CA VAL D 487 -0.03 58.18 -12.51
C VAL D 487 -0.07 59.67 -12.17
N TYR D 488 1.11 60.28 -12.10
CA TYR D 488 1.19 61.70 -11.73
C TYR D 488 1.78 62.49 -12.89
N ALA D 489 1.58 63.80 -12.88
CA ALA D 489 2.15 64.67 -13.91
C ALA D 489 2.71 65.93 -13.24
N ASP D 490 3.90 66.33 -13.66
CA ASP D 490 4.47 67.63 -13.21
C ASP D 490 4.99 68.34 -14.47
N SER D 491 4.69 69.63 -14.58
CA SER D 491 5.11 70.40 -15.78
C SER D 491 5.81 71.68 -15.37
N PHE D 492 6.89 72.01 -16.08
CA PHE D 492 7.59 73.29 -15.84
C PHE D 492 8.09 73.84 -17.17
N VAL D 493 8.09 75.17 -17.27
CA VAL D 493 8.46 75.83 -18.55
C VAL D 493 9.97 76.03 -18.59
N ILE D 494 10.64 75.20 -19.38
CA ILE D 494 12.11 75.29 -19.51
C ILE D 494 12.48 76.38 -20.51
N ARG D 495 13.66 76.95 -20.30
CA ARG D 495 14.12 78.07 -21.16
C ARG D 495 15.01 77.56 -22.29
N GLY D 496 15.33 78.46 -23.20
CA GLY D 496 16.20 78.09 -24.35
C GLY D 496 17.60 77.73 -23.92
N ASP D 497 18.19 78.48 -23.01
CA ASP D 497 19.54 78.12 -22.51
C ASP D 497 19.43 77.07 -21.40
N GLU D 498 18.28 77.01 -20.74
CA GLU D 498 18.06 76.00 -19.68
C GLU D 498 17.46 74.71 -20.26
N VAL D 499 17.29 74.64 -21.58
CA VAL D 499 16.83 73.36 -22.20
C VAL D 499 17.91 72.30 -21.96
N ARG D 500 19.17 72.69 -22.01
CA ARG D 500 20.26 71.73 -21.65
C ARG D 500 20.25 71.48 -20.14
N GLN D 501 19.79 72.47 -19.38
CA GLN D 501 19.70 72.28 -17.90
C GLN D 501 18.36 71.64 -17.54
N ILE D 502 17.55 71.30 -18.54
CA ILE D 502 16.24 70.66 -18.28
C ILE D 502 16.49 69.16 -18.09
N ALA D 503 16.89 68.76 -16.88
CA ALA D 503 17.08 67.35 -16.55
C ALA D 503 17.19 67.25 -15.03
N PRO D 504 16.88 66.09 -14.41
CA PRO D 504 17.11 65.92 -12.99
C PRO D 504 18.62 65.91 -12.72
N GLY D 505 19.08 66.75 -11.79
CA GLY D 505 20.52 66.89 -11.57
C GLY D 505 21.14 67.96 -12.46
N GLN D 506 20.34 68.56 -13.36
CA GLN D 506 20.85 69.67 -14.19
C GLN D 506 20.32 70.96 -13.60
N THR D 507 21.22 71.86 -13.24
CA THR D 507 20.82 73.11 -12.57
C THR D 507 20.91 74.30 -13.50
N GLY D 508 20.35 75.42 -13.08
CA GLY D 508 20.33 76.64 -13.90
C GLY D 508 19.45 77.68 -13.25
N LYS D 509 19.32 78.85 -13.88
CA LYS D 509 18.51 79.93 -13.27
C LYS D 509 17.06 79.47 -13.09
N ILE D 510 16.47 78.92 -14.14
CA ILE D 510 15.10 78.34 -14.00
C ILE D 510 15.17 77.13 -13.06
N ALA D 511 16.25 76.34 -13.17
CA ALA D 511 16.36 75.13 -12.34
C ALA D 511 16.70 75.50 -10.89
N ASP D 512 17.06 76.75 -10.63
CA ASP D 512 17.32 77.16 -9.24
C ASP D 512 16.12 77.89 -8.63
N TYR D 513 15.53 78.83 -9.36
CA TYR D 513 14.46 79.67 -8.78
C TYR D 513 13.05 79.16 -9.09
N ASN D 514 12.88 78.46 -10.22
CA ASN D 514 11.51 78.05 -10.61
C ASN D 514 11.15 76.68 -10.04
N TYR D 515 12.00 75.69 -10.32
CA TYR D 515 11.73 74.34 -9.79
C TYR D 515 13.03 73.53 -9.81
N LYS D 516 13.10 72.52 -8.93
CA LYS D 516 14.26 71.60 -8.92
C LYS D 516 13.71 70.18 -9.05
N LEU D 517 14.25 69.44 -10.02
CA LEU D 517 13.70 68.10 -10.31
C LEU D 517 14.10 67.10 -9.23
N PRO D 518 13.36 65.99 -9.10
CA PRO D 518 13.74 64.96 -8.14
C PRO D 518 15.06 64.28 -8.49
N ASP D 519 15.58 63.52 -7.53
CA ASP D 519 16.93 62.94 -7.72
C ASP D 519 16.94 61.82 -8.76
N ASP D 520 16.13 60.78 -8.54
CA ASP D 520 16.07 59.63 -9.50
C ASP D 520 14.60 59.32 -9.73
N PHE D 521 13.97 60.06 -10.64
CA PHE D 521 12.51 59.88 -10.83
C PHE D 521 12.21 58.69 -11.73
N THR D 522 10.92 58.46 -11.95
CA THR D 522 10.48 57.37 -12.85
C THR D 522 9.28 57.85 -13.64
N GLY D 523 9.18 57.41 -14.90
CA GLY D 523 8.01 57.76 -15.71
C GLY D 523 8.45 58.15 -17.09
N CYS D 524 7.74 59.11 -17.67
CA CYS D 524 8.14 59.69 -18.98
C CYS D 524 7.96 61.20 -18.91
N VAL D 525 8.92 61.92 -19.49
CA VAL D 525 8.89 63.40 -19.45
C VAL D 525 8.91 63.92 -20.89
N ILE D 526 8.02 64.85 -21.19
CA ILE D 526 7.95 65.42 -22.56
C ILE D 526 8.30 66.91 -22.52
N ALA D 527 9.36 67.29 -23.23
CA ALA D 527 9.81 68.70 -23.29
C ALA D 527 9.72 69.18 -24.74
N TRP D 528 8.96 70.24 -24.99
CA TRP D 528 8.72 70.71 -26.37
C TRP D 528 9.65 71.86 -26.70
N ASN D 529 10.69 71.58 -27.49
CA ASN D 529 11.62 72.64 -27.94
C ASN D 529 11.02 73.32 -29.18
N SER D 530 9.80 73.82 -29.03
CA SER D 530 9.11 74.49 -30.15
C SER D 530 8.81 75.93 -29.72
N ASN D 531 9.49 76.90 -30.33
CA ASN D 531 9.26 78.31 -29.98
C ASN D 531 7.91 78.78 -30.50
N ASN D 532 7.27 77.99 -31.36
CA ASN D 532 5.94 78.37 -31.87
C ASN D 532 4.93 78.41 -30.72
N LEU D 533 5.01 77.44 -29.83
CA LEU D 533 4.05 77.38 -28.69
C LEU D 533 4.80 77.38 -27.36
N PRO D 599 11.75 79.60 -25.20
CA PRO D 599 10.98 78.79 -24.25
C PRO D 599 10.77 77.36 -24.75
N TYR D 600 10.67 76.43 -23.82
CA TYR D 600 10.43 75.01 -24.18
C TYR D 600 9.66 74.36 -23.04
N ARG D 601 8.34 74.24 -23.22
CA ARG D 601 7.50 73.63 -22.16
C ARG D 601 7.88 72.17 -21.94
N VAL D 602 7.93 71.77 -20.68
CA VAL D 602 8.30 70.38 -20.33
C VAL D 602 7.20 69.78 -19.44
N VAL D 603 6.69 68.63 -19.84
CA VAL D 603 5.68 67.90 -19.02
C VAL D 603 6.29 66.56 -18.60
N VAL D 604 6.27 66.29 -17.31
CA VAL D 604 6.89 65.04 -16.79
C VAL D 604 5.81 64.20 -16.10
N LEU D 605 5.68 62.96 -16.55
CA LEU D 605 4.75 62.01 -15.89
C LEU D 605 5.53 61.22 -14.84
N SER D 606 4.99 61.15 -13.64
CA SER D 606 5.69 60.50 -12.51
C SER D 606 5.17 59.08 -12.30
N PHE D 607 6.12 58.15 -12.18
CA PHE D 607 5.76 56.73 -11.94
C PHE D 607 5.90 56.44 -10.45
N GLU D 608 4.76 56.15 -9.80
CA GLU D 608 4.76 55.88 -8.36
C GLU D 608 3.99 54.58 -8.10
N LEU D 609 4.62 53.68 -7.35
CA LEU D 609 3.99 52.38 -6.99
C LEU D 609 4.09 52.18 -5.48
N LEU D 610 3.06 52.66 -4.76
CA LEU D 610 3.02 52.47 -3.30
C LEU D 610 2.52 51.07 -2.93
N HIS D 611 2.67 50.71 -1.66
CA HIS D 611 2.22 49.36 -1.23
C HIS D 611 0.71 49.42 -1.00
N ALA D 612 -0.05 49.17 -2.07
CA ALA D 612 -1.53 49.14 -2.00
C ALA D 612 -2.01 48.52 -3.31
N PRO D 613 -3.27 48.05 -3.40
CA PRO D 613 -3.77 47.56 -4.68
C PRO D 613 -3.73 48.63 -5.77
N ALA D 614 -3.40 48.19 -6.98
CA ALA D 614 -3.32 49.11 -8.13
C ALA D 614 -4.69 49.34 -8.78
N THR D 615 -4.80 50.44 -9.50
CA THR D 615 -6.09 50.79 -10.15
C THR D 615 -5.93 50.98 -11.65
N VAL D 616 -4.96 51.80 -12.09
CA VAL D 616 -4.89 52.13 -13.53
C VAL D 616 -3.60 51.56 -14.12
N CYS D 617 -3.75 50.82 -15.21
CA CYS D 617 -2.55 50.24 -15.86
C CYS D 617 -2.81 49.79 -17.29
N GLY D 618 -1.78 49.23 -17.92
CA GLY D 618 -1.86 48.91 -19.35
C GLY D 618 -2.98 47.98 -19.75
N PRO D 619 -3.58 48.20 -20.92
CA PRO D 619 -4.70 47.40 -21.36
C PRO D 619 -4.28 46.01 -21.83
N LYS D 620 -5.21 45.07 -21.70
CA LYS D 620 -4.94 43.68 -22.14
C LYS D 620 -5.88 43.36 -23.31
N LYS D 621 -5.31 42.83 -24.39
CA LYS D 621 -6.12 42.60 -25.59
C LYS D 621 -6.87 41.27 -25.46
N SER D 622 -8.19 41.32 -25.68
CA SER D 622 -9.02 40.10 -25.65
C SER D 622 -9.29 39.67 -27.08
N THR D 623 -8.78 38.50 -27.45
CA THR D 623 -8.88 38.04 -28.85
C THR D 623 -10.28 37.48 -29.12
N ASN D 624 -10.44 36.90 -30.31
CA ASN D 624 -11.74 36.35 -30.69
C ASN D 624 -12.12 35.15 -29.84
N LEU D 625 -13.42 34.91 -29.73
CA LEU D 625 -13.91 33.75 -28.96
C LEU D 625 -14.24 32.60 -29.91
N VAL D 626 -13.45 31.54 -29.82
CA VAL D 626 -13.63 30.37 -30.71
C VAL D 626 -14.34 29.27 -29.94
N LYS D 627 -15.10 28.46 -30.67
CA LYS D 627 -15.85 27.37 -30.04
C LYS D 627 -15.56 26.05 -30.75
N ASN D 628 -15.90 24.96 -30.08
CA ASN D 628 -15.82 23.61 -30.69
C ASN D 628 -14.40 23.28 -31.12
N LYS D 629 -13.40 23.78 -30.38
CA LYS D 629 -12.01 23.40 -30.70
C LYS D 629 -11.18 23.31 -29.43
N CYS D 630 -10.15 22.48 -29.43
CA CYS D 630 -9.22 22.44 -28.30
C CYS D 630 -8.41 23.72 -28.31
N VAL D 631 -8.49 24.48 -27.23
CA VAL D 631 -7.85 25.82 -27.18
C VAL D 631 -7.35 26.09 -25.77
N ASN D 632 -6.23 26.81 -25.68
CA ASN D 632 -5.74 27.30 -24.38
C ASN D 632 -6.36 28.67 -24.17
N PHE D 633 -7.29 28.74 -23.23
CA PHE D 633 -8.07 29.98 -23.04
C PHE D 633 -7.62 30.74 -21.81
N ASN D 634 -8.12 31.97 -21.71
CA ASN D 634 -7.78 32.83 -20.55
C ASN D 634 -8.92 33.83 -20.39
N PHE D 635 -9.74 33.63 -19.38
CA PHE D 635 -10.92 34.49 -19.16
C PHE D 635 -10.70 35.33 -17.92
N ASN D 636 -10.34 36.61 -18.13
CA ASN D 636 -10.02 37.53 -17.01
C ASN D 636 -9.01 36.90 -16.07
N GLY D 637 -7.90 36.44 -16.62
CA GLY D 637 -6.83 35.88 -15.79
C GLY D 637 -6.94 34.40 -15.53
N LEU D 638 -8.10 33.80 -15.82
CA LEU D 638 -8.26 32.37 -15.53
C LEU D 638 -7.76 31.59 -16.72
N THR D 639 -6.61 30.92 -16.55
CA THR D 639 -5.97 30.21 -17.66
C THR D 639 -6.31 28.74 -17.64
N GLY D 640 -6.65 28.22 -18.80
CA GLY D 640 -6.98 26.79 -18.90
C GLY D 640 -7.01 26.33 -20.33
N THR D 641 -7.19 25.03 -20.50
CA THR D 641 -7.24 24.44 -21.85
C THR D 641 -8.49 23.59 -21.99
N GLY D 642 -9.01 23.51 -23.20
CA GLY D 642 -10.18 22.66 -23.44
C GLY D 642 -10.97 23.14 -24.62
N VAL D 643 -12.24 22.72 -24.65
CA VAL D 643 -13.16 23.11 -25.74
C VAL D 643 -14.31 23.90 -25.12
N LEU D 644 -14.60 25.05 -25.71
CA LEU D 644 -15.65 25.93 -25.16
C LEU D 644 -16.90 25.85 -26.03
N THR D 645 -18.04 25.64 -25.37
CA THR D 645 -19.33 25.62 -26.08
C THR D 645 -20.38 26.30 -25.21
N GLU D 646 -21.54 26.56 -25.80
CA GLU D 646 -22.64 27.18 -25.03
C GLU D 646 -23.24 26.18 -24.06
N SER D 647 -23.90 26.71 -23.03
CA SER D 647 -24.60 25.85 -22.05
C SER D 647 -25.95 26.48 -21.75
N ASN D 648 -26.61 25.95 -20.73
CA ASN D 648 -27.90 26.52 -20.31
C ASN D 648 -27.95 26.77 -18.80
N LYS D 649 -26.85 26.54 -18.10
CA LYS D 649 -26.85 26.85 -16.65
C LYS D 649 -26.97 28.35 -16.46
N LYS D 650 -27.76 28.74 -15.45
CA LYS D 650 -27.95 30.17 -15.18
C LYS D 650 -27.06 30.58 -14.01
N PHE D 651 -26.02 31.33 -14.32
CA PHE D 651 -25.15 31.85 -13.25
C PHE D 651 -25.88 32.94 -12.49
N LEU D 652 -25.55 33.06 -11.22
CA LEU D 652 -26.10 34.26 -10.58
C LEU D 652 -25.34 35.46 -11.15
N PRO D 653 -25.97 36.65 -11.19
CA PRO D 653 -25.34 37.79 -11.86
C PRO D 653 -23.92 38.10 -11.38
N PHE D 654 -23.66 37.95 -10.08
CA PHE D 654 -22.32 38.27 -9.54
C PHE D 654 -21.33 37.13 -9.77
N GLN D 655 -21.79 35.98 -10.22
CA GLN D 655 -20.91 34.81 -10.38
C GLN D 655 -20.20 34.83 -11.73
N GLN D 656 -18.95 34.38 -11.73
CA GLN D 656 -18.11 34.55 -12.93
C GLN D 656 -17.71 33.24 -13.59
N PHE D 657 -17.54 32.16 -12.82
CA PHE D 657 -17.16 30.89 -13.43
C PHE D 657 -17.45 29.77 -12.46
N GLY D 658 -18.08 28.72 -12.98
CA GLY D 658 -18.50 27.59 -12.13
C GLY D 658 -17.48 26.48 -12.03
N ARG D 659 -17.84 25.46 -11.27
CA ARG D 659 -16.94 24.33 -11.08
C ARG D 659 -17.75 23.05 -10.99
N ASP D 660 -17.08 21.95 -10.68
CA ASP D 660 -17.73 20.63 -10.59
C ASP D 660 -17.79 20.16 -9.15
N ILE D 661 -18.24 18.92 -8.96
CA ILE D 661 -18.28 18.34 -7.59
C ILE D 661 -16.85 18.12 -7.09
N ALA D 662 -15.89 18.05 -8.00
CA ALA D 662 -14.47 17.90 -7.61
C ALA D 662 -13.76 19.25 -7.65
N ASP D 663 -14.52 20.35 -7.70
CA ASP D 663 -13.91 21.70 -7.64
C ASP D 663 -12.94 21.92 -8.80
N THR D 664 -13.32 21.46 -9.99
CA THR D 664 -12.50 21.69 -11.19
C THR D 664 -13.28 22.54 -12.17
N THR D 665 -12.56 23.37 -12.91
CA THR D 665 -13.22 24.32 -13.82
C THR D 665 -14.07 23.59 -14.85
N ASP D 666 -15.35 23.92 -14.89
CA ASP D 666 -16.22 23.35 -15.94
C ASP D 666 -16.89 24.47 -16.74
N ALA D 667 -17.18 25.60 -16.12
CA ALA D 667 -17.95 26.66 -16.81
C ALA D 667 -17.29 28.00 -16.55
N VAL D 668 -17.33 28.86 -17.54
CA VAL D 668 -16.83 30.24 -17.39
C VAL D 668 -17.83 31.18 -18.04
N ARG D 669 -18.04 32.34 -17.40
CA ARG D 669 -18.96 33.35 -17.95
C ARG D 669 -18.12 34.32 -18.75
N ASP D 670 -18.39 34.40 -20.04
CA ASP D 670 -17.51 35.19 -20.92
C ASP D 670 -17.51 36.65 -20.53
N PRO D 671 -16.36 37.34 -20.60
CA PRO D 671 -16.35 38.74 -20.16
C PRO D 671 -17.23 39.68 -21.00
N GLN D 672 -17.06 39.68 -22.31
CA GLN D 672 -17.75 40.68 -23.16
C GLN D 672 -19.16 40.26 -23.55
N THR D 673 -19.36 39.00 -23.91
CA THR D 673 -20.68 38.62 -24.46
C THR D 673 -21.71 38.34 -23.38
N LEU D 674 -21.29 38.28 -22.12
CA LEU D 674 -22.24 38.03 -21.00
C LEU D 674 -23.08 36.77 -21.24
N GLU D 675 -22.44 35.69 -21.63
CA GLU D 675 -23.12 34.40 -21.78
C GLU D 675 -22.54 33.40 -20.79
N ILE D 676 -23.06 32.18 -20.84
CA ILE D 676 -22.53 31.10 -19.99
C ILE D 676 -21.91 30.05 -20.92
N LEU D 677 -20.68 29.67 -20.63
CA LEU D 677 -19.98 28.70 -21.49
C LEU D 677 -19.56 27.50 -20.67
N ASP D 678 -19.71 26.32 -21.26
CA ASP D 678 -19.15 25.10 -20.66
C ASP D 678 -17.73 24.88 -21.16
N ILE D 679 -16.86 24.47 -20.25
CA ILE D 679 -15.48 24.10 -20.62
C ILE D 679 -15.39 22.60 -20.45
N THR D 680 -14.85 21.93 -21.46
CA THR D 680 -14.74 20.47 -21.36
C THR D 680 -13.31 20.06 -21.60
N PRO D 681 -12.86 18.92 -21.04
CA PRO D 681 -11.50 18.50 -21.24
C PRO D 681 -11.21 18.27 -22.73
N CYS D 682 -10.01 18.68 -23.15
CA CYS D 682 -9.58 18.39 -24.52
C CYS D 682 -9.49 16.87 -24.62
N SER D 683 -10.04 16.30 -25.69
CA SER D 683 -10.25 14.85 -25.71
C SER D 683 -9.01 14.01 -25.47
N PHE D 684 -9.14 13.00 -24.63
CA PHE D 684 -8.02 12.07 -24.38
C PHE D 684 -8.59 10.66 -24.38
N GLY D 685 -7.73 9.71 -24.72
CA GLY D 685 -8.20 8.33 -24.73
C GLY D 685 -7.05 7.36 -24.79
N GLY D 686 -7.37 6.09 -24.61
CA GLY D 686 -6.37 5.05 -24.80
C GLY D 686 -6.50 4.46 -26.18
N VAL D 687 -5.39 3.99 -26.72
CA VAL D 687 -5.38 3.42 -28.10
C VAL D 687 -5.12 1.93 -27.98
N SER D 688 -6.07 1.14 -28.44
CA SER D 688 -5.95 -0.33 -28.38
C SER D 688 -5.82 -0.87 -29.80
N VAL D 689 -4.92 -1.83 -29.95
CA VAL D 689 -4.71 -2.50 -31.26
C VAL D 689 -5.40 -3.86 -31.22
N ILE D 690 -6.29 -4.09 -32.17
CA ILE D 690 -6.97 -5.40 -32.27
C ILE D 690 -6.27 -6.19 -33.37
N THR D 691 -5.67 -7.30 -32.98
CA THR D 691 -5.00 -8.11 -34.00
C THR D 691 -5.22 -9.57 -33.73
N PRO D 692 -5.32 -10.40 -34.77
CA PRO D 692 -5.24 -11.83 -34.57
C PRO D 692 -3.75 -12.16 -34.38
N GLY D 693 -3.47 -13.43 -34.18
CA GLY D 693 -2.07 -13.82 -34.08
C GLY D 693 -1.32 -13.51 -35.34
N THR D 694 -0.06 -13.11 -35.19
CA THR D 694 0.79 -12.92 -36.39
C THR D 694 0.93 -14.26 -37.10
N ASN D 695 0.76 -15.36 -36.38
CA ASN D 695 0.77 -16.69 -37.05
C ASN D 695 -0.43 -16.80 -37.99
N THR D 696 -1.45 -15.97 -37.77
CA THR D 696 -2.70 -16.07 -38.57
C THR D 696 -2.76 -15.01 -39.66
N SER D 697 -2.50 -13.76 -39.31
CA SER D 697 -2.61 -12.66 -40.28
C SER D 697 -1.75 -11.50 -39.81
N ASN D 698 -1.50 -10.57 -40.73
CA ASN D 698 -0.74 -9.36 -40.35
C ASN D 698 -1.66 -8.13 -40.34
N GLN D 699 -2.96 -8.34 -40.51
CA GLN D 699 -3.88 -7.19 -40.44
C GLN D 699 -4.15 -6.81 -38.99
N VAL D 700 -4.42 -5.54 -38.77
CA VAL D 700 -4.84 -5.07 -37.43
C VAL D 700 -5.99 -4.10 -37.60
N ALA D 701 -6.71 -3.89 -36.52
CA ALA D 701 -7.74 -2.84 -36.48
C ALA D 701 -7.51 -2.08 -35.18
N VAL D 702 -7.84 -0.80 -35.20
CA VAL D 702 -7.48 0.06 -34.06
C VAL D 702 -8.71 0.55 -33.32
N LEU D 703 -8.66 0.43 -31.99
CA LEU D 703 -9.73 0.98 -31.14
C LEU D 703 -9.21 2.27 -30.53
N TYR D 704 -9.99 3.33 -30.65
CA TYR D 704 -9.68 4.58 -29.91
C TYR D 704 -10.72 4.69 -28.82
N GLN D 705 -10.29 4.48 -27.57
CA GLN D 705 -11.27 4.40 -26.47
C GLN D 705 -11.85 5.76 -26.12
N ASP D 706 -13.15 5.80 -25.89
CA ASP D 706 -13.82 7.01 -25.38
C ASP D 706 -13.59 8.22 -26.26
N VAL D 707 -13.82 8.07 -27.55
CA VAL D 707 -13.73 9.23 -28.47
C VAL D 707 -14.87 9.14 -29.47
N ASN D 708 -15.01 10.17 -30.27
CA ASN D 708 -16.00 10.18 -31.36
C ASN D 708 -15.22 10.17 -32.68
N CYS D 709 -15.64 9.32 -33.60
CA CYS D 709 -14.89 9.15 -34.87
C CYS D 709 -14.78 10.48 -35.62
N THR D 710 -15.58 11.48 -35.24
CA THR D 710 -15.45 12.81 -35.86
C THR D 710 -14.09 13.43 -35.58
N GLU D 711 -13.52 13.16 -34.40
CA GLU D 711 -12.30 13.88 -33.98
C GLU D 711 -11.05 13.00 -33.96
N VAL D 712 -11.14 11.77 -34.43
CA VAL D 712 -9.96 10.87 -34.34
C VAL D 712 -8.77 11.26 -35.23
N PRO D 713 -8.94 11.65 -36.52
CA PRO D 713 -7.79 11.67 -37.41
C PRO D 713 -6.69 12.67 -37.06
N VAL D 714 -7.10 13.93 -36.92
CA VAL D 714 -6.10 14.98 -36.62
C VAL D 714 -5.58 14.77 -35.20
N ALA D 715 -6.45 14.36 -34.28
CA ALA D 715 -6.05 14.22 -32.88
C ALA D 715 -4.99 13.13 -32.71
N ILE D 716 -5.04 12.09 -33.53
CA ILE D 716 -3.98 11.05 -33.50
C ILE D 716 -2.78 11.50 -34.33
N HIS D 717 -2.78 12.75 -34.81
CA HIS D 717 -1.70 13.26 -35.68
C HIS D 717 -1.56 12.41 -36.94
N ALA D 718 -2.64 12.32 -37.71
CA ALA D 718 -2.62 11.49 -38.93
C ALA D 718 -1.59 12.03 -39.91
N ASP D 719 -1.47 13.35 -40.03
CA ASP D 719 -0.61 13.89 -41.11
C ASP D 719 0.85 13.49 -40.92
N GLN D 720 1.39 13.68 -39.72
CA GLN D 720 2.85 13.46 -39.55
C GLN D 720 3.09 11.98 -39.26
N LEU D 721 2.88 11.16 -40.28
CA LEU D 721 3.05 9.70 -40.12
C LEU D 721 3.28 9.09 -41.49
N THR D 722 3.77 7.86 -41.48
CA THR D 722 3.92 7.11 -42.74
C THR D 722 2.54 6.67 -43.21
N PRO D 723 2.32 6.48 -44.53
CA PRO D 723 0.98 6.22 -45.02
C PRO D 723 0.29 4.99 -44.42
N THR D 724 1.07 4.01 -43.96
CA THR D 724 0.46 2.82 -43.34
C THR D 724 -0.38 3.22 -42.14
N TRP D 725 0.08 4.22 -41.37
CA TRP D 725 -0.75 4.73 -40.27
C TRP D 725 -1.95 5.50 -40.80
N ARG D 726 -1.78 6.19 -41.92
CA ARG D 726 -2.92 6.92 -42.54
C ARG D 726 -3.98 5.93 -43.02
N VAL D 727 -3.59 4.67 -43.21
CA VAL D 727 -4.58 3.63 -43.61
C VAL D 727 -5.62 3.48 -42.49
N TYR D 728 -5.19 3.61 -41.24
CA TYR D 728 -6.14 3.45 -40.10
C TYR D 728 -6.52 4.80 -39.49
N SER D 729 -5.86 5.89 -39.86
CA SER D 729 -6.28 7.22 -39.38
C SER D 729 -7.60 7.61 -40.05
N THR D 730 -7.75 7.25 -41.32
CA THR D 730 -9.05 7.42 -42.03
C THR D 730 -9.32 6.11 -42.77
N GLY D 731 -10.59 5.79 -42.93
CA GLY D 731 -10.91 4.52 -43.58
C GLY D 731 -12.35 4.42 -44.02
N SER D 732 -12.60 3.49 -44.93
CA SER D 732 -13.99 3.23 -45.41
C SER D 732 -14.81 2.49 -44.34
N ASN D 733 -14.13 1.75 -43.45
CA ASN D 733 -14.84 1.02 -42.38
C ASN D 733 -14.61 1.76 -41.07
N VAL D 734 -15.44 2.75 -40.81
CA VAL D 734 -15.38 3.45 -39.51
C VAL D 734 -16.62 3.05 -38.74
N PHE D 735 -16.43 2.48 -37.56
CA PHE D 735 -17.58 2.11 -36.72
C PHE D 735 -17.40 2.69 -35.34
N GLN D 736 -18.43 3.35 -34.84
CA GLN D 736 -18.40 3.87 -33.46
C GLN D 736 -19.15 2.91 -32.54
N THR D 737 -18.48 2.41 -31.53
CA THR D 737 -19.14 1.60 -30.49
C THR D 737 -19.35 2.46 -29.26
N ARG D 738 -19.86 1.86 -28.20
CA ARG D 738 -19.91 2.59 -26.92
C ARG D 738 -18.51 2.68 -26.33
N ALA D 739 -17.73 1.61 -26.40
CA ALA D 739 -16.38 1.60 -25.82
C ALA D 739 -15.43 2.55 -26.53
N GLY D 740 -15.64 2.78 -27.83
CA GLY D 740 -14.76 3.68 -28.56
C GLY D 740 -15.06 3.70 -30.03
N CYS D 741 -14.13 4.25 -30.80
CA CYS D 741 -14.28 4.35 -32.27
C CYS D 741 -13.44 3.28 -32.94
N LEU D 742 -14.05 2.13 -33.22
CA LEU D 742 -13.30 0.99 -33.80
C LEU D 742 -13.10 1.23 -35.26
N ILE D 743 -11.84 1.28 -35.67
CA ILE D 743 -11.50 1.58 -37.08
C ILE D 743 -10.76 0.40 -37.68
N GLY D 744 -11.16 -0.01 -38.87
CA GLY D 744 -10.47 -1.11 -39.56
C GLY D 744 -11.16 -2.46 -39.45
N ALA D 745 -12.34 -2.50 -38.87
CA ALA D 745 -13.11 -3.76 -38.79
C ALA D 745 -14.39 -3.61 -39.61
N GLU D 746 -14.68 -4.61 -40.42
CA GLU D 746 -15.93 -4.58 -41.21
C GLU D 746 -17.09 -5.03 -40.33
N HIS D 747 -17.92 -4.08 -39.94
CA HIS D 747 -19.05 -4.42 -39.06
C HIS D 747 -20.04 -5.31 -39.79
N VAL D 748 -20.63 -6.23 -39.06
CA VAL D 748 -21.60 -7.18 -39.66
C VAL D 748 -22.82 -7.29 -38.76
N ASN D 749 -23.91 -7.79 -39.34
CA ASN D 749 -25.13 -8.03 -38.55
C ASN D 749 -25.24 -9.50 -38.11
N ASN D 750 -24.20 -10.29 -38.35
CA ASN D 750 -24.21 -11.68 -37.86
C ASN D 750 -23.88 -11.69 -36.37
N SER D 751 -23.90 -12.87 -35.77
CA SER D 751 -23.54 -13.01 -34.35
C SER D 751 -22.59 -14.20 -34.23
N TYR D 752 -21.62 -14.08 -33.36
CA TYR D 752 -20.66 -15.18 -33.12
C TYR D 752 -20.37 -15.23 -31.63
N GLU D 753 -19.53 -16.18 -31.23
CA GLU D 753 -19.04 -16.19 -29.85
C GLU D 753 -17.89 -15.19 -29.74
N CYS D 754 -17.74 -14.61 -28.57
CA CYS D 754 -16.70 -13.58 -28.42
C CYS D 754 -15.31 -14.18 -28.63
N ASP D 755 -14.49 -13.51 -29.43
CA ASP D 755 -13.12 -13.96 -29.66
C ASP D 755 -12.14 -12.92 -29.09
N ILE D 756 -12.24 -11.67 -29.53
CA ILE D 756 -11.41 -10.58 -28.98
C ILE D 756 -12.41 -9.56 -28.44
N PRO D 757 -12.65 -9.51 -27.12
CA PRO D 757 -13.68 -8.63 -26.60
C PRO D 757 -13.31 -7.15 -26.73
N ILE D 758 -14.02 -6.44 -27.59
CA ILE D 758 -13.81 -4.98 -27.75
C ILE D 758 -14.32 -4.24 -26.53
N GLY D 759 -15.43 -4.70 -25.99
CA GLY D 759 -16.04 -4.03 -24.84
C GLY D 759 -17.40 -3.51 -25.19
N ALA D 760 -18.29 -3.50 -24.22
CA ALA D 760 -19.69 -3.09 -24.45
C ALA D 760 -20.36 -3.95 -25.50
N GLY D 761 -20.38 -5.27 -25.31
CA GLY D 761 -21.14 -6.14 -26.19
C GLY D 761 -20.59 -6.27 -27.59
N ILE D 762 -19.36 -5.86 -27.81
CA ILE D 762 -18.76 -5.92 -29.16
C ILE D 762 -17.54 -6.82 -29.08
N CYS D 763 -17.40 -7.69 -30.06
CA CYS D 763 -16.26 -8.61 -30.12
C CYS D 763 -15.69 -8.55 -31.53
N ALA D 764 -14.60 -9.25 -31.75
CA ALA D 764 -13.97 -9.24 -33.10
C ALA D 764 -13.14 -10.50 -33.31
N SER D 765 -13.05 -10.90 -34.57
CA SER D 765 -12.21 -12.05 -34.96
C SER D 765 -11.82 -11.89 -36.42
N TYR D 766 -10.74 -12.58 -36.80
CA TYR D 766 -10.30 -12.57 -38.21
C TYR D 766 -11.11 -13.65 -38.91
N GLN D 767 -12.02 -13.22 -39.78
CA GLN D 767 -12.95 -14.19 -40.39
C GLN D 767 -13.09 -13.88 -41.88
N THR D 768 -13.45 -14.91 -42.62
CA THR D 768 -13.67 -14.76 -44.08
C THR D 768 -14.88 -13.87 -44.37
N GLN D 782 -11.39 -12.21 -46.62
CA GLN D 782 -10.97 -12.37 -45.21
C GLN D 782 -10.49 -11.05 -44.60
N SER D 783 -11.08 -10.70 -43.47
CA SER D 783 -10.74 -9.42 -42.80
C SER D 783 -11.11 -9.55 -41.31
N ILE D 784 -11.11 -8.41 -40.62
CA ILE D 784 -11.53 -8.40 -39.19
C ILE D 784 -12.94 -7.82 -39.13
N ILE D 785 -13.80 -8.44 -38.33
CA ILE D 785 -15.22 -8.02 -38.31
C ILE D 785 -15.64 -7.68 -36.89
N ALA D 786 -16.37 -6.58 -36.76
CA ALA D 786 -16.90 -6.16 -35.45
C ALA D 786 -18.37 -6.55 -35.37
N TYR D 787 -18.75 -7.20 -34.29
CA TYR D 787 -20.11 -7.74 -34.19
C TYR D 787 -20.50 -7.89 -32.74
N THR D 788 -21.81 -7.99 -32.52
CA THR D 788 -22.32 -8.29 -31.16
C THR D 788 -22.08 -9.76 -30.84
N MET D 789 -21.74 -10.05 -29.61
CA MET D 789 -21.48 -11.44 -29.22
C MET D 789 -22.79 -12.22 -29.11
N SER D 790 -22.74 -13.47 -29.54
CA SER D 790 -23.90 -14.36 -29.41
C SER D 790 -23.75 -15.05 -28.08
N LEU D 791 -24.72 -14.85 -27.19
CA LEU D 791 -24.60 -15.39 -25.83
C LEU D 791 -24.60 -16.91 -25.85
N GLY D 792 -25.46 -17.50 -26.66
CA GLY D 792 -25.45 -18.96 -26.78
C GLY D 792 -26.42 -19.43 -27.83
N ALA D 793 -26.39 -20.73 -28.10
CA ALA D 793 -27.41 -21.28 -29.02
C ALA D 793 -28.80 -21.13 -28.40
N GLU D 794 -29.75 -20.70 -29.21
CA GLU D 794 -31.13 -20.60 -28.71
C GLU D 794 -31.78 -21.97 -28.61
N ASN D 795 -32.55 -22.17 -27.55
CA ASN D 795 -33.19 -23.48 -27.35
C ASN D 795 -34.50 -23.25 -26.60
N SER D 796 -35.42 -24.20 -26.75
CA SER D 796 -36.70 -24.13 -26.03
C SER D 796 -37.01 -25.53 -25.51
N VAL D 797 -37.45 -25.61 -24.27
CA VAL D 797 -37.73 -26.93 -23.68
C VAL D 797 -39.20 -27.28 -23.87
N ALA D 798 -39.48 -28.48 -24.35
CA ALA D 798 -40.87 -28.86 -24.70
C ALA D 798 -41.64 -29.18 -23.43
N TYR D 799 -41.91 -28.15 -22.66
CA TYR D 799 -42.64 -28.36 -21.39
C TYR D 799 -44.10 -28.65 -21.65
N SER D 800 -44.69 -29.48 -20.83
CA SER D 800 -46.16 -29.65 -20.80
C SER D 800 -46.50 -30.27 -19.45
N ASN D 801 -47.74 -30.23 -19.05
CA ASN D 801 -48.11 -30.63 -17.69
C ASN D 801 -47.96 -32.12 -17.46
N ASN D 802 -47.75 -32.93 -18.50
CA ASN D 802 -47.54 -34.36 -18.23
C ASN D 802 -46.49 -34.99 -19.14
N SER D 803 -45.51 -34.22 -19.59
CA SER D 803 -44.46 -34.75 -20.46
C SER D 803 -43.13 -34.78 -19.71
N ILE D 804 -42.36 -35.84 -19.94
CA ILE D 804 -41.02 -35.94 -19.33
C ILE D 804 -40.01 -36.39 -20.38
N ALA D 805 -38.75 -36.17 -20.08
CA ALA D 805 -37.68 -36.74 -20.90
C ALA D 805 -36.79 -37.55 -19.98
N ILE D 806 -36.46 -38.77 -20.40
CA ILE D 806 -35.62 -39.65 -19.56
C ILE D 806 -34.49 -40.17 -20.43
N PRO D 807 -33.25 -40.23 -19.91
CA PRO D 807 -32.16 -40.72 -20.72
C PRO D 807 -32.21 -42.24 -20.89
N THR D 808 -31.60 -42.70 -21.99
CA THR D 808 -31.54 -44.14 -22.25
C THR D 808 -30.09 -44.63 -22.35
N ASN D 809 -29.14 -43.71 -22.42
CA ASN D 809 -27.71 -44.08 -22.53
C ASN D 809 -26.93 -42.98 -21.82
N PHE D 810 -25.69 -43.29 -21.48
CA PHE D 810 -24.85 -42.33 -20.76
C PHE D 810 -23.50 -42.20 -21.42
N THR D 811 -22.91 -41.03 -21.25
CA THR D 811 -21.54 -40.79 -21.73
C THR D 811 -20.68 -40.47 -20.52
N ILE D 812 -19.57 -41.18 -20.40
CA ILE D 812 -18.59 -40.94 -19.33
C ILE D 812 -17.62 -39.87 -19.84
N SER D 813 -17.54 -38.78 -19.10
CA SER D 813 -16.70 -37.64 -19.51
C SER D 813 -15.56 -37.45 -18.53
N VAL D 814 -14.38 -37.19 -19.05
CA VAL D 814 -13.21 -36.89 -18.20
C VAL D 814 -12.79 -35.47 -18.58
N THR D 815 -12.77 -34.59 -17.60
CA THR D 815 -12.41 -33.20 -17.84
C THR D 815 -11.32 -32.77 -16.88
N THR D 816 -10.61 -31.73 -17.27
CA THR D 816 -9.46 -31.28 -16.50
C THR D 816 -9.69 -29.93 -15.84
N GLU D 817 -9.32 -29.85 -14.57
CA GLU D 817 -9.30 -28.56 -13.84
C GLU D 817 -7.85 -28.28 -13.48
N ILE D 818 -7.46 -27.02 -13.58
CA ILE D 818 -6.07 -26.60 -13.30
C ILE D 818 -6.09 -25.57 -12.20
N LEU D 819 -5.26 -25.75 -11.20
CA LEU D 819 -5.31 -24.86 -10.02
C LEU D 819 -3.89 -24.59 -9.55
N PRO D 820 -3.39 -23.35 -9.66
CA PRO D 820 -2.06 -23.05 -9.15
C PRO D 820 -2.01 -23.27 -7.65
N VAL D 821 -0.91 -23.86 -7.20
CA VAL D 821 -0.78 -24.21 -5.75
C VAL D 821 0.35 -23.43 -5.11
N SER D 822 1.43 -23.16 -5.83
CA SER D 822 2.61 -22.54 -5.22
C SER D 822 3.14 -21.43 -6.09
N MET D 823 4.05 -20.65 -5.54
CA MET D 823 4.65 -19.52 -6.26
C MET D 823 6.15 -19.53 -6.01
N THR D 824 6.90 -18.95 -6.94
CA THR D 824 8.37 -18.95 -6.82
C THR D 824 8.78 -18.26 -5.52
N LYS D 825 9.50 -19.00 -4.68
CA LYS D 825 9.94 -18.45 -3.38
C LYS D 825 11.19 -17.62 -3.62
N THR D 826 11.02 -16.32 -3.71
CA THR D 826 12.17 -15.42 -3.91
C THR D 826 12.43 -14.63 -2.65
N SER D 827 13.69 -14.41 -2.35
CA SER D 827 14.08 -13.58 -1.19
C SER D 827 15.00 -12.48 -1.71
N VAL D 828 14.85 -11.30 -1.14
CA VAL D 828 15.61 -10.12 -1.63
C VAL D 828 16.46 -9.56 -0.49
N ASP D 829 17.73 -9.30 -0.78
CA ASP D 829 18.61 -8.68 0.22
C ASP D 829 18.46 -7.16 0.12
N CYS D 830 17.89 -6.55 1.15
CA CYS D 830 17.60 -5.10 1.08
C CYS D 830 18.86 -4.28 0.90
N THR D 831 19.88 -4.52 1.72
CA THR D 831 21.08 -3.66 1.70
C THR D 831 21.82 -3.82 0.39
N MET D 832 21.94 -5.05 -0.09
CA MET D 832 22.72 -5.26 -1.33
C MET D 832 21.93 -4.74 -2.52
N TYR D 833 20.60 -4.79 -2.43
CA TYR D 833 19.80 -4.24 -3.53
C TYR D 833 19.88 -2.72 -3.57
N ILE D 834 19.58 -2.08 -2.44
CA ILE D 834 19.57 -0.59 -2.44
C ILE D 834 20.98 -0.07 -2.54
N CYS D 835 21.83 -0.48 -1.60
CA CYS D 835 23.19 0.11 -1.52
C CYS D 835 24.23 -0.76 -2.21
N GLY D 836 24.35 -2.01 -1.79
CA GLY D 836 25.34 -2.90 -2.41
C GLY D 836 26.61 -3.00 -1.59
N ASP D 837 27.74 -3.02 -2.28
CA ASP D 837 29.05 -3.12 -1.58
C ASP D 837 29.33 -1.88 -0.74
N SER D 838 28.93 -0.70 -1.24
CA SER D 838 29.27 0.56 -0.53
C SER D 838 28.72 0.55 0.89
N THR D 839 29.52 1.01 1.84
CA THR D 839 29.10 1.05 3.26
C THR D 839 28.57 2.42 3.67
N GLU D 840 29.02 3.49 3.04
CA GLU D 840 28.46 4.83 3.36
C GLU D 840 26.97 4.84 3.06
N CYS D 841 26.57 4.19 1.96
CA CYS D 841 25.12 4.08 1.67
C CYS D 841 24.43 3.31 2.80
N SER D 842 25.07 2.28 3.32
CA SER D 842 24.49 1.53 4.45
C SER D 842 24.39 2.42 5.68
N ASN D 843 25.38 3.27 5.90
CA ASN D 843 25.30 4.21 7.03
C ASN D 843 24.09 5.13 6.85
N LEU D 844 23.86 5.60 5.62
CA LEU D 844 22.66 6.43 5.39
C LEU D 844 21.39 5.63 5.63
N LEU D 845 21.36 4.39 5.14
CA LEU D 845 20.14 3.58 5.26
C LEU D 845 19.86 3.25 6.72
N LEU D 846 20.87 3.26 7.56
CA LEU D 846 20.67 2.86 8.98
C LEU D 846 19.67 3.78 9.66
N GLN D 847 19.61 5.04 9.26
CA GLN D 847 18.72 6.00 9.96
C GLN D 847 17.27 5.87 9.47
N TYR D 848 17.00 4.96 8.54
CA TYR D 848 15.64 4.77 8.01
C TYR D 848 14.82 3.78 8.84
N GLY D 849 15.37 3.29 9.93
CA GLY D 849 14.61 2.39 10.80
C GLY D 849 14.59 0.96 10.31
N SER D 850 13.56 0.22 10.73
CA SER D 850 13.45 -1.21 10.39
C SER D 850 12.65 -1.38 9.10
N PHE D 851 13.16 -0.86 8.00
CA PHE D 851 12.52 -1.14 6.71
C PHE D 851 13.09 -2.42 6.10
N CYS D 852 14.34 -2.74 6.35
CA CYS D 852 14.85 -4.04 5.87
C CYS D 852 14.12 -5.17 6.60
N THR D 853 13.90 -5.03 7.89
CA THR D 853 13.27 -6.11 8.66
C THR D 853 11.84 -6.38 8.15
N GLN D 854 11.08 -5.32 7.87
CA GLN D 854 9.71 -5.53 7.41
C GLN D 854 9.71 -6.29 6.08
N LEU D 855 10.57 -5.88 5.17
CA LEU D 855 10.56 -6.54 3.85
C LEU D 855 11.01 -7.99 3.97
N ASN D 856 12.03 -8.26 4.76
CA ASN D 856 12.47 -9.65 4.91
C ASN D 856 11.36 -10.48 5.55
N ARG D 857 10.70 -9.95 6.56
CA ARG D 857 9.61 -10.68 7.21
C ARG D 857 8.47 -10.95 6.22
N ALA D 858 8.13 -9.97 5.41
CA ALA D 858 7.03 -10.14 4.45
C ALA D 858 7.38 -11.22 3.43
N LEU D 859 8.56 -11.12 2.84
CA LEU D 859 8.94 -12.10 1.80
C LEU D 859 9.12 -13.48 2.41
N THR D 860 9.66 -13.56 3.61
CA THR D 860 9.81 -14.87 4.27
C THR D 860 8.45 -15.47 4.60
N GLY D 861 7.50 -14.65 5.04
CA GLY D 861 6.16 -15.17 5.28
C GLY D 861 5.52 -15.69 4.00
N ILE D 862 5.72 -14.97 2.91
CA ILE D 862 5.19 -15.44 1.61
C ILE D 862 5.85 -16.77 1.26
N ALA D 863 7.16 -16.88 1.44
CA ALA D 863 7.85 -18.13 1.07
C ALA D 863 7.41 -19.29 1.94
N VAL D 864 7.21 -19.06 3.22
CA VAL D 864 6.72 -20.14 4.11
C VAL D 864 5.32 -20.55 3.68
N GLU D 865 4.49 -19.59 3.30
CA GLU D 865 3.13 -19.92 2.84
C GLU D 865 3.19 -20.74 1.56
N GLN D 866 4.11 -20.43 0.67
CA GLN D 866 4.22 -21.17 -0.59
C GLN D 866 4.61 -22.63 -0.33
N ASP D 867 5.20 -22.91 0.81
CA ASP D 867 5.50 -24.32 1.15
C ASP D 867 4.34 -24.94 1.91
N LYS D 868 3.62 -24.17 2.70
CA LYS D 868 2.45 -24.72 3.40
C LYS D 868 1.32 -25.05 2.44
N ASN D 869 1.19 -24.30 1.36
CA ASN D 869 0.10 -24.55 0.40
C ASN D 869 0.22 -25.96 -0.19
N THR D 870 1.43 -26.37 -0.53
CA THR D 870 1.61 -27.70 -1.13
C THR D 870 1.29 -28.80 -0.11
N GLN D 871 1.72 -28.62 1.12
CA GLN D 871 1.40 -29.64 2.15
C GLN D 871 -0.10 -29.69 2.38
N GLU D 872 -0.78 -28.56 2.21
CA GLU D 872 -2.25 -28.58 2.34
C GLU D 872 -2.90 -29.33 1.17
N VAL D 873 -2.45 -29.06 -0.04
CA VAL D 873 -3.06 -29.71 -1.21
C VAL D 873 -2.75 -31.20 -1.24
N PHE D 874 -1.47 -31.57 -1.29
CA PHE D 874 -1.10 -32.97 -1.55
C PHE D 874 -1.01 -33.84 -0.30
N ALA D 875 -0.40 -33.35 0.76
CA ALA D 875 -0.11 -34.20 1.93
C ALA D 875 -1.37 -34.44 2.73
N GLN D 876 -2.24 -35.27 2.17
CA GLN D 876 -3.51 -35.63 2.85
C GLN D 876 -3.58 -37.12 3.17
N VAL D 877 -2.47 -37.82 3.05
CA VAL D 877 -2.46 -39.26 3.38
C VAL D 877 -1.35 -39.54 4.35
N LYS D 878 -1.68 -40.19 5.45
CA LYS D 878 -0.62 -40.65 6.37
C LYS D 878 0.21 -41.74 5.68
N GLN D 879 -0.45 -42.63 4.96
CA GLN D 879 0.27 -43.76 4.34
C GLN D 879 0.76 -43.40 2.96
N ILE D 880 1.47 -44.31 2.33
CA ILE D 880 1.85 -44.16 0.91
C ILE D 880 1.45 -45.48 0.25
N TYR D 881 0.27 -45.52 -0.33
CA TYR D 881 -0.22 -46.75 -0.96
C TYR D 881 0.48 -47.00 -2.27
N LYS D 882 0.68 -48.28 -2.58
CA LYS D 882 1.36 -48.66 -3.83
C LYS D 882 0.39 -49.42 -4.71
N THR D 883 0.34 -49.06 -5.99
CA THR D 883 -0.55 -49.76 -6.92
C THR D 883 -0.07 -51.18 -7.13
N PRO D 884 -0.95 -52.19 -7.04
CA PRO D 884 -0.52 -53.57 -7.21
C PRO D 884 -0.11 -53.83 -8.65
N PRO D 885 0.87 -54.72 -8.88
CA PRO D 885 1.33 -54.99 -10.22
C PRO D 885 0.27 -55.69 -11.08
N ILE D 886 -0.65 -56.40 -10.45
CA ILE D 886 -1.71 -57.13 -11.21
C ILE D 886 -2.80 -56.12 -11.55
N LYS D 887 -2.74 -55.60 -12.77
CA LYS D 887 -3.73 -54.58 -13.19
C LYS D 887 -4.95 -55.26 -13.80
N ASP D 888 -5.77 -55.85 -12.92
CA ASP D 888 -7.01 -56.51 -13.37
C ASP D 888 -8.16 -55.70 -12.78
N PHE D 889 -8.54 -54.64 -13.49
CA PHE D 889 -9.55 -53.69 -12.95
C PHE D 889 -10.92 -53.86 -13.61
N GLY D 890 -11.13 -54.96 -14.30
CA GLY D 890 -12.40 -55.14 -15.00
C GLY D 890 -12.49 -54.38 -16.30
N GLY D 891 -11.35 -53.93 -16.83
CA GLY D 891 -11.35 -53.33 -18.17
C GLY D 891 -10.85 -51.91 -18.21
N PHE D 892 -10.79 -51.25 -17.06
CA PHE D 892 -10.37 -49.84 -17.04
C PHE D 892 -8.84 -49.75 -17.13
N ASN D 893 -8.37 -48.91 -18.03
CA ASN D 893 -6.93 -48.77 -18.29
C ASN D 893 -6.47 -47.45 -17.69
N PHE D 894 -5.81 -47.52 -16.53
CA PHE D 894 -5.28 -46.32 -15.87
C PHE D 894 -3.83 -46.08 -16.29
N SER D 895 -3.35 -46.73 -17.33
CA SER D 895 -1.91 -46.66 -17.68
C SER D 895 -1.54 -45.28 -18.21
N GLN D 896 -2.48 -44.34 -18.22
CA GLN D 896 -2.10 -42.97 -18.62
C GLN D 896 -1.95 -42.03 -17.43
N ILE D 897 -2.54 -42.36 -16.28
CA ILE D 897 -2.52 -41.41 -15.15
C ILE D 897 -1.61 -41.89 -14.01
N LEU D 898 -1.25 -43.17 -13.98
CA LEU D 898 -0.43 -43.63 -12.85
C LEU D 898 1.01 -43.83 -13.31
N PRO D 899 2.00 -43.81 -12.41
CA PRO D 899 3.38 -43.75 -12.85
C PRO D 899 3.89 -45.02 -13.50
N ASP D 900 4.91 -44.86 -14.33
CA ASP D 900 5.56 -46.02 -14.98
C ASP D 900 7.08 -45.81 -14.85
N PRO D 901 7.82 -46.78 -14.30
CA PRO D 901 9.26 -46.58 -14.10
C PRO D 901 10.04 -46.53 -15.43
N SER D 902 9.34 -46.64 -16.57
CA SER D 902 10.04 -46.52 -17.87
C SER D 902 10.73 -45.16 -17.97
N LYS D 903 10.04 -44.10 -17.62
CA LYS D 903 10.65 -42.76 -17.64
C LYS D 903 11.62 -42.64 -16.48
N PRO D 904 12.59 -41.72 -16.53
CA PRO D 904 13.44 -41.53 -15.36
C PRO D 904 12.65 -41.04 -14.14
N SER D 905 11.85 -39.98 -14.30
CA SER D 905 10.98 -39.54 -13.20
C SER D 905 9.81 -40.49 -13.09
N LYS D 906 9.39 -40.80 -11.86
CA LYS D 906 8.27 -41.74 -11.66
C LYS D 906 6.98 -40.98 -11.96
N ARG D 907 6.81 -40.61 -13.23
CA ARG D 907 5.67 -39.79 -13.64
C ARG D 907 4.90 -40.47 -14.77
N SER D 908 3.60 -40.35 -14.74
CA SER D 908 2.75 -40.91 -15.81
C SER D 908 2.95 -40.10 -17.09
N PRO D 909 2.44 -40.57 -18.24
CA PRO D 909 2.55 -39.78 -19.44
C PRO D 909 1.89 -38.39 -19.29
N ILE D 910 0.76 -38.34 -18.59
CA ILE D 910 0.06 -37.03 -18.43
C ILE D 910 0.96 -36.06 -17.67
N GLU D 911 1.56 -36.51 -16.57
CA GLU D 911 2.39 -35.59 -15.78
C GLU D 911 3.63 -35.15 -16.56
N ASP D 912 4.21 -36.07 -17.32
CA ASP D 912 5.36 -35.66 -18.15
C ASP D 912 4.93 -34.60 -19.16
N LEU D 913 3.77 -34.79 -19.76
CA LEU D 913 3.30 -33.77 -20.72
C LEU D 913 3.10 -32.44 -20.00
N LEU D 914 2.54 -32.48 -18.79
CA LEU D 914 2.29 -31.22 -18.07
C LEU D 914 3.60 -30.53 -17.75
N PHE D 915 4.60 -31.27 -17.31
CA PHE D 915 5.89 -30.65 -16.95
C PHE D 915 6.56 -30.09 -18.19
N ASN D 916 6.46 -30.79 -19.30
CA ASN D 916 7.05 -30.27 -20.55
C ASN D 916 6.29 -29.03 -21.01
N LYS D 917 5.00 -28.96 -20.69
CA LYS D 917 4.17 -27.84 -21.19
C LYS D 917 4.50 -26.49 -20.55
N VAL D 918 4.84 -26.49 -19.28
CA VAL D 918 5.05 -25.21 -18.56
C VAL D 918 6.51 -24.79 -18.70
N THR D 919 6.78 -23.81 -19.56
CA THR D 919 8.15 -23.27 -19.68
C THR D 919 8.10 -21.84 -20.23
N ASN D 948 22.73 -8.21 -6.68
CA ASN D 948 21.35 -7.67 -6.65
C ASN D 948 20.66 -8.16 -5.39
N GLY D 949 21.13 -9.26 -4.83
CA GLY D 949 20.57 -9.76 -3.57
C GLY D 949 19.28 -10.54 -3.73
N LEU D 950 18.92 -10.93 -4.95
CA LEU D 950 17.69 -11.73 -5.16
C LEU D 950 18.05 -13.21 -5.11
N THR D 951 17.47 -13.90 -4.15
CA THR D 951 17.73 -15.35 -4.00
C THR D 951 16.43 -16.10 -4.12
N VAL D 952 16.46 -17.17 -4.92
CA VAL D 952 15.27 -18.02 -5.12
C VAL D 952 15.46 -19.25 -4.28
N LEU D 953 14.64 -19.39 -3.25
CA LEU D 953 14.77 -20.56 -2.38
C LEU D 953 14.24 -21.80 -3.07
N PRO D 954 14.80 -22.99 -2.80
CA PRO D 954 14.26 -24.19 -3.36
C PRO D 954 13.00 -24.66 -2.62
N PRO D 955 12.01 -25.23 -3.33
CA PRO D 955 10.83 -25.70 -2.68
C PRO D 955 11.13 -26.81 -1.68
N LEU D 956 10.38 -26.83 -0.59
CA LEU D 956 10.60 -27.85 0.45
C LEU D 956 10.35 -29.24 -0.10
N LEU D 957 9.32 -29.39 -0.92
CA LEU D 957 8.99 -30.72 -1.51
C LEU D 957 9.45 -30.69 -2.96
N THR D 958 10.32 -31.62 -3.30
CA THR D 958 10.79 -31.70 -4.70
C THR D 958 9.70 -32.29 -5.58
N ASP D 959 9.93 -32.20 -6.88
CA ASP D 959 8.92 -32.69 -7.85
C ASP D 959 8.62 -34.16 -7.60
N GLU D 960 9.63 -34.95 -7.28
CA GLU D 960 9.43 -36.40 -7.11
C GLU D 960 8.54 -36.70 -5.90
N MET D 961 8.69 -35.95 -4.83
CA MET D 961 7.81 -36.19 -3.67
C MET D 961 6.38 -35.76 -3.95
N ILE D 962 6.20 -34.70 -4.72
CA ILE D 962 4.83 -34.32 -5.14
C ILE D 962 4.25 -35.46 -5.98
N ALA D 963 5.03 -36.01 -6.88
CA ALA D 963 4.57 -37.15 -7.70
C ALA D 963 4.28 -38.34 -6.80
N GLN D 964 5.04 -38.53 -5.75
CA GLN D 964 4.77 -39.64 -4.82
C GLN D 964 3.46 -39.46 -4.11
N TYR D 965 3.16 -38.24 -3.69
CA TYR D 965 1.83 -37.97 -3.09
C TYR D 965 0.73 -38.21 -4.13
N THR D 966 0.93 -37.75 -5.36
CA THR D 966 -0.06 -37.98 -6.41
C THR D 966 -0.29 -39.48 -6.60
N SER D 967 0.79 -40.25 -6.72
CA SER D 967 0.68 -41.71 -6.93
C SER D 967 0.00 -42.37 -5.73
N ALA D 968 0.33 -41.94 -4.52
CA ALA D 968 -0.25 -42.57 -3.34
C ALA D 968 -1.74 -42.34 -3.32
N LEU D 969 -2.18 -41.12 -3.56
CA LEU D 969 -3.64 -40.84 -3.57
C LEU D 969 -4.31 -41.61 -4.70
N LEU D 970 -3.67 -41.65 -5.86
CA LEU D 970 -4.25 -42.35 -7.02
C LEU D 970 -4.40 -43.85 -6.72
N ALA D 971 -3.36 -44.47 -6.20
CA ALA D 971 -3.43 -45.90 -5.89
C ALA D 971 -4.47 -46.15 -4.80
N GLY D 972 -4.53 -45.27 -3.83
CA GLY D 972 -5.51 -45.48 -2.75
C GLY D 972 -6.92 -45.44 -3.28
N THR D 973 -7.22 -44.47 -4.12
CA THR D 973 -8.62 -44.34 -4.61
C THR D 973 -8.94 -45.44 -5.60
N ILE D 974 -7.95 -45.89 -6.37
CA ILE D 974 -8.20 -47.00 -7.31
C ILE D 974 -8.45 -48.30 -6.56
N THR D 975 -7.66 -48.61 -5.57
CA THR D 975 -7.78 -49.92 -4.92
C THR D 975 -8.75 -49.94 -3.75
N SER D 976 -9.10 -48.79 -3.20
CA SER D 976 -9.93 -48.80 -1.97
C SER D 976 -11.04 -47.75 -1.99
N GLY D 977 -11.28 -47.11 -3.12
CA GLY D 977 -12.36 -46.13 -3.17
C GLY D 977 -12.15 -44.94 -2.29
N TRP D 978 -13.21 -44.50 -1.64
CA TRP D 978 -13.09 -43.39 -0.66
C TRP D 978 -12.89 -43.92 0.75
N THR D 979 -12.78 -45.23 0.92
CA THR D 979 -12.72 -45.82 2.26
C THR D 979 -11.41 -45.52 2.95
N PHE D 980 -10.42 -45.00 2.23
CA PHE D 980 -9.14 -44.73 2.89
C PHE D 980 -9.04 -43.30 3.38
N GLY D 981 -9.84 -42.42 2.80
CA GLY D 981 -9.84 -41.02 3.24
C GLY D 981 -10.60 -40.79 4.51
N ALA D 982 -11.18 -41.84 5.09
CA ALA D 982 -11.96 -41.72 6.33
C ALA D 982 -11.55 -42.74 7.37
N GLY D 983 -10.45 -43.44 7.15
CA GLY D 983 -10.07 -44.53 8.05
C GLY D 983 -9.15 -45.50 7.36
N PRO D 984 -9.05 -46.75 7.84
CA PRO D 984 -8.19 -47.70 7.22
C PRO D 984 -8.61 -47.95 5.77
N ALA D 985 -7.63 -48.11 4.89
CA ALA D 985 -7.94 -48.39 3.49
C ALA D 985 -8.57 -49.77 3.38
N LEU D 986 -9.69 -49.86 2.68
CA LEU D 986 -10.39 -51.14 2.52
C LEU D 986 -10.48 -51.46 1.04
N GLN D 987 -9.90 -52.58 0.64
CA GLN D 987 -9.87 -52.92 -0.79
C GLN D 987 -11.23 -53.34 -1.26
N ILE D 988 -11.48 -53.10 -2.53
CA ILE D 988 -12.78 -53.51 -3.13
C ILE D 988 -12.54 -53.68 -4.62
N PRO D 989 -13.19 -54.63 -5.30
CA PRO D 989 -13.05 -54.70 -6.72
C PRO D 989 -13.47 -53.38 -7.35
N PHE D 990 -12.71 -52.95 -8.34
CA PHE D 990 -12.99 -51.64 -8.95
C PHE D 990 -14.41 -51.56 -9.52
N PRO D 991 -14.96 -52.58 -10.22
CA PRO D 991 -16.32 -52.47 -10.67
C PRO D 991 -17.32 -52.24 -9.52
N MET D 992 -17.12 -52.88 -8.39
CA MET D 992 -18.07 -52.63 -7.27
C MET D 992 -17.92 -51.23 -6.73
N GLN D 993 -16.72 -50.71 -6.72
CA GLN D 993 -16.54 -49.28 -6.37
C GLN D 993 -17.35 -48.41 -7.33
N MET D 994 -17.23 -48.64 -8.64
CA MET D 994 -17.91 -47.73 -9.57
C MET D 994 -19.41 -47.97 -9.53
N ALA D 995 -19.85 -49.16 -9.16
CA ALA D 995 -21.29 -49.41 -8.95
C ALA D 995 -21.77 -48.62 -7.75
N TYR D 996 -20.96 -48.55 -6.70
CA TYR D 996 -21.31 -47.68 -5.56
C TYR D 996 -21.39 -46.24 -6.06
N ARG D 997 -20.51 -45.86 -6.97
CA ARG D 997 -20.48 -44.47 -7.46
C ARG D 997 -21.68 -44.19 -8.34
N PHE D 998 -22.28 -45.21 -8.94
CA PHE D 998 -23.58 -44.99 -9.60
C PHE D 998 -24.70 -44.91 -8.56
N ASN D 999 -24.65 -45.72 -7.52
CA ASN D 999 -25.66 -45.57 -6.46
C ASN D 999 -25.58 -44.17 -5.87
N GLY D 1000 -24.40 -43.56 -5.89
CA GLY D 1000 -24.26 -42.17 -5.42
C GLY D 1000 -25.01 -41.20 -6.29
N ILE D 1001 -25.05 -41.43 -7.58
CA ILE D 1001 -25.72 -40.52 -8.53
C ILE D 1001 -27.14 -40.99 -8.83
N GLY D 1002 -27.71 -41.84 -8.00
CA GLY D 1002 -29.11 -42.25 -8.20
C GLY D 1002 -29.33 -43.13 -9.39
N VAL D 1003 -28.34 -43.91 -9.79
CA VAL D 1003 -28.51 -44.91 -10.86
C VAL D 1003 -28.32 -46.29 -10.22
N THR D 1004 -29.26 -47.18 -10.43
CA THR D 1004 -29.19 -48.52 -9.84
C THR D 1004 -27.94 -49.22 -10.32
N GLN D 1005 -27.40 -50.07 -9.47
CA GLN D 1005 -26.05 -50.62 -9.70
C GLN D 1005 -25.98 -51.57 -10.88
N ASN D 1006 -27.08 -52.20 -11.21
CA ASN D 1006 -27.05 -53.14 -12.35
C ASN D 1006 -26.81 -52.40 -13.66
N VAL D 1007 -27.12 -51.12 -13.72
CA VAL D 1007 -26.86 -50.33 -14.96
C VAL D 1007 -25.38 -50.40 -15.29
N LEU D 1008 -24.53 -50.41 -14.28
CA LEU D 1008 -23.11 -50.63 -14.56
C LEU D 1008 -22.81 -52.06 -14.98
N TYR D 1009 -23.19 -53.03 -14.15
CA TYR D 1009 -22.76 -54.42 -14.39
C TYR D 1009 -23.18 -54.86 -15.77
N GLU D 1010 -24.34 -54.43 -16.23
CA GLU D 1010 -24.80 -54.83 -17.57
C GLU D 1010 -24.20 -53.96 -18.67
N ASN D 1011 -23.28 -53.06 -18.36
CA ASN D 1011 -22.70 -52.14 -19.37
C ASN D 1011 -21.20 -52.04 -19.18
N GLN D 1012 -20.65 -52.88 -18.31
CA GLN D 1012 -19.24 -52.73 -17.87
C GLN D 1012 -18.30 -52.53 -19.06
N LYS D 1013 -18.45 -53.29 -20.12
CA LYS D 1013 -17.49 -53.16 -21.23
C LYS D 1013 -17.63 -51.81 -21.91
N LEU D 1014 -18.86 -51.37 -22.16
CA LEU D 1014 -19.06 -50.04 -22.77
C LEU D 1014 -18.56 -48.94 -21.85
N ILE D 1015 -18.82 -49.09 -20.56
CA ILE D 1015 -18.34 -48.08 -19.58
C ILE D 1015 -16.81 -48.00 -19.63
N ALA D 1016 -16.15 -49.14 -19.63
CA ALA D 1016 -14.68 -49.16 -19.67
C ALA D 1016 -14.18 -48.55 -20.97
N ASN D 1017 -14.84 -48.85 -22.07
CA ASN D 1017 -14.40 -48.31 -23.37
C ASN D 1017 -14.52 -46.78 -23.36
N GLN D 1018 -15.63 -46.27 -22.83
CA GLN D 1018 -15.80 -44.81 -22.77
C GLN D 1018 -14.75 -44.18 -21.87
N PHE D 1019 -14.51 -44.81 -20.71
CA PHE D 1019 -13.54 -44.26 -19.76
C PHE D 1019 -12.15 -44.22 -20.40
N ASN D 1020 -11.75 -45.31 -21.02
CA ASN D 1020 -10.41 -45.38 -21.62
C ASN D 1020 -10.30 -44.36 -22.76
N SER D 1021 -11.33 -44.23 -23.57
CA SER D 1021 -11.27 -43.28 -24.70
C SER D 1021 -11.15 -41.85 -24.17
N ALA D 1022 -11.88 -41.53 -23.12
CA ALA D 1022 -11.81 -40.18 -22.54
C ALA D 1022 -10.41 -39.90 -21.98
N ILE D 1023 -9.83 -40.88 -21.28
CA ILE D 1023 -8.47 -40.68 -20.76
C ILE D 1023 -7.52 -40.49 -21.93
N GLY D 1024 -7.68 -41.26 -22.98
CA GLY D 1024 -6.78 -41.13 -24.14
C GLY D 1024 -6.89 -39.77 -24.77
N LYS D 1025 -8.10 -39.23 -24.81
CA LYS D 1025 -8.31 -37.92 -25.44
C LYS D 1025 -7.90 -36.77 -24.52
N ILE D 1026 -7.78 -37.00 -23.23
CA ILE D 1026 -7.32 -35.91 -22.32
C ILE D 1026 -5.89 -35.50 -22.68
N GLN D 1027 -5.04 -36.48 -22.92
CA GLN D 1027 -3.66 -36.17 -23.33
C GLN D 1027 -3.69 -35.36 -24.62
N ASP D 1028 -4.61 -35.68 -25.51
CA ASP D 1028 -4.69 -34.96 -26.80
C ASP D 1028 -5.18 -33.54 -26.59
N SER D 1029 -6.18 -33.37 -25.74
CA SER D 1029 -6.74 -32.02 -25.47
C SER D 1029 -5.66 -31.14 -24.86
N LEU D 1030 -4.81 -31.72 -24.02
CA LEU D 1030 -3.69 -30.93 -23.46
C LEU D 1030 -2.60 -30.71 -24.51
N SER D 1031 -2.22 -31.76 -25.23
CA SER D 1031 -1.09 -31.65 -26.17
C SER D 1031 -1.41 -30.72 -27.32
N SER D 1032 -2.62 -30.81 -27.84
CA SER D 1032 -2.99 -29.98 -29.01
C SER D 1032 -3.03 -28.50 -28.61
N THR D 1033 -3.65 -28.21 -27.47
CA THR D 1033 -3.83 -26.80 -27.11
C THR D 1033 -2.49 -26.25 -26.61
N PRO D 1034 -1.98 -25.15 -27.18
CA PRO D 1034 -0.77 -24.53 -26.64
C PRO D 1034 -1.06 -23.65 -25.41
N SER D 1035 -2.32 -23.35 -25.14
CA SER D 1035 -2.70 -22.53 -23.97
C SER D 1035 -3.59 -23.32 -23.00
N ALA D 1036 -3.36 -24.62 -22.86
CA ALA D 1036 -4.15 -25.43 -21.91
C ALA D 1036 -3.84 -25.04 -20.47
N LEU D 1037 -2.57 -24.90 -20.13
CA LEU D 1037 -2.16 -24.60 -18.73
C LEU D 1037 -1.85 -23.12 -18.59
N GLY D 1038 -2.66 -22.27 -19.18
CA GLY D 1038 -2.44 -20.82 -19.04
C GLY D 1038 -2.50 -20.39 -17.60
N LYS D 1039 -3.34 -21.02 -16.80
CA LYS D 1039 -3.48 -20.58 -15.39
C LYS D 1039 -2.12 -20.68 -14.68
N LEU D 1040 -1.46 -21.83 -14.80
CA LEU D 1040 -0.13 -21.99 -14.17
C LEU D 1040 0.90 -21.06 -14.80
N GLN D 1041 0.91 -20.94 -16.12
CA GLN D 1041 1.94 -20.14 -16.80
C GLN D 1041 1.83 -18.66 -16.44
N ASP D 1042 0.63 -18.19 -16.18
CA ASP D 1042 0.48 -16.77 -15.78
C ASP D 1042 1.26 -16.51 -14.50
N VAL D 1043 1.26 -17.45 -13.58
CA VAL D 1043 1.93 -17.20 -12.29
C VAL D 1043 3.42 -17.03 -12.50
N VAL D 1044 4.02 -17.90 -13.27
CA VAL D 1044 5.49 -17.82 -13.49
C VAL D 1044 5.81 -16.58 -14.32
N ASN D 1045 4.96 -16.27 -15.29
CA ASN D 1045 5.18 -15.05 -16.08
C ASN D 1045 5.11 -13.82 -15.19
N GLN D 1046 4.13 -13.77 -14.29
CA GLN D 1046 3.98 -12.58 -13.45
C GLN D 1046 5.12 -12.45 -12.46
N ASN D 1047 5.52 -13.55 -11.84
CA ASN D 1047 6.69 -13.49 -10.94
C ASN D 1047 7.92 -13.01 -11.71
N ALA D 1048 8.15 -13.54 -12.90
CA ALA D 1048 9.35 -13.16 -13.67
C ALA D 1048 9.27 -11.69 -14.06
N GLN D 1049 8.09 -11.24 -14.46
CA GLN D 1049 7.94 -9.83 -14.88
C GLN D 1049 8.18 -8.91 -13.68
N ALA D 1050 7.69 -9.29 -12.52
CA ALA D 1050 7.88 -8.45 -11.32
C ALA D 1050 9.37 -8.39 -10.95
N LEU D 1051 10.06 -9.52 -11.01
CA LEU D 1051 11.49 -9.52 -10.67
C LEU D 1051 12.27 -8.71 -11.69
N ASN D 1052 11.94 -8.82 -12.97
CA ASN D 1052 12.62 -8.03 -14.01
C ASN D 1052 12.36 -6.55 -13.80
N THR D 1053 11.14 -6.19 -13.43
CA THR D 1053 10.86 -4.78 -13.12
C THR D 1053 11.71 -4.32 -11.93
N LEU D 1054 11.80 -5.15 -10.90
CA LEU D 1054 12.53 -4.74 -9.70
C LEU D 1054 14.00 -4.54 -10.04
N VAL D 1055 14.53 -5.41 -10.88
CA VAL D 1055 15.96 -5.24 -11.31
C VAL D 1055 16.09 -4.00 -12.17
N LYS D 1056 15.19 -3.80 -13.11
CA LYS D 1056 15.28 -2.67 -14.05
C LYS D 1056 15.17 -1.34 -13.32
N GLN D 1057 14.49 -1.31 -12.18
CA GLN D 1057 14.39 -0.07 -11.40
C GLN D 1057 15.75 0.35 -10.84
N LEU D 1058 16.74 -0.52 -10.86
CA LEU D 1058 18.09 -0.19 -10.36
C LEU D 1058 18.84 0.72 -11.31
N SER D 1059 18.31 0.97 -12.49
CA SER D 1059 19.02 1.80 -13.50
C SER D 1059 18.23 3.08 -13.76
N SER D 1060 17.71 3.70 -12.70
CA SER D 1060 16.99 4.98 -12.87
C SER D 1060 17.49 5.96 -11.83
N ASN D 1061 17.73 7.18 -12.26
CA ASN D 1061 18.38 8.19 -11.38
C ASN D 1061 17.45 8.65 -10.28
N PHE D 1062 16.15 8.63 -10.52
CA PHE D 1062 15.16 9.21 -9.59
C PHE D 1062 15.42 10.70 -9.39
N GLY D 1063 16.08 11.33 -10.34
CA GLY D 1063 16.41 12.76 -10.20
C GLY D 1063 17.79 13.04 -9.68
N ALA D 1064 18.64 12.02 -9.60
CA ALA D 1064 20.04 12.23 -9.16
C ALA D 1064 20.93 12.48 -10.38
N ILE D 1065 22.23 12.51 -10.15
CA ILE D 1065 23.18 12.71 -11.27
C ILE D 1065 23.53 11.40 -11.98
N SER D 1066 23.51 10.29 -11.26
CA SER D 1066 23.83 8.99 -11.86
C SER D 1066 23.08 7.90 -11.14
N SER D 1067 22.90 6.76 -11.81
CA SER D 1067 22.14 5.63 -11.23
C SER D 1067 23.07 4.59 -10.62
N VAL D 1068 24.36 4.89 -10.51
CA VAL D 1068 25.32 3.95 -9.87
C VAL D 1068 26.04 4.68 -8.75
N LEU D 1069 26.08 4.06 -7.58
CA LEU D 1069 26.61 4.77 -6.39
C LEU D 1069 28.09 5.13 -6.57
N ASN D 1070 28.88 4.21 -7.10
CA ASN D 1070 30.34 4.44 -7.14
C ASN D 1070 30.69 5.68 -7.96
N ASP D 1071 30.00 5.87 -9.07
CA ASP D 1071 30.27 7.07 -9.89
C ASP D 1071 29.96 8.32 -9.08
N ILE D 1072 28.85 8.32 -8.35
CA ILE D 1072 28.49 9.54 -7.58
C ILE D 1072 29.52 9.78 -6.47
N LEU D 1073 29.92 8.71 -5.80
CA LEU D 1073 30.89 8.86 -4.69
C LEU D 1073 32.24 9.35 -5.23
N SER D 1074 32.68 8.80 -6.34
CA SER D 1074 33.98 9.22 -6.92
C SER D 1074 33.90 10.63 -7.50
N ARG D 1075 32.83 10.94 -8.21
CA ARG D 1075 32.77 12.22 -8.95
C ARG D 1075 32.29 13.37 -8.07
N LEU D 1076 31.92 13.09 -6.83
CA LEU D 1076 31.47 14.18 -5.95
C LEU D 1076 32.12 14.08 -4.58
N ASP D 1077 32.28 15.23 -3.95
CA ASP D 1077 32.83 15.25 -2.59
C ASP D 1077 31.81 14.62 -1.63
N PRO D 1078 32.27 14.06 -0.50
CA PRO D 1078 31.36 13.41 0.43
C PRO D 1078 30.22 14.31 0.92
N PRO D 1079 30.44 15.60 1.25
CA PRO D 1079 29.33 16.39 1.74
C PRO D 1079 28.21 16.67 0.72
N GLU D 1080 28.57 16.96 -0.52
CA GLU D 1080 27.55 17.27 -1.55
C GLU D 1080 27.11 16.01 -2.31
N ALA D 1081 27.48 14.82 -1.83
CA ALA D 1081 27.02 13.58 -2.48
C ALA D 1081 25.88 12.93 -1.71
N GLU D 1082 25.78 13.16 -0.40
CA GLU D 1082 24.77 12.44 0.42
C GLU D 1082 23.36 12.78 -0.04
N VAL D 1083 23.13 13.97 -0.58
CA VAL D 1083 21.75 14.27 -1.07
C VAL D 1083 21.40 13.36 -2.23
N GLN D 1084 22.31 13.23 -3.20
CA GLN D 1084 22.04 12.37 -4.36
C GLN D 1084 21.91 10.91 -3.89
N ILE D 1085 22.77 10.52 -2.97
CA ILE D 1085 22.73 9.11 -2.49
C ILE D 1085 21.41 8.86 -1.78
N ASP D 1086 20.95 9.82 -1.00
CA ASP D 1086 19.70 9.63 -0.24
C ASP D 1086 18.49 9.62 -1.17
N ARG D 1087 18.53 10.42 -2.23
CA ARG D 1087 17.41 10.36 -3.19
C ARG D 1087 17.41 9.04 -3.95
N LEU D 1088 18.58 8.52 -4.27
CA LEU D 1088 18.64 7.17 -4.85
C LEU D 1088 18.09 6.14 -3.85
N ILE D 1089 18.43 6.28 -2.58
CA ILE D 1089 17.95 5.32 -1.57
C ILE D 1089 16.42 5.40 -1.47
N THR D 1090 15.88 6.61 -1.52
CA THR D 1090 14.41 6.73 -1.48
C THR D 1090 13.78 6.03 -2.69
N GLY D 1091 14.32 6.28 -3.86
CA GLY D 1091 13.72 5.67 -5.05
C GLY D 1091 13.80 4.15 -4.98
N ARG D 1092 14.95 3.61 -4.61
CA ARG D 1092 15.11 2.15 -4.58
C ARG D 1092 14.26 1.52 -3.47
N LEU D 1093 14.19 2.17 -2.34
CA LEU D 1093 13.35 1.64 -1.25
C LEU D 1093 11.89 1.65 -1.68
N GLN D 1094 11.47 2.69 -2.40
CA GLN D 1094 10.09 2.70 -2.90
C GLN D 1094 9.86 1.55 -3.88
N SER D 1095 10.84 1.30 -4.75
CA SER D 1095 10.72 0.19 -5.71
C SER D 1095 10.58 -1.13 -4.95
N LEU D 1096 11.39 -1.33 -3.95
CA LEU D 1096 11.35 -2.59 -3.19
C LEU D 1096 10.02 -2.73 -2.49
N GLN D 1097 9.52 -1.65 -1.91
CA GLN D 1097 8.24 -1.73 -1.19
C GLN D 1097 7.10 -2.04 -2.16
N THR D 1098 7.14 -1.45 -3.35
CA THR D 1098 6.10 -1.73 -4.34
C THR D 1098 6.14 -3.21 -4.70
N TYR D 1099 7.33 -3.74 -4.91
CA TYR D 1099 7.46 -5.16 -5.27
C TYR D 1099 6.91 -6.04 -4.14
N VAL D 1100 7.25 -5.71 -2.92
CA VAL D 1100 6.84 -6.54 -1.77
C VAL D 1100 5.33 -6.52 -1.62
N THR D 1101 4.72 -5.36 -1.73
CA THR D 1101 3.25 -5.27 -1.59
C THR D 1101 2.56 -6.04 -2.72
N GLN D 1102 3.04 -5.90 -3.94
CA GLN D 1102 2.42 -6.63 -5.05
C GLN D 1102 2.55 -8.14 -4.82
N GLN D 1103 3.71 -8.60 -4.40
CA GLN D 1103 3.91 -10.04 -4.19
C GLN D 1103 3.04 -10.49 -3.03
N LEU D 1104 2.80 -9.64 -2.03
CA LEU D 1104 1.90 -10.04 -0.93
C LEU D 1104 0.48 -10.24 -1.43
N ILE D 1105 0.01 -9.34 -2.27
CA ILE D 1105 -1.36 -9.47 -2.83
C ILE D 1105 -1.44 -10.72 -3.71
N ARG D 1106 -0.43 -10.96 -4.53
CA ARG D 1106 -0.41 -12.14 -5.39
C ARG D 1106 -0.38 -13.41 -4.53
N ALA D 1107 0.37 -13.37 -3.45
CA ALA D 1107 0.44 -14.54 -2.55
C ALA D 1107 -0.91 -14.83 -1.92
N ALA D 1108 -1.64 -13.81 -1.56
CA ALA D 1108 -2.99 -14.03 -0.99
C ALA D 1108 -3.87 -14.68 -2.03
N GLU D 1109 -3.76 -14.23 -3.27
CA GLU D 1109 -4.56 -14.84 -4.36
C GLU D 1109 -4.19 -16.31 -4.51
N ILE D 1110 -2.91 -16.62 -4.52
CA ILE D 1110 -2.44 -18.00 -4.71
C ILE D 1110 -2.87 -18.85 -3.53
N ARG D 1111 -2.86 -18.30 -2.33
CA ARG D 1111 -3.30 -19.07 -1.16
C ARG D 1111 -4.78 -19.39 -1.23
N ALA D 1112 -5.58 -18.46 -1.70
CA ALA D 1112 -7.01 -18.75 -1.91
C ALA D 1112 -7.17 -19.85 -2.96
N SER D 1113 -6.38 -19.79 -4.03
CA SER D 1113 -6.44 -20.86 -5.06
C SER D 1113 -6.00 -22.20 -4.48
N ALA D 1114 -4.99 -22.22 -3.64
CA ALA D 1114 -4.50 -23.46 -3.03
C ALA D 1114 -5.52 -24.00 -2.05
N ASN D 1115 -6.20 -23.13 -1.34
CA ASN D 1115 -7.29 -23.62 -0.46
C ASN D 1115 -8.39 -24.24 -1.30
N LEU D 1116 -8.71 -23.64 -2.43
CA LEU D 1116 -9.72 -24.23 -3.33
C LEU D 1116 -9.24 -25.59 -3.83
N ALA D 1117 -7.98 -25.70 -4.19
CA ALA D 1117 -7.43 -26.98 -4.68
C ALA D 1117 -7.43 -28.03 -3.58
N ALA D 1118 -7.11 -27.65 -2.37
CA ALA D 1118 -7.16 -28.62 -1.24
C ALA D 1118 -8.56 -29.09 -0.98
N THR D 1119 -9.52 -28.18 -1.02
CA THR D 1119 -10.93 -28.57 -0.83
C THR D 1119 -11.36 -29.50 -1.95
N LYS D 1120 -10.99 -29.17 -3.18
CA LYS D 1120 -11.36 -30.01 -4.32
C LYS D 1120 -10.73 -31.39 -4.17
N MET D 1121 -9.49 -31.46 -3.74
CA MET D 1121 -8.86 -32.78 -3.57
C MET D 1121 -9.62 -33.58 -2.53
N SER D 1122 -9.88 -33.02 -1.37
CA SER D 1122 -10.52 -33.80 -0.30
C SER D 1122 -11.94 -34.18 -0.67
N GLU D 1123 -12.63 -33.36 -1.45
CA GLU D 1123 -14.07 -33.59 -1.71
C GLU D 1123 -14.34 -34.29 -3.03
N CYS D 1124 -13.45 -34.26 -3.99
CA CYS D 1124 -13.62 -34.99 -5.25
C CYS D 1124 -12.79 -36.28 -5.27
N VAL D 1125 -11.61 -36.29 -4.67
CA VAL D 1125 -10.71 -37.46 -4.75
C VAL D 1125 -10.94 -38.42 -3.59
N LEU D 1126 -10.93 -37.94 -2.36
CA LEU D 1126 -11.13 -38.82 -1.20
C LEU D 1126 -12.61 -39.13 -1.03
N GLY D 1127 -13.45 -38.70 -1.95
CA GLY D 1127 -14.89 -38.98 -1.85
C GLY D 1127 -15.61 -38.66 -3.13
N GLN D 1128 -16.94 -38.72 -3.08
CA GLN D 1128 -17.77 -38.40 -4.24
C GLN D 1128 -18.66 -37.22 -3.86
N SER D 1129 -18.46 -36.10 -4.53
CA SER D 1129 -19.12 -34.83 -4.13
C SER D 1129 -20.44 -34.63 -4.83
N LYS D 1130 -21.47 -34.32 -4.05
CA LYS D 1130 -22.80 -34.04 -4.63
C LYS D 1130 -22.95 -32.57 -5.01
N ARG D 1131 -21.97 -31.73 -4.72
CA ARG D 1131 -22.05 -30.31 -5.07
C ARG D 1131 -22.04 -30.16 -6.58
N VAL D 1132 -22.99 -29.42 -7.10
CA VAL D 1132 -23.14 -29.32 -8.56
C VAL D 1132 -22.03 -28.50 -9.18
N ASP D 1133 -21.46 -28.99 -10.27
CA ASP D 1133 -20.42 -28.28 -11.05
C ASP D 1133 -19.15 -28.07 -10.24
N PHE D 1134 -19.13 -28.54 -9.00
CA PHE D 1134 -17.87 -28.44 -8.22
C PHE D 1134 -16.81 -29.36 -8.78
N CYS D 1135 -17.15 -30.63 -8.90
CA CYS D 1135 -16.18 -31.64 -9.35
C CYS D 1135 -16.47 -31.94 -10.81
N GLY D 1136 -16.17 -30.98 -11.66
CA GLY D 1136 -16.48 -31.12 -13.09
C GLY D 1136 -17.93 -30.90 -13.40
N LYS D 1137 -18.26 -30.86 -14.68
CA LYS D 1137 -19.65 -30.68 -15.12
C LYS D 1137 -20.29 -32.04 -15.38
N GLY D 1138 -21.45 -32.25 -14.79
CA GLY D 1138 -22.13 -33.54 -14.89
C GLY D 1138 -22.24 -34.15 -13.52
N TYR D 1139 -22.81 -35.33 -13.43
CA TYR D 1139 -22.85 -36.04 -12.14
C TYR D 1139 -21.46 -36.56 -11.85
N HIS D 1140 -20.97 -36.32 -10.65
CA HIS D 1140 -19.58 -36.68 -10.34
C HIS D 1140 -19.46 -38.12 -9.94
N LEU D 1141 -18.59 -38.84 -10.65
CA LEU D 1141 -18.28 -40.23 -10.27
C LEU D 1141 -17.03 -40.28 -9.40
N MET D 1142 -15.91 -39.80 -9.90
CA MET D 1142 -14.68 -39.71 -9.11
C MET D 1142 -13.64 -38.94 -9.89
N SER D 1143 -12.56 -38.56 -9.21
CA SER D 1143 -11.54 -37.71 -9.85
C SER D 1143 -10.15 -38.25 -9.58
N PHE D 1144 -9.22 -37.92 -10.46
CA PHE D 1144 -7.85 -38.41 -10.31
C PHE D 1144 -6.88 -37.24 -10.30
N PRO D 1145 -6.12 -37.06 -9.21
CA PRO D 1145 -5.17 -35.99 -9.16
C PRO D 1145 -3.97 -36.17 -10.05
N GLN D 1146 -3.43 -35.04 -10.48
CA GLN D 1146 -2.16 -35.04 -11.24
C GLN D 1146 -1.31 -33.87 -10.76
N SER D 1147 -0.02 -33.94 -11.03
CA SER D 1147 0.91 -32.86 -10.66
C SER D 1147 1.20 -31.99 -11.85
N ALA D 1148 1.76 -30.81 -11.60
CA ALA D 1148 2.11 -29.87 -12.67
C ALA D 1148 3.11 -28.88 -12.10
N PRO D 1149 3.84 -28.14 -12.93
CA PRO D 1149 4.78 -27.18 -12.40
C PRO D 1149 4.08 -26.08 -11.62
N HIS D 1150 4.30 -26.07 -10.31
CA HIS D 1150 3.66 -25.08 -9.42
C HIS D 1150 2.15 -25.16 -9.52
N GLY D 1151 1.62 -26.36 -9.62
CA GLY D 1151 0.17 -26.50 -9.76
C GLY D 1151 -0.29 -27.92 -9.63
N VAL D 1152 -1.60 -28.09 -9.62
CA VAL D 1152 -2.23 -29.42 -9.52
C VAL D 1152 -3.23 -29.50 -10.67
N VAL D 1153 -3.47 -30.72 -11.14
CA VAL D 1153 -4.44 -30.95 -12.22
C VAL D 1153 -5.39 -32.06 -11.77
N PHE D 1154 -6.67 -31.82 -11.95
CA PHE D 1154 -7.68 -32.81 -11.57
C PHE D 1154 -8.32 -33.37 -12.83
N LEU D 1155 -8.36 -34.70 -12.91
CA LEU D 1155 -9.09 -35.38 -14.00
C LEU D 1155 -10.45 -35.76 -13.43
N HIS D 1156 -11.47 -35.03 -13.85
CA HIS D 1156 -12.82 -35.24 -13.28
C HIS D 1156 -13.61 -36.20 -14.15
N VAL D 1157 -13.86 -37.39 -13.62
CA VAL D 1157 -14.65 -38.41 -14.35
C VAL D 1157 -16.10 -38.24 -13.93
N THR D 1158 -16.94 -37.84 -14.88
CA THR D 1158 -18.34 -37.54 -14.58
C THR D 1158 -19.28 -38.34 -15.44
N TYR D 1159 -20.51 -38.46 -14.99
CA TYR D 1159 -21.57 -39.21 -15.69
C TYR D 1159 -22.50 -38.22 -16.36
N VAL D 1160 -22.53 -38.26 -17.68
CA VAL D 1160 -23.36 -37.31 -18.47
C VAL D 1160 -24.45 -38.10 -19.15
N PRO D 1161 -25.73 -37.80 -18.92
CA PRO D 1161 -26.79 -38.50 -19.59
C PRO D 1161 -26.89 -38.12 -21.07
N ALA D 1162 -27.45 -39.04 -21.86
CA ALA D 1162 -27.67 -38.76 -23.29
C ALA D 1162 -28.79 -39.65 -23.81
N GLN D 1163 -29.14 -39.45 -25.08
CA GLN D 1163 -30.21 -40.25 -25.73
C GLN D 1163 -31.48 -40.19 -24.89
N GLU D 1164 -32.02 -39.00 -24.74
CA GLU D 1164 -33.25 -38.83 -23.95
C GLU D 1164 -34.47 -39.15 -24.81
N LYS D 1165 -35.51 -39.66 -24.16
CA LYS D 1165 -36.70 -40.14 -24.87
C LYS D 1165 -37.94 -39.57 -24.23
N ASN D 1166 -38.87 -39.10 -25.05
CA ASN D 1166 -40.08 -38.44 -24.53
C ASN D 1166 -41.03 -39.45 -23.91
N PHE D 1167 -41.81 -39.00 -22.95
CA PHE D 1167 -42.76 -39.90 -22.27
C PHE D 1167 -43.90 -39.09 -21.69
N THR D 1168 -44.87 -39.79 -21.14
CA THR D 1168 -46.02 -39.15 -20.47
C THR D 1168 -46.07 -39.68 -19.04
N THR D 1169 -46.24 -38.77 -18.07
CA THR D 1169 -46.12 -39.17 -16.67
C THR D 1169 -47.36 -38.84 -15.88
N ALA D 1170 -47.44 -39.39 -14.68
CA ALA D 1170 -48.55 -39.14 -13.76
C ALA D 1170 -47.98 -38.98 -12.37
N PRO D 1171 -48.45 -38.01 -11.59
CA PRO D 1171 -48.02 -37.91 -10.21
C PRO D 1171 -48.35 -39.18 -9.41
N ALA D 1172 -49.49 -39.78 -9.69
CA ALA D 1172 -49.92 -40.98 -8.97
C ALA D 1172 -50.76 -41.84 -9.91
N ILE D 1173 -50.91 -43.10 -9.55
CA ILE D 1173 -51.73 -44.03 -10.35
C ILE D 1173 -52.77 -44.66 -9.46
N CYS D 1174 -54.03 -44.49 -9.83
CA CYS D 1174 -55.17 -44.94 -9.01
C CYS D 1174 -55.57 -46.35 -9.43
N HIS D 1175 -55.64 -47.24 -8.46
CA HIS D 1175 -55.99 -48.65 -8.75
C HIS D 1175 -57.44 -48.92 -8.42
N ASP D 1176 -57.80 -48.79 -7.14
CA ASP D 1176 -59.19 -49.07 -6.71
C ASP D 1176 -59.65 -47.99 -5.74
N GLY D 1177 -59.33 -46.74 -6.07
CA GLY D 1177 -59.67 -45.62 -5.18
C GLY D 1177 -58.53 -45.24 -4.25
N LYS D 1178 -57.45 -46.03 -4.23
CA LYS D 1178 -56.26 -45.67 -3.43
C LYS D 1178 -55.16 -45.24 -4.40
N ALA D 1179 -54.51 -44.13 -4.08
CA ALA D 1179 -53.44 -43.63 -4.95
C ALA D 1179 -52.11 -44.27 -4.60
N HIS D 1180 -51.37 -44.68 -5.63
CA HIS D 1180 -50.06 -45.31 -5.42
C HIS D 1180 -48.99 -44.38 -5.96
N PHE D 1181 -48.01 -44.04 -5.13
CA PHE D 1181 -46.92 -43.19 -5.59
C PHE D 1181 -45.66 -44.02 -5.73
N PRO D 1182 -44.75 -43.65 -6.64
CA PRO D 1182 -43.54 -44.42 -6.83
C PRO D 1182 -42.66 -44.38 -5.59
N ARG D 1183 -41.86 -45.43 -5.39
CA ARG D 1183 -40.92 -45.41 -4.25
C ARG D 1183 -39.66 -44.66 -4.64
N GLU D 1184 -38.97 -45.09 -5.67
CA GLU D 1184 -37.68 -44.46 -6.02
C GLU D 1184 -37.61 -44.12 -7.50
N GLY D 1185 -38.74 -43.95 -8.15
CA GLY D 1185 -38.68 -43.65 -9.58
C GLY D 1185 -39.84 -42.79 -10.03
N VAL D 1186 -40.09 -42.82 -11.34
CA VAL D 1186 -41.14 -41.96 -11.92
C VAL D 1186 -42.02 -42.81 -12.82
N PHE D 1187 -43.34 -42.55 -12.77
CA PHE D 1187 -44.28 -43.26 -13.66
C PHE D 1187 -44.14 -42.72 -15.07
N VAL D 1188 -44.07 -43.61 -16.03
CA VAL D 1188 -44.05 -43.20 -17.46
C VAL D 1188 -44.96 -44.14 -18.24
N SER D 1189 -45.39 -43.68 -19.41
CA SER D 1189 -46.30 -44.47 -20.25
C SER D 1189 -45.74 -44.52 -21.66
N ASN D 1190 -45.69 -45.71 -22.23
CA ASN D 1190 -45.23 -45.89 -23.63
C ASN D 1190 -46.36 -45.51 -24.59
N GLY D 1191 -47.47 -45.01 -24.06
CA GLY D 1191 -48.66 -44.70 -24.86
C GLY D 1191 -49.69 -45.80 -24.75
N THR D 1192 -49.28 -46.98 -24.31
CA THR D 1192 -50.21 -48.12 -24.15
C THR D 1192 -50.24 -48.58 -22.71
N HIS D 1193 -49.07 -48.85 -22.13
CA HIS D 1193 -48.98 -49.32 -20.75
C HIS D 1193 -48.22 -48.34 -19.88
N TRP D 1194 -48.41 -48.48 -18.58
CA TRP D 1194 -47.70 -47.62 -17.62
C TRP D 1194 -46.53 -48.36 -17.00
N PHE D 1195 -45.44 -47.64 -16.80
CA PHE D 1195 -44.23 -48.26 -16.23
C PHE D 1195 -43.62 -47.33 -15.19
N VAL D 1196 -42.82 -47.92 -14.32
CA VAL D 1196 -42.03 -47.13 -13.33
C VAL D 1196 -40.57 -47.29 -13.73
N THR D 1197 -39.83 -46.21 -13.64
CA THR D 1197 -38.41 -46.23 -14.00
C THR D 1197 -37.61 -45.28 -13.12
N GLN D 1198 -36.34 -45.61 -12.94
CA GLN D 1198 -35.44 -44.73 -12.17
C GLN D 1198 -35.28 -43.42 -12.91
N ARG D 1199 -35.30 -42.32 -12.18
CA ARG D 1199 -35.44 -40.98 -12.79
C ARG D 1199 -34.29 -40.61 -13.69
N ASN D 1200 -33.17 -41.30 -13.56
CA ASN D 1200 -31.97 -40.90 -14.34
C ASN D 1200 -31.67 -41.86 -15.49
N PHE D 1201 -32.31 -43.02 -15.55
CA PHE D 1201 -32.03 -43.99 -16.61
C PHE D 1201 -33.31 -44.74 -16.95
N TYR D 1202 -33.54 -44.98 -18.24
CA TYR D 1202 -34.80 -45.62 -18.66
C TYR D 1202 -34.70 -47.13 -18.46
N GLU D 1203 -35.31 -47.62 -17.39
CA GLU D 1203 -35.34 -49.06 -17.11
C GLU D 1203 -36.78 -49.40 -16.79
N PRO D 1204 -37.64 -49.52 -17.83
CA PRO D 1204 -39.05 -49.69 -17.57
C PRO D 1204 -39.36 -50.97 -16.83
N GLN D 1205 -40.08 -50.85 -15.74
CA GLN D 1205 -40.48 -52.02 -14.96
C GLN D 1205 -41.98 -51.98 -14.73
N ILE D 1206 -42.53 -53.11 -14.38
CA ILE D 1206 -44.00 -53.21 -14.23
C ILE D 1206 -44.40 -52.74 -12.83
N ILE D 1207 -45.42 -51.93 -12.77
CA ILE D 1207 -45.90 -51.40 -11.48
C ILE D 1207 -46.36 -52.57 -10.61
N THR D 1208 -45.97 -52.53 -9.34
CA THR D 1208 -46.40 -53.57 -8.39
C THR D 1208 -46.73 -52.89 -7.08
N THR D 1209 -46.87 -53.69 -6.04
CA THR D 1209 -47.02 -53.14 -4.67
C THR D 1209 -45.64 -53.00 -4.02
N ASP D 1210 -44.58 -53.22 -4.78
CA ASP D 1210 -43.20 -53.02 -4.24
C ASP D 1210 -42.46 -51.92 -4.99
N ASN D 1211 -42.97 -51.48 -6.12
CA ASN D 1211 -42.41 -50.29 -6.78
C ASN D 1211 -43.19 -49.04 -6.36
N THR D 1212 -44.19 -49.20 -5.49
CA THR D 1212 -45.07 -48.07 -5.13
C THR D 1212 -45.42 -48.12 -3.66
N PHE D 1213 -46.07 -47.06 -3.19
CA PHE D 1213 -46.64 -47.05 -1.84
C PHE D 1213 -47.98 -46.33 -1.88
N VAL D 1214 -48.87 -46.71 -0.96
CA VAL D 1214 -50.26 -46.19 -1.00
C VAL D 1214 -50.43 -45.09 0.03
N SER D 1215 -50.94 -43.95 -0.42
CA SER D 1215 -51.24 -42.85 0.52
C SER D 1215 -52.40 -42.02 -0.02
N GLY D 1216 -53.52 -42.02 0.69
CA GLY D 1216 -54.63 -41.13 0.30
C GLY D 1216 -55.50 -41.67 -0.80
N ASN D 1217 -56.58 -40.96 -1.08
CA ASN D 1217 -57.54 -41.38 -2.13
C ASN D 1217 -57.32 -40.58 -3.39
N CYS D 1218 -57.89 -41.05 -4.48
CA CYS D 1218 -57.59 -40.49 -5.81
C CYS D 1218 -58.20 -39.11 -6.02
N ASP D 1219 -59.09 -38.67 -5.14
CA ASP D 1219 -59.76 -37.37 -5.34
C ASP D 1219 -58.80 -36.20 -5.14
N VAL D 1220 -58.00 -36.23 -4.07
CA VAL D 1220 -57.19 -35.04 -3.73
C VAL D 1220 -56.10 -34.76 -4.77
N VAL D 1221 -55.50 -35.81 -5.31
CA VAL D 1221 -54.35 -35.61 -6.22
C VAL D 1221 -54.79 -35.03 -7.55
N ILE D 1222 -53.93 -34.22 -8.15
CA ILE D 1222 -54.25 -33.55 -9.42
C ILE D 1222 -53.39 -34.18 -10.51
N GLY D 1223 -54.02 -34.55 -11.60
CA GLY D 1223 -53.30 -35.25 -12.69
C GLY D 1223 -53.19 -36.75 -12.51
N ILE D 1224 -53.86 -37.30 -11.50
CA ILE D 1224 -53.77 -38.77 -11.28
C ILE D 1224 -54.35 -39.48 -12.49
N VAL D 1225 -53.79 -40.65 -12.78
CA VAL D 1225 -54.31 -41.46 -13.91
C VAL D 1225 -54.72 -42.83 -13.40
N ASN D 1226 -55.64 -43.44 -14.14
CA ASN D 1226 -56.16 -44.76 -13.76
C ASN D 1226 -55.35 -45.84 -14.44
N ASN D 1227 -54.91 -46.81 -13.66
CA ASN D 1227 -54.20 -47.97 -14.22
C ASN D 1227 -54.25 -49.08 -13.18
N THR D 1228 -53.64 -50.20 -13.52
CA THR D 1228 -53.70 -51.39 -12.66
C THR D 1228 -52.40 -51.54 -11.88
N VAL D 1229 -52.51 -51.95 -10.62
CA VAL D 1229 -51.31 -52.22 -9.79
C VAL D 1229 -51.21 -53.72 -9.65
N TYR D 1230 -50.17 -54.31 -10.19
CA TYR D 1230 -49.97 -55.77 -10.06
C TYR D 1230 -49.59 -56.11 -8.62
N ASP D 1231 -49.83 -57.35 -8.25
CA ASP D 1231 -49.49 -57.82 -6.89
C ASP D 1231 -48.86 -59.20 -6.98
N PRO D 1232 -47.71 -59.45 -6.35
CA PRO D 1232 -47.14 -60.79 -6.36
C PRO D 1232 -47.81 -61.82 -5.45
N LEU D 1233 -48.41 -61.34 -4.35
CA LEU D 1233 -48.93 -62.28 -3.33
C LEU D 1233 -50.14 -63.06 -3.82
N GLN D 1234 -51.08 -62.39 -4.47
CA GLN D 1234 -52.32 -63.07 -4.89
C GLN D 1234 -52.05 -64.19 -5.90
N PRO D 1235 -51.17 -64.05 -6.92
CA PRO D 1235 -50.94 -65.20 -7.80
C PRO D 1235 -50.44 -66.48 -7.09
N GLU D 1236 -49.36 -66.38 -6.33
CA GLU D 1236 -48.84 -67.57 -5.64
C GLU D 1236 -49.81 -68.04 -4.56
N LEU D 1237 -50.51 -67.10 -3.91
CA LEU D 1237 -51.55 -67.51 -2.95
C LEU D 1237 -52.62 -68.34 -3.68
N ASP D 1238 -52.90 -67.98 -4.92
CA ASP D 1238 -53.92 -68.73 -5.71
C ASP D 1238 -53.25 -69.78 -6.60
N SER D 1239 -52.10 -70.30 -6.19
CA SER D 1239 -51.47 -71.41 -6.96
C SER D 1239 -50.83 -72.42 -6.01
#